data_9K86
#
_entry.id   9K86
#
loop_
_entity.id
_entity.type
_entity.pdbx_description
1 polymer Fiber-n6-Zn1-HEHE-410
2 non-polymer 'ZINC ION'
#
_entity_poly.entity_id   1
_entity_poly.type   'polypeptide(L)'
_entity_poly.pdbx_seq_one_letter_code
;MGHHHHHHHHSSGLEVLFQGPGGTNTVEKVLKVKEEAEKRIAEIEKLENIEEAVLKLLELLDEVIHEAALLPITPETKLI
WWEIIEAIALAALHKLLDGGNIEVNILLALRILEKAINFLKMVGMVGEKEFEIAVKILEAALHVVLTLSRLLNELEFVKV
LVEFINLIAKFFKVLKGEPEKKKRVLLKLLEDIKKVFELWITRVNPEQQILFTELVYSAIEDLKKHTLEVLG
;
_entity_poly.pdbx_strand_id   A,B,C,D,E,F,G,H,I,J,K,L,M,N,O,P,Q,R,S,T,U
#
loop_
_chem_comp.id
_chem_comp.type
_chem_comp.name
_chem_comp.formula
ZN non-polymer 'ZINC ION' 'Zn 2'
#
# COMPACT_ATOMS: atom_id res chain seq x y z
N ASN A 25 48.11 -30.99 -7.04
CA ASN A 25 47.00 -31.81 -7.53
C ASN A 25 45.68 -31.08 -7.33
N THR A 26 44.70 -31.39 -8.19
CA THR A 26 43.40 -30.74 -8.12
C THR A 26 42.69 -31.06 -6.82
N VAL A 27 42.75 -32.33 -6.40
CA VAL A 27 42.06 -32.75 -5.17
C VAL A 27 42.61 -31.97 -3.97
N GLU A 28 43.93 -31.81 -3.91
CA GLU A 28 44.51 -31.05 -2.81
C GLU A 28 44.00 -29.62 -2.80
N LYS A 29 43.88 -29.00 -3.98
CA LYS A 29 43.33 -27.65 -4.06
C LYS A 29 41.90 -27.61 -3.57
N VAL A 30 41.10 -28.63 -3.90
CA VAL A 30 39.70 -28.64 -3.49
C VAL A 30 39.59 -28.76 -1.98
N LEU A 31 40.40 -29.62 -1.36
CA LEU A 31 40.37 -29.71 0.10
C LEU A 31 40.92 -28.45 0.76
N LYS A 32 41.88 -27.77 0.13
CA LYS A 32 42.31 -26.48 0.65
C LYS A 32 41.15 -25.48 0.65
N VAL A 33 40.40 -25.45 -0.45
CA VAL A 33 39.23 -24.58 -0.55
C VAL A 33 38.22 -24.94 0.53
N LYS A 34 38.03 -26.25 0.76
CA LYS A 34 37.09 -26.70 1.78
C LYS A 34 37.50 -26.21 3.16
N GLU A 35 38.79 -26.34 3.50
CA GLU A 35 39.27 -25.91 4.80
C GLU A 35 39.10 -24.40 4.97
N GLU A 36 39.44 -23.64 3.94
CA GLU A 36 39.28 -22.18 4.01
C GLU A 36 37.81 -21.80 4.18
N ALA A 37 36.92 -22.50 3.47
CA ALA A 37 35.49 -22.21 3.59
C ALA A 37 34.97 -22.52 4.98
N GLU A 38 35.41 -23.62 5.58
CA GLU A 38 34.98 -23.93 6.95
C GLU A 38 35.49 -22.90 7.93
N LYS A 39 36.74 -22.44 7.77
CA LYS A 39 37.26 -21.40 8.64
C LYS A 39 36.45 -20.12 8.51
N ARG A 40 36.12 -19.74 7.28
CA ARG A 40 35.31 -18.55 7.06
C ARG A 40 33.91 -18.70 7.65
N ILE A 41 33.35 -19.90 7.56
CA ILE A 41 32.02 -20.15 8.12
C ILE A 41 32.04 -19.97 9.62
N ALA A 42 33.09 -20.48 10.29
CA ALA A 42 33.20 -20.28 11.73
C ALA A 42 33.36 -18.80 12.08
N GLU A 43 34.19 -18.08 11.32
CA GLU A 43 34.35 -16.65 11.56
C GLU A 43 33.03 -15.91 11.43
N ILE A 44 32.25 -16.24 10.40
CA ILE A 44 30.96 -15.58 10.20
C ILE A 44 29.98 -15.98 11.30
N GLU A 45 30.04 -17.23 11.75
CA GLU A 45 29.17 -17.66 12.85
C GLU A 45 29.46 -16.88 14.12
N LYS A 46 30.70 -16.40 14.26
CA LYS A 46 31.03 -15.56 15.42
C LYS A 46 30.88 -14.06 15.16
N LEU A 47 29.92 -13.63 14.34
CA LEU A 47 29.82 -12.24 13.90
C LEU A 47 28.75 -11.42 14.62
N GLU A 48 27.78 -12.06 15.28
CA GLU A 48 26.81 -11.42 16.18
C GLU A 48 25.87 -10.45 15.48
N ASN A 49 26.03 -10.25 14.17
CA ASN A 49 25.13 -9.39 13.42
C ASN A 49 24.61 -10.15 12.21
N ILE A 50 23.34 -10.52 12.24
CA ILE A 50 22.79 -11.45 11.25
C ILE A 50 22.69 -10.86 9.85
N GLU A 51 22.40 -9.56 9.73
CA GLU A 51 22.26 -8.97 8.40
C GLU A 51 23.56 -9.03 7.63
N GLU A 52 24.67 -8.71 8.28
CA GLU A 52 25.99 -8.75 7.67
C GLU A 52 26.52 -10.18 7.51
N ALA A 53 25.96 -11.14 8.25
CA ALA A 53 26.39 -12.52 8.15
C ALA A 53 25.90 -13.19 6.89
N VAL A 54 24.63 -12.99 6.52
CA VAL A 54 24.09 -13.63 5.32
C VAL A 54 24.80 -13.10 4.07
N LEU A 55 25.09 -11.81 4.02
CA LEU A 55 25.79 -11.24 2.88
C LEU A 55 27.20 -11.79 2.75
N LYS A 56 27.89 -11.96 3.88
CA LYS A 56 29.22 -12.54 3.84
C LYS A 56 29.18 -14.01 3.42
N LEU A 57 28.15 -14.74 3.86
CA LEU A 57 27.98 -16.11 3.40
C LEU A 57 27.73 -16.18 1.90
N LEU A 58 26.94 -15.25 1.36
CA LEU A 58 26.73 -15.20 -0.08
C LEU A 58 28.00 -14.86 -0.83
N GLU A 59 28.81 -13.95 -0.29
CA GLU A 59 30.10 -13.65 -0.91
C GLU A 59 31.00 -14.87 -0.91
N LEU A 60 31.02 -15.62 0.19
CA LEU A 60 31.80 -16.85 0.26
C LEU A 60 31.33 -17.88 -0.76
N LEU A 61 30.01 -18.02 -0.91
CA LEU A 61 29.46 -18.93 -1.92
C LEU A 61 29.90 -18.51 -3.32
N ASP A 62 29.84 -17.21 -3.61
CA ASP A 62 30.29 -16.73 -4.90
C ASP A 62 31.76 -17.04 -5.14
N GLU A 63 32.59 -16.82 -4.12
CA GLU A 63 34.02 -17.12 -4.26
C GLU A 63 34.25 -18.59 -4.53
N VAL A 64 33.55 -19.46 -3.81
CA VAL A 64 33.71 -20.90 -4.00
C VAL A 64 33.29 -21.29 -5.42
N ILE A 65 32.19 -20.74 -5.91
CA ILE A 65 31.74 -21.09 -7.26
C ILE A 65 32.72 -20.58 -8.31
N HIS A 66 33.30 -19.39 -8.09
CA HIS A 66 34.33 -18.91 -9.00
C HIS A 66 35.52 -19.85 -9.05
N GLU A 67 35.99 -20.29 -7.88
CA GLU A 67 37.10 -21.25 -7.86
C GLU A 67 36.72 -22.55 -8.56
N ALA A 68 35.50 -23.03 -8.34
CA ALA A 68 35.06 -24.27 -8.97
C ALA A 68 35.07 -24.13 -10.49
N ALA A 69 34.60 -22.98 -11.00
CA ALA A 69 34.63 -22.76 -12.44
C ALA A 69 36.04 -22.63 -12.96
N LEU A 70 36.98 -22.19 -12.11
CA LEU A 70 38.35 -21.99 -12.56
C LEU A 70 39.01 -23.30 -13.00
N LEU A 71 38.80 -24.37 -12.23
CA LEU A 71 39.43 -25.67 -12.45
C LEU A 71 38.47 -26.63 -13.15
N PRO A 72 38.98 -27.59 -13.93
CA PRO A 72 38.07 -28.50 -14.63
C PRO A 72 37.47 -29.53 -13.69
N ILE A 73 36.24 -29.93 -13.98
CA ILE A 73 35.47 -30.78 -13.09
C ILE A 73 35.78 -32.23 -13.36
N THR A 74 35.97 -33.00 -12.29
CA THR A 74 36.28 -34.41 -12.34
C THR A 74 35.32 -35.15 -11.41
N PRO A 75 35.10 -36.45 -11.63
CA PRO A 75 34.14 -37.18 -10.79
C PRO A 75 34.49 -37.17 -9.30
N GLU A 76 35.78 -37.19 -8.95
CA GLU A 76 36.15 -37.27 -7.54
C GLU A 76 35.95 -35.94 -6.82
N THR A 77 36.19 -34.82 -7.52
CA THR A 77 36.06 -33.52 -6.89
C THR A 77 34.61 -33.03 -6.81
N LYS A 78 33.71 -33.67 -7.55
CA LYS A 78 32.31 -33.24 -7.55
C LYS A 78 31.71 -33.37 -6.16
N LEU A 79 31.99 -34.48 -5.48
CA LEU A 79 31.44 -34.69 -4.15
C LEU A 79 31.94 -33.63 -3.17
N ILE A 80 33.23 -33.32 -3.20
CA ILE A 80 33.78 -32.34 -2.28
C ILE A 80 33.19 -30.95 -2.56
N TRP A 81 33.08 -30.58 -3.83
CA TRP A 81 32.46 -29.31 -4.18
C TRP A 81 31.03 -29.25 -3.65
N TRP A 82 30.31 -30.37 -3.75
CA TRP A 82 28.93 -30.37 -3.27
C TRP A 82 28.86 -30.28 -1.75
N GLU A 83 29.80 -30.88 -1.04
CA GLU A 83 29.82 -30.72 0.41
C GLU A 83 30.06 -29.26 0.80
N ILE A 84 30.99 -28.60 0.12
CA ILE A 84 31.23 -27.18 0.43
C ILE A 84 29.99 -26.35 0.17
N ILE A 85 29.35 -26.56 -0.99
CA ILE A 85 28.17 -25.79 -1.35
C ILE A 85 27.05 -26.06 -0.34
N GLU A 86 26.87 -27.33 0.04
CA GLU A 86 25.83 -27.69 0.98
C GLU A 86 26.04 -27.02 2.33
N ALA A 87 27.27 -27.04 2.83
CA ALA A 87 27.55 -26.43 4.13
C ALA A 87 27.24 -24.94 4.10
N ILE A 88 27.76 -24.24 3.09
CA ILE A 88 27.55 -22.80 3.02
C ILE A 88 26.05 -22.48 2.89
N ALA A 89 25.36 -23.22 2.02
CA ALA A 89 23.95 -22.93 1.76
C ALA A 89 23.09 -23.18 3.00
N LEU A 90 23.32 -24.31 3.69
CA LEU A 90 22.53 -24.59 4.88
C LEU A 90 22.78 -23.57 5.98
N ALA A 91 24.04 -23.17 6.17
CA ALA A 91 24.33 -22.12 7.15
C ALA A 91 23.60 -20.83 6.80
N ALA A 92 23.65 -20.44 5.52
CA ALA A 92 23.01 -19.19 5.11
C ALA A 92 21.50 -19.25 5.29
N LEU A 93 20.88 -20.38 4.97
CA LEU A 93 19.43 -20.50 5.14
C LEU A 93 19.03 -20.43 6.61
N HIS A 94 19.77 -21.13 7.48
CA HIS A 94 19.44 -21.03 8.90
C HIS A 94 19.61 -19.60 9.41
N LYS A 95 20.66 -18.91 8.97
CA LYS A 95 20.81 -17.50 9.34
C LYS A 95 19.65 -16.66 8.82
N LEU A 96 19.13 -16.98 7.63
CA LEU A 96 17.96 -16.28 7.12
C LEU A 96 16.77 -16.45 8.05
N LEU A 97 16.67 -17.60 8.70
CA LEU A 97 15.60 -17.77 9.69
C LEU A 97 15.80 -16.89 10.92
N ASP A 98 17.02 -16.46 11.20
CA ASP A 98 17.36 -15.78 12.46
C ASP A 98 17.33 -14.27 12.34
N GLY A 99 16.25 -13.68 11.85
CA GLY A 99 16.11 -12.24 11.90
C GLY A 99 16.36 -11.48 10.62
N GLY A 100 15.66 -10.37 10.44
CA GLY A 100 15.77 -9.50 9.29
C GLY A 100 14.40 -9.13 8.75
N ASN A 101 14.39 -8.57 7.55
CA ASN A 101 13.14 -8.24 6.88
C ASN A 101 12.62 -9.47 6.13
N ILE A 102 11.31 -9.70 6.21
CA ILE A 102 10.73 -10.94 5.72
C ILE A 102 10.89 -11.06 4.21
N GLU A 103 10.53 -10.00 3.48
CA GLU A 103 10.58 -10.05 2.02
C GLU A 103 12.01 -10.18 1.52
N VAL A 104 12.94 -9.44 2.13
CA VAL A 104 14.33 -9.54 1.75
C VAL A 104 14.87 -10.94 2.03
N ASN A 105 14.48 -11.53 3.15
CA ASN A 105 14.93 -12.87 3.49
C ASN A 105 14.40 -13.91 2.49
N ILE A 106 13.12 -13.80 2.11
CA ILE A 106 12.59 -14.72 1.11
C ILE A 106 13.32 -14.56 -0.21
N LEU A 107 13.55 -13.31 -0.63
CA LEU A 107 14.33 -13.09 -1.84
C LEU A 107 15.69 -13.74 -1.76
N LEU A 108 16.40 -13.56 -0.64
CA LEU A 108 17.73 -14.12 -0.49
C LEU A 108 17.72 -15.65 -0.51
N ALA A 109 16.68 -16.26 0.07
CA ALA A 109 16.56 -17.71 -0.01
C ALA A 109 16.42 -18.15 -1.47
N LEU A 110 15.61 -17.42 -2.24
CA LEU A 110 15.49 -17.74 -3.67
C LEU A 110 16.82 -17.56 -4.39
N ARG A 111 17.60 -16.55 -4.01
CA ARG A 111 18.90 -16.33 -4.65
C ARG A 111 19.87 -17.48 -4.36
N ILE A 112 19.85 -17.97 -3.13
CA ILE A 112 20.69 -19.13 -2.78
C ILE A 112 20.28 -20.34 -3.61
N LEU A 113 18.97 -20.58 -3.74
CA LEU A 113 18.50 -21.69 -4.55
C LEU A 113 18.93 -21.54 -6.01
N GLU A 114 18.84 -20.33 -6.55
CA GLU A 114 19.24 -20.10 -7.94
C GLU A 114 20.73 -20.32 -8.13
N LYS A 115 21.54 -19.91 -7.15
CA LYS A 115 22.97 -20.17 -7.23
C LYS A 115 23.26 -21.67 -7.23
N ALA A 116 22.55 -22.43 -6.40
CA ALA A 116 22.70 -23.88 -6.42
C ALA A 116 22.31 -24.46 -7.77
N ILE A 117 21.23 -23.95 -8.37
CA ILE A 117 20.80 -24.44 -9.68
C ILE A 117 21.84 -24.13 -10.76
N ASN A 118 22.45 -22.95 -10.68
CA ASN A 118 23.50 -22.61 -11.64
C ASN A 118 24.71 -23.52 -11.48
N PHE A 119 25.07 -23.85 -10.24
CA PHE A 119 26.14 -24.81 -10.03
C PHE A 119 25.77 -26.19 -10.59
N LEU A 120 24.51 -26.60 -10.42
CA LEU A 120 24.01 -27.81 -11.05
C LEU A 120 24.24 -27.78 -12.55
N LYS A 121 23.89 -26.67 -13.20
CA LYS A 121 24.09 -26.54 -14.63
C LYS A 121 25.57 -26.66 -14.99
N MET A 122 26.44 -26.02 -14.22
CA MET A 122 27.86 -26.02 -14.53
C MET A 122 28.45 -27.42 -14.39
N VAL A 123 28.06 -28.15 -13.33
CA VAL A 123 28.59 -29.49 -13.09
C VAL A 123 28.11 -30.49 -14.13
N GLY A 124 26.82 -30.49 -14.46
CA GLY A 124 26.29 -31.42 -15.44
C GLY A 124 25.73 -32.69 -14.85
N MET A 125 26.37 -33.82 -15.15
CA MET A 125 25.90 -35.11 -14.67
C MET A 125 26.01 -35.17 -13.15
N VAL A 126 25.00 -35.78 -12.53
CA VAL A 126 24.89 -35.85 -11.08
C VAL A 126 24.55 -37.27 -10.67
N GLY A 127 25.26 -37.79 -9.68
CA GLY A 127 25.01 -39.12 -9.16
C GLY A 127 23.94 -39.13 -8.09
N GLU A 128 23.94 -40.20 -7.29
CA GLU A 128 22.93 -40.32 -6.24
C GLU A 128 23.27 -39.44 -5.03
N LYS A 129 24.55 -39.33 -4.70
CA LYS A 129 24.96 -38.49 -3.56
C LYS A 129 24.69 -37.03 -3.85
N GLU A 130 25.05 -36.56 -5.04
CA GLU A 130 24.77 -35.19 -5.42
C GLU A 130 23.28 -34.94 -5.54
N PHE A 131 22.52 -35.92 -6.01
CA PHE A 131 21.06 -35.81 -6.02
C PHE A 131 20.52 -35.61 -4.61
N GLU A 132 21.00 -36.41 -3.66
CA GLU A 132 20.55 -36.30 -2.27
C GLU A 132 20.89 -34.92 -1.71
N ILE A 133 22.10 -34.44 -1.97
CA ILE A 133 22.51 -33.13 -1.47
C ILE A 133 21.65 -32.02 -2.06
N ALA A 134 21.41 -32.07 -3.37
CA ALA A 134 20.60 -31.04 -4.02
C ALA A 134 19.18 -31.04 -3.49
N VAL A 135 18.60 -32.22 -3.28
CA VAL A 135 17.25 -32.29 -2.72
C VAL A 135 17.25 -31.74 -1.31
N LYS A 136 18.32 -31.97 -0.55
CA LYS A 136 18.41 -31.42 0.81
C LYS A 136 18.42 -29.90 0.79
N ILE A 137 19.19 -29.31 -0.13
CA ILE A 137 19.22 -27.85 -0.23
C ILE A 137 17.85 -27.31 -0.62
N LEU A 138 17.20 -27.97 -1.59
CA LEU A 138 15.87 -27.54 -2.01
C LEU A 138 14.87 -27.62 -0.88
N GLU A 139 14.92 -28.70 -0.09
CA GLU A 139 14.03 -28.85 1.05
C GLU A 139 14.25 -27.78 2.10
N ALA A 140 15.52 -27.48 2.41
CA ALA A 140 15.81 -26.43 3.39
C ALA A 140 15.26 -25.09 2.92
N ALA A 141 15.46 -24.78 1.63
CA ALA A 141 14.94 -23.52 1.10
C ALA A 141 13.42 -23.48 1.17
N LEU A 142 12.76 -24.58 0.83
CA LEU A 142 11.30 -24.62 0.84
C LEU A 142 10.76 -24.40 2.25
N HIS A 143 11.36 -25.07 3.24
CA HIS A 143 10.87 -24.92 4.61
C HIS A 143 11.10 -23.50 5.12
N VAL A 144 12.27 -22.92 4.81
CA VAL A 144 12.53 -21.54 5.22
C VAL A 144 11.51 -20.60 4.60
N VAL A 145 11.22 -20.78 3.31
CA VAL A 145 10.31 -19.88 2.61
C VAL A 145 8.89 -20.01 3.16
N LEU A 146 8.44 -21.23 3.45
CA LEU A 146 7.10 -21.40 4.01
C LEU A 146 6.99 -20.74 5.38
N THR A 147 8.00 -20.97 6.24
CA THR A 147 7.99 -20.39 7.57
C THR A 147 7.96 -18.87 7.50
N LEU A 148 8.78 -18.28 6.62
CA LEU A 148 8.81 -16.82 6.54
C LEU A 148 7.55 -16.26 5.89
N SER A 149 6.95 -16.99 4.95
CA SER A 149 5.79 -16.46 4.24
C SER A 149 4.54 -16.55 5.09
N ARG A 150 4.56 -17.34 6.17
CA ARG A 150 3.42 -17.31 7.08
C ARG A 150 3.08 -15.91 7.60
N LEU A 151 4.03 -14.96 7.50
CA LEU A 151 3.85 -13.63 8.06
C LEU A 151 3.62 -12.55 7.01
N LEU A 152 3.26 -12.91 5.78
CA LEU A 152 3.04 -11.95 4.71
C LEU A 152 1.55 -11.70 4.51
N ASN A 153 1.26 -10.72 3.66
CA ASN A 153 -0.11 -10.43 3.26
C ASN A 153 -0.59 -11.48 2.25
N GLU A 154 -1.87 -11.41 1.88
CA GLU A 154 -2.45 -12.41 1.01
C GLU A 154 -1.79 -12.41 -0.36
N LEU A 155 -1.73 -11.24 -1.00
CA LEU A 155 -1.16 -11.16 -2.33
C LEU A 155 0.31 -11.55 -2.33
N GLU A 156 1.08 -11.08 -1.35
CA GLU A 156 2.49 -11.43 -1.27
C GLU A 156 2.67 -12.92 -1.02
N PHE A 157 1.84 -13.52 -0.17
CA PHE A 157 1.95 -14.94 0.11
C PHE A 157 1.72 -15.77 -1.16
N VAL A 158 0.66 -15.45 -1.90
CA VAL A 158 0.35 -16.22 -3.10
C VAL A 158 1.40 -15.99 -4.18
N LYS A 159 1.91 -14.75 -4.28
CA LYS A 159 2.98 -14.46 -5.24
C LYS A 159 4.23 -15.27 -4.93
N VAL A 160 4.60 -15.35 -3.65
CA VAL A 160 5.78 -16.12 -3.26
C VAL A 160 5.57 -17.60 -3.54
N LEU A 161 4.36 -18.10 -3.28
CA LEU A 161 4.06 -19.49 -3.56
C LEU A 161 4.22 -19.81 -5.04
N VAL A 162 3.65 -18.97 -5.90
CA VAL A 162 3.74 -19.20 -7.35
C VAL A 162 5.19 -19.12 -7.81
N GLU A 163 5.95 -18.14 -7.29
CA GLU A 163 7.35 -18.01 -7.63
C GLU A 163 8.13 -19.26 -7.26
N PHE A 164 7.87 -19.80 -6.07
CA PHE A 164 8.61 -20.99 -5.65
C PHE A 164 8.22 -22.21 -6.46
N ILE A 165 6.96 -22.31 -6.88
CA ILE A 165 6.55 -23.43 -7.73
C ILE A 165 7.28 -23.36 -9.07
N ASN A 166 7.39 -22.16 -9.65
CA ASN A 166 8.16 -22.01 -10.89
C ASN A 166 9.63 -22.35 -10.67
N LEU A 167 10.18 -21.97 -9.51
CA LEU A 167 11.57 -22.29 -9.21
C LEU A 167 11.78 -23.80 -9.09
N ILE A 168 10.82 -24.50 -8.49
CA ILE A 168 10.89 -25.96 -8.40
C ILE A 168 10.86 -26.57 -9.79
N ALA A 169 10.01 -26.02 -10.68
CA ALA A 169 9.96 -26.51 -12.05
C ALA A 169 11.31 -26.35 -12.74
N LYS A 170 11.94 -25.18 -12.57
CA LYS A 170 13.25 -24.95 -13.16
C LYS A 170 14.30 -25.90 -12.58
N PHE A 171 14.27 -26.11 -11.27
CA PHE A 171 15.24 -26.99 -10.62
C PHE A 171 15.13 -28.41 -11.14
N PHE A 172 13.90 -28.92 -11.26
CA PHE A 172 13.71 -30.27 -11.76
C PHE A 172 14.01 -30.39 -13.24
N LYS A 173 13.80 -29.31 -14.01
CA LYS A 173 14.19 -29.34 -15.41
C LYS A 173 15.69 -29.41 -15.60
N VAL A 174 16.46 -28.67 -14.79
CA VAL A 174 17.91 -28.71 -14.89
C VAL A 174 18.51 -30.01 -14.36
N LEU A 175 17.94 -30.58 -13.30
CA LEU A 175 18.52 -31.74 -12.62
C LEU A 175 18.01 -33.02 -13.25
N LYS A 176 18.92 -33.99 -13.43
CA LYS A 176 18.61 -35.26 -14.08
C LYS A 176 18.68 -36.40 -13.08
N GLY A 177 17.81 -37.39 -13.28
CA GLY A 177 17.77 -38.55 -12.40
C GLY A 177 16.69 -39.51 -12.84
N GLU A 178 16.59 -40.61 -12.10
CA GLU A 178 15.58 -41.61 -12.41
C GLU A 178 14.19 -41.05 -12.16
N PRO A 179 13.23 -41.30 -13.06
CA PRO A 179 11.91 -40.65 -12.92
C PRO A 179 11.18 -40.94 -11.62
N GLU A 180 11.32 -42.14 -11.06
CA GLU A 180 10.57 -42.48 -9.86
C GLU A 180 11.02 -41.65 -8.66
N LYS A 181 12.34 -41.48 -8.50
CA LYS A 181 12.86 -40.70 -7.38
C LYS A 181 12.41 -39.25 -7.48
N LYS A 182 12.51 -38.66 -8.68
CA LYS A 182 12.07 -37.28 -8.86
C LYS A 182 10.57 -37.16 -8.63
N LYS A 183 9.80 -38.17 -9.03
CA LYS A 183 8.37 -38.14 -8.78
C LYS A 183 8.07 -38.15 -7.29
N ARG A 184 8.76 -38.99 -6.52
CA ARG A 184 8.53 -39.03 -5.08
C ARG A 184 8.92 -37.71 -4.41
N VAL A 185 10.05 -37.14 -4.81
CA VAL A 185 10.48 -35.86 -4.24
C VAL A 185 9.47 -34.77 -4.56
N LEU A 186 9.00 -34.73 -5.81
CA LEU A 186 8.02 -33.73 -6.21
C LEU A 186 6.73 -33.88 -5.41
N LEU A 187 6.28 -35.12 -5.21
CA LEU A 187 5.07 -35.35 -4.43
C LEU A 187 5.22 -34.85 -3.00
N LYS A 188 6.39 -35.10 -2.39
CA LYS A 188 6.58 -34.65 -1.01
C LYS A 188 6.61 -33.13 -0.93
N LEU A 189 7.29 -32.46 -1.87
CA LEU A 189 7.30 -31.00 -1.88
C LEU A 189 5.90 -30.45 -2.04
N LEU A 190 5.11 -31.04 -2.95
CA LEU A 190 3.75 -30.57 -3.16
C LEU A 190 2.89 -30.78 -1.92
N GLU A 191 3.11 -31.89 -1.20
CA GLU A 191 2.37 -32.10 0.04
C GLU A 191 2.69 -31.03 1.07
N ASP A 192 3.97 -30.66 1.19
CA ASP A 192 4.35 -29.58 2.11
C ASP A 192 3.65 -28.28 1.75
N ILE A 193 3.74 -27.90 0.47
CA ILE A 193 3.12 -26.66 0.01
C ILE A 193 1.63 -26.68 0.24
N LYS A 194 0.97 -27.80 -0.08
CA LYS A 194 -0.47 -27.90 0.08
C LYS A 194 -0.88 -27.80 1.54
N LYS A 195 -0.13 -28.45 2.44
CA LYS A 195 -0.48 -28.35 3.85
C LYS A 195 -0.45 -26.91 4.33
N VAL A 196 0.63 -26.19 3.99
CA VAL A 196 0.70 -24.79 4.41
C VAL A 196 -0.43 -23.97 3.78
N PHE A 197 -0.70 -24.20 2.49
CA PHE A 197 -1.71 -23.39 1.79
C PHE A 197 -3.10 -23.63 2.35
N GLU A 198 -3.45 -24.89 2.65
CA GLU A 198 -4.78 -25.15 3.20
C GLU A 198 -4.91 -24.69 4.64
N LEU A 199 -3.81 -24.63 5.39
CA LEU A 199 -3.88 -23.95 6.68
C LEU A 199 -4.12 -22.46 6.51
N TRP A 200 -3.46 -21.84 5.53
CA TRP A 200 -3.49 -20.39 5.40
C TRP A 200 -4.79 -19.88 4.77
N ILE A 201 -5.38 -20.63 3.84
CA ILE A 201 -6.47 -20.10 3.03
C ILE A 201 -7.73 -19.80 3.84
N THR A 202 -7.85 -20.34 5.04
CA THR A 202 -9.07 -20.16 5.81
C THR A 202 -9.28 -18.74 6.31
N ARG A 203 -8.44 -17.78 5.94
CA ARG A 203 -8.51 -16.42 6.48
C ARG A 203 -8.81 -15.38 5.42
N VAL A 204 -9.26 -15.78 4.23
CA VAL A 204 -9.29 -14.84 3.11
C VAL A 204 -10.66 -14.78 2.44
N ASN A 205 -11.75 -15.13 3.14
CA ASN A 205 -13.11 -14.88 2.66
C ASN A 205 -13.48 -15.79 1.48
N PRO A 206 -14.68 -16.36 1.48
CA PRO A 206 -14.99 -17.48 0.56
C PRO A 206 -14.87 -17.21 -0.94
N GLU A 207 -14.79 -15.96 -1.37
CA GLU A 207 -14.60 -15.67 -2.79
C GLU A 207 -13.14 -15.58 -3.20
N GLN A 208 -12.33 -14.88 -2.41
CA GLN A 208 -10.89 -14.92 -2.62
C GLN A 208 -10.36 -16.33 -2.40
N GLN A 209 -11.05 -17.13 -1.59
CA GLN A 209 -10.68 -18.53 -1.44
C GLN A 209 -10.79 -19.24 -2.78
N ILE A 210 -11.89 -19.05 -3.50
CA ILE A 210 -12.05 -19.69 -4.81
C ILE A 210 -11.01 -19.17 -5.79
N LEU A 211 -10.80 -17.85 -5.81
CA LEU A 211 -9.81 -17.27 -6.73
C LEU A 211 -8.43 -17.87 -6.50
N PHE A 212 -7.95 -17.82 -5.25
CA PHE A 212 -6.60 -18.26 -4.96
C PHE A 212 -6.46 -19.77 -5.10
N THR A 213 -7.50 -20.53 -4.73
CA THR A 213 -7.44 -21.98 -4.89
C THR A 213 -7.34 -22.36 -6.35
N GLU A 214 -8.14 -21.73 -7.21
CA GLU A 214 -8.04 -21.99 -8.64
C GLU A 214 -6.63 -21.71 -9.15
N LEU A 215 -6.10 -20.53 -8.79
CA LEU A 215 -4.77 -20.15 -9.29
C LEU A 215 -3.69 -21.14 -8.83
N VAL A 216 -3.67 -21.45 -7.53
CA VAL A 216 -2.62 -22.30 -6.98
C VAL A 216 -2.72 -23.72 -7.51
N TYR A 217 -3.94 -24.26 -7.60
CA TYR A 217 -4.09 -25.62 -8.09
C TYR A 217 -3.72 -25.72 -9.57
N SER A 218 -4.05 -24.70 -10.36
CA SER A 218 -3.62 -24.69 -11.75
C SER A 218 -2.11 -24.67 -11.86
N ALA A 219 -1.44 -23.86 -11.02
CA ALA A 219 0.01 -23.81 -11.04
C ALA A 219 0.62 -25.17 -10.69
N ILE A 220 0.06 -25.83 -9.68
CA ILE A 220 0.57 -27.13 -9.26
C ILE A 220 0.37 -28.17 -10.37
N GLU A 221 -0.79 -28.14 -11.03
CA GLU A 221 -1.03 -29.09 -12.12
C GLU A 221 -0.08 -28.85 -13.28
N ASP A 222 0.19 -27.58 -13.61
CA ASP A 222 1.16 -27.29 -14.65
C ASP A 222 2.55 -27.77 -14.27
N LEU A 223 2.93 -27.62 -13.00
CA LEU A 223 4.21 -28.13 -12.53
C LEU A 223 4.28 -29.64 -12.70
N LYS A 224 3.21 -30.35 -12.34
CA LYS A 224 3.19 -31.80 -12.48
C LYS A 224 3.36 -32.19 -13.94
N LYS A 225 2.65 -31.51 -14.84
CA LYS A 225 2.77 -31.81 -16.26
C LYS A 225 4.20 -31.60 -16.75
N HIS A 226 4.78 -30.44 -16.45
CA HIS A 226 6.12 -30.13 -16.91
C HIS A 226 7.14 -31.16 -16.38
N THR A 227 7.06 -31.47 -15.09
CA THR A 227 8.02 -32.40 -14.50
C THR A 227 7.85 -33.80 -15.07
N LEU A 228 6.61 -34.25 -15.27
CA LEU A 228 6.39 -35.60 -15.80
C LEU A 228 6.88 -35.70 -17.25
N GLU A 229 6.71 -34.64 -18.04
CA GLU A 229 7.28 -34.66 -19.38
C GLU A 229 8.81 -34.62 -19.34
N VAL A 230 9.37 -33.94 -18.33
CA VAL A 230 10.82 -33.95 -18.14
C VAL A 230 11.30 -35.37 -17.85
N LEU A 231 10.50 -36.12 -17.07
CA LEU A 231 10.87 -37.50 -16.74
C LEU A 231 10.96 -38.38 -17.98
N GLY A 232 10.03 -38.21 -18.91
CA GLY A 232 9.87 -39.06 -20.08
C GLY A 232 11.07 -39.79 -20.65
N ASN B 25 7.77 -21.47 -56.26
CA ASN B 25 6.42 -21.05 -55.93
C ASN B 25 6.32 -20.64 -54.45
N THR B 26 5.24 -19.95 -54.11
CA THR B 26 5.11 -19.38 -52.77
C THR B 26 4.85 -20.46 -51.72
N VAL B 27 4.09 -21.50 -52.08
CA VAL B 27 3.63 -22.47 -51.09
C VAL B 27 4.80 -23.18 -50.43
N GLU B 28 5.77 -23.63 -51.22
CA GLU B 28 6.93 -24.31 -50.64
C GLU B 28 7.71 -23.36 -49.73
N LYS B 29 7.78 -22.08 -50.10
CA LYS B 29 8.40 -21.10 -49.21
C LYS B 29 7.65 -21.02 -47.88
N VAL B 30 6.32 -21.02 -47.93
CA VAL B 30 5.55 -20.89 -46.69
C VAL B 30 5.74 -22.11 -45.80
N LEU B 31 5.72 -23.31 -46.37
CA LEU B 31 5.95 -24.50 -45.55
C LEU B 31 7.40 -24.60 -45.07
N LYS B 32 8.36 -24.07 -45.83
CA LYS B 32 9.73 -24.03 -45.32
C LYS B 32 9.84 -23.08 -44.13
N VAL B 33 9.13 -21.95 -44.20
CA VAL B 33 9.07 -21.03 -43.07
C VAL B 33 8.42 -21.72 -41.87
N LYS B 34 7.37 -22.50 -42.13
CA LYS B 34 6.70 -23.23 -41.07
C LYS B 34 7.64 -24.22 -40.39
N GLU B 35 8.42 -24.96 -41.19
CA GLU B 35 9.35 -25.93 -40.64
C GLU B 35 10.42 -25.24 -39.80
N GLU B 36 10.97 -24.13 -40.30
CA GLU B 36 11.96 -23.39 -39.54
C GLU B 36 11.37 -22.87 -38.24
N ALA B 37 10.12 -22.39 -38.28
CA ALA B 37 9.47 -21.89 -37.08
C ALA B 37 9.28 -23.00 -36.04
N GLU B 38 8.87 -24.20 -36.47
CA GLU B 38 8.72 -25.29 -35.52
C GLU B 38 10.06 -25.70 -34.92
N LYS B 39 11.12 -25.72 -35.74
CA LYS B 39 12.45 -26.04 -35.21
C LYS B 39 12.87 -25.02 -34.16
N ARG B 40 12.66 -23.73 -34.45
CA ARG B 40 13.01 -22.70 -33.48
C ARG B 40 12.17 -22.81 -32.22
N ILE B 41 10.89 -23.19 -32.36
CA ILE B 41 10.02 -23.33 -31.20
C ILE B 41 10.54 -24.45 -30.30
N ALA B 42 10.95 -25.57 -30.88
CA ALA B 42 11.52 -26.64 -30.08
C ALA B 42 12.83 -26.20 -29.41
N GLU B 43 13.68 -25.49 -30.13
CA GLU B 43 14.93 -25.00 -29.56
C GLU B 43 14.66 -24.09 -28.36
N ILE B 44 13.68 -23.20 -28.48
CA ILE B 44 13.35 -22.30 -27.38
C ILE B 44 12.72 -23.08 -26.23
N GLU B 45 11.91 -24.09 -26.54
CA GLU B 45 11.31 -24.90 -25.48
C GLU B 45 12.37 -25.62 -24.67
N LYS B 46 13.53 -25.88 -25.28
CA LYS B 46 14.63 -26.50 -24.54
C LYS B 46 15.61 -25.48 -23.94
N LEU B 47 15.15 -24.31 -23.51
CA LEU B 47 16.03 -23.22 -23.10
C LEU B 47 16.16 -23.03 -21.59
N GLU B 48 15.25 -23.59 -20.79
CA GLU B 48 15.34 -23.68 -19.33
C GLU B 48 15.34 -22.33 -18.63
N ASN B 49 15.27 -21.23 -19.37
CA ASN B 49 15.17 -19.90 -18.78
C ASN B 49 13.99 -19.17 -19.41
N ILE B 50 12.92 -19.01 -18.64
CA ILE B 50 11.65 -18.53 -19.18
C ILE B 50 11.69 -17.07 -19.63
N GLU B 51 12.42 -16.21 -18.92
CA GLU B 51 12.44 -14.80 -19.27
C GLU B 51 13.04 -14.58 -20.65
N GLU B 52 14.11 -15.30 -20.98
CA GLU B 52 14.77 -15.18 -22.27
C GLU B 52 14.10 -16.02 -23.35
N ALA B 53 13.16 -16.88 -22.99
CA ALA B 53 12.40 -17.67 -23.95
C ALA B 53 11.25 -16.90 -24.56
N VAL B 54 10.53 -16.11 -23.76
CA VAL B 54 9.42 -15.33 -24.29
C VAL B 54 9.93 -14.29 -25.27
N LEU B 55 11.06 -13.65 -24.97
CA LEU B 55 11.61 -12.66 -25.88
C LEU B 55 12.05 -13.30 -27.20
N LYS B 56 12.64 -14.50 -27.13
CA LYS B 56 13.02 -15.20 -28.35
C LYS B 56 11.78 -15.59 -29.17
N LEU B 57 10.71 -16.01 -28.49
CA LEU B 57 9.47 -16.30 -29.21
C LEU B 57 8.91 -15.04 -29.86
N LEU B 58 9.01 -13.89 -29.19
CA LEU B 58 8.52 -12.65 -29.77
C LEU B 58 9.33 -12.24 -30.99
N GLU B 59 10.66 -12.38 -30.95
CA GLU B 59 11.44 -12.02 -32.12
C GLU B 59 11.20 -13.01 -33.26
N LEU B 60 10.93 -14.28 -32.93
CA LEU B 60 10.53 -15.24 -33.94
C LEU B 60 9.21 -14.83 -34.61
N LEU B 61 8.25 -14.39 -33.80
CA LEU B 61 6.98 -13.91 -34.35
C LEU B 61 7.20 -12.72 -35.26
N ASP B 62 8.07 -11.79 -34.84
CA ASP B 62 8.38 -10.63 -35.67
C ASP B 62 9.01 -11.06 -37.00
N GLU B 63 9.93 -12.02 -36.95
CA GLU B 63 10.56 -12.50 -38.19
C GLU B 63 9.52 -13.12 -39.12
N VAL B 64 8.62 -13.94 -38.56
CA VAL B 64 7.60 -14.59 -39.37
C VAL B 64 6.70 -13.55 -40.02
N ILE B 65 6.31 -12.52 -39.27
CA ILE B 65 5.43 -11.49 -39.83
C ILE B 65 6.17 -10.70 -40.90
N HIS B 66 7.46 -10.46 -40.73
CA HIS B 66 8.23 -9.79 -41.78
C HIS B 66 8.25 -10.60 -43.06
N GLU B 67 8.51 -11.91 -42.95
CA GLU B 67 8.47 -12.76 -44.14
C GLU B 67 7.07 -12.75 -44.78
N ALA B 68 6.03 -12.79 -43.96
CA ALA B 68 4.67 -12.75 -44.50
C ALA B 68 4.43 -11.46 -45.27
N ALA B 69 4.96 -10.34 -44.76
CA ALA B 69 4.81 -9.07 -45.45
C ALA B 69 5.58 -9.07 -46.77
N LEU B 70 6.71 -9.79 -46.82
CA LEU B 70 7.54 -9.76 -48.02
C LEU B 70 6.80 -10.32 -49.24
N LEU B 71 6.10 -11.45 -49.08
CA LEU B 71 5.45 -12.05 -50.23
C LEU B 71 3.95 -11.73 -50.23
N PRO B 72 3.33 -11.64 -51.40
CA PRO B 72 1.90 -11.29 -51.43
C PRO B 72 1.03 -12.45 -50.97
N ILE B 73 -0.07 -12.11 -50.31
CA ILE B 73 -0.92 -13.12 -49.68
C ILE B 73 -1.88 -13.68 -50.70
N THR B 74 -2.24 -14.94 -50.51
CA THR B 74 -3.16 -15.67 -51.37
C THR B 74 -4.05 -16.54 -50.49
N PRO B 75 -5.21 -16.96 -51.00
CA PRO B 75 -6.11 -17.77 -50.17
C PRO B 75 -5.49 -19.06 -49.65
N GLU B 76 -4.60 -19.69 -50.41
CA GLU B 76 -4.04 -20.97 -49.98
C GLU B 76 -3.01 -20.78 -48.87
N THR B 77 -2.20 -19.73 -48.93
CA THR B 77 -1.15 -19.54 -47.95
C THR B 77 -1.66 -18.90 -46.65
N LYS B 78 -2.87 -18.34 -46.68
CA LYS B 78 -3.41 -17.68 -45.49
C LYS B 78 -3.54 -18.66 -44.33
N LEU B 79 -4.05 -19.86 -44.61
CA LEU B 79 -4.22 -20.85 -43.57
C LEU B 79 -2.88 -21.25 -42.95
N ILE B 80 -1.86 -21.47 -43.77
CA ILE B 80 -0.55 -21.87 -43.27
C ILE B 80 0.05 -20.76 -42.41
N TRP B 81 -0.06 -19.51 -42.89
CA TRP B 81 0.43 -18.39 -42.10
C TRP B 81 -0.27 -18.34 -40.75
N TRP B 82 -1.58 -18.58 -40.74
CA TRP B 82 -2.32 -18.53 -39.49
C TRP B 82 -1.92 -19.66 -38.55
N GLU B 83 -1.63 -20.85 -39.09
CA GLU B 83 -1.15 -21.93 -38.22
C GLU B 83 0.19 -21.57 -37.59
N ILE B 84 1.10 -20.98 -38.37
CA ILE B 84 2.39 -20.57 -37.80
C ILE B 84 2.17 -19.54 -36.68
N ILE B 85 1.36 -18.52 -36.95
CA ILE B 85 1.12 -17.49 -35.96
C ILE B 85 0.48 -18.07 -34.71
N GLU B 86 -0.49 -18.97 -34.90
CA GLU B 86 -1.18 -19.58 -33.77
C GLU B 86 -0.21 -20.39 -32.90
N ALA B 87 0.64 -21.19 -33.54
CA ALA B 87 1.59 -22.00 -32.77
C ALA B 87 2.52 -21.11 -31.94
N ILE B 88 3.11 -20.09 -32.59
CA ILE B 88 4.05 -19.22 -31.88
C ILE B 88 3.34 -18.50 -30.74
N ALA B 89 2.13 -17.98 -31.01
CA ALA B 89 1.42 -17.20 -30.01
C ALA B 89 1.02 -18.05 -28.81
N LEU B 90 0.50 -19.25 -29.05
CA LEU B 90 0.09 -20.10 -27.94
C LEU B 90 1.29 -20.52 -27.10
N ALA B 91 2.42 -20.85 -27.75
CA ALA B 91 3.62 -21.18 -26.99
C ALA B 91 4.06 -20.00 -26.12
N ALA B 92 4.06 -18.79 -26.69
CA ALA B 92 4.49 -17.63 -25.94
C ALA B 92 3.56 -17.33 -24.76
N LEU B 93 2.24 -17.49 -24.96
CA LEU B 93 1.31 -17.24 -23.87
C LEU B 93 1.50 -18.25 -22.73
N HIS B 94 1.63 -19.53 -23.07
CA HIS B 94 1.85 -20.50 -22.00
C HIS B 94 3.16 -20.23 -21.28
N LYS B 95 4.21 -19.84 -22.00
CA LYS B 95 5.45 -19.47 -21.32
C LYS B 95 5.25 -18.25 -20.42
N LEU B 96 4.37 -17.32 -20.82
CA LEU B 96 4.05 -16.19 -19.96
C LEU B 96 3.43 -16.67 -18.66
N LEU B 97 2.69 -17.77 -18.71
CA LEU B 97 2.13 -18.30 -17.46
C LEU B 97 3.22 -18.88 -16.55
N ASP B 98 4.35 -19.29 -17.09
CA ASP B 98 5.37 -20.04 -16.35
C ASP B 98 6.48 -19.13 -15.79
N GLY B 99 6.14 -18.07 -15.06
CA GLY B 99 7.16 -17.31 -14.37
C GLY B 99 7.50 -15.96 -14.95
N GLY B 100 7.96 -15.04 -14.10
CA GLY B 100 8.35 -13.69 -14.47
C GLY B 100 7.69 -12.67 -13.55
N ASN B 101 7.72 -11.42 -13.98
CA ASN B 101 7.04 -10.36 -13.27
C ASN B 101 5.62 -10.20 -13.83
N ILE B 102 4.66 -9.98 -12.92
CA ILE B 102 3.25 -10.03 -13.31
C ILE B 102 2.92 -8.94 -14.32
N GLU B 103 3.31 -7.70 -14.02
CA GLU B 103 2.96 -6.57 -14.89
C GLU B 103 3.63 -6.71 -16.25
N VAL B 104 4.91 -7.11 -16.26
CA VAL B 104 5.62 -7.30 -17.52
C VAL B 104 4.96 -8.39 -18.34
N ASN B 105 4.56 -9.49 -17.69
CA ASN B 105 3.91 -10.59 -18.40
C ASN B 105 2.57 -10.15 -19.00
N ILE B 106 1.79 -9.37 -18.25
CA ILE B 106 0.52 -8.88 -18.79
C ILE B 106 0.77 -7.97 -20.00
N LEU B 107 1.76 -7.08 -19.89
CA LEU B 107 2.10 -6.22 -21.03
C LEU B 107 2.52 -7.05 -22.24
N LEU B 108 3.30 -8.12 -22.02
CA LEU B 108 3.73 -8.96 -23.12
C LEU B 108 2.55 -9.69 -23.76
N ALA B 109 1.60 -10.14 -22.95
CA ALA B 109 0.40 -10.77 -23.50
C ALA B 109 -0.37 -9.81 -24.38
N LEU B 110 -0.52 -8.57 -23.91
CA LEU B 110 -1.20 -7.56 -24.74
C LEU B 110 -0.43 -7.29 -26.02
N ARG B 111 0.91 -7.30 -25.96
CA ARG B 111 1.71 -7.09 -27.16
C ARG B 111 1.53 -8.22 -28.16
N ILE B 112 1.46 -9.46 -27.68
CA ILE B 112 1.19 -10.59 -28.58
C ILE B 112 -0.16 -10.43 -29.25
N LEU B 113 -1.17 -10.04 -28.47
CA LEU B 113 -2.49 -9.82 -29.04
C LEU B 113 -2.47 -8.70 -30.08
N GLU B 114 -1.73 -7.62 -29.82
CA GLU B 114 -1.66 -6.52 -30.76
C GLU B 114 -0.96 -6.95 -32.05
N LYS B 115 0.08 -7.77 -31.95
CA LYS B 115 0.74 -8.28 -33.15
C LYS B 115 -0.21 -9.15 -33.97
N ALA B 116 -1.01 -9.98 -33.29
CA ALA B 116 -2.02 -10.76 -34.00
C ALA B 116 -3.02 -9.86 -34.70
N ILE B 117 -3.44 -8.78 -34.04
CA ILE B 117 -4.41 -7.86 -34.65
C ILE B 117 -3.80 -7.16 -35.86
N ASN B 118 -2.53 -6.79 -35.77
CA ASN B 118 -1.86 -6.16 -36.92
C ASN B 118 -1.76 -7.12 -38.10
N PHE B 119 -1.44 -8.40 -37.82
CA PHE B 119 -1.44 -9.38 -38.89
C PHE B 119 -2.83 -9.55 -39.48
N LEU B 120 -3.86 -9.51 -38.64
CA LEU B 120 -5.24 -9.55 -39.13
C LEU B 120 -5.53 -8.39 -40.07
N LYS B 121 -5.07 -7.19 -39.72
CA LYS B 121 -5.22 -6.04 -40.59
C LYS B 121 -4.51 -6.26 -41.93
N MET B 122 -3.28 -6.77 -41.87
CA MET B 122 -2.48 -6.94 -43.09
C MET B 122 -3.09 -7.98 -44.01
N VAL B 123 -3.61 -9.08 -43.46
CA VAL B 123 -4.20 -10.14 -44.26
C VAL B 123 -5.47 -9.69 -44.96
N GLY B 124 -6.37 -8.99 -44.27
CA GLY B 124 -7.62 -8.55 -44.87
C GLY B 124 -8.78 -9.48 -44.58
N MET B 125 -9.36 -10.04 -45.64
CA MET B 125 -10.50 -10.93 -45.48
C MET B 125 -10.11 -12.19 -44.72
N VAL B 126 -11.01 -12.64 -43.85
CA VAL B 126 -10.77 -13.81 -43.01
C VAL B 126 -11.95 -14.77 -43.16
N GLY B 127 -11.65 -16.05 -43.37
CA GLY B 127 -12.68 -17.06 -43.51
C GLY B 127 -13.07 -17.66 -42.17
N GLU B 128 -13.67 -18.86 -42.25
CA GLU B 128 -14.13 -19.53 -41.03
C GLU B 128 -12.97 -20.07 -40.21
N LYS B 129 -12.01 -20.73 -40.87
CA LYS B 129 -10.88 -21.30 -40.14
C LYS B 129 -10.02 -20.21 -39.50
N GLU B 130 -9.76 -19.13 -40.24
CA GLU B 130 -9.01 -18.02 -39.70
C GLU B 130 -9.75 -17.34 -38.55
N PHE B 131 -11.08 -17.22 -38.67
CA PHE B 131 -11.88 -16.70 -37.57
C PHE B 131 -11.72 -17.56 -36.32
N GLU B 132 -11.78 -18.89 -36.50
CA GLU B 132 -11.63 -19.80 -35.37
C GLU B 132 -10.25 -19.64 -34.72
N ILE B 133 -9.20 -19.55 -35.54
CA ILE B 133 -7.85 -19.42 -34.99
C ILE B 133 -7.68 -18.10 -34.24
N ALA B 134 -8.20 -17.01 -34.81
CA ALA B 134 -8.09 -15.71 -34.15
C ALA B 134 -8.85 -15.70 -32.83
N VAL B 135 -10.03 -16.29 -32.80
CA VAL B 135 -10.77 -16.36 -31.53
C VAL B 135 -10.03 -17.22 -30.52
N LYS B 136 -9.36 -18.28 -30.99
CA LYS B 136 -8.56 -19.10 -30.08
C LYS B 136 -7.44 -18.30 -29.45
N ILE B 137 -6.72 -17.52 -30.26
CA ILE B 137 -5.63 -16.70 -29.73
C ILE B 137 -6.15 -15.66 -28.75
N LEU B 138 -7.26 -15.02 -29.09
CA LEU B 138 -7.85 -14.02 -28.20
C LEU B 138 -8.27 -14.63 -26.88
N GLU B 139 -8.87 -15.83 -26.92
CA GLU B 139 -9.31 -16.48 -25.71
C GLU B 139 -8.14 -16.91 -24.83
N ALA B 140 -7.08 -17.43 -25.44
CA ALA B 140 -5.89 -17.80 -24.67
C ALA B 140 -5.30 -16.57 -23.98
N ALA B 141 -5.22 -15.45 -24.71
CA ALA B 141 -4.69 -14.23 -24.11
C ALA B 141 -5.58 -13.76 -22.96
N LEU B 142 -6.89 -13.83 -23.13
CA LEU B 142 -7.80 -13.40 -22.07
C LEU B 142 -7.63 -14.25 -20.81
N HIS B 143 -7.54 -15.57 -20.96
CA HIS B 143 -7.38 -16.43 -19.80
C HIS B 143 -6.04 -16.18 -19.10
N VAL B 144 -4.97 -16.01 -19.89
CA VAL B 144 -3.67 -15.69 -19.28
C VAL B 144 -3.74 -14.39 -18.50
N VAL B 145 -4.37 -13.37 -19.08
CA VAL B 145 -4.43 -12.06 -18.44
C VAL B 145 -5.23 -12.14 -17.14
N LEU B 146 -6.37 -12.85 -17.15
CA LEU B 146 -7.16 -12.95 -15.93
C LEU B 146 -6.40 -13.69 -14.83
N THR B 147 -5.77 -14.81 -15.19
CA THR B 147 -5.01 -15.59 -14.22
C THR B 147 -3.88 -14.75 -13.60
N LEU B 148 -3.17 -13.99 -14.44
CA LEU B 148 -2.09 -13.17 -13.91
C LEU B 148 -2.60 -11.98 -13.11
N SER B 149 -3.75 -11.43 -13.49
CA SER B 149 -4.23 -10.21 -12.83
C SER B 149 -4.91 -10.52 -11.51
N ARG B 150 -5.18 -11.78 -11.22
CA ARG B 150 -5.67 -12.10 -9.88
C ARG B 150 -4.71 -11.68 -8.78
N LEU B 151 -3.43 -11.50 -9.10
CA LEU B 151 -2.40 -11.21 -8.11
C LEU B 151 -2.01 -9.72 -8.06
N LEU B 152 -2.77 -8.84 -8.67
CA LEU B 152 -2.45 -7.42 -8.70
C LEU B 152 -3.21 -6.67 -7.60
N ASN B 153 -2.88 -5.38 -7.47
CA ASN B 153 -3.60 -4.50 -6.57
C ASN B 153 -4.91 -4.05 -7.20
N GLU B 154 -5.71 -3.31 -6.43
CA GLU B 154 -7.04 -2.94 -6.89
C GLU B 154 -6.98 -2.05 -8.12
N LEU B 155 -6.22 -0.95 -8.04
CA LEU B 155 -6.16 -0.01 -9.15
C LEU B 155 -5.56 -0.65 -10.39
N GLU B 156 -4.47 -1.41 -10.21
CA GLU B 156 -3.85 -2.06 -11.36
C GLU B 156 -4.76 -3.10 -11.98
N PHE B 157 -5.48 -3.87 -11.16
CA PHE B 157 -6.40 -4.86 -11.69
C PHE B 157 -7.50 -4.21 -12.53
N VAL B 158 -8.09 -3.14 -12.02
CA VAL B 158 -9.18 -2.51 -12.77
C VAL B 158 -8.63 -1.84 -14.04
N LYS B 159 -7.44 -1.26 -13.97
CA LYS B 159 -6.81 -0.69 -15.16
C LYS B 159 -6.58 -1.76 -16.23
N VAL B 160 -6.10 -2.93 -15.82
CA VAL B 160 -5.86 -4.02 -16.76
C VAL B 160 -7.17 -4.48 -17.38
N LEU B 161 -8.23 -4.57 -16.57
CA LEU B 161 -9.55 -4.94 -17.07
C LEU B 161 -10.01 -3.97 -18.16
N VAL B 162 -9.94 -2.67 -17.88
CA VAL B 162 -10.41 -1.67 -18.83
C VAL B 162 -9.57 -1.71 -20.11
N GLU B 163 -8.25 -1.86 -19.96
CA GLU B 163 -7.37 -1.94 -21.11
C GLU B 163 -7.71 -3.14 -22.00
N PHE B 164 -7.98 -4.29 -21.38
CA PHE B 164 -8.31 -5.46 -22.17
C PHE B 164 -9.66 -5.33 -22.85
N ILE B 165 -10.61 -4.65 -22.20
CA ILE B 165 -11.90 -4.42 -22.85
C ILE B 165 -11.74 -3.55 -24.09
N ASN B 166 -10.90 -2.51 -23.99
CA ASN B 166 -10.63 -1.68 -25.16
C ASN B 166 -9.93 -2.48 -26.25
N LEU B 167 -9.01 -3.38 -25.86
CA LEU B 167 -8.33 -4.22 -26.84
C LEU B 167 -9.31 -5.15 -27.55
N ILE B 168 -10.27 -5.70 -26.81
CA ILE B 168 -11.32 -6.53 -27.41
C ILE B 168 -12.12 -5.71 -28.40
N ALA B 169 -12.45 -4.48 -28.05
CA ALA B 169 -13.19 -3.61 -28.97
C ALA B 169 -12.41 -3.40 -30.26
N LYS B 170 -11.12 -3.12 -30.15
CA LYS B 170 -10.30 -2.95 -31.35
C LYS B 170 -10.24 -4.23 -32.17
N PHE B 171 -10.08 -5.38 -31.51
CA PHE B 171 -9.97 -6.65 -32.22
C PHE B 171 -11.24 -6.95 -33.00
N PHE B 172 -12.40 -6.71 -32.39
CA PHE B 172 -13.65 -6.95 -33.09
C PHE B 172 -13.93 -5.92 -34.17
N LYS B 173 -13.46 -4.68 -34.00
CA LYS B 173 -13.62 -3.70 -35.06
C LYS B 173 -12.77 -4.04 -36.28
N VAL B 174 -11.57 -4.58 -36.09
CA VAL B 174 -10.71 -4.98 -37.20
C VAL B 174 -11.18 -6.27 -37.87
N LEU B 175 -11.66 -7.24 -37.11
CA LEU B 175 -11.99 -8.56 -37.63
C LEU B 175 -13.42 -8.58 -38.16
N LYS B 176 -13.60 -9.16 -39.35
CA LYS B 176 -14.89 -9.18 -40.02
C LYS B 176 -15.48 -10.59 -39.98
N GLY B 177 -16.79 -10.66 -39.86
CA GLY B 177 -17.47 -11.95 -39.82
C GLY B 177 -18.96 -11.73 -39.67
N GLU B 178 -19.67 -12.86 -39.62
CA GLU B 178 -21.12 -12.81 -39.49
C GLU B 178 -21.50 -12.27 -38.11
N PRO B 179 -22.53 -11.43 -38.01
CA PRO B 179 -22.85 -10.81 -36.72
C PRO B 179 -23.18 -11.78 -35.60
N GLU B 180 -23.81 -12.91 -35.90
CA GLU B 180 -24.25 -13.82 -34.85
C GLU B 180 -23.06 -14.49 -34.16
N LYS B 181 -22.10 -14.97 -34.95
CA LYS B 181 -20.93 -15.61 -34.37
C LYS B 181 -20.13 -14.63 -33.51
N LYS B 182 -19.93 -13.41 -34.02
CA LYS B 182 -19.21 -12.40 -33.25
C LYS B 182 -19.98 -12.05 -31.97
N LYS B 183 -21.30 -11.99 -32.04
CA LYS B 183 -22.09 -11.73 -30.86
C LYS B 183 -21.93 -12.82 -29.81
N ARG B 184 -21.95 -14.08 -30.23
CA ARG B 184 -21.76 -15.18 -29.29
C ARG B 184 -20.38 -15.15 -28.66
N VAL B 185 -19.35 -14.91 -29.46
CA VAL B 185 -18.00 -14.83 -28.94
C VAL B 185 -17.87 -13.70 -27.93
N LEU B 186 -18.42 -12.53 -28.27
CA LEU B 186 -18.37 -11.39 -27.35
C LEU B 186 -19.08 -11.71 -26.04
N LEU B 187 -20.23 -12.38 -26.12
CA LEU B 187 -20.95 -12.73 -24.91
C LEU B 187 -20.13 -13.67 -24.04
N LYS B 188 -19.46 -14.65 -24.65
CA LYS B 188 -18.64 -15.57 -23.87
C LYS B 188 -17.48 -14.86 -23.18
N LEU B 189 -16.80 -13.97 -23.92
CA LEU B 189 -15.70 -13.21 -23.31
C LEU B 189 -16.20 -12.35 -22.16
N LEU B 190 -17.36 -11.71 -22.34
CA LEU B 190 -17.92 -10.88 -21.28
C LEU B 190 -18.28 -11.71 -20.06
N GLU B 191 -18.78 -12.92 -20.27
CA GLU B 191 -19.09 -13.79 -19.13
C GLU B 191 -17.83 -14.17 -18.37
N ASP B 192 -16.74 -14.46 -19.09
CA ASP B 192 -15.47 -14.73 -18.42
C ASP B 192 -15.02 -13.55 -17.57
N ILE B 193 -15.05 -12.35 -18.16
CA ILE B 193 -14.62 -11.15 -17.44
C ILE B 193 -15.50 -10.92 -16.22
N LYS B 194 -16.81 -11.06 -16.37
CA LYS B 194 -17.73 -10.82 -15.26
C LYS B 194 -17.54 -11.84 -14.15
N LYS B 195 -17.31 -13.11 -14.52
CA LYS B 195 -16.97 -14.13 -13.53
C LYS B 195 -15.80 -13.71 -12.67
N VAL B 196 -14.68 -13.36 -13.30
CA VAL B 196 -13.50 -13.01 -12.51
C VAL B 196 -13.74 -11.74 -11.70
N PHE B 197 -14.41 -10.75 -12.30
CA PHE B 197 -14.60 -9.47 -11.63
C PHE B 197 -15.53 -9.61 -10.43
N GLU B 198 -16.60 -10.41 -10.55
CA GLU B 198 -17.51 -10.58 -9.43
C GLU B 198 -16.90 -11.41 -8.33
N LEU B 199 -15.98 -12.32 -8.66
CA LEU B 199 -15.21 -12.97 -7.60
C LEU B 199 -14.28 -11.98 -6.89
N TRP B 200 -13.65 -11.10 -7.67
CA TRP B 200 -12.61 -10.23 -7.12
C TRP B 200 -13.18 -9.07 -6.30
N ILE B 201 -14.34 -8.54 -6.69
CA ILE B 201 -14.83 -7.29 -6.13
C ILE B 201 -15.16 -7.38 -4.64
N THR B 202 -15.37 -8.58 -4.12
CA THR B 202 -15.82 -8.71 -2.73
C THR B 202 -14.76 -8.32 -1.70
N ARG B 203 -13.62 -7.80 -2.13
CA ARG B 203 -12.50 -7.53 -1.22
C ARG B 203 -12.16 -6.04 -1.14
N VAL B 204 -13.00 -5.15 -1.65
CA VAL B 204 -12.58 -3.77 -1.86
C VAL B 204 -13.47 -2.77 -1.14
N ASN B 205 -14.27 -3.20 -0.16
CA ASN B 205 -15.04 -2.29 0.70
C ASN B 205 -16.22 -1.67 -0.06
N PRO B 206 -17.40 -1.57 0.57
CA PRO B 206 -18.64 -1.32 -0.19
C PRO B 206 -18.75 -0.03 -0.97
N GLU B 207 -17.87 0.94 -0.77
CA GLU B 207 -17.89 2.16 -1.57
C GLU B 207 -16.99 2.10 -2.79
N GLN B 208 -15.78 1.59 -2.63
CA GLN B 208 -14.97 1.26 -3.80
C GLN B 208 -15.66 0.23 -4.66
N GLN B 209 -16.48 -0.64 -4.06
CA GLN B 209 -17.28 -1.58 -4.82
C GLN B 209 -18.20 -0.85 -5.79
N ILE B 210 -18.91 0.17 -5.31
CA ILE B 210 -19.81 0.93 -6.17
C ILE B 210 -19.04 1.65 -7.26
N LEU B 211 -17.93 2.29 -6.88
CA LEU B 211 -17.12 3.02 -7.86
C LEU B 211 -16.66 2.10 -8.98
N PHE B 212 -16.03 0.98 -8.63
CA PHE B 212 -15.47 0.08 -9.64
C PHE B 212 -16.57 -0.60 -10.43
N THR B 213 -17.68 -0.96 -9.79
CA THR B 213 -18.78 -1.59 -10.51
C THR B 213 -19.35 -0.66 -11.56
N GLU B 214 -19.57 0.61 -11.19
CA GLU B 214 -20.05 1.58 -12.18
C GLU B 214 -19.08 1.69 -13.35
N LEU B 215 -17.79 1.83 -13.05
CA LEU B 215 -16.79 2.01 -14.10
C LEU B 215 -16.78 0.81 -15.06
N VAL B 216 -16.68 -0.39 -14.50
CA VAL B 216 -16.55 -1.60 -15.32
C VAL B 216 -17.82 -1.85 -16.13
N TYR B 217 -18.99 -1.67 -15.50
CA TYR B 217 -20.24 -1.93 -16.21
C TYR B 217 -20.45 -0.92 -17.34
N SER B 218 -20.09 0.34 -17.13
CA SER B 218 -20.17 1.31 -18.21
C SER B 218 -19.23 0.94 -19.34
N ALA B 219 -18.02 0.48 -19.01
CA ALA B 219 -17.09 0.06 -20.06
C ALA B 219 -17.65 -1.10 -20.87
N ILE B 220 -18.24 -2.08 -20.19
CA ILE B 220 -18.81 -3.24 -20.88
C ILE B 220 -19.98 -2.83 -21.78
N GLU B 221 -20.84 -1.92 -21.29
CA GLU B 221 -21.96 -1.47 -22.10
C GLU B 221 -21.48 -0.72 -23.34
N ASP B 222 -20.45 0.12 -23.19
CA ASP B 222 -19.88 0.80 -24.35
C ASP B 222 -19.28 -0.19 -25.34
N LEU B 223 -18.62 -1.23 -24.83
CA LEU B 223 -18.09 -2.26 -25.71
C LEU B 223 -19.21 -2.94 -26.49
N LYS B 224 -20.31 -3.27 -25.81
CA LYS B 224 -21.44 -3.89 -26.48
C LYS B 224 -21.99 -2.97 -27.57
N LYS B 225 -22.14 -1.69 -27.27
CA LYS B 225 -22.62 -0.74 -28.27
C LYS B 225 -21.71 -0.69 -29.49
N HIS B 226 -20.41 -0.51 -29.26
CA HIS B 226 -19.46 -0.41 -30.37
C HIS B 226 -19.47 -1.67 -31.22
N THR B 227 -19.42 -2.84 -30.58
CA THR B 227 -19.38 -4.08 -31.32
C THR B 227 -20.68 -4.30 -32.11
N LEU B 228 -21.83 -4.02 -31.50
CA LEU B 228 -23.09 -4.24 -32.19
C LEU B 228 -23.27 -3.29 -33.37
N GLU B 229 -22.78 -2.05 -33.25
CA GLU B 229 -22.80 -1.16 -34.41
C GLU B 229 -21.83 -1.64 -35.49
N VAL B 230 -20.71 -2.25 -35.08
CA VAL B 230 -19.80 -2.83 -36.05
C VAL B 230 -20.47 -3.98 -36.80
N LEU B 231 -21.26 -4.78 -36.09
CA LEU B 231 -21.91 -5.93 -36.71
C LEU B 231 -22.88 -5.50 -37.81
N GLY B 232 -23.64 -4.43 -37.58
CA GLY B 232 -24.65 -3.97 -38.51
C GLY B 232 -24.14 -3.68 -39.91
N ASN C 25 40.35 14.48 36.78
CA ASN C 25 40.26 13.04 36.86
C ASN C 25 39.06 12.51 36.08
N THR C 26 39.16 11.27 35.60
CA THR C 26 38.09 10.69 34.81
C THR C 26 36.81 10.53 35.63
N VAL C 27 36.94 10.12 36.89
CA VAL C 27 35.77 9.90 37.74
C VAL C 27 35.00 11.19 37.91
N GLU C 28 35.70 12.31 38.13
CA GLU C 28 35.01 13.59 38.27
C GLU C 28 34.25 13.93 37.00
N LYS C 29 34.84 13.66 35.84
CA LYS C 29 34.14 13.90 34.58
C LYS C 29 32.88 13.04 34.47
N VAL C 30 32.97 11.78 34.89
CA VAL C 30 31.82 10.88 34.78
C VAL C 30 30.68 11.35 35.69
N LEU C 31 30.99 11.74 36.93
CA LEU C 31 29.94 12.25 37.79
C LEU C 31 29.39 13.60 37.31
N LYS C 32 30.22 14.43 36.68
CA LYS C 32 29.69 15.67 36.11
C LYS C 32 28.71 15.36 34.97
N VAL C 33 29.05 14.35 34.15
CA VAL C 33 28.13 13.92 33.10
C VAL C 33 26.84 13.39 33.71
N LYS C 34 26.96 12.66 34.81
CA LYS C 34 25.78 12.14 35.50
C LYS C 34 24.87 13.27 35.97
N GLU C 35 25.46 14.30 36.59
CA GLU C 35 24.67 15.42 37.08
C GLU C 35 23.97 16.14 35.93
N GLU C 36 24.71 16.38 34.84
CA GLU C 36 24.10 17.03 33.68
C GLU C 36 22.95 16.18 33.12
N ALA C 37 23.14 14.86 33.08
CA ALA C 37 22.10 13.98 32.56
C ALA C 37 20.86 14.02 33.43
N GLU C 38 21.02 14.02 34.76
CA GLU C 38 19.86 14.11 35.63
C GLU C 38 19.13 15.44 35.47
N LYS C 39 19.88 16.54 35.33
CA LYS C 39 19.25 17.83 35.10
C LYS C 39 18.45 17.82 33.81
N ARG C 40 19.02 17.27 32.74
CA ARG C 40 18.31 17.19 31.47
C ARG C 40 17.09 16.30 31.57
N ILE C 41 17.18 15.22 32.34
CA ILE C 41 16.05 14.32 32.51
C ILE C 41 14.90 15.05 33.19
N ALA C 42 15.20 15.84 34.22
CA ALA C 42 14.16 16.62 34.87
C ALA C 42 13.55 17.65 33.91
N GLU C 43 14.39 18.32 33.14
CA GLU C 43 13.89 19.28 32.16
C GLU C 43 12.93 18.62 31.17
N ILE C 44 13.31 17.44 30.68
CA ILE C 44 12.46 16.73 29.72
C ILE C 44 11.18 16.25 30.39
N GLU C 45 11.27 15.83 31.65
CA GLU C 45 10.07 15.40 32.37
C GLU C 45 9.09 16.55 32.54
N LYS C 46 9.58 17.78 32.54
CA LYS C 46 8.67 18.94 32.62
C LYS C 46 8.26 19.50 31.25
N LEU C 47 8.15 18.65 30.21
CA LEU C 47 7.94 19.13 28.85
C LEU C 47 6.52 19.03 28.34
N GLU C 48 5.65 18.25 28.99
CA GLU C 48 4.21 18.19 28.74
C GLU C 48 3.84 17.70 27.34
N ASN C 49 4.83 17.37 26.51
CA ASN C 49 4.56 16.83 25.18
C ASN C 49 5.39 15.56 25.00
N ILE C 50 4.72 14.41 25.00
CA ILE C 50 5.41 13.13 25.03
C ILE C 50 6.15 12.79 23.75
N GLU C 51 5.61 13.18 22.58
CA GLU C 51 6.27 12.84 21.32
C GLU C 51 7.64 13.47 21.22
N GLU C 52 7.77 14.73 21.64
CA GLU C 52 9.04 15.44 21.59
C GLU C 52 9.94 15.13 22.78
N ALA C 53 9.43 14.41 23.78
CA ALA C 53 10.21 14.07 24.96
C ALA C 53 11.02 12.79 24.77
N VAL C 54 10.44 11.78 24.12
CA VAL C 54 11.19 10.54 23.86
C VAL C 54 12.36 10.81 22.93
N LEU C 55 12.15 11.68 21.93
CA LEU C 55 13.24 12.00 21.02
C LEU C 55 14.38 12.73 21.72
N LYS C 56 14.03 13.64 22.64
CA LYS C 56 15.06 14.34 23.40
C LYS C 56 15.79 13.38 24.34
N LEU C 57 15.07 12.43 24.94
CA LEU C 57 15.74 11.43 25.75
C LEU C 57 16.69 10.57 24.92
N LEU C 58 16.28 10.22 23.70
CA LEU C 58 17.16 9.44 22.83
C LEU C 58 18.39 10.24 22.43
N GLU C 59 18.24 11.54 22.17
CA GLU C 59 19.41 12.35 21.85
C GLU C 59 20.33 12.50 23.05
N LEU C 60 19.75 12.56 24.25
CA LEU C 60 20.57 12.59 25.46
C LEU C 60 21.34 11.28 25.63
N LEU C 61 20.70 10.15 25.36
CA LEU C 61 21.38 8.86 25.40
C LEU C 61 22.53 8.82 24.41
N ASP C 62 22.30 9.35 23.21
CA ASP C 62 23.35 9.38 22.20
C ASP C 62 24.53 10.23 22.68
N GLU C 63 24.24 11.39 23.27
CA GLU C 63 25.31 12.26 23.78
C GLU C 63 26.11 11.56 24.87
N VAL C 64 25.41 10.88 25.79
CA VAL C 64 26.09 10.17 26.86
C VAL C 64 26.99 9.08 26.31
N ILE C 65 26.50 8.34 25.31
CA ILE C 65 27.31 7.26 24.73
C ILE C 65 28.52 7.82 23.99
N HIS C 66 28.34 8.95 23.30
CA HIS C 66 29.50 9.60 22.67
C HIS C 66 30.54 10.00 23.70
N GLU C 67 30.11 10.58 24.82
CA GLU C 67 31.04 10.94 25.87
C GLU C 67 31.75 9.72 26.43
N ALA C 68 31.00 8.63 26.65
CA ALA C 68 31.61 7.40 27.15
C ALA C 68 32.66 6.87 26.19
N ALA C 69 32.39 6.98 24.89
CA ALA C 69 33.36 6.54 23.89
C ALA C 69 34.60 7.41 23.89
N LEU C 70 34.44 8.70 24.21
CA LEU C 70 35.58 9.61 24.16
C LEU C 70 36.66 9.22 25.17
N LEU C 71 36.27 8.88 26.39
CA LEU C 71 37.23 8.54 27.43
C LEU C 71 37.38 7.03 27.56
N PRO C 72 38.54 6.53 28.00
CA PRO C 72 38.72 5.08 28.11
C PRO C 72 38.07 4.52 29.36
N ILE C 73 37.53 3.31 29.24
CA ILE C 73 36.72 2.71 30.28
C ILE C 73 37.63 2.09 31.34
N THR C 74 37.17 2.10 32.58
CA THR C 74 37.88 1.56 33.73
C THR C 74 36.85 0.89 34.63
N PRO C 75 37.29 -0.03 35.50
CA PRO C 75 36.31 -0.73 36.35
C PRO C 75 35.48 0.18 37.24
N GLU C 76 36.04 1.30 37.71
CA GLU C 76 35.29 2.16 38.62
C GLU C 76 34.22 2.97 37.90
N THR C 77 34.50 3.42 36.68
CA THR C 77 33.55 4.26 35.95
C THR C 77 32.47 3.45 35.25
N LYS C 78 32.66 2.14 35.12
CA LYS C 78 31.67 1.31 34.42
C LYS C 78 30.32 1.36 35.13
N LEU C 79 30.33 1.25 36.46
CA LEU C 79 29.09 1.28 37.22
C LEU C 79 28.37 2.61 37.05
N ILE C 80 29.11 3.72 37.10
CA ILE C 80 28.49 5.04 36.97
C ILE C 80 27.89 5.21 35.59
N TRP C 81 28.63 4.81 34.55
CA TRP C 81 28.09 4.86 33.20
C TRP C 81 26.81 4.05 33.10
N TRP C 82 26.79 2.88 33.75
CA TRP C 82 25.60 2.04 33.70
C TRP C 82 24.42 2.67 34.43
N GLU C 83 24.68 3.35 35.54
CA GLU C 83 23.58 4.05 36.21
C GLU C 83 23.00 5.14 35.33
N ILE C 84 23.85 5.91 34.66
CA ILE C 84 23.35 6.96 33.76
C ILE C 84 22.50 6.33 32.66
N ILE C 85 23.01 5.29 32.02
CA ILE C 85 22.30 4.65 30.92
C ILE C 85 20.97 4.08 31.41
N GLU C 86 20.98 3.44 32.58
CA GLU C 86 19.77 2.85 33.11
C GLU C 86 18.72 3.91 33.40
N ALA C 87 19.11 5.02 34.01
CA ALA C 87 18.16 6.08 34.30
C ALA C 87 17.51 6.61 33.03
N ILE C 88 18.34 6.95 32.04
CA ILE C 88 17.82 7.50 30.79
C ILE C 88 16.89 6.49 30.11
N ALA C 89 17.32 5.23 30.05
CA ALA C 89 16.55 4.22 29.33
C ALA C 89 15.22 3.95 30.00
N LEU C 90 15.20 3.84 31.33
CA LEU C 90 13.94 3.59 32.02
C LEU C 90 12.98 4.76 31.86
N ALA C 91 13.50 5.99 31.94
CA ALA C 91 12.64 7.15 31.72
C ALA C 91 12.05 7.13 30.31
N ALA C 92 12.88 6.83 29.32
CA ALA C 92 12.41 6.82 27.94
C ALA C 92 11.36 5.74 27.70
N LEU C 93 11.56 4.56 28.29
CA LEU C 93 10.59 3.48 28.13
C LEU C 93 9.26 3.83 28.77
N HIS C 94 9.29 4.37 30.00
CA HIS C 94 8.02 4.76 30.60
C HIS C 94 7.33 5.85 29.81
N LYS C 95 8.08 6.79 29.23
CA LYS C 95 7.45 7.76 28.35
C LYS C 95 6.84 7.09 27.12
N LEU C 96 7.51 6.07 26.58
CA LEU C 96 6.94 5.33 25.46
C LEU C 96 5.60 4.73 25.83
N LEU C 97 5.41 4.39 27.11
CA LEU C 97 4.09 3.91 27.52
C LEU C 97 3.06 5.02 27.58
N ASP C 98 3.49 6.27 27.67
CA ASP C 98 2.59 7.40 27.93
C ASP C 98 2.15 8.12 26.65
N GLY C 99 1.65 7.42 25.65
CA GLY C 99 1.08 8.08 24.50
C GLY C 99 1.95 8.10 23.26
N GLY C 100 1.31 8.11 22.08
CA GLY C 100 1.95 8.13 20.79
C GLY C 100 1.37 7.08 19.87
N ASN C 101 2.04 6.86 18.75
CA ASN C 101 1.66 5.81 17.81
C ASN C 101 2.26 4.49 18.25
N ILE C 102 1.46 3.41 18.15
CA ILE C 102 1.85 2.13 18.73
C ILE C 102 3.08 1.56 18.03
N GLU C 103 3.06 1.54 16.70
CA GLU C 103 4.16 0.95 15.95
C GLU C 103 5.44 1.74 16.12
N VAL C 104 5.34 3.07 16.08
CA VAL C 104 6.51 3.92 16.29
C VAL C 104 7.07 3.70 17.69
N ASN C 105 6.20 3.57 18.69
CA ASN C 105 6.65 3.35 20.04
C ASN C 105 7.37 2.00 20.18
N ILE C 106 6.84 0.96 19.55
CA ILE C 106 7.50 -0.35 19.59
C ILE C 106 8.88 -0.29 18.94
N LEU C 107 8.97 0.40 17.78
CA LEU C 107 10.25 0.57 17.13
C LEU C 107 11.23 1.33 18.02
N LEU C 108 10.76 2.37 18.70
CA LEU C 108 11.64 3.13 19.59
C LEU C 108 12.12 2.28 20.76
N ALA C 109 11.25 1.43 21.29
CA ALA C 109 11.66 0.53 22.37
C ALA C 109 12.76 -0.42 21.90
N LEU C 110 12.59 -1.00 20.71
CA LEU C 110 13.62 -1.88 20.16
C LEU C 110 14.91 -1.12 19.92
N ARG C 111 14.81 0.15 19.53
CA ARG C 111 16.00 0.94 19.23
C ARG C 111 16.76 1.31 20.51
N ILE C 112 16.03 1.59 21.59
CA ILE C 112 16.67 1.79 22.89
C ILE C 112 17.40 0.53 23.32
N LEU C 113 16.74 -0.62 23.14
CA LEU C 113 17.39 -1.90 23.48
C LEU C 113 18.66 -2.11 22.66
N GLU C 114 18.61 -1.79 21.37
CA GLU C 114 19.78 -1.96 20.52
C GLU C 114 20.91 -1.03 20.94
N LYS C 115 20.59 0.21 21.33
CA LYS C 115 21.62 1.12 21.82
C LYS C 115 22.26 0.59 23.09
N ALA C 116 21.45 0.04 24.00
CA ALA C 116 22.01 -0.56 25.21
C ALA C 116 22.92 -1.74 24.86
N ILE C 117 22.53 -2.55 23.87
CA ILE C 117 23.36 -3.68 23.46
C ILE C 117 24.69 -3.19 22.86
N ASN C 118 24.65 -2.11 22.09
CA ASN C 118 25.87 -1.55 21.53
C ASN C 118 26.79 -1.05 22.65
N PHE C 119 26.22 -0.42 23.68
CA PHE C 119 27.04 -0.01 24.82
C PHE C 119 27.62 -1.22 25.53
N LEU C 120 26.84 -2.30 25.66
CA LEU C 120 27.36 -3.55 26.19
C LEU C 120 28.57 -4.03 25.40
N LYS C 121 28.48 -3.98 24.07
CA LYS C 121 29.62 -4.38 23.24
C LYS C 121 30.83 -3.49 23.50
N MET C 122 30.60 -2.17 23.59
CA MET C 122 31.72 -1.24 23.74
C MET C 122 32.41 -1.41 25.09
N VAL C 123 31.64 -1.63 26.15
CA VAL C 123 32.21 -1.80 27.49
C VAL C 123 33.05 -3.06 27.61
N GLY C 124 32.55 -4.19 27.11
CA GLY C 124 33.29 -5.44 27.23
C GLY C 124 32.85 -6.29 28.40
N MET C 125 33.77 -6.55 29.33
CA MET C 125 33.46 -7.38 30.49
C MET C 125 32.41 -6.70 31.37
N VAL C 126 31.52 -7.52 31.92
CA VAL C 126 30.41 -7.05 32.74
C VAL C 126 30.36 -7.87 34.02
N GLY C 127 30.25 -7.19 35.16
CA GLY C 127 30.15 -7.84 36.45
C GLY C 127 28.71 -8.17 36.81
N GLU C 128 28.50 -8.44 38.09
CA GLU C 128 27.16 -8.82 38.53
C GLU C 128 26.22 -7.63 38.61
N LYS C 129 26.73 -6.46 39.04
CA LYS C 129 25.89 -5.27 39.09
C LYS C 129 25.48 -4.83 37.69
N GLU C 130 26.43 -4.82 36.75
CA GLU C 130 26.12 -4.49 35.37
C GLU C 130 25.18 -5.52 34.75
N PHE C 131 25.36 -6.80 35.10
CA PHE C 131 24.43 -7.83 34.63
C PHE C 131 23.02 -7.53 35.12
N GLU C 132 22.89 -7.17 36.39
CA GLU C 132 21.56 -6.84 36.93
C GLU C 132 20.95 -5.64 36.21
N ILE C 133 21.75 -4.60 35.97
CA ILE C 133 21.23 -3.41 35.31
C ILE C 133 20.77 -3.73 33.89
N ALA C 134 21.58 -4.50 33.15
CA ALA C 134 21.22 -4.85 31.79
C ALA C 134 19.96 -5.71 31.74
N VAL C 135 19.83 -6.66 32.68
CA VAL C 135 18.62 -7.47 32.73
C VAL C 135 17.41 -6.61 33.07
N LYS C 136 17.60 -5.60 33.94
CA LYS C 136 16.51 -4.68 34.24
C LYS C 136 16.04 -3.93 33.01
N ILE C 137 17.00 -3.45 32.21
CA ILE C 137 16.65 -2.72 30.99
C ILE C 137 15.90 -3.64 30.02
N LEU C 138 16.40 -4.87 29.86
CA LEU C 138 15.76 -5.82 28.97
C LEU C 138 14.33 -6.14 29.42
N GLU C 139 14.15 -6.31 30.73
CA GLU C 139 12.82 -6.60 31.27
C GLU C 139 11.86 -5.44 31.04
N ALA C 140 12.32 -4.21 31.29
CA ALA C 140 11.47 -3.05 31.06
C ALA C 140 11.04 -2.95 29.60
N ALA C 141 12.00 -3.16 28.69
CA ALA C 141 11.68 -3.11 27.26
C ALA C 141 10.70 -4.21 26.88
N LEU C 142 10.88 -5.42 27.42
CA LEU C 142 9.98 -6.53 27.10
C LEU C 142 8.55 -6.23 27.57
N HIS C 143 8.41 -5.72 28.79
CA HIS C 143 7.08 -5.43 29.30
C HIS C 143 6.41 -4.32 28.50
N VAL C 144 7.18 -3.28 28.15
CA VAL C 144 6.63 -2.21 27.33
C VAL C 144 6.15 -2.75 25.98
N VAL C 145 6.96 -3.61 25.37
CA VAL C 145 6.63 -4.13 24.04
C VAL C 145 5.39 -5.01 24.09
N LEU C 146 5.28 -5.86 25.11
CA LEU C 146 4.09 -6.71 25.22
C LEU C 146 2.83 -5.88 25.44
N THR C 147 2.91 -4.89 26.34
CA THR C 147 1.76 -4.04 26.60
C THR C 147 1.33 -3.29 25.35
N LEU C 148 2.27 -2.75 24.59
CA LEU C 148 1.91 -2.02 23.38
C LEU C 148 1.42 -2.96 22.28
N SER C 149 1.95 -4.18 22.22
CA SER C 149 1.60 -5.08 21.13
C SER C 149 0.24 -5.71 21.33
N ARG C 150 -0.29 -5.69 22.56
CA ARG C 150 -1.67 -6.16 22.74
C ARG C 150 -2.67 -5.47 21.82
N LEU C 151 -2.34 -4.26 21.32
CA LEU C 151 -3.27 -3.49 20.50
C LEU C 151 -2.95 -3.54 19.02
N LEU C 152 -2.12 -4.46 18.56
CA LEU C 152 -1.78 -4.58 17.15
C LEU C 152 -2.66 -5.62 16.48
N ASN C 153 -2.53 -5.70 15.16
CA ASN C 153 -3.23 -6.72 14.39
C ASN C 153 -2.48 -8.05 14.50
N GLU C 154 -3.03 -9.09 13.87
CA GLU C 154 -2.48 -10.43 14.02
C GLU C 154 -1.05 -10.52 13.48
N LEU C 155 -0.89 -10.21 12.20
CA LEU C 155 0.41 -10.34 11.57
C LEU C 155 1.44 -9.43 12.21
N GLU C 156 1.05 -8.20 12.55
CA GLU C 156 1.98 -7.28 13.19
C GLU C 156 2.38 -7.75 14.58
N PHE C 157 1.43 -8.29 15.34
CA PHE C 157 1.75 -8.82 16.66
C PHE C 157 2.76 -9.96 16.56
N VAL C 158 2.54 -10.90 15.65
CA VAL C 158 3.46 -12.03 15.54
C VAL C 158 4.81 -11.58 15.02
N LYS C 159 4.83 -10.61 14.10
CA LYS C 159 6.09 -10.08 13.60
C LYS C 159 6.89 -9.41 14.73
N VAL C 160 6.21 -8.64 15.57
CA VAL C 160 6.88 -8.00 16.70
C VAL C 160 7.42 -9.05 17.66
N LEU C 161 6.65 -10.11 17.89
CA LEU C 161 7.10 -11.19 18.76
C LEU C 161 8.39 -11.83 18.24
N VAL C 162 8.41 -12.17 16.96
CA VAL C 162 9.59 -12.81 16.37
C VAL C 162 10.79 -11.86 16.42
N GLU C 163 10.56 -10.58 16.13
CA GLU C 163 11.63 -9.59 16.18
C GLU C 163 12.22 -9.50 17.58
N PHE C 164 11.37 -9.48 18.60
CA PHE C 164 11.89 -9.38 19.96
C PHE C 164 12.63 -10.64 20.38
N ILE C 165 12.18 -11.80 19.93
CA ILE C 165 12.90 -13.03 20.25
C ILE C 165 14.30 -13.00 19.63
N ASN C 166 14.41 -12.54 18.39
CA ASN C 166 15.72 -12.41 17.78
C ASN C 166 16.58 -11.39 18.52
N LEU C 167 15.98 -10.29 18.98
CA LEU C 167 16.73 -9.30 19.75
C LEU C 167 17.23 -9.89 21.07
N ILE C 168 16.42 -10.71 21.73
CA ILE C 168 16.85 -11.38 22.95
C ILE C 168 18.02 -12.29 22.66
N ALA C 169 17.96 -13.01 21.53
CA ALA C 169 19.08 -13.88 21.15
C ALA C 169 20.37 -13.08 21.00
N LYS C 170 20.29 -11.95 20.29
CA LYS C 170 21.48 -11.12 20.11
C LYS C 170 21.99 -10.58 21.44
N PHE C 171 21.08 -10.15 22.31
CA PHE C 171 21.47 -9.60 23.60
C PHE C 171 22.21 -10.63 24.43
N PHE C 172 21.69 -11.87 24.47
CA PHE C 172 22.36 -12.92 25.23
C PHE C 172 23.66 -13.37 24.58
N LYS C 173 23.76 -13.32 23.24
CA LYS C 173 25.02 -13.64 22.60
C LYS C 173 26.10 -12.62 22.91
N VAL C 174 25.76 -11.33 22.93
CA VAL C 174 26.75 -10.30 23.26
C VAL C 174 27.16 -10.30 24.74
N LEU C 175 26.22 -10.55 25.65
CA LEU C 175 26.45 -10.42 27.08
C LEU C 175 27.01 -11.73 27.63
N LYS C 176 28.02 -11.61 28.49
CA LYS C 176 28.70 -12.75 29.07
C LYS C 176 28.38 -12.88 30.55
N GLY C 177 28.25 -14.12 31.02
CA GLY C 177 27.93 -14.37 32.41
C GLY C 177 27.86 -15.86 32.68
N GLU C 178 27.58 -16.18 33.93
CA GLU C 178 27.49 -17.59 34.32
C GLU C 178 26.27 -18.24 33.66
N PRO C 179 26.40 -19.48 33.18
CA PRO C 179 25.29 -20.09 32.43
C PRO C 179 23.99 -20.23 33.21
N GLU C 180 24.05 -20.46 34.53
CA GLU C 180 22.83 -20.72 35.29
C GLU C 180 21.99 -19.45 35.41
N LYS C 181 22.62 -18.31 35.70
CA LYS C 181 21.88 -17.06 35.80
C LYS C 181 21.23 -16.69 34.47
N LYS C 182 21.99 -16.83 33.39
CA LYS C 182 21.44 -16.54 32.06
C LYS C 182 20.29 -17.47 31.73
N LYS C 183 20.41 -18.75 32.12
CA LYS C 183 19.33 -19.70 31.88
C LYS C 183 18.06 -19.30 32.65
N ARG C 184 18.21 -18.88 33.91
CA ARG C 184 17.05 -18.46 34.68
C ARG C 184 16.39 -17.22 34.07
N VAL C 185 17.21 -16.24 33.67
CA VAL C 185 16.66 -15.03 33.05
C VAL C 185 15.93 -15.37 31.76
N LEU C 186 16.53 -16.23 30.94
CA LEU C 186 15.91 -16.63 29.69
C LEU C 186 14.58 -17.32 29.93
N LEU C 187 14.53 -18.20 30.93
CA LEU C 187 13.28 -18.89 31.25
C LEU C 187 12.20 -17.91 31.67
N LYS C 188 12.56 -16.91 32.48
CA LYS C 188 11.57 -15.92 32.90
C LYS C 188 11.03 -15.12 31.71
N LEU C 189 11.93 -14.68 30.82
CA LEU C 189 11.48 -13.95 29.64
C LEU C 189 10.56 -14.80 28.78
N LEU C 190 10.91 -16.08 28.60
CA LEU C 190 10.08 -16.96 27.79
C LEU C 190 8.73 -17.18 28.43
N GLU C 191 8.67 -17.26 29.76
CA GLU C 191 7.38 -17.41 30.42
C GLU C 191 6.50 -16.19 30.21
N ASP C 192 7.08 -14.99 30.30
CA ASP C 192 6.31 -13.77 30.01
C ASP C 192 5.75 -13.79 28.60
N ILE C 193 6.63 -14.09 27.63
CA ILE C 193 6.21 -14.13 26.22
C ILE C 193 5.12 -15.16 26.02
N LYS C 194 5.28 -16.35 26.60
CA LYS C 194 4.31 -17.42 26.41
C LYS C 194 2.97 -17.06 27.03
N LYS C 195 2.97 -16.43 28.20
CA LYS C 195 1.71 -16.04 28.83
C LYS C 195 0.95 -15.07 27.93
N VAL C 196 1.62 -14.03 27.45
CA VAL C 196 0.93 -13.06 26.60
C VAL C 196 0.44 -13.74 25.31
N PHE C 197 1.29 -14.56 24.69
CA PHE C 197 0.93 -15.19 23.42
C PHE C 197 -0.24 -16.15 23.58
N GLU C 198 -0.28 -16.91 24.68
CA GLU C 198 -1.36 -17.87 24.87
C GLU C 198 -2.65 -17.18 25.25
N LEU C 199 -2.57 -15.97 25.85
CA LEU C 199 -3.79 -15.19 26.01
C LEU C 199 -4.27 -14.65 24.67
N TRP C 200 -3.34 -14.22 23.82
CA TRP C 200 -3.71 -13.55 22.56
C TRP C 200 -4.22 -14.52 21.51
N ILE C 201 -3.68 -15.73 21.46
CA ILE C 201 -3.93 -16.63 20.33
C ILE C 201 -5.38 -17.09 20.24
N THR C 202 -6.15 -16.94 21.32
CA THR C 202 -7.52 -17.46 21.32
C THR C 202 -8.46 -16.70 20.41
N ARG C 203 -7.99 -15.69 19.66
CA ARG C 203 -8.85 -14.84 18.85
C ARG C 203 -8.60 -14.99 17.35
N VAL C 204 -7.85 -16.01 16.92
CA VAL C 204 -7.33 -16.00 15.56
C VAL C 204 -7.72 -17.24 14.77
N ASN C 205 -8.79 -17.95 15.16
CA ASN C 205 -9.37 -19.02 14.35
C ASN C 205 -8.47 -20.26 14.33
N PRO C 206 -9.03 -21.46 14.54
CA PRO C 206 -8.21 -22.65 14.84
C PRO C 206 -7.16 -23.07 13.81
N GLU C 207 -7.13 -22.45 12.63
CA GLU C 207 -6.09 -22.78 11.65
C GLU C 207 -4.94 -21.80 11.68
N GLN C 208 -5.22 -20.50 11.72
CA GLN C 208 -4.18 -19.53 12.00
C GLN C 208 -3.56 -19.80 13.36
N GLN C 209 -4.32 -20.37 14.29
CA GLN C 209 -3.78 -20.79 15.57
C GLN C 209 -2.64 -21.78 15.38
N ILE C 210 -2.87 -22.81 14.56
CA ILE C 210 -1.84 -23.83 14.33
C ILE C 210 -0.63 -23.21 13.63
N LEU C 211 -0.88 -22.39 12.61
CA LEU C 211 0.21 -21.76 11.89
C LEU C 211 1.10 -20.93 12.83
N PHE C 212 0.48 -20.03 13.59
CA PHE C 212 1.24 -19.13 14.45
C PHE C 212 1.90 -19.88 15.61
N THR C 213 1.24 -20.91 16.12
CA THR C 213 1.82 -21.68 17.21
C THR C 213 3.08 -22.41 16.74
N GLU C 214 3.02 -23.04 15.57
CA GLU C 214 4.21 -23.67 15.01
C GLU C 214 5.34 -22.66 14.86
N LEU C 215 5.04 -21.51 14.26
CA LEU C 215 6.07 -20.50 14.02
C LEU C 215 6.72 -20.03 15.33
N VAL C 216 5.89 -19.68 16.32
CA VAL C 216 6.41 -19.11 17.56
C VAL C 216 7.19 -20.15 18.35
N TYR C 217 6.68 -21.38 18.43
CA TYR C 217 7.39 -22.41 19.18
C TYR C 217 8.70 -22.79 18.52
N SER C 218 8.75 -22.81 17.19
CA SER C 218 10.02 -23.05 16.52
C SER C 218 11.01 -21.94 16.82
N ALA C 219 10.54 -20.69 16.82
CA ALA C 219 11.43 -19.57 17.14
C ALA C 219 11.97 -19.70 18.56
N ILE C 220 11.12 -20.07 19.51
CA ILE C 220 11.53 -20.19 20.90
C ILE C 220 12.53 -21.33 21.07
N GLU C 221 12.29 -22.46 20.39
CA GLU C 221 13.23 -23.58 20.48
C GLU C 221 14.59 -23.20 19.90
N ASP C 222 14.60 -22.47 18.79
CA ASP C 222 15.88 -22.05 18.22
C ASP C 222 16.59 -21.07 19.15
N LEU C 223 15.84 -20.18 19.79
CA LEU C 223 16.44 -19.27 20.77
C LEU C 223 17.08 -20.05 21.91
N LYS C 224 16.38 -21.05 22.42
CA LYS C 224 16.92 -21.88 23.50
C LYS C 224 18.22 -22.55 23.05
N LYS C 225 18.22 -23.11 21.84
CA LYS C 225 19.42 -23.75 21.33
C LYS C 225 20.59 -22.77 21.26
N HIS C 226 20.36 -21.61 20.64
CA HIS C 226 21.42 -20.63 20.48
C HIS C 226 21.97 -20.19 21.84
N THR C 227 21.07 -19.85 22.76
CA THR C 227 21.51 -19.37 24.07
C THR C 227 22.27 -20.44 24.84
N LEU C 228 21.77 -21.69 24.83
CA LEU C 228 22.42 -22.73 25.60
C LEU C 228 23.75 -23.15 24.99
N GLU C 229 23.90 -23.00 23.67
CA GLU C 229 25.23 -23.17 23.09
C GLU C 229 26.15 -22.02 23.47
N VAL C 230 25.61 -20.81 23.60
CA VAL C 230 26.41 -19.68 24.06
C VAL C 230 26.88 -19.91 25.48
N LEU C 231 26.03 -20.52 26.30
CA LEU C 231 26.37 -20.75 27.71
C LEU C 231 27.60 -21.63 27.86
N GLY C 232 27.70 -22.68 27.06
CA GLY C 232 28.80 -23.63 27.15
C GLY C 232 30.18 -23.02 27.02
N ASN D 25 -21.51 34.39 -49.67
CA ASN D 25 -22.12 34.77 -48.40
C ASN D 25 -21.42 34.03 -47.25
N THR D 26 -21.37 34.69 -46.08
CA THR D 26 -20.70 34.10 -44.94
C THR D 26 -21.40 32.83 -44.47
N VAL D 27 -22.73 32.83 -44.45
CA VAL D 27 -23.49 31.68 -43.97
C VAL D 27 -23.17 30.45 -44.83
N GLU D 28 -23.09 30.64 -46.15
CA GLU D 28 -22.76 29.52 -47.02
C GLU D 28 -21.38 28.96 -46.70
N LYS D 29 -20.42 29.84 -46.40
CA LYS D 29 -19.10 29.38 -46.00
C LYS D 29 -19.15 28.59 -44.70
N VAL D 30 -19.96 29.04 -43.75
CA VAL D 30 -20.04 28.35 -42.47
C VAL D 30 -20.64 26.95 -42.65
N LEU D 31 -21.69 26.83 -43.47
CA LEU D 31 -22.25 25.50 -43.71
C LEU D 31 -21.30 24.61 -44.52
N LYS D 32 -20.50 25.20 -45.42
CA LYS D 32 -19.47 24.40 -46.08
C LYS D 32 -18.48 23.85 -45.07
N VAL D 33 -18.05 24.70 -44.13
CA VAL D 33 -17.15 24.27 -43.07
C VAL D 33 -17.79 23.16 -42.25
N LYS D 34 -19.08 23.31 -41.96
CA LYS D 34 -19.80 22.30 -41.18
C LYS D 34 -19.81 20.96 -41.90
N GLU D 35 -20.11 20.97 -43.20
CA GLU D 35 -20.15 19.72 -43.96
C GLU D 35 -18.77 19.07 -44.01
N GLU D 36 -17.73 19.87 -44.23
CA GLU D 36 -16.36 19.33 -44.23
C GLU D 36 -16.01 18.73 -42.86
N ALA D 37 -16.43 19.40 -41.79
CA ALA D 37 -16.15 18.90 -40.45
C ALA D 37 -16.84 17.57 -40.19
N GLU D 38 -18.10 17.43 -40.61
CA GLU D 38 -18.79 16.15 -40.43
C GLU D 38 -18.13 15.04 -41.25
N LYS D 39 -17.70 15.35 -42.47
CA LYS D 39 -17.00 14.36 -43.29
C LYS D 39 -15.72 13.91 -42.59
N ARG D 40 -14.95 14.86 -42.06
CA ARG D 40 -13.72 14.51 -41.37
C ARG D 40 -14.01 13.71 -40.10
N ILE D 41 -15.10 14.03 -39.42
CA ILE D 41 -15.46 13.29 -38.21
C ILE D 41 -15.76 11.83 -38.54
N ALA D 42 -16.50 11.60 -39.63
CA ALA D 42 -16.76 10.22 -40.05
C ALA D 42 -15.47 9.50 -40.45
N GLU D 43 -14.60 10.20 -41.17
CA GLU D 43 -13.33 9.61 -41.57
C GLU D 43 -12.50 9.19 -40.35
N ILE D 44 -12.46 10.06 -39.34
CA ILE D 44 -11.71 9.74 -38.12
C ILE D 44 -12.39 8.62 -37.35
N GLU D 45 -13.73 8.59 -37.35
CA GLU D 45 -14.45 7.51 -36.67
C GLU D 45 -14.12 6.17 -37.29
N LYS D 46 -13.76 6.16 -38.57
CA LYS D 46 -13.37 4.90 -39.22
C LYS D 46 -11.86 4.65 -39.18
N LEU D 47 -11.15 5.05 -38.12
CA LEU D 47 -9.70 5.02 -38.10
C LEU D 47 -9.10 3.87 -37.29
N GLU D 48 -9.89 3.19 -36.46
CA GLU D 48 -9.54 1.93 -35.78
C GLU D 48 -8.37 2.06 -34.81
N ASN D 49 -7.80 3.25 -34.67
CA ASN D 49 -6.72 3.48 -33.71
C ASN D 49 -7.04 4.73 -32.90
N ILE D 50 -7.35 4.55 -31.62
CA ILE D 50 -7.89 5.63 -30.80
C ILE D 50 -6.89 6.75 -30.52
N GLU D 51 -5.61 6.42 -30.32
CA GLU D 51 -4.63 7.46 -30.03
C GLU D 51 -4.47 8.41 -31.21
N GLU D 52 -4.50 7.90 -32.43
CA GLU D 52 -4.44 8.71 -33.63
C GLU D 52 -5.72 9.48 -33.90
N ALA D 53 -6.83 9.06 -33.31
CA ALA D 53 -8.13 9.68 -33.54
C ALA D 53 -8.32 10.95 -32.73
N VAL D 54 -7.93 10.95 -31.47
CA VAL D 54 -8.12 12.12 -30.62
C VAL D 54 -7.25 13.28 -31.11
N LEU D 55 -6.01 12.97 -31.51
CA LEU D 55 -5.13 14.01 -32.02
C LEU D 55 -5.66 14.62 -33.31
N LYS D 56 -6.19 13.77 -34.21
CA LYS D 56 -6.79 14.28 -35.44
C LYS D 56 -8.02 15.12 -35.15
N LEU D 57 -8.84 14.71 -34.17
CA LEU D 57 -9.99 15.50 -33.80
C LEU D 57 -9.58 16.85 -33.23
N LEU D 58 -8.51 16.88 -32.42
CA LEU D 58 -8.02 18.14 -31.89
C LEU D 58 -7.50 19.04 -33.01
N GLU D 59 -6.81 18.47 -33.99
CA GLU D 59 -6.37 19.25 -35.14
C GLU D 59 -7.54 19.82 -35.92
N LEU D 60 -8.60 19.01 -36.09
CA LEU D 60 -9.80 19.48 -36.76
C LEU D 60 -10.44 20.64 -36.00
N LEU D 61 -10.50 20.52 -34.67
CA LEU D 61 -11.05 21.61 -33.85
C LEU D 61 -10.23 22.88 -34.02
N ASP D 62 -8.91 22.74 -34.02
CA ASP D 62 -8.04 23.91 -34.22
C ASP D 62 -8.29 24.56 -35.57
N GLU D 63 -8.42 23.73 -36.61
CA GLU D 63 -8.70 24.25 -37.95
C GLU D 63 -10.02 25.02 -37.98
N VAL D 64 -11.06 24.44 -37.37
CA VAL D 64 -12.36 25.10 -37.35
C VAL D 64 -12.29 26.43 -36.63
N ILE D 65 -11.57 26.48 -35.50
CA ILE D 65 -11.45 27.73 -34.76
C ILE D 65 -10.67 28.76 -35.55
N HIS D 66 -9.65 28.33 -36.30
CA HIS D 66 -8.92 29.27 -37.16
C HIS D 66 -9.84 29.87 -38.21
N GLU D 67 -10.65 29.03 -38.87
CA GLU D 67 -11.59 29.57 -39.86
C GLU D 67 -12.59 30.51 -39.21
N ALA D 68 -13.07 30.17 -38.01
CA ALA D 68 -14.00 31.06 -37.31
C ALA D 68 -13.35 32.40 -37.03
N ALA D 69 -12.08 32.40 -36.63
CA ALA D 69 -11.39 33.66 -36.36
C ALA D 69 -11.19 34.46 -37.64
N LEU D 70 -11.08 33.78 -38.79
CA LEU D 70 -10.84 34.50 -40.04
C LEU D 70 -12.00 35.44 -40.38
N LEU D 71 -13.25 34.98 -40.23
CA LEU D 71 -14.40 35.77 -40.64
C LEU D 71 -15.05 36.44 -39.43
N PRO D 72 -15.71 37.58 -39.62
CA PRO D 72 -16.34 38.26 -38.47
C PRO D 72 -17.64 37.59 -38.07
N ILE D 73 -17.88 37.53 -36.77
CA ILE D 73 -18.99 36.78 -36.23
C ILE D 73 -20.27 37.57 -36.36
N THR D 74 -21.38 36.86 -36.58
CA THR D 74 -22.71 37.44 -36.72
C THR D 74 -23.67 36.58 -35.91
N PRO D 75 -24.82 37.13 -35.52
CA PRO D 75 -25.78 36.33 -34.72
C PRO D 75 -26.23 35.05 -35.38
N GLU D 76 -26.35 35.03 -36.72
CA GLU D 76 -26.86 33.85 -37.39
C GLU D 76 -25.81 32.74 -37.44
N THR D 77 -24.54 33.10 -37.63
CA THR D 77 -23.48 32.10 -37.76
C THR D 77 -23.00 31.57 -36.42
N LYS D 78 -23.33 32.25 -35.31
CA LYS D 78 -22.89 31.81 -34.00
C LYS D 78 -23.42 30.42 -33.68
N LEU D 79 -24.71 30.19 -33.98
CA LEU D 79 -25.30 28.89 -33.69
C LEU D 79 -24.62 27.79 -34.49
N ILE D 80 -24.36 28.04 -35.77
CA ILE D 80 -23.73 27.01 -36.61
C ILE D 80 -22.33 26.70 -36.10
N TRP D 81 -21.57 27.74 -35.77
CA TRP D 81 -20.24 27.53 -35.22
C TRP D 81 -20.32 26.70 -33.94
N TRP D 82 -21.31 26.98 -33.10
CA TRP D 82 -21.44 26.24 -31.85
C TRP D 82 -21.82 24.78 -32.09
N GLU D 83 -22.65 24.51 -33.10
CA GLU D 83 -22.97 23.12 -33.42
C GLU D 83 -21.73 22.37 -33.88
N ILE D 84 -20.91 23.00 -34.73
CA ILE D 84 -19.69 22.35 -35.19
C ILE D 84 -18.77 22.05 -34.00
N ILE D 85 -18.57 23.04 -33.13
CA ILE D 85 -17.68 22.87 -31.98
C ILE D 85 -18.22 21.78 -31.07
N GLU D 86 -19.53 21.77 -30.84
CA GLU D 86 -20.12 20.77 -29.95
C GLU D 86 -19.94 19.37 -30.51
N ALA D 87 -20.18 19.19 -31.81
CA ALA D 87 -20.03 17.87 -32.41
C ALA D 87 -18.60 17.36 -32.27
N ILE D 88 -17.63 18.20 -32.64
CA ILE D 88 -16.23 17.78 -32.58
C ILE D 88 -15.83 17.48 -31.14
N ALA D 89 -16.21 18.35 -30.21
CA ALA D 89 -15.80 18.19 -28.81
C ALA D 89 -16.40 16.93 -28.18
N LEU D 90 -17.68 16.67 -28.43
CA LEU D 90 -18.31 15.48 -27.86
C LEU D 90 -17.71 14.21 -28.45
N ALA D 91 -17.43 14.20 -29.76
CA ALA D 91 -16.77 13.05 -30.35
C ALA D 91 -15.40 12.82 -29.73
N ALA D 92 -14.63 13.89 -29.54
CA ALA D 92 -13.30 13.75 -28.97
C ALA D 92 -13.35 13.25 -27.53
N LEU D 93 -14.30 13.76 -26.74
CA LEU D 93 -14.41 13.30 -25.35
C LEU D 93 -14.78 11.83 -25.28
N HIS D 94 -15.75 11.40 -26.09
CA HIS D 94 -16.08 9.99 -26.07
C HIS D 94 -14.90 9.12 -26.51
N LYS D 95 -14.15 9.55 -27.51
CA LYS D 95 -12.95 8.81 -27.87
C LYS D 95 -11.93 8.78 -26.74
N LEU D 96 -11.88 9.85 -25.94
CA LEU D 96 -11.01 9.84 -24.76
C LEU D 96 -11.45 8.77 -23.77
N LEU D 97 -12.74 8.45 -23.75
CA LEU D 97 -13.19 7.37 -22.88
C LEU D 97 -12.75 5.99 -23.40
N ASP D 98 -12.51 5.86 -24.70
CA ASP D 98 -12.26 4.55 -25.32
C ASP D 98 -10.77 4.22 -25.45
N GLY D 99 -10.01 4.30 -24.36
CA GLY D 99 -8.65 3.79 -24.39
C GLY D 99 -7.55 4.82 -24.44
N GLY D 100 -6.42 4.52 -23.80
CA GLY D 100 -5.24 5.35 -23.74
C GLY D 100 -4.66 5.38 -22.35
N ASN D 101 -3.72 6.29 -22.14
CA ASN D 101 -3.16 6.52 -20.82
C ASN D 101 -4.05 7.48 -20.04
N ILE D 102 -4.26 7.19 -18.75
CA ILE D 102 -5.27 7.91 -17.97
C ILE D 102 -4.89 9.39 -17.83
N GLU D 103 -3.64 9.65 -17.42
CA GLU D 103 -3.23 11.04 -17.18
C GLU D 103 -3.24 11.86 -18.46
N VAL D 104 -2.76 11.27 -19.56
CA VAL D 104 -2.78 11.98 -20.83
C VAL D 104 -4.21 12.27 -21.26
N ASN D 105 -5.11 11.31 -21.07
CA ASN D 105 -6.50 11.52 -21.45
C ASN D 105 -7.16 12.61 -20.62
N ILE D 106 -6.86 12.67 -19.33
CA ILE D 106 -7.42 13.72 -18.49
C ILE D 106 -6.88 15.09 -18.92
N LEU D 107 -5.58 15.15 -19.23
CA LEU D 107 -5.00 16.39 -19.72
C LEU D 107 -5.67 16.83 -21.03
N LEU D 108 -5.91 15.88 -21.93
CA LEU D 108 -6.55 16.21 -23.20
C LEU D 108 -7.99 16.69 -23.01
N ALA D 109 -8.72 16.08 -22.07
CA ALA D 109 -10.07 16.55 -21.78
C ALA D 109 -10.05 18.00 -21.27
N LEU D 110 -9.14 18.30 -20.35
CA LEU D 110 -9.02 19.67 -19.88
C LEU D 110 -8.63 20.63 -20.99
N ARG D 111 -7.83 20.15 -21.94
CA ARG D 111 -7.39 21.01 -23.04
C ARG D 111 -8.52 21.29 -24.02
N ILE D 112 -9.37 20.29 -24.27
CA ILE D 112 -10.58 20.51 -25.05
C ILE D 112 -11.47 21.55 -24.38
N LEU D 113 -11.64 21.43 -23.06
CA LEU D 113 -12.43 22.42 -22.33
C LEU D 113 -11.83 23.81 -22.45
N GLU D 114 -10.50 23.91 -22.37
CA GLU D 114 -9.85 25.22 -22.48
C GLU D 114 -10.04 25.82 -23.88
N LYS D 115 -9.97 24.99 -24.92
CA LYS D 115 -10.23 25.49 -26.27
C LYS D 115 -11.67 25.98 -26.40
N ALA D 116 -12.62 25.25 -25.81
CA ALA D 116 -14.01 25.71 -25.81
C ALA D 116 -14.15 27.05 -25.10
N ILE D 117 -13.45 27.22 -23.97
CA ILE D 117 -13.51 28.49 -23.25
C ILE D 117 -12.91 29.62 -24.07
N ASN D 118 -11.82 29.35 -24.78
CA ASN D 118 -11.24 30.37 -25.64
C ASN D 118 -12.19 30.77 -26.76
N PHE D 119 -12.89 29.80 -27.34
CA PHE D 119 -13.89 30.14 -28.34
C PHE D 119 -15.03 30.96 -27.74
N LEU D 120 -15.43 30.62 -26.51
CA LEU D 120 -16.39 31.44 -25.78
C LEU D 120 -15.92 32.89 -25.66
N LYS D 121 -14.65 33.08 -25.31
CA LYS D 121 -14.10 34.43 -25.22
C LYS D 121 -14.16 35.14 -26.57
N MET D 122 -13.79 34.43 -27.64
CA MET D 122 -13.72 35.06 -28.96
C MET D 122 -15.10 35.46 -29.45
N VAL D 123 -16.11 34.61 -29.21
CA VAL D 123 -17.48 34.91 -29.63
C VAL D 123 -18.07 36.09 -28.90
N GLY D 124 -17.91 36.16 -27.57
CA GLY D 124 -18.46 37.25 -26.80
C GLY D 124 -19.81 36.93 -26.19
N MET D 125 -20.84 37.67 -26.59
CA MET D 125 -22.17 37.49 -26.05
C MET D 125 -22.72 36.12 -26.45
N VAL D 126 -23.40 35.46 -25.52
CA VAL D 126 -23.91 34.11 -25.71
C VAL D 126 -25.39 34.10 -25.33
N GLY D 127 -26.22 33.51 -26.20
CA GLY D 127 -27.64 33.40 -25.96
C GLY D 127 -28.00 32.15 -25.17
N GLU D 128 -29.28 31.79 -25.24
CA GLU D 128 -29.76 30.63 -24.49
C GLU D 128 -29.27 29.32 -25.11
N LYS D 129 -29.36 29.19 -26.43
CA LYS D 129 -28.95 27.96 -27.10
C LYS D 129 -27.44 27.73 -26.93
N GLU D 130 -26.65 28.79 -27.10
CA GLU D 130 -25.22 28.70 -26.89
C GLU D 130 -24.90 28.37 -25.44
N PHE D 131 -25.66 28.92 -24.49
CA PHE D 131 -25.49 28.57 -23.09
C PHE D 131 -25.71 27.07 -22.88
N GLU D 132 -26.77 26.53 -23.47
CA GLU D 132 -27.05 25.11 -23.33
C GLU D 132 -25.94 24.26 -23.92
N ILE D 133 -25.44 24.64 -25.10
CA ILE D 133 -24.36 23.87 -25.74
C ILE D 133 -23.10 23.91 -24.88
N ALA D 134 -22.75 25.09 -24.36
CA ALA D 134 -21.55 25.20 -23.53
C ALA D 134 -21.68 24.38 -22.26
N VAL D 135 -22.85 24.41 -21.63
CA VAL D 135 -23.04 23.60 -20.42
C VAL D 135 -22.97 22.12 -20.77
N LYS D 136 -23.46 21.72 -21.94
CA LYS D 136 -23.36 20.33 -22.36
C LYS D 136 -21.91 19.90 -22.49
N ILE D 137 -21.08 20.74 -23.12
CA ILE D 137 -19.67 20.41 -23.30
C ILE D 137 -18.98 20.32 -21.93
N LEU D 138 -19.27 21.26 -21.04
CA LEU D 138 -18.67 21.26 -19.71
C LEU D 138 -19.05 20.00 -18.94
N GLU D 139 -20.31 19.61 -19.01
CA GLU D 139 -20.77 18.44 -18.28
C GLU D 139 -20.18 17.15 -18.84
N ALA D 140 -20.08 17.05 -20.16
CA ALA D 140 -19.45 15.88 -20.76
C ALA D 140 -18.00 15.77 -20.32
N ALA D 141 -17.28 16.89 -20.33
CA ALA D 141 -15.88 16.88 -19.89
C ALA D 141 -15.78 16.47 -18.42
N LEU D 142 -16.68 16.99 -17.59
CA LEU D 142 -16.65 16.64 -16.16
C LEU D 142 -16.88 15.15 -15.94
N HIS D 143 -17.86 14.58 -16.64
CA HIS D 143 -18.14 13.16 -16.47
C HIS D 143 -16.97 12.30 -16.95
N VAL D 144 -16.38 12.66 -18.08
CA VAL D 144 -15.21 11.93 -18.56
C VAL D 144 -14.08 11.99 -17.53
N VAL D 145 -13.84 13.19 -16.98
CA VAL D 145 -12.74 13.38 -16.04
C VAL D 145 -12.97 12.57 -14.77
N LEU D 146 -14.19 12.58 -14.23
CA LEU D 146 -14.47 11.81 -13.03
C LEU D 146 -14.30 10.31 -13.28
N THR D 147 -14.83 9.82 -14.40
CA THR D 147 -14.72 8.41 -14.74
C THR D 147 -13.26 7.99 -14.83
N LEU D 148 -12.43 8.79 -15.50
CA LEU D 148 -11.02 8.42 -15.64
C LEU D 148 -10.26 8.60 -14.33
N SER D 149 -10.68 9.54 -13.48
CA SER D 149 -9.93 9.80 -12.26
C SER D 149 -10.23 8.78 -11.18
N ARG D 150 -11.30 7.99 -11.33
CA ARG D 150 -11.50 6.92 -10.37
C ARG D 150 -10.32 5.94 -10.31
N LEU D 151 -9.49 5.91 -11.36
CA LEU D 151 -8.38 4.95 -11.45
C LEU D 151 -7.02 5.54 -11.11
N LEU D 152 -6.96 6.72 -10.52
CA LEU D 152 -5.70 7.36 -10.19
C LEU D 152 -5.31 7.11 -8.74
N ASN D 153 -4.12 7.56 -8.38
CA ASN D 153 -3.65 7.52 -7.00
C ASN D 153 -4.29 8.66 -6.21
N GLU D 154 -4.04 8.69 -4.90
CA GLU D 154 -4.69 9.68 -4.04
C GLU D 154 -4.30 11.10 -4.41
N LEU D 155 -2.99 11.36 -4.45
CA LEU D 155 -2.52 12.72 -4.72
C LEU D 155 -2.92 13.18 -6.11
N GLU D 156 -2.78 12.30 -7.12
CA GLU D 156 -3.17 12.66 -8.47
C GLU D 156 -4.67 12.92 -8.58
N PHE D 157 -5.48 12.10 -7.90
CA PHE D 157 -6.93 12.31 -7.92
C PHE D 157 -7.30 13.66 -7.35
N VAL D 158 -6.73 14.01 -6.18
CA VAL D 158 -7.11 15.27 -5.56
C VAL D 158 -6.58 16.46 -6.37
N LYS D 159 -5.40 16.31 -6.96
CA LYS D 159 -4.88 17.36 -7.83
C LYS D 159 -5.80 17.59 -9.03
N VAL D 160 -6.28 16.49 -9.64
CA VAL D 160 -7.18 16.62 -10.78
C VAL D 160 -8.48 17.29 -10.36
N LEU D 161 -8.99 16.93 -9.19
CA LEU D 161 -10.22 17.56 -8.67
C LEU D 161 -10.04 19.06 -8.52
N VAL D 162 -8.96 19.48 -7.87
CA VAL D 162 -8.73 20.91 -7.64
C VAL D 162 -8.55 21.64 -8.97
N GLU D 163 -7.82 21.04 -9.90
CA GLU D 163 -7.63 21.65 -11.21
C GLU D 163 -8.95 21.84 -11.93
N PHE D 164 -9.84 20.84 -11.87
CA PHE D 164 -11.11 20.97 -12.55
C PHE D 164 -12.01 22.01 -11.88
N ILE D 165 -11.92 22.14 -10.56
CA ILE D 165 -12.70 23.18 -9.88
C ILE D 165 -12.24 24.56 -10.34
N ASN D 166 -10.92 24.75 -10.45
CA ASN D 166 -10.41 26.02 -10.95
C ASN D 166 -10.85 26.26 -12.39
N LEU D 167 -10.86 25.22 -13.21
CA LEU D 167 -11.32 25.35 -14.60
C LEU D 167 -12.79 25.74 -14.66
N ILE D 168 -13.61 25.16 -13.79
CA ILE D 168 -15.02 25.55 -13.72
C ILE D 168 -15.15 27.02 -13.34
N ALA D 169 -14.33 27.47 -12.40
CA ALA D 169 -14.35 28.87 -12.02
C ALA D 169 -14.04 29.77 -13.20
N LYS D 170 -13.01 29.42 -13.97
CA LYS D 170 -12.67 30.21 -15.15
C LYS D 170 -13.80 30.19 -16.18
N PHE D 171 -14.39 29.02 -16.40
CA PHE D 171 -15.47 28.90 -17.39
C PHE D 171 -16.65 29.77 -17.03
N PHE D 172 -17.05 29.75 -15.75
CA PHE D 172 -18.17 30.59 -15.33
C PHE D 172 -17.82 32.07 -15.29
N LYS D 173 -16.56 32.42 -15.03
CA LYS D 173 -16.18 33.82 -15.08
C LYS D 173 -16.20 34.37 -16.50
N VAL D 174 -15.82 33.57 -17.49
CA VAL D 174 -15.88 34.02 -18.88
C VAL D 174 -17.29 34.03 -19.45
N LEU D 175 -18.14 33.07 -19.07
CA LEU D 175 -19.46 32.91 -19.65
C LEU D 175 -20.48 33.79 -18.92
N LYS D 176 -21.34 34.44 -19.69
CA LYS D 176 -22.35 35.36 -19.16
C LYS D 176 -23.73 34.74 -19.26
N GLY D 177 -24.58 35.05 -18.29
CA GLY D 177 -25.93 34.54 -18.28
C GLY D 177 -26.66 35.01 -17.04
N GLU D 178 -27.94 34.63 -16.97
CA GLU D 178 -28.76 35.01 -15.82
C GLU D 178 -28.24 34.30 -14.57
N PRO D 179 -28.18 34.99 -13.42
CA PRO D 179 -27.57 34.38 -12.23
C PRO D 179 -28.24 33.09 -11.77
N GLU D 180 -29.56 32.96 -11.93
CA GLU D 180 -30.25 31.78 -11.42
C GLU D 180 -29.85 30.53 -12.19
N LYS D 181 -29.78 30.62 -13.52
CA LYS D 181 -29.42 29.46 -14.32
C LYS D 181 -28.00 29.00 -14.02
N LYS D 182 -27.06 29.94 -13.93
CA LYS D 182 -25.68 29.58 -13.63
C LYS D 182 -25.57 29.03 -12.21
N LYS D 183 -26.37 29.55 -11.28
CA LYS D 183 -26.38 29.01 -9.93
C LYS D 183 -26.84 27.56 -9.93
N ARG D 184 -27.91 27.24 -10.68
CA ARG D 184 -28.39 25.87 -10.74
C ARG D 184 -27.36 24.95 -11.39
N VAL D 185 -26.73 25.39 -12.47
CA VAL D 185 -25.72 24.57 -13.13
C VAL D 185 -24.55 24.32 -12.19
N LEU D 186 -24.10 25.35 -11.48
CA LEU D 186 -22.99 25.19 -10.55
C LEU D 186 -23.35 24.22 -9.44
N LEU D 187 -24.59 24.30 -8.93
CA LEU D 187 -25.01 23.37 -7.88
C LEU D 187 -25.00 21.94 -8.39
N LYS D 188 -25.45 21.72 -9.63
CA LYS D 188 -25.45 20.36 -10.18
C LYS D 188 -24.03 19.82 -10.33
N LEU D 189 -23.13 20.64 -10.87
CA LEU D 189 -21.74 20.21 -11.03
C LEU D 189 -21.11 19.89 -9.68
N LEU D 190 -21.38 20.73 -8.67
CA LEU D 190 -20.83 20.49 -7.35
C LEU D 190 -21.39 19.21 -6.74
N GLU D 191 -22.66 18.91 -6.98
CA GLU D 191 -23.24 17.67 -6.49
C GLU D 191 -22.56 16.46 -7.13
N ASP D 192 -22.29 16.53 -8.43
CA ASP D 192 -21.57 15.44 -9.10
C ASP D 192 -20.19 15.24 -8.48
N ILE D 193 -19.43 16.33 -8.32
CA ILE D 193 -18.10 16.25 -7.76
C ILE D 193 -18.13 15.69 -6.35
N LYS D 194 -19.07 16.17 -5.53
CA LYS D 194 -19.17 15.71 -4.15
C LYS D 194 -19.54 14.24 -4.08
N LYS D 195 -20.44 13.80 -4.95
CA LYS D 195 -20.81 12.38 -5.00
C LYS D 195 -19.58 11.51 -5.22
N VAL D 196 -18.81 11.82 -6.27
CA VAL D 196 -17.63 11.00 -6.56
C VAL D 196 -16.62 11.09 -5.43
N PHE D 197 -16.42 12.29 -4.86
CA PHE D 197 -15.40 12.47 -3.83
C PHE D 197 -15.77 11.73 -2.55
N GLU D 198 -17.05 11.75 -2.16
CA GLU D 198 -17.45 11.04 -0.96
C GLU D 198 -17.42 9.54 -1.16
N LEU D 199 -17.63 9.07 -2.39
CA LEU D 199 -17.40 7.64 -2.64
C LEU D 199 -15.92 7.30 -2.54
N TRP D 200 -15.05 8.18 -3.04
CA TRP D 200 -13.63 7.87 -3.14
C TRP D 200 -12.91 7.98 -1.80
N ILE D 201 -13.32 8.92 -0.94
CA ILE D 201 -12.54 9.26 0.25
C ILE D 201 -12.48 8.11 1.26
N THR D 202 -13.35 7.12 1.15
CA THR D 202 -13.41 6.05 2.15
C THR D 202 -12.22 5.11 2.10
N ARG D 203 -11.18 5.40 1.31
CA ARG D 203 -10.06 4.48 1.13
C ARG D 203 -8.73 5.08 1.54
N VAL D 204 -8.72 6.21 2.25
CA VAL D 204 -7.48 6.95 2.42
C VAL D 204 -7.11 7.16 3.89
N ASN D 205 -7.73 6.41 4.81
CA ASN D 205 -7.36 6.41 6.22
C ASN D 205 -7.75 7.72 6.91
N PRO D 206 -8.22 7.65 8.18
CA PRO D 206 -8.97 8.78 8.77
C PRO D 206 -8.26 10.13 8.92
N GLU D 207 -6.93 10.18 8.90
CA GLU D 207 -6.25 11.48 8.98
C GLU D 207 -6.05 12.11 7.61
N GLN D 208 -5.65 11.33 6.61
CA GLN D 208 -5.66 11.82 5.25
C GLN D 208 -7.05 12.22 4.83
N GLN D 209 -8.07 11.55 5.38
CA GLN D 209 -9.46 11.94 5.14
C GLN D 209 -9.70 13.37 5.58
N ILE D 210 -9.25 13.73 6.80
CA ILE D 210 -9.46 15.09 7.30
C ILE D 210 -8.70 16.09 6.44
N LEU D 211 -7.45 15.76 6.10
CA LEU D 211 -6.65 16.67 5.26
C LEU D 211 -7.35 16.95 3.93
N PHE D 212 -7.72 15.89 3.20
CA PHE D 212 -8.28 16.06 1.88
C PHE D 212 -9.67 16.67 1.93
N THR D 213 -10.47 16.33 2.94
CA THR D 213 -11.78 16.93 3.08
C THR D 213 -11.68 18.43 3.30
N GLU D 214 -10.78 18.86 4.18
CA GLU D 214 -10.57 20.29 4.39
C GLU D 214 -10.19 20.97 3.09
N LEU D 215 -9.21 20.40 2.37
CA LEU D 215 -8.73 21.02 1.14
C LEU D 215 -9.86 21.16 0.10
N VAL D 216 -10.56 20.06 -0.17
CA VAL D 216 -11.58 20.06 -1.22
C VAL D 216 -12.74 20.96 -0.84
N TYR D 217 -13.16 20.93 0.43
CA TYR D 217 -14.30 21.74 0.85
C TYR D 217 -13.97 23.23 0.78
N SER D 218 -12.75 23.60 1.17
CA SER D 218 -12.33 24.99 1.02
C SER D 218 -12.30 25.41 -0.45
N ALA D 219 -11.82 24.53 -1.33
CA ALA D 219 -11.82 24.84 -2.75
C ALA D 219 -13.23 25.09 -3.27
N ILE D 220 -14.17 24.24 -2.87
CA ILE D 220 -15.55 24.38 -3.34
C ILE D 220 -16.17 25.67 -2.81
N GLU D 221 -15.90 26.01 -1.54
CA GLU D 221 -16.45 27.25 -0.98
C GLU D 221 -15.88 28.47 -1.70
N ASP D 222 -14.59 28.44 -2.04
CA ASP D 222 -14.02 29.54 -2.79
C ASP D 222 -14.63 29.64 -4.18
N LEU D 223 -14.89 28.49 -4.82
CA LEU D 223 -15.56 28.51 -6.12
C LEU D 223 -16.94 29.15 -6.01
N LYS D 224 -17.68 28.79 -4.98
CA LYS D 224 -19.01 29.36 -4.78
C LYS D 224 -18.93 30.87 -4.60
N LYS D 225 -17.98 31.33 -3.78
CA LYS D 225 -17.81 32.76 -3.57
C LYS D 225 -17.51 33.48 -4.89
N HIS D 226 -16.52 32.97 -5.63
CA HIS D 226 -16.14 33.60 -6.89
C HIS D 226 -17.32 33.67 -7.85
N THR D 227 -18.02 32.55 -8.02
CA THR D 227 -19.11 32.50 -8.99
C THR D 227 -20.27 33.42 -8.58
N LEU D 228 -20.63 33.43 -7.30
CA LEU D 228 -21.75 34.25 -6.88
C LEU D 228 -21.40 35.74 -6.93
N GLU D 229 -20.14 36.10 -6.70
CA GLU D 229 -19.74 37.49 -6.92
C GLU D 229 -19.76 37.83 -8.41
N VAL D 230 -19.46 36.86 -9.27
CA VAL D 230 -19.58 37.08 -10.71
C VAL D 230 -21.04 37.31 -11.08
N LEU D 231 -21.95 36.60 -10.43
CA LEU D 231 -23.38 36.73 -10.73
C LEU D 231 -23.88 38.14 -10.46
N GLY D 232 -23.44 38.74 -9.36
CA GLY D 232 -23.94 40.04 -8.93
C GLY D 232 -23.87 41.14 -9.98
N ASN E 25 -10.49 50.29 22.67
CA ASN E 25 -10.13 49.52 23.85
C ASN E 25 -10.11 48.02 23.55
N THR E 26 -9.31 47.27 24.31
CA THR E 26 -9.18 45.84 24.07
C THR E 26 -10.50 45.12 24.33
N VAL E 27 -11.20 45.50 25.39
CA VAL E 27 -12.46 44.85 25.73
C VAL E 27 -13.48 45.03 24.61
N GLU E 28 -13.53 46.22 24.03
CA GLU E 28 -14.44 46.45 22.90
C GLU E 28 -14.10 45.53 21.75
N LYS E 29 -12.81 45.34 21.47
CA LYS E 29 -12.40 44.43 20.41
C LYS E 29 -12.83 43.00 20.71
N VAL E 30 -12.70 42.57 21.97
CA VAL E 30 -13.07 41.21 22.33
C VAL E 30 -14.56 40.99 22.17
N LEU E 31 -15.39 41.96 22.59
CA LEU E 31 -16.83 41.80 22.39
C LEU E 31 -17.22 41.90 20.92
N LYS E 32 -16.49 42.67 20.11
CA LYS E 32 -16.74 42.64 18.68
C LYS E 32 -16.46 41.25 18.11
N VAL E 33 -15.35 40.64 18.54
CA VAL E 33 -15.02 39.28 18.11
C VAL E 33 -16.12 38.31 18.55
N LYS E 34 -16.62 38.50 19.77
CA LYS E 34 -17.68 37.63 20.27
C LYS E 34 -18.94 37.74 19.42
N GLU E 35 -19.33 38.96 19.08
CA GLU E 35 -20.53 39.15 18.26
C GLU E 35 -20.36 38.52 16.89
N GLU E 36 -19.19 38.73 16.27
CA GLU E 36 -18.92 38.13 14.96
C GLU E 36 -18.97 36.60 15.05
N ALA E 37 -18.40 36.04 16.12
CA ALA E 37 -18.39 34.60 16.29
C ALA E 37 -19.80 34.04 16.44
N GLU E 38 -20.66 34.72 17.21
CA GLU E 38 -22.03 34.25 17.36
C GLU E 38 -22.79 34.33 16.03
N LYS E 39 -22.56 35.40 15.26
CA LYS E 39 -23.21 35.49 13.95
C LYS E 39 -22.76 34.36 13.04
N ARG E 40 -21.46 34.06 13.04
CA ARG E 40 -20.96 32.96 12.22
C ARG E 40 -21.51 31.62 12.70
N ILE E 41 -21.68 31.47 14.02
CA ILE E 41 -22.23 30.22 14.55
C ILE E 41 -23.66 30.02 14.07
N ALA E 42 -24.46 31.09 14.07
CA ALA E 42 -25.83 30.99 13.54
C ALA E 42 -25.81 30.66 12.05
N GLU E 43 -24.93 31.31 11.29
CA GLU E 43 -24.84 31.02 9.86
C GLU E 43 -24.50 29.55 9.62
N ILE E 44 -23.55 29.01 10.38
CA ILE E 44 -23.16 27.62 10.22
C ILE E 44 -24.29 26.69 10.66
N GLU E 45 -25.02 27.08 11.70
CA GLU E 45 -26.14 26.27 12.15
C GLU E 45 -27.22 26.18 11.09
N LYS E 46 -27.30 27.18 10.21
CA LYS E 46 -28.26 27.13 9.10
C LYS E 46 -27.66 26.57 7.81
N LEU E 47 -26.73 25.62 7.88
CA LEU E 47 -25.99 25.16 6.71
C LEU E 47 -26.43 23.79 6.18
N GLU E 48 -27.21 23.03 6.94
CA GLU E 48 -27.94 21.82 6.52
C GLU E 48 -27.04 20.67 6.07
N ASN E 49 -25.72 20.86 6.08
CA ASN E 49 -24.81 19.79 5.73
C ASN E 49 -23.71 19.68 6.78
N ILE E 50 -23.75 18.63 7.58
CA ILE E 50 -22.93 18.54 8.79
C ILE E 50 -21.43 18.45 8.51
N GLU E 51 -21.02 17.77 7.44
CA GLU E 51 -19.59 17.60 7.19
C GLU E 51 -18.90 18.94 6.94
N GLU E 52 -19.56 19.85 6.20
CA GLU E 52 -19.03 21.18 5.98
C GLU E 52 -19.18 22.08 7.19
N ALA E 53 -20.12 21.77 8.09
CA ALA E 53 -20.37 22.60 9.26
C ALA E 53 -19.30 22.45 10.32
N VAL E 54 -18.85 21.23 10.59
CA VAL E 54 -17.81 21.02 11.60
C VAL E 54 -16.50 21.66 11.16
N LEU E 55 -16.17 21.52 9.88
CA LEU E 55 -14.93 22.13 9.38
C LEU E 55 -15.00 23.65 9.45
N LYS E 56 -16.17 24.22 9.15
CA LYS E 56 -16.32 25.67 9.27
C LYS E 56 -16.20 26.12 10.72
N LEU E 57 -16.77 25.35 11.65
CA LEU E 57 -16.63 25.67 13.07
C LEU E 57 -15.17 25.60 13.51
N LEU E 58 -14.43 24.61 13.01
CA LEU E 58 -13.01 24.51 13.34
C LEU E 58 -12.23 25.69 12.78
N GLU E 59 -12.56 26.12 11.57
CA GLU E 59 -11.91 27.30 11.00
C GLU E 59 -12.22 28.55 11.83
N LEU E 60 -13.47 28.68 12.28
CA LEU E 60 -13.83 29.80 13.15
C LEU E 60 -13.05 29.77 14.45
N LEU E 61 -12.89 28.57 15.03
CA LEU E 61 -12.10 28.43 16.25
C LEU E 61 -10.66 28.87 16.01
N ASP E 62 -10.08 28.46 14.89
CA ASP E 62 -8.72 28.87 14.56
C ASP E 62 -8.61 30.39 14.43
N GLU E 63 -9.58 31.01 13.78
CA GLU E 63 -9.57 32.47 13.63
C GLU E 63 -9.64 33.15 15.00
N VAL E 64 -10.50 32.64 15.88
CA VAL E 64 -10.62 33.22 17.21
C VAL E 64 -9.31 33.09 17.97
N ILE E 65 -8.66 31.93 17.87
CA ILE E 65 -7.39 31.75 18.57
C ILE E 65 -6.32 32.68 18.02
N HIS E 66 -6.28 32.87 16.70
CA HIS E 66 -5.33 33.81 16.13
C HIS E 66 -5.58 35.22 16.64
N GLU E 67 -6.84 35.64 16.69
CA GLU E 67 -7.16 36.96 17.22
C GLU E 67 -6.74 37.09 18.68
N ALA E 68 -6.98 36.05 19.47
CA ALA E 68 -6.58 36.07 20.88
C ALA E 68 -5.07 36.20 21.01
N ALA E 69 -4.32 35.51 20.14
CA ALA E 69 -2.87 35.59 20.20
C ALA E 69 -2.37 36.97 19.81
N LEU E 70 -3.07 37.64 18.89
CA LEU E 70 -2.63 38.96 18.44
C LEU E 70 -2.63 39.98 19.56
N LEU E 71 -3.65 39.95 20.40
CA LEU E 71 -3.82 40.92 21.48
C LEU E 71 -3.26 40.37 22.79
N PRO E 72 -2.78 41.22 23.69
CA PRO E 72 -2.26 40.72 24.96
C PRO E 72 -3.37 40.40 25.95
N ILE E 73 -3.16 39.34 26.73
CA ILE E 73 -4.21 38.82 27.59
C ILE E 73 -4.24 39.59 28.90
N THR E 74 -5.44 39.79 29.42
CA THR E 74 -5.69 40.52 30.65
C THR E 74 -6.74 39.77 31.45
N PRO E 75 -6.81 39.99 32.76
CA PRO E 75 -7.79 39.23 33.57
C PRO E 75 -9.24 39.43 33.14
N GLU E 76 -9.61 40.61 32.68
CA GLU E 76 -11.01 40.86 32.35
C GLU E 76 -11.40 40.23 31.01
N THR E 77 -10.47 40.18 30.06
CA THR E 77 -10.78 39.61 28.75
C THR E 77 -10.68 38.09 28.72
N LYS E 78 -10.05 37.49 29.74
CA LYS E 78 -9.90 36.04 29.78
C LYS E 78 -11.26 35.35 29.81
N LEU E 79 -12.18 35.88 30.61
CA LEU E 79 -13.51 35.28 30.70
C LEU E 79 -14.23 35.34 29.37
N ILE E 80 -14.17 36.48 28.68
CA ILE E 80 -14.86 36.60 27.40
C ILE E 80 -14.27 35.66 26.37
N TRP E 81 -12.93 35.58 26.33
CA TRP E 81 -12.28 34.64 25.41
C TRP E 81 -12.74 33.21 25.69
N TRP E 82 -12.84 32.86 26.98
CA TRP E 82 -13.26 31.51 27.34
C TRP E 82 -14.71 31.25 26.95
N GLU E 83 -15.58 32.26 27.07
CA GLU E 83 -16.97 32.07 26.63
C GLU E 83 -17.03 31.83 25.13
N ILE E 84 -16.26 32.58 24.34
CA ILE E 84 -16.25 32.36 22.89
C ILE E 84 -15.77 30.95 22.57
N ILE E 85 -14.67 30.53 23.19
CA ILE E 85 -14.13 29.20 22.93
C ILE E 85 -15.14 28.13 23.33
N GLU E 86 -15.79 28.31 24.48
CA GLU E 86 -16.78 27.35 24.96
C GLU E 86 -17.93 27.22 23.98
N ALA E 87 -18.47 28.35 23.52
CA ALA E 87 -19.60 28.30 22.60
C ALA E 87 -19.23 27.55 21.32
N ILE E 88 -18.10 27.92 20.72
CA ILE E 88 -17.70 27.29 19.47
C ILE E 88 -17.46 25.80 19.67
N ALA E 89 -16.77 25.44 20.75
CA ALA E 89 -16.40 24.05 20.98
C ALA E 89 -17.63 23.18 21.25
N LEU E 90 -18.56 23.67 22.07
CA LEU E 90 -19.76 22.89 22.35
C LEU E 90 -20.60 22.71 21.10
N ALA E 91 -20.73 23.76 20.29
CA ALA E 91 -21.46 23.62 19.02
C ALA E 91 -20.80 22.58 18.13
N ALA E 92 -19.48 22.63 18.02
CA ALA E 92 -18.78 21.69 17.14
C ALA E 92 -18.92 20.25 17.63
N LEU E 93 -18.86 20.04 18.95
CA LEU E 93 -19.00 18.68 19.48
C LEU E 93 -20.40 18.13 19.22
N HIS E 94 -21.43 18.93 19.51
CA HIS E 94 -22.78 18.44 19.23
C HIS E 94 -22.98 18.17 17.74
N LYS E 95 -22.37 18.97 16.87
CA LYS E 95 -22.41 18.65 15.45
C LYS E 95 -21.71 17.34 15.15
N LEU E 96 -20.58 17.07 15.81
CA LEU E 96 -19.90 15.80 15.63
C LEU E 96 -20.80 14.63 15.98
N LEU E 97 -21.73 14.84 16.91
CA LEU E 97 -22.70 13.77 17.19
C LEU E 97 -23.72 13.60 16.08
N ASP E 98 -23.88 14.59 15.21
CA ASP E 98 -24.94 14.62 14.21
C ASP E 98 -24.50 14.09 12.84
N GLY E 99 -23.89 12.92 12.77
CA GLY E 99 -23.62 12.33 11.47
C GLY E 99 -22.21 12.48 10.95
N GLY E 100 -21.78 11.54 10.11
CA GLY E 100 -20.47 11.50 9.50
C GLY E 100 -19.83 10.14 9.69
N ASN E 101 -18.51 10.09 9.51
CA ASN E 101 -17.75 8.88 9.74
C ASN E 101 -17.28 8.83 11.18
N ILE E 102 -17.34 7.64 11.79
CA ILE E 102 -17.13 7.51 13.23
C ILE E 102 -15.69 7.86 13.60
N GLU E 103 -14.72 7.29 12.89
CA GLU E 103 -13.32 7.51 13.24
C GLU E 103 -12.89 8.94 12.98
N VAL E 104 -13.34 9.52 11.87
CA VAL E 104 -13.06 10.92 11.59
C VAL E 104 -13.66 11.81 12.66
N ASN E 105 -14.87 11.50 13.11
CA ASN E 105 -15.50 12.29 14.15
C ASN E 105 -14.74 12.20 15.47
N ILE E 106 -14.27 11.01 15.83
CA ILE E 106 -13.48 10.86 17.05
C ILE E 106 -12.20 11.68 16.96
N LEU E 107 -11.53 11.61 15.80
CA LEU E 107 -10.31 12.39 15.61
C LEU E 107 -10.59 13.89 15.71
N LEU E 108 -11.71 14.34 15.14
CA LEU E 108 -12.07 15.75 15.23
C LEU E 108 -12.35 16.18 16.66
N ALA E 109 -13.02 15.33 17.43
CA ALA E 109 -13.25 15.64 18.85
C ALA E 109 -11.94 15.78 19.60
N LEU E 110 -11.00 14.87 19.35
CA LEU E 110 -9.69 14.98 19.98
C LEU E 110 -8.97 16.25 19.55
N ARG E 111 -9.11 16.65 18.28
CA ARG E 111 -8.47 17.86 17.80
C ARG E 111 -9.05 19.11 18.48
N ILE E 112 -10.37 19.14 18.67
CA ILE E 112 -10.99 20.25 19.40
C ILE E 112 -10.46 20.32 20.81
N LEU E 113 -10.36 19.16 21.48
CA LEU E 113 -9.81 19.13 22.83
C LEU E 113 -8.37 19.63 22.85
N GLU E 114 -7.55 19.23 21.88
CA GLU E 114 -6.17 19.66 21.84
C GLU E 114 -6.07 21.17 21.61
N LYS E 115 -6.93 21.73 20.76
CA LYS E 115 -6.94 23.18 20.57
C LYS E 115 -7.31 23.90 21.85
N ALA E 116 -8.28 23.37 22.59
CA ALA E 116 -8.62 23.97 23.88
C ALA E 116 -7.44 23.91 24.84
N ILE E 117 -6.70 22.79 24.84
CA ILE E 117 -5.54 22.67 25.72
C ILE E 117 -4.45 23.66 25.32
N ASN E 118 -4.24 23.86 24.02
CA ASN E 118 -3.26 24.83 23.57
C ASN E 118 -3.64 26.25 23.97
N PHE E 119 -4.93 26.58 23.88
CA PHE E 119 -5.40 27.87 24.37
C PHE E 119 -5.17 28.00 25.88
N LEU E 120 -5.41 26.91 26.61
CA LEU E 120 -5.13 26.91 28.05
C LEU E 120 -3.66 27.22 28.32
N LYS E 121 -2.77 26.61 27.54
CA LYS E 121 -1.34 26.89 27.68
C LYS E 121 -1.04 28.36 27.43
N MET E 122 -1.61 28.92 26.36
CA MET E 122 -1.28 30.29 25.98
C MET E 122 -1.82 31.28 27.01
N VAL E 123 -3.02 31.03 27.54
CA VAL E 123 -3.59 31.92 28.56
C VAL E 123 -2.82 31.87 29.87
N GLY E 124 -2.48 30.69 30.37
CA GLY E 124 -1.73 30.59 31.61
C GLY E 124 -2.60 30.35 32.84
N MET E 125 -2.47 31.22 33.84
CA MET E 125 -3.21 31.08 35.08
C MET E 125 -4.71 31.26 34.83
N VAL E 126 -5.51 30.45 35.51
CA VAL E 126 -6.96 30.44 35.36
C VAL E 126 -7.60 30.53 36.74
N GLY E 127 -8.83 31.03 36.78
CA GLY E 127 -9.60 31.09 38.01
C GLY E 127 -10.53 29.91 38.15
N GLU E 128 -11.62 30.13 38.89
CA GLU E 128 -12.60 29.06 39.07
C GLU E 128 -13.59 29.00 37.92
N LYS E 129 -13.95 30.16 37.36
CA LYS E 129 -14.87 30.18 36.22
C LYS E 129 -14.23 29.53 34.98
N GLU E 130 -12.98 29.90 34.71
CA GLU E 130 -12.26 29.27 33.61
C GLU E 130 -12.06 27.78 33.85
N PHE E 131 -11.79 27.40 35.10
CA PHE E 131 -11.70 25.98 35.44
C PHE E 131 -13.00 25.25 35.11
N GLU E 132 -14.13 25.84 35.49
CA GLU E 132 -15.42 25.22 35.21
C GLU E 132 -15.66 25.10 33.71
N ILE E 133 -15.33 26.14 32.95
CA ILE E 133 -15.53 26.11 31.50
C ILE E 133 -14.67 25.02 30.86
N ALA E 134 -13.40 24.93 31.25
CA ALA E 134 -12.51 23.93 30.68
C ALA E 134 -12.96 22.52 31.04
N VAL E 135 -13.39 22.31 32.28
CA VAL E 135 -13.88 20.99 32.67
C VAL E 135 -15.13 20.63 31.90
N LYS E 136 -16.00 21.61 31.66
CA LYS E 136 -17.21 21.36 30.88
C LYS E 136 -16.88 20.94 29.45
N ILE E 137 -15.91 21.63 28.83
CA ILE E 137 -15.48 21.25 27.48
C ILE E 137 -14.93 19.83 27.48
N LEU E 138 -14.09 19.51 28.46
CA LEU E 138 -13.50 18.18 28.54
C LEU E 138 -14.57 17.11 28.70
N GLU E 139 -15.58 17.37 29.54
CA GLU E 139 -16.64 16.40 29.77
C GLU E 139 -17.50 16.21 28.52
N ALA E 140 -17.81 17.30 27.81
CA ALA E 140 -18.56 17.17 26.57
C ALA E 140 -17.81 16.34 25.55
N ALA E 141 -16.50 16.58 25.43
CA ALA E 141 -15.69 15.80 24.51
C ALA E 141 -15.66 14.33 24.90
N LEU E 142 -15.54 14.06 26.21
CA LEU E 142 -15.51 12.67 26.68
C LEU E 142 -16.81 11.94 26.36
N HIS E 143 -17.95 12.61 26.59
CA HIS E 143 -19.23 11.97 26.31
C HIS E 143 -19.42 11.72 24.82
N VAL E 144 -19.02 12.68 23.98
CA VAL E 144 -19.09 12.47 22.54
C VAL E 144 -18.23 11.28 22.13
N VAL E 145 -17.02 11.20 22.68
CA VAL E 145 -16.10 10.12 22.29
C VAL E 145 -16.64 8.76 22.72
N LEU E 146 -17.18 8.67 23.93
CA LEU E 146 -17.73 7.40 24.39
C LEU E 146 -18.91 6.96 23.53
N THR E 147 -19.82 7.90 23.24
CA THR E 147 -20.97 7.58 22.40
C THR E 147 -20.54 7.09 21.02
N LEU E 148 -19.60 7.79 20.39
CA LEU E 148 -19.16 7.39 19.06
C LEU E 148 -18.35 6.10 19.09
N SER E 149 -17.64 5.84 20.19
CA SER E 149 -16.77 4.67 20.24
C SER E 149 -17.53 3.40 20.55
N ARG E 150 -18.78 3.52 21.02
CA ARG E 150 -19.57 2.30 21.21
C ARG E 150 -19.74 1.50 19.91
N LEU E 151 -19.57 2.15 18.75
CA LEU E 151 -19.80 1.49 17.47
C LEU E 151 -18.52 1.06 16.77
N LEU E 152 -17.38 1.04 17.46
CA LEU E 152 -16.11 0.65 16.87
C LEU E 152 -15.82 -0.83 17.12
N ASN E 153 -14.79 -1.32 16.45
CA ASN E 153 -14.30 -2.66 16.69
C ASN E 153 -13.54 -2.72 18.01
N GLU E 154 -13.11 -3.93 18.39
CA GLU E 154 -12.47 -4.10 19.70
C GLU E 154 -11.17 -3.31 19.79
N LEU E 155 -10.27 -3.53 18.83
CA LEU E 155 -8.97 -2.88 18.88
C LEU E 155 -9.10 -1.37 18.77
N GLU E 156 -9.96 -0.89 17.88
CA GLU E 156 -10.15 0.54 17.73
C GLU E 156 -10.75 1.16 18.98
N PHE E 157 -11.71 0.46 19.61
CA PHE E 157 -12.29 0.96 20.85
C PHE E 157 -11.24 1.11 21.94
N VAL E 158 -10.42 0.08 22.13
CA VAL E 158 -9.43 0.16 23.20
C VAL E 158 -8.36 1.21 22.87
N LYS E 159 -8.00 1.34 21.59
CA LYS E 159 -7.03 2.36 21.20
C LYS E 159 -7.55 3.76 21.48
N VAL E 160 -8.83 4.00 21.16
CA VAL E 160 -9.44 5.30 21.44
C VAL E 160 -9.48 5.56 22.94
N LEU E 161 -9.81 4.53 23.73
CA LEU E 161 -9.81 4.66 25.18
C LEU E 161 -8.45 5.09 25.71
N VAL E 162 -7.39 4.39 25.29
CA VAL E 162 -6.05 4.68 25.79
C VAL E 162 -5.60 6.07 25.35
N GLU E 163 -5.90 6.44 24.11
CA GLU E 163 -5.55 7.76 23.61
C GLU E 163 -6.24 8.85 24.42
N PHE E 164 -7.52 8.65 24.75
CA PHE E 164 -8.23 9.66 25.52
C PHE E 164 -7.71 9.75 26.95
N ILE E 165 -7.29 8.63 27.52
CA ILE E 165 -6.70 8.67 28.87
C ILE E 165 -5.41 9.48 28.85
N ASN E 166 -4.59 9.28 27.82
CA ASN E 166 -3.38 10.09 27.71
C ASN E 166 -3.70 11.56 27.50
N LEU E 167 -4.75 11.85 26.73
CA LEU E 167 -5.17 13.24 26.54
C LEU E 167 -5.63 13.87 27.85
N ILE E 168 -6.35 13.11 28.68
CA ILE E 168 -6.76 13.60 29.98
C ILE E 168 -5.55 13.89 30.85
N ALA E 169 -4.53 13.01 30.79
CA ALA E 169 -3.30 13.25 31.53
C ALA E 169 -2.65 14.57 31.10
N LYS E 170 -2.57 14.80 29.79
CA LYS E 170 -2.00 16.05 29.30
C LYS E 170 -2.81 17.26 29.76
N PHE E 171 -4.14 17.15 29.68
CA PHE E 171 -5.00 18.27 30.07
C PHE E 171 -4.81 18.63 31.54
N PHE E 172 -4.75 17.62 32.40
CA PHE E 172 -4.55 17.89 33.82
C PHE E 172 -3.12 18.34 34.12
N LYS E 173 -2.14 17.92 33.34
CA LYS E 173 -0.78 18.42 33.52
C LYS E 173 -0.67 19.89 33.17
N VAL E 174 -1.34 20.35 32.11
CA VAL E 174 -1.28 21.75 31.71
C VAL E 174 -2.12 22.66 32.61
N LEU E 175 -3.28 22.20 33.05
CA LEU E 175 -4.22 23.03 33.80
C LEU E 175 -3.89 23.00 35.29
N LYS E 176 -3.91 24.16 35.92
CA LYS E 176 -3.55 24.32 37.32
C LYS E 176 -4.78 24.63 38.16
N GLY E 177 -4.79 24.12 39.38
CA GLY E 177 -5.91 24.35 40.28
C GLY E 177 -5.68 23.64 41.60
N GLU E 178 -6.65 23.77 42.48
CA GLU E 178 -6.56 23.15 43.80
C GLU E 178 -6.59 21.63 43.66
N PRO E 179 -5.77 20.90 44.41
CA PRO E 179 -5.72 19.43 44.24
C PRO E 179 -7.04 18.71 44.47
N GLU E 180 -7.88 19.19 45.40
CA GLU E 180 -9.11 18.48 45.73
C GLU E 180 -10.11 18.52 44.58
N LYS E 181 -10.29 19.69 43.98
CA LYS E 181 -11.22 19.82 42.86
C LYS E 181 -10.76 18.97 41.67
N LYS E 182 -9.46 19.02 41.37
CA LYS E 182 -8.92 18.21 40.28
C LYS E 182 -9.09 16.72 40.57
N LYS E 183 -8.88 16.32 41.82
CA LYS E 183 -9.07 14.92 42.19
C LYS E 183 -10.52 14.48 42.00
N ARG E 184 -11.47 15.32 42.40
CA ARG E 184 -12.89 14.99 42.22
C ARG E 184 -13.25 14.88 40.74
N VAL E 185 -12.77 15.83 39.93
CA VAL E 185 -13.05 15.78 38.49
C VAL E 185 -12.45 14.53 37.87
N LEU E 186 -11.22 14.19 38.23
CA LEU E 186 -10.57 13.01 37.70
C LEU E 186 -11.34 11.75 38.08
N LEU E 187 -11.80 11.67 39.32
CA LEU E 187 -12.56 10.51 39.75
C LEU E 187 -13.85 10.38 38.96
N LYS E 188 -14.53 11.50 38.72
CA LYS E 188 -15.77 11.45 37.94
C LYS E 188 -15.51 10.96 36.51
N LEU E 189 -14.47 11.49 35.86
CA LEU E 189 -14.15 11.04 34.51
C LEU E 189 -13.80 9.56 34.49
N LEU E 190 -13.04 9.09 35.47
CA LEU E 190 -12.65 7.68 35.52
C LEU E 190 -13.87 6.80 35.73
N GLU E 191 -14.83 7.24 36.54
CA GLU E 191 -16.06 6.47 36.71
C GLU E 191 -16.84 6.38 35.41
N ASP E 192 -16.90 7.48 34.64
CA ASP E 192 -17.55 7.44 33.33
C ASP E 192 -16.90 6.42 32.41
N ILE E 193 -15.57 6.47 32.32
CA ILE E 193 -14.84 5.56 31.46
C ILE E 193 -15.05 4.12 31.90
N LYS E 194 -14.99 3.85 33.21
CA LYS E 194 -15.16 2.51 33.71
C LYS E 194 -16.56 1.99 33.44
N LYS E 195 -17.57 2.85 33.60
CA LYS E 195 -18.93 2.50 33.20
C LYS E 195 -18.99 1.97 31.78
N VAL E 196 -18.51 2.77 30.82
CA VAL E 196 -18.62 2.35 29.42
C VAL E 196 -17.80 1.09 29.17
N PHE E 197 -16.58 1.04 29.70
CA PHE E 197 -15.70 -0.09 29.45
C PHE E 197 -16.26 -1.39 30.04
N GLU E 198 -16.85 -1.32 31.24
CA GLU E 198 -17.38 -2.52 31.86
C GLU E 198 -18.64 -2.99 31.16
N LEU E 199 -19.41 -2.08 30.56
CA LEU E 199 -20.50 -2.54 29.70
C LEU E 199 -19.97 -3.20 28.44
N TRP E 200 -18.90 -2.63 27.87
CA TRP E 200 -18.43 -3.09 26.56
C TRP E 200 -17.68 -4.42 26.63
N ILE E 201 -16.95 -4.67 27.73
CA ILE E 201 -16.00 -5.78 27.77
C ILE E 201 -16.68 -7.14 27.72
N THR E 202 -17.99 -7.21 27.96
CA THR E 202 -18.66 -8.50 28.02
C THR E 202 -18.80 -9.18 26.67
N ARG E 203 -18.29 -8.60 25.58
CA ARG E 203 -18.48 -9.14 24.24
C ARG E 203 -17.19 -9.64 23.61
N VAL E 204 -16.10 -9.76 24.37
CA VAL E 204 -14.79 -9.94 23.76
C VAL E 204 -14.10 -11.22 24.20
N ASN E 205 -14.83 -12.20 24.74
CA ASN E 205 -14.30 -13.54 25.04
C ASN E 205 -13.33 -13.51 26.23
N PRO E 206 -13.44 -14.48 27.15
CA PRO E 206 -12.78 -14.37 28.45
C PRO E 206 -11.26 -14.25 28.47
N GLU E 207 -10.59 -14.37 27.34
CA GLU E 207 -9.14 -14.18 27.29
C GLU E 207 -8.76 -12.78 26.84
N GLN E 208 -9.37 -12.29 25.77
CA GLN E 208 -9.22 -10.89 25.43
C GLN E 208 -9.75 -9.99 26.53
N GLN E 209 -10.72 -10.48 27.31
CA GLN E 209 -11.18 -9.76 28.48
C GLN E 209 -10.03 -9.50 29.44
N ILE E 210 -9.25 -10.54 29.75
CA ILE E 210 -8.13 -10.38 30.68
C ILE E 210 -7.08 -9.44 30.08
N LEU E 211 -6.76 -9.64 28.80
CA LEU E 211 -5.75 -8.80 28.17
C LEU E 211 -6.12 -7.32 28.23
N PHE E 212 -7.34 -7.00 27.78
CA PHE E 212 -7.76 -5.61 27.71
C PHE E 212 -7.98 -5.03 29.10
N THR E 213 -8.45 -5.84 30.05
CA THR E 213 -8.63 -5.36 31.41
C THR E 213 -7.29 -4.97 32.03
N GLU E 214 -6.27 -5.81 31.88
CA GLU E 214 -4.95 -5.47 32.38
C GLU E 214 -4.46 -4.17 31.75
N LEU E 215 -4.57 -4.06 30.43
CA LEU E 215 -4.07 -2.87 29.75
C LEU E 215 -4.77 -1.60 30.23
N VAL E 216 -6.10 -1.63 30.27
CA VAL E 216 -6.86 -0.43 30.61
C VAL E 216 -6.66 -0.04 32.07
N TYR E 217 -6.64 -1.03 32.98
CA TYR E 217 -6.45 -0.72 34.38
C TYR E 217 -5.05 -0.18 34.65
N SER E 218 -4.04 -0.72 33.96
CA SER E 218 -2.69 -0.15 34.10
C SER E 218 -2.66 1.30 33.61
N ALA E 219 -3.34 1.58 32.49
CA ALA E 219 -3.39 2.95 32.00
C ALA E 219 -4.06 3.88 33.02
N ILE E 220 -5.15 3.42 33.62
CA ILE E 220 -5.87 4.26 34.59
C ILE E 220 -5.01 4.51 35.83
N GLU E 221 -4.32 3.48 36.32
CA GLU E 221 -3.45 3.67 37.48
C GLU E 221 -2.29 4.62 37.16
N ASP E 222 -1.71 4.51 35.98
CA ASP E 222 -0.65 5.46 35.60
C ASP E 222 -1.19 6.88 35.52
N LEU E 223 -2.40 7.04 35.00
CA LEU E 223 -3.02 8.38 34.97
C LEU E 223 -3.21 8.92 36.38
N LYS E 224 -3.68 8.07 37.30
CA LYS E 224 -3.88 8.49 38.68
C LYS E 224 -2.55 8.93 39.30
N LYS E 225 -1.49 8.16 39.07
CA LYS E 225 -0.18 8.52 39.60
C LYS E 225 0.28 9.86 39.06
N HIS E 226 0.24 10.02 37.73
CA HIS E 226 0.70 11.27 37.13
C HIS E 226 -0.08 12.47 37.64
N THR E 227 -1.41 12.36 37.67
CA THR E 227 -2.24 13.47 38.11
C THR E 227 -2.00 13.79 39.58
N LEU E 228 -1.89 12.76 40.43
CA LEU E 228 -1.70 13.01 41.85
C LEU E 228 -0.34 13.65 42.13
N GLU E 229 0.71 13.25 41.40
CA GLU E 229 1.99 13.92 41.55
C GLU E 229 1.92 15.36 41.02
N VAL E 230 1.11 15.60 40.00
CA VAL E 230 0.91 16.96 39.51
C VAL E 230 0.23 17.81 40.60
N LEU E 231 -0.71 17.20 41.33
CA LEU E 231 -1.44 17.94 42.37
C LEU E 231 -0.49 18.45 43.46
N GLY E 232 0.45 17.62 43.88
CA GLY E 232 1.36 17.96 44.97
C GLY E 232 2.15 19.25 44.75
N ASN F 25 4.56 67.70 -1.28
CA ASN F 25 4.57 66.95 -0.04
C ASN F 25 4.64 65.45 -0.31
N THR F 26 5.32 64.72 0.57
CA THR F 26 5.50 63.28 0.36
C THR F 26 4.20 62.53 0.55
N VAL F 27 3.37 62.96 1.51
CA VAL F 27 2.15 62.23 1.83
C VAL F 27 1.21 62.18 0.62
N GLU F 28 1.06 63.31 -0.07
CA GLU F 28 0.21 63.32 -1.25
C GLU F 28 0.73 62.37 -2.32
N LYS F 29 2.05 62.29 -2.47
CA LYS F 29 2.64 61.33 -3.40
C LYS F 29 2.31 59.89 -3.00
N VAL F 30 2.36 59.60 -1.70
CA VAL F 30 2.09 58.25 -1.24
C VAL F 30 0.63 57.87 -1.50
N LEU F 31 -0.30 58.79 -1.26
CA LEU F 31 -1.70 58.48 -1.56
C LEU F 31 -1.95 58.41 -3.07
N LYS F 32 -1.21 59.16 -3.88
CA LYS F 32 -1.33 58.96 -5.33
C LYS F 32 -0.88 57.55 -5.72
N VAL F 33 0.23 57.10 -5.13
CA VAL F 33 0.70 55.73 -5.36
C VAL F 33 -0.35 54.73 -4.92
N LYS F 34 -1.00 54.99 -3.78
CA LYS F 34 -2.03 54.09 -3.28
C LYS F 34 -3.21 54.01 -4.25
N GLU F 35 -3.66 55.15 -4.76
CA GLU F 35 -4.77 55.14 -5.70
C GLU F 35 -4.42 54.35 -6.95
N GLU F 36 -3.21 54.58 -7.48
CA GLU F 36 -2.78 53.83 -8.66
C GLU F 36 -2.70 52.34 -8.35
N ALA F 37 -2.25 51.99 -7.13
CA ALA F 37 -2.12 50.58 -6.76
C ALA F 37 -3.47 49.88 -6.72
N GLU F 38 -4.47 50.51 -6.08
CA GLU F 38 -5.80 49.89 -6.07
C GLU F 38 -6.40 49.83 -7.47
N LYS F 39 -6.18 50.84 -8.31
CA LYS F 39 -6.68 50.77 -9.68
C LYS F 39 -6.06 49.59 -10.42
N ARG F 40 -4.75 49.41 -10.28
CA ARG F 40 -4.08 48.28 -10.93
C ARG F 40 -4.56 46.95 -10.35
N ILE F 41 -4.85 46.91 -9.06
CA ILE F 41 -5.34 45.69 -8.43
C ILE F 41 -6.68 45.30 -9.03
N ALA F 42 -7.57 46.28 -9.20
CA ALA F 42 -8.85 45.99 -9.83
C ALA F 42 -8.67 45.52 -11.28
N GLU F 43 -7.78 46.18 -12.03
CA GLU F 43 -7.52 45.77 -13.40
C GLU F 43 -7.04 44.33 -13.46
N ILE F 44 -6.13 43.95 -12.57
CA ILE F 44 -5.62 42.58 -12.54
C ILE F 44 -6.71 41.61 -12.10
N GLU F 45 -7.56 42.03 -11.17
CA GLU F 45 -8.64 41.16 -10.71
C GLU F 45 -9.61 40.86 -11.84
N LYS F 46 -9.70 41.76 -12.81
CA LYS F 46 -10.56 41.50 -13.98
C LYS F 46 -9.81 40.88 -15.16
N LEU F 47 -8.82 40.03 -14.92
CA LEU F 47 -7.95 39.53 -15.98
C LEU F 47 -8.23 38.11 -16.43
N GLU F 48 -9.02 37.34 -15.68
CA GLU F 48 -9.59 36.03 -16.05
C GLU F 48 -8.53 34.96 -16.31
N ASN F 49 -7.25 35.29 -16.17
CA ASN F 49 -6.19 34.30 -16.30
C ASN F 49 -5.25 34.39 -15.10
N ILE F 50 -5.27 33.36 -14.26
CA ILE F 50 -4.59 33.43 -12.96
C ILE F 50 -3.06 33.41 -13.08
N GLU F 51 -2.51 32.69 -14.04
CA GLU F 51 -1.05 32.64 -14.16
C GLU F 51 -0.47 34.00 -14.49
N GLU F 52 -1.13 34.76 -15.36
CA GLU F 52 -0.68 36.09 -15.73
C GLU F 52 -1.04 37.14 -14.70
N ALA F 53 -1.92 36.84 -13.75
CA ALA F 53 -2.34 37.78 -12.73
C ALA F 53 -1.35 37.85 -11.58
N VAL F 54 -0.83 36.71 -11.13
CA VAL F 54 0.13 36.71 -10.02
C VAL F 54 1.42 37.41 -10.44
N LEU F 55 1.85 37.20 -11.68
CA LEU F 55 3.07 37.86 -12.15
C LEU F 55 2.88 39.37 -12.25
N LYS F 56 1.71 39.81 -12.71
CA LYS F 56 1.43 41.24 -12.75
C LYS F 56 1.36 41.83 -11.35
N LEU F 57 0.79 41.09 -10.39
CA LEU F 57 0.76 41.57 -9.01
C LEU F 57 2.17 41.67 -8.44
N LEU F 58 3.03 40.71 -8.75
CA LEU F 58 4.42 40.78 -8.28
C LEU F 58 5.15 41.96 -8.91
N GLU F 59 4.89 42.23 -10.19
CA GLU F 59 5.49 43.41 -10.83
C GLU F 59 5.00 44.69 -10.17
N LEU F 60 3.71 44.76 -9.85
CA LEU F 60 3.17 45.92 -9.15
C LEU F 60 3.83 46.11 -7.79
N LEU F 61 4.02 45.01 -7.05
CA LEU F 61 4.71 45.08 -5.77
C LEU F 61 6.13 45.61 -5.94
N ASP F 62 6.83 45.13 -6.97
CA ASP F 62 8.19 45.61 -7.22
C ASP F 62 8.19 47.11 -7.50
N GLU F 63 7.25 47.58 -8.32
CA GLU F 63 7.17 49.02 -8.62
C GLU F 63 6.91 49.82 -7.36
N VAL F 64 5.99 49.35 -6.51
CA VAL F 64 5.67 50.07 -5.29
C VAL F 64 6.89 50.14 -4.39
N ILE F 65 7.64 49.05 -4.26
CA ILE F 65 8.83 49.05 -3.41
C ILE F 65 9.90 49.98 -3.99
N HIS F 66 10.01 50.03 -5.32
CA HIS F 66 10.97 50.96 -5.92
C HIS F 66 10.62 52.41 -5.61
N GLU F 67 9.33 52.77 -5.74
CA GLU F 67 8.92 54.12 -5.37
C GLU F 67 9.17 54.40 -3.89
N ALA F 68 8.91 53.42 -3.03
CA ALA F 68 9.16 53.60 -1.61
C ALA F 68 10.63 53.86 -1.35
N ALA F 69 11.51 53.15 -2.06
CA ALA F 69 12.94 53.37 -1.90
C ALA F 69 13.34 54.76 -2.40
N LEU F 70 12.63 55.28 -3.39
CA LEU F 70 13.00 56.58 -3.96
C LEU F 70 12.88 57.70 -2.94
N LEU F 71 11.80 57.71 -2.15
CA LEU F 71 11.57 58.83 -1.25
C LEU F 71 11.95 58.46 0.18
N PRO F 72 12.37 59.43 1.00
CA PRO F 72 12.77 59.11 2.37
C PRO F 72 11.57 58.73 3.23
N ILE F 73 11.81 57.84 4.18
CA ILE F 73 10.73 57.27 4.98
C ILE F 73 10.49 58.14 6.21
N THR F 74 9.22 58.30 6.57
CA THR F 74 8.80 59.10 7.70
C THR F 74 7.74 58.33 8.46
N PRO F 75 7.53 58.66 9.74
CA PRO F 75 6.52 57.91 10.53
C PRO F 75 5.12 57.95 9.95
N GLU F 76 4.72 59.05 9.33
CA GLU F 76 3.35 59.15 8.83
C GLU F 76 3.13 58.30 7.59
N THR F 77 4.14 58.21 6.72
CA THR F 77 3.98 57.47 5.47
C THR F 77 4.20 55.97 5.65
N LYS F 78 4.75 55.55 6.78
CA LYS F 78 5.03 54.13 7.00
C LYS F 78 3.73 53.32 6.99
N LEU F 79 2.70 53.84 7.65
CA LEU F 79 1.43 53.13 7.70
C LEU F 79 0.83 52.98 6.31
N ILE F 80 0.86 54.04 5.50
CA ILE F 80 0.28 53.98 4.17
C ILE F 80 1.04 53.00 3.29
N TRP F 81 2.38 53.03 3.37
CA TRP F 81 3.18 52.06 2.62
C TRP F 81 2.81 50.64 3.03
N TRP F 82 2.58 50.43 4.33
CA TRP F 82 2.23 49.09 4.78
C TRP F 82 0.86 48.66 4.31
N GLU F 83 -0.11 49.59 4.25
CA GLU F 83 -1.41 49.22 3.70
C GLU F 83 -1.30 48.83 2.23
N ILE F 84 -0.49 49.57 1.46
CA ILE F 84 -0.32 49.22 0.04
C ILE F 84 0.30 47.83 -0.09
N ILE F 85 1.37 47.58 0.66
CA ILE F 85 2.06 46.30 0.58
C ILE F 85 1.12 45.17 1.00
N GLU F 86 0.35 45.40 2.07
CA GLU F 86 -0.56 44.38 2.57
C GLU F 86 -1.64 44.05 1.54
N ALA F 87 -2.22 45.08 0.92
CA ALA F 87 -3.25 44.84 -0.08
C ALA F 87 -2.72 44.01 -1.23
N ILE F 88 -1.57 44.42 -1.79
CA ILE F 88 -1.02 43.71 -2.94
C ILE F 88 -0.66 42.28 -2.56
N ALA F 89 -0.03 42.09 -1.40
CA ALA F 89 0.43 40.77 -0.99
C ALA F 89 -0.75 39.82 -0.74
N LEU F 90 -1.79 40.30 -0.06
CA LEU F 90 -2.94 39.44 0.20
C LEU F 90 -3.65 39.06 -1.10
N ALA F 91 -3.78 40.02 -2.02
CA ALA F 91 -4.37 39.69 -3.32
C ALA F 91 -3.55 38.63 -4.04
N ALA F 92 -2.23 38.78 -4.04
CA ALA F 92 -1.38 37.82 -4.73
C ALA F 92 -1.44 36.44 -4.10
N LEU F 93 -1.49 36.37 -2.76
CA LEU F 93 -1.56 35.07 -2.10
C LEU F 93 -2.87 34.37 -2.41
N HIS F 94 -3.99 35.09 -2.35
CA HIS F 94 -5.25 34.46 -2.70
C HIS F 94 -5.27 33.99 -4.14
N LYS F 95 -4.71 34.78 -5.06
CA LYS F 95 -4.60 34.32 -6.43
C LYS F 95 -3.72 33.08 -6.55
N LEU F 96 -2.70 32.97 -5.70
CA LEU F 96 -1.89 31.75 -5.67
C LEU F 96 -2.72 30.55 -5.28
N LEU F 97 -3.74 30.76 -4.44
CA LEU F 97 -4.61 29.64 -4.10
C LEU F 97 -5.52 29.23 -5.26
N ASP F 98 -5.72 30.11 -6.23
CA ASP F 98 -6.70 29.91 -7.31
C ASP F 98 -6.09 29.32 -8.57
N GLY F 99 -5.34 28.22 -8.47
CA GLY F 99 -4.90 27.54 -9.67
C GLY F 99 -3.47 27.78 -10.10
N GLY F 100 -2.87 26.78 -10.75
CA GLY F 100 -1.51 26.82 -11.24
C GLY F 100 -0.78 25.56 -10.87
N ASN F 101 0.55 25.60 -10.98
CA ASN F 101 1.40 24.49 -10.57
C ASN F 101 1.76 24.63 -9.10
N ILE F 102 1.73 23.51 -8.37
CA ILE F 102 1.84 23.56 -6.91
C ILE F 102 3.20 24.07 -6.49
N GLU F 103 4.27 23.52 -7.06
CA GLU F 103 5.61 23.90 -6.64
C GLU F 103 5.91 25.35 -7.00
N VAL F 104 5.50 25.79 -8.19
CA VAL F 104 5.70 27.17 -8.59
C VAL F 104 4.93 28.10 -7.67
N ASN F 105 3.71 27.71 -7.29
CA ASN F 105 2.92 28.55 -6.39
C ASN F 105 3.56 28.67 -5.01
N ILE F 106 4.10 27.57 -4.49
CA ILE F 106 4.79 27.63 -3.19
C ILE F 106 6.02 28.52 -3.28
N LEU F 107 6.79 28.39 -4.36
CA LEU F 107 7.95 29.24 -4.55
C LEU F 107 7.53 30.71 -4.61
N LEU F 108 6.44 31.02 -5.31
CA LEU F 108 5.98 32.40 -5.40
C LEU F 108 5.51 32.94 -4.05
N ALA F 109 4.87 32.08 -3.25
CA ALA F 109 4.49 32.50 -1.90
C ALA F 109 5.73 32.86 -1.08
N LEU F 110 6.76 32.03 -1.15
CA LEU F 110 7.99 32.34 -0.43
C LEU F 110 8.63 33.62 -0.96
N ARG F 111 8.54 33.85 -2.27
CA ARG F 111 9.09 35.08 -2.86
C ARG F 111 8.36 36.32 -2.36
N ILE F 112 7.03 36.25 -2.26
CA ILE F 112 6.27 37.36 -1.71
C ILE F 112 6.66 37.62 -0.26
N LEU F 113 6.82 36.55 0.52
CA LEU F 113 7.25 36.71 1.90
C LEU F 113 8.63 37.36 1.98
N GLU F 114 9.55 36.94 1.11
CA GLU F 114 10.89 37.52 1.11
C GLU F 114 10.87 39.00 0.74
N LYS F 115 10.01 39.37 -0.22
CA LYS F 115 9.87 40.79 -0.56
C LYS F 115 9.35 41.59 0.63
N ALA F 116 8.37 41.02 1.35
CA ALA F 116 7.87 41.69 2.55
C ALA F 116 8.98 41.85 3.59
N ILE F 117 9.82 40.83 3.76
CA ILE F 117 10.91 40.91 4.72
C ILE F 117 11.94 41.96 4.30
N ASN F 118 12.22 42.06 3.00
CA ASN F 118 13.14 43.09 2.52
C ASN F 118 12.58 44.48 2.77
N PHE F 119 11.28 44.67 2.56
CA PHE F 119 10.67 45.95 2.88
C PHE F 119 10.73 46.22 4.38
N LEU F 120 10.56 45.18 5.20
CA LEU F 120 10.72 45.33 6.64
C LEU F 120 12.12 45.83 6.99
N LYS F 121 13.14 45.26 6.34
CA LYS F 121 14.51 45.74 6.57
C LYS F 121 14.66 47.20 6.16
N MET F 122 14.11 47.56 5.01
CA MET F 122 14.30 48.92 4.50
C MET F 122 13.59 49.95 5.37
N VAL F 123 12.39 49.64 5.84
CA VAL F 123 11.60 50.59 6.62
C VAL F 123 12.17 50.82 8.01
N GLY F 124 13.01 49.92 8.52
CA GLY F 124 13.60 50.10 9.82
C GLY F 124 12.69 49.73 10.97
N MET F 125 12.49 50.68 11.89
CA MET F 125 11.68 50.44 13.07
C MET F 125 10.22 50.22 12.68
N VAL F 126 9.55 49.35 13.44
CA VAL F 126 8.16 48.98 13.17
C VAL F 126 7.35 49.17 14.44
N GLY F 127 6.19 49.82 14.33
CA GLY F 127 5.31 50.04 15.45
C GLY F 127 4.33 48.90 15.64
N GLU F 128 3.25 49.20 16.38
CA GLU F 128 2.26 48.17 16.66
C GLU F 128 1.42 47.83 15.44
N LYS F 129 0.97 48.84 14.71
CA LYS F 129 0.14 48.60 13.52
C LYS F 129 0.94 47.87 12.45
N GLU F 130 2.19 48.29 12.24
CA GLU F 130 3.06 47.62 11.27
C GLU F 130 3.36 46.19 11.70
N PHE F 131 3.56 45.96 12.99
CA PHE F 131 3.74 44.60 13.50
C PHE F 131 2.52 43.75 13.19
N GLU F 132 1.33 44.28 13.43
CA GLU F 132 0.10 43.53 13.17
C GLU F 132 -0.03 43.20 11.68
N ILE F 133 0.27 44.17 10.81
CA ILE F 133 0.17 43.95 9.38
C ILE F 133 1.17 42.88 8.92
N ALA F 134 2.41 42.97 9.41
CA ALA F 134 3.42 41.99 9.03
C ALA F 134 3.05 40.58 9.49
N VAL F 135 2.52 40.46 10.71
CA VAL F 135 2.09 39.15 11.19
C VAL F 135 0.93 38.64 10.35
N LYS F 136 0.04 39.53 9.92
CA LYS F 136 -1.06 39.12 9.04
C LYS F 136 -0.53 38.55 7.73
N ILE F 137 0.45 39.23 7.13
CA ILE F 137 1.03 38.74 5.88
C ILE F 137 1.69 37.38 6.08
N LEU F 138 2.44 37.25 7.18
CA LEU F 138 3.12 35.99 7.47
C LEU F 138 2.13 34.85 7.65
N GLU F 139 1.04 35.10 8.37
CA GLU F 139 0.05 34.05 8.60
C GLU F 139 -0.66 33.67 7.32
N ALA F 140 -1.00 34.65 6.48
CA ALA F 140 -1.63 34.34 5.20
C ALA F 140 -0.71 33.48 4.33
N ALA F 141 0.58 33.84 4.29
CA ALA F 141 1.53 33.06 3.51
C ALA F 141 1.66 31.64 4.07
N LEU F 142 1.69 31.50 5.40
CA LEU F 142 1.82 30.18 6.00
C LEU F 142 0.62 29.31 5.68
N HIS F 143 -0.60 29.87 5.77
CA HIS F 143 -1.79 29.09 5.49
C HIS F 143 -1.84 28.67 4.02
N VAL F 144 -1.47 29.58 3.12
CA VAL F 144 -1.41 29.23 1.70
C VAL F 144 -0.42 28.09 1.47
N VAL F 145 0.76 28.20 2.08
CA VAL F 145 1.81 27.20 1.86
C VAL F 145 1.37 25.84 2.39
N LEU F 146 0.76 25.80 3.56
CA LEU F 146 0.32 24.51 4.12
C LEU F 146 -0.77 23.89 3.25
N THR F 147 -1.75 24.71 2.82
CA THR F 147 -2.81 24.20 1.97
C THR F 147 -2.25 23.61 0.68
N LEU F 148 -1.31 24.31 0.05
CA LEU F 148 -0.75 23.80 -1.19
C LEU F 148 0.15 22.58 -0.95
N SER F 149 0.87 22.56 0.16
CA SER F 149 1.82 21.48 0.41
C SER F 149 1.11 20.18 0.76
N ARG F 150 -0.16 20.26 1.17
CA ARG F 150 -0.91 19.03 1.38
C ARG F 150 -0.92 18.09 0.17
N LEU F 151 -0.60 18.60 -1.02
CA LEU F 151 -0.66 17.81 -2.24
C LEU F 151 0.69 17.42 -2.81
N LEU F 152 1.76 17.51 -2.02
CA LEU F 152 3.11 17.22 -2.48
C LEU F 152 3.52 15.81 -2.07
N ASN F 153 4.66 15.38 -2.60
CA ASN F 153 5.26 14.11 -2.20
C ASN F 153 5.93 14.26 -0.84
N GLU F 154 6.40 13.14 -0.30
CA GLU F 154 6.95 13.13 1.05
C GLU F 154 8.15 14.05 1.18
N LEU F 155 9.16 13.83 0.32
CA LEU F 155 10.39 14.62 0.40
C LEU F 155 10.13 16.09 0.12
N GLU F 156 9.30 16.39 -0.88
CA GLU F 156 8.99 17.77 -1.20
C GLU F 156 8.23 18.45 -0.06
N PHE F 157 7.29 17.74 0.56
CA PHE F 157 6.54 18.31 1.68
C PHE F 157 7.47 18.66 2.83
N VAL F 158 8.35 17.73 3.20
CA VAL F 158 9.23 17.98 4.34
C VAL F 158 10.24 19.08 4.01
N LYS F 159 10.71 19.14 2.76
CA LYS F 159 11.61 20.20 2.34
C LYS F 159 10.93 21.56 2.44
N VAL F 160 9.66 21.64 2.00
CA VAL F 160 8.92 22.89 2.08
C VAL F 160 8.73 23.30 3.55
N LEU F 161 8.45 22.33 4.40
CA LEU F 161 8.29 22.62 5.82
C LEU F 161 9.56 23.21 6.42
N VAL F 162 10.71 22.58 6.15
CA VAL F 162 11.98 23.06 6.70
C VAL F 162 12.29 24.45 6.15
N GLU F 163 12.06 24.66 4.85
CA GLU F 163 12.32 25.95 4.23
C GLU F 163 11.48 27.04 4.88
N PHE F 164 10.20 26.75 5.16
CA PHE F 164 9.35 27.76 5.76
C PHE F 164 9.74 28.02 7.21
N ILE F 165 10.21 27.00 7.92
CA ILE F 165 10.69 27.22 9.28
C ILE F 165 11.89 28.17 9.28
N ASN F 166 12.81 27.96 8.34
CA ASN F 166 13.96 28.86 8.23
C ASN F 166 13.52 30.28 7.84
N LEU F 167 12.51 30.38 6.97
CA LEU F 167 12.00 31.70 6.59
C LEU F 167 11.37 32.40 7.79
N ILE F 168 10.64 31.67 8.62
CA ILE F 168 10.09 32.25 9.84
C ILE F 168 11.20 32.74 10.75
N ALA F 169 12.28 31.96 10.85
CA ALA F 169 13.42 32.39 11.65
C ALA F 169 13.99 33.71 11.15
N LYS F 170 14.18 33.82 9.84
CA LYS F 170 14.70 35.07 9.28
C LYS F 170 13.74 36.23 9.52
N PHE F 171 12.44 35.99 9.35
CA PHE F 171 11.44 37.04 9.54
C PHE F 171 11.48 37.56 10.98
N PHE F 172 11.54 36.67 11.95
CA PHE F 172 11.58 37.11 13.34
C PHE F 172 12.93 37.72 13.71
N LYS F 173 14.01 37.32 13.06
CA LYS F 173 15.29 37.96 13.31
C LYS F 173 15.33 39.39 12.78
N VAL F 174 14.69 39.66 11.63
CA VAL F 174 14.66 41.02 11.08
C VAL F 174 13.67 41.92 11.81
N LEU F 175 12.52 41.40 12.23
CA LEU F 175 11.45 42.21 12.80
C LEU F 175 11.65 42.35 14.30
N LYS F 176 11.47 43.57 14.80
CA LYS F 176 11.68 43.89 16.21
C LYS F 176 10.37 44.17 16.91
N GLY F 177 10.28 43.79 18.18
CA GLY F 177 9.08 44.01 18.95
C GLY F 177 9.27 43.46 20.36
N GLU F 178 8.22 43.59 21.15
CA GLU F 178 8.27 43.11 22.53
C GLU F 178 8.36 41.59 22.55
N PRO F 179 9.16 41.00 23.44
CA PRO F 179 9.35 39.55 23.42
C PRO F 179 8.09 38.73 23.60
N GLU F 180 7.14 39.20 24.42
CA GLU F 180 5.95 38.40 24.70
C GLU F 180 5.06 38.25 23.47
N LYS F 181 4.85 39.34 22.73
CA LYS F 181 4.03 39.28 21.53
C LYS F 181 4.66 38.36 20.48
N LYS F 182 5.97 38.48 20.29
CA LYS F 182 6.66 37.62 19.33
C LYS F 182 6.59 36.16 19.77
N LYS F 183 6.70 35.91 21.07
CA LYS F 183 6.60 34.55 21.58
C LYS F 183 5.22 33.96 21.31
N ARG F 184 4.16 34.74 21.54
CA ARG F 184 2.81 34.25 21.27
C ARG F 184 2.59 33.98 19.80
N VAL F 185 3.06 34.88 18.92
CA VAL F 185 2.93 34.67 17.48
C VAL F 185 3.67 33.41 17.06
N LEU F 186 4.89 33.23 17.56
CA LEU F 186 5.67 32.05 17.20
C LEU F 186 4.97 30.77 17.67
N LEU F 187 4.40 30.81 18.87
CA LEU F 187 3.68 29.63 19.36
C LEU F 187 2.50 29.30 18.46
N LYS F 188 1.75 30.32 18.02
CA LYS F 188 0.62 30.05 17.13
C LYS F 188 1.07 29.45 15.81
N LEU F 189 2.12 30.01 15.22
CA LEU F 189 2.61 29.47 13.95
C LEU F 189 3.08 28.03 14.11
N LEU F 190 3.79 27.74 15.20
CA LEU F 190 4.27 26.38 15.43
C LEU F 190 3.12 25.42 15.65
N GLU F 191 2.04 25.87 16.30
CA GLU F 191 0.88 25.00 16.46
C GLU F 191 0.23 24.67 15.12
N ASP F 192 0.12 25.67 14.24
CA ASP F 192 -0.42 25.41 12.90
C ASP F 192 0.42 24.37 12.17
N ILE F 193 1.75 24.59 12.16
CA ILE F 193 2.65 23.67 11.47
C ILE F 193 2.55 22.27 12.06
N LYS F 194 2.52 22.17 13.39
CA LYS F 194 2.47 20.86 14.04
C LYS F 194 1.16 20.15 13.73
N LYS F 195 0.04 20.88 13.70
CA LYS F 195 -1.23 20.24 13.39
C LYS F 195 -1.19 19.62 11.99
N VAL F 196 -0.73 20.39 11.00
CA VAL F 196 -0.66 19.86 9.65
C VAL F 196 0.30 18.67 9.58
N PHE F 197 1.45 18.78 10.26
CA PHE F 197 2.44 17.71 10.18
C PHE F 197 1.97 16.42 10.83
N GLU F 198 1.30 16.52 11.98
CA GLU F 198 0.80 15.31 12.63
C GLU F 198 -0.35 14.69 11.86
N LEU F 199 -1.12 15.50 11.11
CA LEU F 199 -2.08 14.89 10.21
C LEU F 199 -1.39 14.18 9.05
N TRP F 200 -0.33 14.78 8.51
CA TRP F 200 0.29 14.26 7.29
C TRP F 200 1.17 13.04 7.55
N ILE F 201 1.79 12.95 8.73
CA ILE F 201 2.82 11.94 8.97
C ILE F 201 2.27 10.52 8.98
N THR F 202 0.95 10.35 9.16
CA THR F 202 0.38 9.01 9.31
C THR F 202 0.41 8.19 8.03
N ARG F 203 1.03 8.67 6.95
CA ARG F 203 0.99 8.00 5.66
C ARG F 203 2.36 7.55 5.17
N VAL F 204 3.38 7.54 6.03
CA VAL F 204 4.74 7.40 5.54
C VAL F 204 5.48 6.23 6.19
N ASN F 205 4.76 5.30 6.84
CA ASN F 205 5.34 4.06 7.36
C ASN F 205 6.23 4.34 8.58
N PRO F 206 6.19 3.45 9.59
CA PRO F 206 6.71 3.82 10.93
C PRO F 206 8.19 4.16 11.04
N GLU F 207 9.02 3.81 10.06
CA GLU F 207 10.43 4.17 10.10
C GLU F 207 10.70 5.54 9.49
N GLN F 208 10.11 5.83 8.33
CA GLN F 208 10.15 7.18 7.81
C GLN F 208 9.47 8.16 8.75
N GLN F 209 8.47 7.68 9.50
CA GLN F 209 7.86 8.51 10.54
C GLN F 209 8.90 8.97 11.54
N ILE F 210 9.72 8.04 12.04
CA ILE F 210 10.74 8.40 13.03
C ILE F 210 11.75 9.37 12.42
N LEU F 211 12.21 9.08 11.19
CA LEU F 211 13.17 9.95 10.54
C LEU F 211 12.65 11.38 10.41
N PHE F 212 11.45 11.53 9.85
CA PHE F 212 10.91 12.85 9.60
C PHE F 212 10.55 13.56 10.90
N THR F 213 10.04 12.83 11.89
CA THR F 213 9.71 13.44 13.17
C THR F 213 10.96 14.01 13.83
N GLU F 214 12.05 13.23 13.84
CA GLU F 214 13.30 13.74 14.40
C GLU F 214 13.74 15.01 13.68
N LEU F 215 13.73 14.99 12.35
CA LEU F 215 14.19 16.13 11.58
C LEU F 215 13.36 17.39 11.88
N VAL F 216 12.03 17.24 11.80
CA VAL F 216 11.14 18.39 11.96
C VAL F 216 11.19 18.93 13.38
N TYR F 217 11.22 18.03 14.37
CA TYR F 217 11.24 18.48 15.76
C TYR F 217 12.54 19.19 16.09
N SER F 218 13.67 18.69 15.57
CA SER F 218 14.94 19.40 15.77
C SER F 218 14.90 20.77 15.13
N ALA F 219 14.32 20.87 13.93
CA ALA F 219 14.21 22.17 13.26
C ALA F 219 13.39 23.15 14.09
N ILE F 220 12.26 22.68 14.64
CA ILE F 220 11.41 23.55 15.45
C ILE F 220 12.12 23.98 16.72
N GLU F 221 12.84 23.08 17.37
CA GLU F 221 13.56 23.44 18.59
C GLU F 221 14.66 24.46 18.29
N ASP F 222 15.36 24.30 17.18
CA ASP F 222 16.38 25.29 16.82
C ASP F 222 15.75 26.64 16.52
N LEU F 223 14.58 26.65 15.86
CA LEU F 223 13.87 27.90 15.62
C LEU F 223 13.50 28.58 16.94
N LYS F 224 13.00 27.80 17.90
CA LYS F 224 12.66 28.36 19.21
C LYS F 224 13.89 28.96 19.87
N LYS F 225 15.01 28.25 19.83
CA LYS F 225 16.25 28.77 20.42
C LYS F 225 16.63 30.10 19.79
N HIS F 226 16.67 30.13 18.45
CA HIS F 226 17.08 31.35 17.75
C HIS F 226 16.16 32.53 18.10
N THR F 227 14.85 32.29 18.07
CA THR F 227 13.92 33.39 18.30
C THR F 227 13.97 33.89 19.73
N LEU F 228 14.08 32.98 20.71
CA LEU F 228 14.12 33.42 22.10
C LEU F 228 15.44 34.09 22.44
N GLU F 229 16.54 33.72 21.76
CA GLU F 229 17.76 34.50 21.91
C GLU F 229 17.63 35.88 21.27
N VAL F 230 16.88 35.97 20.16
CA VAL F 230 16.60 37.27 19.55
C VAL F 230 15.79 38.14 20.51
N LEU F 231 14.85 37.51 21.24
CA LEU F 231 14.01 38.26 22.16
C LEU F 231 14.81 38.94 23.26
N GLY F 232 15.80 38.25 23.81
CA GLY F 232 16.58 38.76 24.93
C GLY F 232 17.21 40.12 24.71
N ASN G 25 -42.59 24.73 -26.04
CA ASN G 25 -43.00 25.08 -24.69
C ASN G 25 -42.29 24.19 -23.66
N THR G 26 -42.12 24.72 -22.45
CA THR G 26 -41.43 23.97 -21.40
C THR G 26 -42.21 22.72 -21.01
N VAL G 27 -43.54 22.83 -20.90
CA VAL G 27 -44.36 21.70 -20.50
C VAL G 27 -44.20 20.55 -21.49
N GLU G 28 -44.19 20.88 -22.79
CA GLU G 28 -44.00 19.83 -23.79
C GLU G 28 -42.65 19.14 -23.61
N LYS G 29 -41.60 19.91 -23.30
CA LYS G 29 -40.30 19.32 -23.04
C LYS G 29 -40.34 18.39 -21.83
N VAL G 30 -41.07 18.78 -20.78
CA VAL G 30 -41.13 17.96 -19.58
C VAL G 30 -41.85 16.65 -19.87
N LEU G 31 -42.96 16.70 -20.61
CA LEU G 31 -43.65 15.45 -20.96
C LEU G 31 -42.83 14.60 -21.93
N LYS G 32 -42.01 15.21 -22.79
CA LYS G 32 -41.07 14.42 -23.57
C LYS G 32 -40.08 13.70 -22.67
N VAL G 33 -39.55 14.42 -21.67
CA VAL G 33 -38.64 13.78 -20.71
C VAL G 33 -39.34 12.62 -20.04
N LYS G 34 -40.60 12.81 -19.68
CA LYS G 34 -41.37 11.75 -19.03
C LYS G 34 -41.54 10.53 -19.94
N GLU G 35 -41.84 10.77 -21.22
CA GLU G 35 -42.07 9.65 -22.13
C GLU G 35 -40.80 8.82 -22.32
N GLU G 36 -39.68 9.48 -22.62
CA GLU G 36 -38.41 8.76 -22.73
C GLU G 36 -38.00 8.11 -21.41
N ALA G 37 -38.34 8.73 -20.27
CA ALA G 37 -38.02 8.11 -18.99
C ALA G 37 -38.78 6.81 -18.79
N GLU G 38 -40.08 6.79 -19.10
CA GLU G 38 -40.85 5.57 -18.99
C GLU G 38 -40.34 4.51 -19.97
N LYS G 39 -39.97 4.92 -21.19
CA LYS G 39 -39.43 3.96 -22.15
C LYS G 39 -38.15 3.32 -21.62
N ARG G 40 -37.25 4.15 -21.07
CA ARG G 40 -36.01 3.62 -20.51
C ARG G 40 -36.30 2.72 -19.31
N ILE G 41 -37.30 3.05 -18.51
CA ILE G 41 -37.65 2.23 -17.35
C ILE G 41 -38.10 0.86 -17.80
N ALA G 42 -38.94 0.80 -18.83
CA ALA G 42 -39.37 -0.50 -19.36
C ALA G 42 -38.18 -1.29 -19.93
N GLU G 43 -37.31 -0.61 -20.66
CA GLU G 43 -36.13 -1.27 -21.21
C GLU G 43 -35.27 -1.88 -20.11
N ILE G 44 -35.08 -1.13 -19.02
CA ILE G 44 -34.28 -1.64 -17.90
C ILE G 44 -35.01 -2.78 -17.20
N GLU G 45 -36.33 -2.68 -17.09
CA GLU G 45 -37.09 -3.75 -16.46
C GLU G 45 -36.96 -5.05 -17.23
N LYS G 46 -36.70 -4.96 -18.53
CA LYS G 46 -36.47 -6.17 -19.33
C LYS G 46 -34.99 -6.58 -19.43
N LEU G 47 -34.18 -6.31 -18.41
CA LEU G 47 -32.73 -6.50 -18.50
C LEU G 47 -32.21 -7.76 -17.82
N GLU G 48 -33.01 -8.41 -16.97
CA GLU G 48 -32.77 -9.75 -16.42
C GLU G 48 -31.52 -9.84 -15.55
N ASN G 49 -30.79 -8.75 -15.38
CA ASN G 49 -29.63 -8.73 -14.50
C ASN G 49 -29.71 -7.52 -13.58
N ILE G 50 -29.97 -7.77 -12.30
CA ILE G 50 -30.31 -6.70 -11.36
C ILE G 50 -29.16 -5.74 -11.07
N GLU G 51 -27.92 -6.24 -11.01
CA GLU G 51 -26.80 -5.37 -10.68
C GLU G 51 -26.61 -4.27 -11.70
N GLU G 52 -26.74 -4.59 -13.00
CA GLU G 52 -26.65 -3.61 -14.05
C GLU G 52 -27.92 -2.78 -14.20
N ALA G 53 -29.03 -3.21 -13.61
CA ALA G 53 -30.29 -2.50 -13.72
C ALA G 53 -30.38 -1.35 -12.74
N VAL G 54 -29.92 -1.54 -11.50
CA VAL G 54 -29.95 -0.45 -10.52
C VAL G 54 -29.02 0.68 -10.96
N LEU G 55 -27.85 0.32 -11.48
CA LEU G 55 -26.92 1.36 -11.97
C LEU G 55 -27.52 2.12 -13.14
N LYS G 56 -28.21 1.41 -14.04
CA LYS G 56 -28.86 2.08 -15.17
C LYS G 56 -29.97 3.01 -14.69
N LEU G 57 -30.75 2.58 -13.70
CA LEU G 57 -31.78 3.44 -13.15
C LEU G 57 -31.19 4.68 -12.47
N LEU G 58 -30.06 4.51 -11.78
CA LEU G 58 -29.40 5.66 -11.16
C LEU G 58 -28.87 6.62 -12.22
N GLU G 59 -28.33 6.10 -13.31
CA GLU G 59 -27.89 6.95 -14.40
C GLU G 59 -29.07 7.70 -15.03
N LEU G 60 -30.21 7.02 -15.18
CA LEU G 60 -31.40 7.69 -15.69
C LEU G 60 -31.87 8.81 -14.76
N LEU G 61 -31.83 8.55 -13.45
CA LEU G 61 -32.17 9.59 -12.49
C LEU G 61 -31.24 10.79 -12.63
N ASP G 62 -29.94 10.53 -12.80
CA ASP G 62 -28.99 11.61 -12.97
C ASP G 62 -29.30 12.43 -14.22
N GLU G 63 -29.61 11.76 -15.33
CA GLU G 63 -29.97 12.46 -16.56
C GLU G 63 -31.21 13.31 -16.37
N VAL G 64 -32.22 12.77 -15.70
CA VAL G 64 -33.45 13.51 -15.47
C VAL G 64 -33.18 14.76 -14.64
N ILE G 65 -32.36 14.62 -13.59
CA ILE G 65 -32.07 15.77 -12.73
C ILE G 65 -31.25 16.81 -13.48
N HIS G 66 -30.32 16.37 -14.34
CA HIS G 66 -29.59 17.33 -15.16
C HIS G 66 -30.51 18.11 -16.07
N GLU G 67 -31.45 17.42 -16.72
CA GLU G 67 -32.42 18.10 -17.57
C GLU G 67 -33.26 19.08 -16.76
N ALA G 68 -33.70 18.67 -15.57
CA ALA G 68 -34.51 19.55 -14.72
C ALA G 68 -33.73 20.81 -14.35
N ALA G 69 -32.44 20.66 -14.08
CA ALA G 69 -31.61 21.82 -13.77
C ALA G 69 -31.42 22.71 -14.99
N LEU G 70 -31.49 22.12 -16.19
CA LEU G 70 -31.26 22.90 -17.40
C LEU G 70 -32.31 23.99 -17.59
N LEU G 71 -33.60 23.66 -17.39
CA LEU G 71 -34.65 24.64 -17.62
C LEU G 71 -35.17 25.18 -16.29
N PRO G 72 -35.70 26.40 -16.25
CA PRO G 72 -36.15 26.95 -14.96
C PRO G 72 -37.50 26.41 -14.52
N ILE G 73 -37.64 26.22 -13.22
CA ILE G 73 -38.78 25.51 -12.67
C ILE G 73 -39.99 26.44 -12.61
N THR G 74 -41.16 25.86 -12.78
CA THR G 74 -42.44 26.55 -12.76
C THR G 74 -43.41 25.71 -11.94
N PRO G 75 -44.47 26.32 -11.41
CA PRO G 75 -45.42 25.55 -10.60
C PRO G 75 -46.06 24.37 -11.34
N GLU G 76 -46.31 24.52 -12.64
CA GLU G 76 -46.99 23.44 -13.38
C GLU G 76 -46.04 22.27 -13.66
N THR G 77 -44.78 22.56 -13.93
CA THR G 77 -43.83 21.49 -14.26
C THR G 77 -43.28 20.78 -13.03
N LYS G 78 -43.45 21.36 -11.84
CA LYS G 78 -42.94 20.75 -10.62
C LYS G 78 -43.57 19.40 -10.38
N LEU G 79 -44.89 19.30 -10.57
CA LEU G 79 -45.57 18.04 -10.35
C LEU G 79 -45.08 16.96 -11.31
N ILE G 80 -44.91 17.31 -12.58
CA ILE G 80 -44.45 16.33 -13.56
C ILE G 80 -43.03 15.86 -13.24
N TRP G 81 -42.16 16.79 -12.89
CA TRP G 81 -40.80 16.42 -12.49
C TRP G 81 -40.85 15.47 -11.30
N TRP G 82 -41.74 15.74 -10.34
CA TRP G 82 -41.84 14.88 -9.17
C TRP G 82 -42.36 13.50 -9.52
N GLU G 83 -43.30 13.40 -10.47
CA GLU G 83 -43.77 12.08 -10.88
C GLU G 83 -42.64 11.29 -11.54
N ILE G 84 -41.84 11.94 -12.38
CA ILE G 84 -40.71 11.23 -13.01
C ILE G 84 -39.75 10.73 -11.94
N ILE G 85 -39.38 11.60 -11.01
CA ILE G 85 -38.44 11.23 -9.95
C ILE G 85 -39.00 10.09 -9.12
N GLU G 86 -40.29 10.17 -8.78
CA GLU G 86 -40.93 9.13 -7.98
C GLU G 86 -40.90 7.79 -8.68
N ALA G 87 -41.25 7.76 -9.97
CA ALA G 87 -41.25 6.52 -10.72
C ALA G 87 -39.87 5.87 -10.73
N ILE G 88 -38.85 6.67 -11.08
CA ILE G 88 -37.50 6.11 -11.17
C ILE G 88 -37.04 5.62 -9.80
N ALA G 89 -37.28 6.41 -8.75
CA ALA G 89 -36.80 6.06 -7.42
C ALA G 89 -37.46 4.80 -6.90
N LEU G 90 -38.77 4.68 -7.08
CA LEU G 90 -39.48 3.49 -6.59
C LEU G 90 -39.03 2.24 -7.34
N ALA G 91 -38.85 2.36 -8.67
CA ALA G 91 -38.34 1.21 -9.42
C ALA G 91 -36.97 0.80 -8.92
N ALA G 92 -36.08 1.77 -8.70
CA ALA G 92 -34.73 1.46 -8.24
C ALA G 92 -34.74 0.81 -6.86
N LEU G 93 -35.59 1.30 -5.95
CA LEU G 93 -35.64 0.72 -4.61
C LEU G 93 -36.15 -0.72 -4.65
N HIS G 94 -37.23 -0.96 -5.41
CA HIS G 94 -37.70 -2.34 -5.50
C HIS G 94 -36.65 -3.25 -6.12
N LYS G 95 -35.92 -2.77 -7.13
CA LYS G 95 -34.83 -3.57 -7.67
C LYS G 95 -33.75 -3.84 -6.62
N LEU G 96 -33.47 -2.86 -5.76
CA LEU G 96 -32.52 -3.07 -4.68
C LEU G 96 -32.99 -4.20 -3.77
N LEU G 97 -34.30 -4.40 -3.66
CA LEU G 97 -34.78 -5.54 -2.88
C LEU G 97 -34.55 -6.87 -3.61
N ASP G 98 -34.34 -6.85 -4.92
CA ASP G 98 -34.28 -8.07 -5.74
C ASP G 98 -32.84 -8.55 -5.96
N GLY G 99 -32.05 -8.72 -4.92
CA GLY G 99 -30.75 -9.34 -5.09
C GLY G 99 -29.56 -8.42 -5.17
N GLY G 100 -28.42 -8.86 -4.66
CA GLY G 100 -27.18 -8.13 -4.64
C GLY G 100 -26.48 -8.27 -3.31
N ASN G 101 -25.49 -7.41 -3.09
CA ASN G 101 -24.79 -7.37 -1.81
C ASN G 101 -25.53 -6.45 -0.84
N ILE G 102 -25.66 -6.90 0.40
CA ILE G 102 -26.52 -6.21 1.38
C ILE G 102 -26.01 -4.80 1.65
N GLU G 103 -24.71 -4.68 1.93
CA GLU G 103 -24.16 -3.37 2.29
C GLU G 103 -24.17 -2.42 1.11
N VAL G 104 -23.84 -2.92 -0.09
CA VAL G 104 -23.89 -2.09 -1.28
C VAL G 104 -25.32 -1.62 -1.55
N ASN G 105 -26.29 -2.51 -1.35
CA ASN G 105 -27.69 -2.15 -1.57
C ASN G 105 -28.16 -1.09 -0.58
N ILE G 106 -27.77 -1.22 0.69
CA ILE G 106 -28.14 -0.20 1.67
C ILE G 106 -27.51 1.14 1.31
N LEU G 107 -26.23 1.12 0.91
CA LEU G 107 -25.59 2.35 0.46
C LEU G 107 -26.34 2.97 -0.70
N LEU G 108 -26.70 2.17 -1.71
CA LEU G 108 -27.39 2.68 -2.88
C LEU G 108 -28.74 3.28 -2.52
N ALA G 109 -29.47 2.65 -1.59
CA ALA G 109 -30.73 3.21 -1.14
C ALA G 109 -30.51 4.59 -0.52
N LEU G 110 -29.45 4.72 0.29
CA LEU G 110 -29.14 6.03 0.87
C LEU G 110 -28.79 7.05 -0.21
N ARG G 111 -28.10 6.63 -1.27
CA ARG G 111 -27.75 7.57 -2.34
C ARG G 111 -28.98 8.02 -3.11
N ILE G 112 -29.94 7.11 -3.32
CA ILE G 112 -31.20 7.50 -3.96
C ILE G 112 -31.91 8.54 -3.11
N LEU G 113 -31.96 8.31 -1.80
CA LEU G 113 -32.58 9.29 -0.91
C LEU G 113 -31.85 10.63 -0.96
N GLU G 114 -30.52 10.61 -0.99
CA GLU G 114 -29.76 11.86 -1.03
C GLU G 114 -30.01 12.62 -2.33
N LYS G 115 -30.11 11.90 -3.46
CA LYS G 115 -30.43 12.56 -4.72
C LYS G 115 -31.82 13.18 -4.67
N ALA G 116 -32.79 12.49 -4.07
CA ALA G 116 -34.11 13.06 -3.90
C ALA G 116 -34.07 14.32 -3.05
N ILE G 117 -33.25 14.33 -2.00
CA ILE G 117 -33.13 15.49 -1.13
C ILE G 117 -32.49 16.66 -1.88
N ASN G 118 -31.49 16.38 -2.71
CA ASN G 118 -30.87 17.43 -3.50
C ASN G 118 -31.86 18.04 -4.49
N PHE G 119 -32.68 17.19 -5.12
CA PHE G 119 -33.74 17.70 -5.99
C PHE G 119 -34.73 18.55 -5.20
N LEU G 120 -35.06 18.11 -3.98
CA LEU G 120 -35.91 18.90 -3.09
C LEU G 120 -35.31 20.28 -2.84
N LYS G 121 -34.01 20.34 -2.59
CA LYS G 121 -33.34 21.61 -2.38
C LYS G 121 -33.45 22.50 -3.61
N MET G 122 -33.16 21.94 -4.78
CA MET G 122 -33.11 22.76 -5.99
C MET G 122 -34.50 23.25 -6.39
N VAL G 123 -35.53 22.44 -6.18
CA VAL G 123 -36.89 22.84 -6.50
C VAL G 123 -37.37 24.00 -5.64
N GLY G 124 -37.16 23.95 -4.32
CA GLY G 124 -37.59 25.03 -3.45
C GLY G 124 -38.89 24.76 -2.72
N MET G 125 -39.90 25.59 -2.97
CA MET G 125 -41.17 25.49 -2.27
C MET G 125 -41.88 24.19 -2.67
N VAL G 126 -42.62 23.63 -1.71
CA VAL G 126 -43.25 22.33 -1.84
C VAL G 126 -44.72 22.44 -1.47
N GLY G 127 -45.60 21.94 -2.34
CA GLY G 127 -47.01 21.86 -2.07
C GLY G 127 -47.37 20.57 -1.35
N GLU G 128 -48.67 20.30 -1.30
CA GLU G 128 -49.14 19.10 -0.61
C GLU G 128 -48.90 17.84 -1.43
N LYS G 129 -49.05 17.93 -2.75
CA LYS G 129 -48.83 16.75 -3.60
C LYS G 129 -47.35 16.37 -3.62
N GLU G 130 -46.47 17.36 -3.74
CA GLU G 130 -45.03 17.08 -3.70
C GLU G 130 -44.62 16.59 -2.32
N PHE G 131 -45.23 17.12 -1.25
CA PHE G 131 -44.99 16.60 0.09
C PHE G 131 -45.35 15.12 0.16
N GLU G 132 -46.51 14.76 -0.37
CA GLU G 132 -46.94 13.37 -0.36
C GLU G 132 -45.96 12.48 -1.13
N ILE G 133 -45.52 12.93 -2.30
CA ILE G 133 -44.60 12.13 -3.10
C ILE G 133 -43.27 11.94 -2.37
N ALA G 134 -42.74 13.02 -1.79
CA ALA G 134 -41.47 12.93 -1.08
C ALA G 134 -41.58 12.00 0.13
N VAL G 135 -42.69 12.08 0.87
CA VAL G 135 -42.87 11.20 2.02
C VAL G 135 -42.96 9.75 1.57
N LYS G 136 -43.63 9.48 0.44
CA LYS G 136 -43.69 8.11 -0.05
C LYS G 136 -42.31 7.60 -0.43
N ILE G 137 -41.50 8.44 -1.07
CA ILE G 137 -40.13 8.02 -1.42
C ILE G 137 -39.35 7.71 -0.15
N LEU G 138 -39.47 8.57 0.86
CA LEU G 138 -38.75 8.36 2.11
C LEU G 138 -39.18 7.07 2.79
N GLU G 139 -40.49 6.79 2.79
CA GLU G 139 -40.99 5.57 3.44
C GLU G 139 -40.54 4.32 2.69
N ALA G 140 -40.54 4.37 1.35
CA ALA G 140 -40.05 3.24 0.58
C ALA G 140 -38.58 2.96 0.89
N ALA G 141 -37.77 4.02 0.94
CA ALA G 141 -36.36 3.86 1.27
C ALA G 141 -36.18 3.29 2.67
N LEU G 142 -36.98 3.77 3.63
CA LEU G 142 -36.88 3.28 5.00
C LEU G 142 -37.21 1.79 5.09
N HIS G 143 -38.28 1.37 4.40
CA HIS G 143 -38.66 -0.03 4.45
C HIS G 143 -37.61 -0.92 3.79
N VAL G 144 -37.06 -0.47 2.66
CA VAL G 144 -35.98 -1.23 2.01
C VAL G 144 -34.79 -1.37 2.94
N VAL G 145 -34.42 -0.26 3.60
CA VAL G 145 -33.25 -0.27 4.46
C VAL G 145 -33.46 -1.20 5.66
N LEU G 146 -34.64 -1.16 6.28
CA LEU G 146 -34.91 -2.05 7.40
C LEU G 146 -34.88 -3.51 6.98
N THR G 147 -35.52 -3.82 5.85
CA THR G 147 -35.55 -5.19 5.36
C THR G 147 -34.15 -5.72 5.08
N LEU G 148 -33.30 -4.89 4.46
CA LEU G 148 -31.95 -5.35 4.14
C LEU G 148 -31.06 -5.40 5.38
N SER G 149 -31.24 -4.47 6.32
CA SER G 149 -30.39 -4.44 7.50
C SER G 149 -30.75 -5.55 8.48
N ARG G 150 -31.91 -6.16 8.31
CA ARG G 150 -32.24 -7.35 9.10
C ARG G 150 -31.17 -8.44 9.04
N LEU G 151 -30.33 -8.42 8.01
CA LEU G 151 -29.35 -9.48 7.78
C LEU G 151 -27.91 -9.06 8.05
N LEU G 152 -27.68 -7.96 8.74
CA LEU G 152 -26.36 -7.46 9.03
C LEU G 152 -25.89 -7.91 10.41
N ASN G 153 -24.62 -7.63 10.72
CA ASN G 153 -24.08 -7.87 12.04
C ASN G 153 -24.53 -6.76 12.99
N GLU G 154 -24.17 -6.92 14.27
CA GLU G 154 -24.67 -5.99 15.29
C GLU G 154 -24.17 -4.58 15.05
N LEU G 155 -22.86 -4.41 14.91
CA LEU G 155 -22.29 -3.09 14.72
C LEU G 155 -22.77 -2.46 13.43
N GLU G 156 -22.80 -3.23 12.34
CA GLU G 156 -23.25 -2.69 11.06
C GLU G 156 -24.72 -2.31 11.10
N PHE G 157 -25.54 -3.12 11.77
CA PHE G 157 -26.96 -2.80 11.89
C PHE G 157 -27.16 -1.47 12.63
N VAL G 158 -26.50 -1.32 13.77
CA VAL G 158 -26.67 -0.08 14.54
C VAL G 158 -26.10 1.12 13.79
N LYS G 159 -25.01 0.92 13.05
CA LYS G 159 -24.45 2.00 12.24
C LYS G 159 -25.44 2.44 11.16
N VAL G 160 -26.08 1.48 10.49
CA VAL G 160 -27.06 1.80 9.47
C VAL G 160 -28.24 2.54 10.09
N LEU G 161 -28.67 2.11 11.28
CA LEU G 161 -29.77 2.79 11.96
C LEU G 161 -29.43 4.25 12.25
N VAL G 162 -28.26 4.50 12.82
CA VAL G 162 -27.87 5.86 13.16
C VAL G 162 -27.73 6.72 11.91
N GLU G 163 -27.14 6.14 10.85
CA GLU G 163 -27.00 6.87 9.59
C GLU G 163 -28.35 7.25 9.01
N PHE G 164 -29.32 6.33 9.06
CA PHE G 164 -30.63 6.65 8.50
C PHE G 164 -31.37 7.67 9.36
N ILE G 165 -31.17 7.64 10.68
CA ILE G 165 -31.78 8.66 11.52
C ILE G 165 -31.24 10.04 11.18
N ASN G 166 -29.92 10.14 10.98
CA ASN G 166 -29.34 11.41 10.57
C ASN G 166 -29.87 11.85 9.20
N LEU G 167 -30.04 10.90 8.28
CA LEU G 167 -30.58 11.23 6.97
C LEU G 167 -32.02 11.74 7.06
N ILE G 168 -32.83 11.14 7.95
CA ILE G 168 -34.18 11.63 8.18
C ILE G 168 -34.15 13.05 8.72
N ALA G 169 -33.21 13.33 9.63
CA ALA G 169 -33.07 14.69 10.14
C ALA G 169 -32.76 15.67 9.01
N LYS G 170 -31.84 15.30 8.13
CA LYS G 170 -31.49 16.17 7.01
C LYS G 170 -32.70 16.38 6.08
N PHE G 171 -33.43 15.30 5.79
CA PHE G 171 -34.58 15.40 4.90
C PHE G 171 -35.65 16.33 5.48
N PHE G 172 -35.95 16.19 6.77
CA PHE G 172 -36.95 17.05 7.38
C PHE G 172 -36.46 18.49 7.55
N LYS G 173 -35.16 18.70 7.69
CA LYS G 173 -34.65 20.06 7.74
C LYS G 173 -34.74 20.76 6.38
N VAL G 174 -34.46 20.05 5.29
CA VAL G 174 -34.58 20.65 3.96
C VAL G 174 -36.03 20.86 3.53
N LEU G 175 -36.92 19.90 3.79
CA LEU G 175 -38.30 19.95 3.33
C LEU G 175 -39.14 20.81 4.27
N LYS G 176 -40.01 21.63 3.68
CA LYS G 176 -40.84 22.56 4.43
C LYS G 176 -42.31 22.16 4.34
N GLY G 177 -43.04 22.40 5.42
CA GLY G 177 -44.45 22.05 5.47
C GLY G 177 -45.04 22.43 6.81
N GLU G 178 -46.33 22.15 6.94
CA GLU G 178 -47.03 22.47 8.19
C GLU G 178 -46.50 21.59 9.32
N PRO G 179 -46.32 22.14 10.51
CA PRO G 179 -45.70 21.36 11.60
C PRO G 179 -46.44 20.08 11.97
N GLU G 180 -47.77 20.08 11.92
CA GLU G 180 -48.53 18.91 12.38
C GLU G 180 -48.31 17.72 11.45
N LYS G 181 -48.34 17.95 10.14
CA LYS G 181 -48.13 16.86 9.20
C LYS G 181 -46.73 16.27 9.34
N LYS G 182 -45.72 17.14 9.46
CA LYS G 182 -44.36 16.66 9.65
C LYS G 182 -44.23 15.89 10.96
N LYS G 183 -44.91 16.35 12.01
CA LYS G 183 -44.87 15.64 13.28
C LYS G 183 -45.47 14.24 13.15
N ARG G 184 -46.60 14.12 12.44
CA ARG G 184 -47.22 12.82 12.26
C ARG G 184 -46.34 11.88 11.44
N VAL G 185 -45.74 12.39 10.36
CA VAL G 185 -44.84 11.57 9.54
C VAL G 185 -43.65 11.11 10.36
N LEU G 186 -43.06 12.02 11.14
CA LEU G 186 -41.89 11.67 11.94
C LEU G 186 -42.24 10.62 12.99
N LEU G 187 -43.41 10.75 13.61
CA LEU G 187 -43.83 9.76 14.59
C LEU G 187 -43.99 8.39 13.94
N LYS G 188 -44.58 8.34 12.74
CA LYS G 188 -44.74 7.06 12.07
C LYS G 188 -43.39 6.42 11.74
N LEU G 189 -42.45 7.22 11.23
CA LEU G 189 -41.13 6.69 10.93
C LEU G 189 -40.45 6.16 12.19
N LEU G 190 -40.56 6.90 13.29
CA LEU G 190 -39.95 6.46 14.53
C LEU G 190 -40.57 5.17 15.04
N GLU G 191 -41.88 5.01 14.89
CA GLU G 191 -42.51 3.75 15.29
C GLU G 191 -42.01 2.59 14.44
N ASP G 192 -41.84 2.80 13.13
CA ASP G 192 -41.27 1.76 12.28
C ASP G 192 -39.88 1.34 12.76
N ILE G 193 -39.02 2.33 12.99
CA ILE G 193 -37.65 2.05 13.42
C ILE G 193 -37.65 1.34 14.76
N LYS G 194 -38.48 1.79 15.69
CA LYS G 194 -38.54 1.19 17.02
C LYS G 194 -39.05 -0.24 16.97
N LYS G 195 -40.03 -0.51 16.11
CA LYS G 195 -40.50 -1.87 15.91
C LYS G 195 -39.36 -2.80 15.50
N VAL G 196 -38.63 -2.42 14.45
CA VAL G 196 -37.55 -3.29 13.99
C VAL G 196 -36.47 -3.43 15.06
N PHE G 197 -36.10 -2.31 15.71
CA PHE G 197 -35.02 -2.34 16.68
C PHE G 197 -35.38 -3.17 17.91
N GLU G 198 -36.63 -3.08 18.37
CA GLU G 198 -37.03 -3.83 19.55
C GLU G 198 -37.17 -5.31 19.24
N LEU G 199 -37.49 -5.67 17.99
CA LEU G 199 -37.40 -7.08 17.63
C LEU G 199 -35.95 -7.54 17.58
N TRP G 200 -35.05 -6.69 17.10
CA TRP G 200 -33.67 -7.09 16.86
C TRP G 200 -32.83 -7.19 18.13
N ILE G 201 -33.11 -6.32 19.12
CA ILE G 201 -32.19 -6.18 20.24
C ILE G 201 -32.13 -7.41 21.13
N THR G 202 -33.08 -8.34 20.99
CA THR G 202 -33.15 -9.49 21.89
C THR G 202 -32.02 -10.49 21.68
N ARG G 203 -31.10 -10.27 20.74
CA ARG G 203 -30.08 -11.25 20.39
C ARG G 203 -28.67 -10.81 20.77
N VAL G 204 -28.50 -9.74 21.55
CA VAL G 204 -27.20 -9.11 21.65
C VAL G 204 -26.68 -9.04 23.08
N ASN G 205 -27.20 -9.88 24.00
CA ASN G 205 -26.64 -10.02 25.36
C ASN G 205 -26.97 -8.77 26.18
N PRO G 206 -27.38 -8.94 27.46
CA PRO G 206 -27.98 -7.82 28.20
C PRO G 206 -27.12 -6.58 28.43
N GLU G 207 -25.82 -6.65 28.26
CA GLU G 207 -24.99 -5.46 28.40
C GLU G 207 -24.87 -4.67 27.11
N GLN G 208 -24.63 -5.36 25.99
CA GLN G 208 -24.72 -4.69 24.70
C GLN G 208 -26.12 -4.17 24.45
N GLN G 209 -27.13 -4.82 25.03
CA GLN G 209 -28.49 -4.31 24.97
C GLN G 209 -28.58 -2.92 25.57
N ILE G 210 -28.01 -2.72 26.76
CA ILE G 210 -28.03 -1.42 27.40
C ILE G 210 -27.25 -0.41 26.57
N LEU G 211 -26.07 -0.80 26.10
CA LEU G 211 -25.24 0.12 25.31
C LEU G 211 -25.99 0.62 24.08
N PHE G 212 -26.52 -0.30 23.28
CA PHE G 212 -27.17 0.07 22.04
C PHE G 212 -28.48 0.80 22.30
N THR G 213 -29.20 0.41 23.36
CA THR G 213 -30.44 1.11 23.67
C THR G 213 -30.17 2.57 24.01
N GLU G 214 -29.18 2.83 24.86
CA GLU G 214 -28.82 4.21 25.17
C GLU G 214 -28.46 4.98 23.90
N LEU G 215 -27.62 4.39 23.05
CA LEU G 215 -27.18 5.09 21.85
C LEU G 215 -28.35 5.43 20.94
N VAL G 216 -29.20 4.44 20.64
CA VAL G 216 -30.28 4.62 19.68
C VAL G 216 -31.33 5.58 20.24
N TYR G 217 -31.67 5.44 21.53
CA TYR G 217 -32.68 6.33 22.09
C TYR G 217 -32.20 7.76 22.16
N SER G 218 -30.91 7.98 22.47
CA SER G 218 -30.37 9.33 22.44
C SER G 218 -30.42 9.91 21.03
N ALA G 219 -30.11 9.10 20.02
CA ALA G 219 -30.19 9.57 18.64
C ALA G 219 -31.62 9.96 18.28
N ILE G 220 -32.60 9.15 18.69
CA ILE G 220 -34.00 9.45 18.39
C ILE G 220 -34.44 10.73 19.08
N GLU G 221 -34.05 10.91 20.35
CA GLU G 221 -34.42 12.13 21.06
C GLU G 221 -33.80 13.36 20.41
N ASP G 222 -32.55 13.26 19.98
CA ASP G 222 -31.92 14.38 19.26
C ASP G 222 -32.65 14.69 17.97
N LEU G 223 -33.06 13.66 17.24
CA LEU G 223 -33.83 13.87 16.01
C LEU G 223 -35.14 14.59 16.31
N LYS G 224 -35.85 14.15 17.35
CA LYS G 224 -37.09 14.80 17.72
C LYS G 224 -36.86 16.27 18.05
N LYS G 225 -35.83 16.57 18.83
CA LYS G 225 -35.53 17.95 19.17
C LYS G 225 -35.23 18.78 17.93
N HIS G 226 -34.40 18.25 17.04
CA HIS G 226 -34.00 18.99 15.85
C HIS G 226 -35.21 19.33 14.98
N THR G 227 -36.04 18.33 14.66
CA THR G 227 -37.16 18.59 13.77
C THR G 227 -38.25 19.40 14.45
N LEU G 228 -38.43 19.24 15.76
CA LEU G 228 -39.44 20.04 16.46
C LEU G 228 -39.01 21.50 16.54
N GLU G 229 -37.70 21.77 16.64
CA GLU G 229 -37.23 23.14 16.51
C GLU G 229 -37.40 23.65 15.09
N VAL G 230 -37.21 22.78 14.11
CA VAL G 230 -37.43 23.17 12.71
C VAL G 230 -38.88 23.57 12.49
N LEU G 231 -39.81 22.88 13.16
CA LEU G 231 -41.23 23.16 12.98
C LEU G 231 -41.58 24.59 13.40
N GLY G 232 -41.02 25.05 14.51
CA GLY G 232 -41.35 26.35 15.07
C GLY G 232 -41.23 27.53 14.12
N ASN H 25 56.95 37.88 19.88
CA ASN H 25 56.67 36.50 20.26
C ASN H 25 55.50 35.94 19.44
N THR H 26 55.53 34.64 19.16
CA THR H 26 54.47 34.04 18.36
C THR H 26 53.17 33.96 19.14
N VAL H 27 53.24 33.72 20.45
CA VAL H 27 52.04 33.47 21.24
C VAL H 27 51.11 34.68 21.22
N GLU H 28 51.66 35.89 21.42
CA GLU H 28 50.81 37.06 21.39
C GLU H 28 50.16 37.25 20.03
N LYS H 29 50.89 36.91 18.96
CA LYS H 29 50.30 36.94 17.62
C LYS H 29 49.14 35.96 17.51
N VAL H 30 49.28 34.77 18.11
CA VAL H 30 48.23 33.76 17.99
C VAL H 30 46.96 34.21 18.73
N LEU H 31 47.12 34.75 19.94
CA LEU H 31 45.92 35.26 20.63
C LEU H 31 45.36 36.52 19.96
N LYS H 32 46.19 37.31 19.28
CA LYS H 32 45.64 38.42 18.51
C LYS H 32 44.79 37.89 17.35
N VAL H 33 45.25 36.82 16.70
CA VAL H 33 44.48 36.18 15.64
C VAL H 33 43.18 35.64 16.21
N LYS H 34 43.24 35.07 17.41
CA LYS H 34 42.04 34.54 18.06
C LYS H 34 41.04 35.66 18.35
N GLU H 35 41.51 36.79 18.87
CA GLU H 35 40.61 37.91 19.12
C GLU H 35 39.94 38.37 17.82
N GLU H 36 40.74 38.51 16.76
CA GLU H 36 40.19 38.91 15.47
C GLU H 36 39.15 37.89 14.99
N ALA H 37 39.43 36.60 15.17
CA ALA H 37 38.54 35.56 14.66
C ALA H 37 37.20 35.57 15.38
N GLU H 38 37.20 35.64 16.72
CA GLU H 38 35.93 35.74 17.45
C GLU H 38 35.19 37.03 17.13
N LYS H 39 35.89 38.14 16.92
CA LYS H 39 35.19 39.37 16.54
C LYS H 39 34.49 39.19 15.20
N ARG H 40 35.19 38.60 14.22
CA ARG H 40 34.59 38.35 12.92
C ARG H 40 33.44 37.36 13.02
N ILE H 41 33.54 36.39 13.92
CA ILE H 41 32.48 35.40 14.08
C ILE H 41 31.21 36.08 14.58
N ALA H 42 31.36 36.98 15.56
CA ALA H 42 30.19 37.73 16.03
C ALA H 42 29.61 38.60 14.91
N GLU H 43 30.47 39.26 14.15
CA GLU H 43 30.00 40.09 13.04
C GLU H 43 29.20 39.26 12.04
N ILE H 44 29.68 38.06 11.70
CA ILE H 44 28.99 37.21 10.76
C ILE H 44 27.69 36.69 11.37
N GLU H 45 27.69 36.40 12.67
CA GLU H 45 26.48 35.91 13.32
C GLU H 45 25.39 36.96 13.30
N LYS H 46 25.77 38.23 13.22
CA LYS H 46 24.76 39.30 13.10
C LYS H 46 24.42 39.67 11.65
N LEU H 47 24.49 38.73 10.71
CA LEU H 47 24.38 39.06 9.28
C LEU H 47 23.02 38.77 8.67
N GLU H 48 22.15 37.99 9.33
CA GLU H 48 20.75 37.79 8.99
C GLU H 48 20.52 37.11 7.64
N ASN H 49 21.61 36.78 6.93
CA ASN H 49 21.48 36.06 5.67
C ASN H 49 22.42 34.86 5.68
N ILE H 50 21.85 33.66 5.74
CA ILE H 50 22.65 32.46 5.97
C ILE H 50 23.56 32.08 4.81
N GLU H 51 23.12 32.28 3.57
CA GLU H 51 23.93 31.86 2.43
C GLU H 51 25.23 32.63 2.35
N GLU H 52 25.18 33.94 2.63
CA GLU H 52 26.37 34.78 2.66
C GLU H 52 27.20 34.56 3.92
N ALA H 53 26.61 34.05 5.00
CA ALA H 53 27.33 33.83 6.24
C ALA H 53 28.25 32.64 6.19
N VAL H 54 27.82 31.53 5.58
CA VAL H 54 28.66 30.34 5.51
C VAL H 54 29.88 30.61 4.64
N LEU H 55 29.70 31.32 3.52
CA LEU H 55 30.84 31.64 2.67
C LEU H 55 31.82 32.55 3.38
N LYS H 56 31.32 33.52 4.15
CA LYS H 56 32.20 34.38 4.92
C LYS H 56 32.95 33.61 5.99
N LEU H 57 32.28 32.65 6.64
CA LEU H 57 32.98 31.82 7.63
C LEU H 57 34.05 30.96 6.98
N LEU H 58 33.77 30.43 5.79
CA LEU H 58 34.78 29.65 5.07
C LEU H 58 35.97 30.52 4.69
N GLU H 59 35.71 31.76 4.26
CA GLU H 59 36.79 32.68 3.96
C GLU H 59 37.61 32.99 5.21
N LEU H 60 36.96 33.16 6.35
CA LEU H 60 37.66 33.38 7.61
C LEU H 60 38.54 32.19 7.97
N LEU H 61 38.02 30.97 7.79
CA LEU H 61 38.81 29.77 8.04
C LEU H 61 40.03 29.72 7.13
N ASP H 62 39.85 30.09 5.86
CA ASP H 62 40.98 30.13 4.94
C ASP H 62 42.03 31.12 5.40
N GLU H 63 41.61 32.31 5.84
CA GLU H 63 42.56 33.31 6.32
C GLU H 63 43.31 32.80 7.55
N VAL H 64 42.61 32.16 8.47
CA VAL H 64 43.25 31.65 9.68
C VAL H 64 44.28 30.59 9.33
N ILE H 65 43.95 29.69 8.40
CA ILE H 65 44.89 28.64 8.02
C ILE H 65 46.09 29.24 7.28
N HIS H 66 45.87 30.28 6.47
CA HIS H 66 47.01 30.95 5.84
C HIS H 66 47.95 31.55 6.87
N GLU H 67 47.39 32.21 7.89
CA GLU H 67 48.24 32.77 8.95
C GLU H 67 48.97 31.66 9.70
N ALA H 68 48.29 30.55 9.98
CA ALA H 68 48.93 29.44 10.67
C ALA H 68 50.10 28.88 9.88
N ALA H 69 49.92 28.74 8.56
CA ALA H 69 51.01 28.26 7.72
C ALA H 69 52.14 29.27 7.64
N LEU H 70 51.83 30.56 7.82
CA LEU H 70 52.85 31.60 7.72
C LEU H 70 53.92 31.44 8.80
N LEU H 71 53.51 31.15 10.04
CA LEU H 71 54.40 31.07 11.19
C LEU H 71 54.73 29.62 11.52
N PRO H 72 55.88 29.35 12.15
CA PRO H 72 56.22 27.96 12.47
C PRO H 72 55.50 27.46 13.71
N ILE H 73 55.09 26.19 13.66
CA ILE H 73 54.22 25.64 14.69
C ILE H 73 55.05 25.18 15.88
N THR H 74 54.48 25.31 17.07
CA THR H 74 55.11 24.93 18.32
C THR H 74 54.06 24.27 19.19
N PRO H 75 54.48 23.47 20.19
CA PRO H 75 53.49 22.78 21.03
C PRO H 75 52.52 23.71 21.75
N GLU H 76 52.96 24.90 22.14
CA GLU H 76 52.08 25.79 22.90
C GLU H 76 51.01 26.41 22.01
N THR H 77 51.36 26.77 20.77
CA THR H 77 50.41 27.43 19.89
C THR H 77 49.46 26.46 19.20
N LYS H 78 49.77 25.16 19.22
CA LYS H 78 48.93 24.17 18.55
C LYS H 78 47.53 24.16 19.16
N LEU H 79 47.45 24.22 20.49
CA LEU H 79 46.16 24.20 21.15
C LEU H 79 45.32 25.41 20.77
N ILE H 80 45.94 26.60 20.75
CA ILE H 80 45.21 27.82 20.44
C ILE H 80 44.72 27.77 18.99
N TRP H 81 45.58 27.33 18.08
CA TRP H 81 45.16 27.19 16.68
C TRP H 81 43.97 26.24 16.58
N TRP H 82 44.00 25.15 17.33
CA TRP H 82 42.91 24.19 17.27
C TRP H 82 41.61 24.77 17.82
N GLU H 83 41.70 25.58 18.88
CA GLU H 83 40.48 26.23 19.38
C GLU H 83 39.90 27.18 18.35
N ILE H 84 40.75 27.97 17.67
CA ILE H 84 40.24 28.87 16.64
C ILE H 84 39.54 28.08 15.53
N ILE H 85 40.20 27.02 15.05
CA ILE H 85 39.64 26.22 13.98
C ILE H 85 38.33 25.58 14.42
N GLU H 86 38.30 25.05 15.64
CA GLU H 86 37.09 24.41 16.16
C GLU H 86 35.94 25.39 16.23
N ALA H 87 36.18 26.60 16.73
CA ALA H 87 35.12 27.60 16.82
C ALA H 87 34.56 27.92 15.45
N ILE H 88 35.44 28.22 14.49
CA ILE H 88 34.97 28.60 13.16
C ILE H 88 34.21 27.44 12.51
N ALA H 89 34.75 26.23 12.63
CA ALA H 89 34.14 25.08 11.97
C ALA H 89 32.77 24.76 12.56
N LEU H 90 32.64 24.80 13.89
CA LEU H 90 31.36 24.50 14.51
C LEU H 90 30.32 25.55 14.15
N ALA H 91 30.71 26.83 14.15
CA ALA H 91 29.79 27.87 13.73
C ALA H 91 29.33 27.65 12.29
N ALA H 92 30.27 27.31 11.40
CA ALA H 92 29.92 27.12 10.00
C ALA H 92 28.98 25.92 9.82
N LEU H 93 29.24 24.82 10.53
CA LEU H 93 28.36 23.65 10.39
C LEU H 93 26.95 23.96 10.90
N HIS H 94 26.84 24.62 12.06
CA HIS H 94 25.50 24.96 12.53
C HIS H 94 24.79 25.89 11.57
N LYS H 95 25.50 26.86 10.98
CA LYS H 95 24.87 27.70 9.96
C LYS H 95 24.45 26.87 8.75
N LEU H 96 25.21 25.83 8.41
CA LEU H 96 24.79 24.93 7.34
C LEU H 96 23.47 24.27 7.66
N LEU H 97 23.21 24.03 8.94
CA LEU H 97 21.91 23.45 9.31
C LEU H 97 20.77 24.45 9.14
N ASP H 98 21.05 25.75 9.11
CA ASP H 98 20.02 26.79 9.09
C ASP H 98 19.68 27.30 7.70
N GLY H 99 19.36 26.41 6.77
CA GLY H 99 18.84 26.87 5.49
C GLY H 99 19.81 26.90 4.33
N GLY H 100 19.28 26.75 3.11
CA GLY H 100 20.04 26.73 1.88
C GLY H 100 19.63 25.55 1.03
N ASN H 101 20.43 25.28 0.01
CA ASN H 101 20.21 24.10 -0.82
C ASN H 101 20.87 22.88 -0.20
N ILE H 102 20.16 21.76 -0.21
CA ILE H 102 20.59 20.58 0.54
C ILE H 102 21.91 20.05 0.00
N GLU H 103 22.00 19.88 -1.32
CA GLU H 103 23.21 19.31 -1.91
C GLU H 103 24.40 20.23 -1.74
N VAL H 104 24.19 21.53 -1.93
CA VAL H 104 25.28 22.49 -1.72
C VAL H 104 25.73 22.48 -0.26
N ASN H 105 24.77 22.37 0.67
CA ASN H 105 25.13 22.35 2.08
C ASN H 105 25.94 21.10 2.44
N ILE H 106 25.56 19.95 1.89
CA ILE H 106 26.34 18.73 2.14
C ILE H 106 27.75 18.88 1.57
N LEU H 107 27.85 19.43 0.37
CA LEU H 107 29.15 19.67 -0.22
C LEU H 107 30.00 20.57 0.67
N LEU H 108 29.41 21.66 1.18
CA LEU H 108 30.16 22.59 2.02
C LEU H 108 30.60 21.96 3.32
N ALA H 109 29.76 21.10 3.90
CA ALA H 109 30.17 20.35 5.09
C ALA H 109 31.40 19.49 4.80
N LEU H 110 31.39 18.81 3.66
CA LEU H 110 32.55 18.01 3.28
C LEU H 110 33.78 18.89 3.06
N ARG H 111 33.60 20.09 2.51
CA ARG H 111 34.72 21.00 2.30
C ARG H 111 35.33 21.44 3.63
N ILE H 112 34.49 21.74 4.61
CA ILE H 112 34.99 22.09 5.94
C ILE H 112 35.79 20.94 6.53
N LEU H 113 35.26 19.72 6.40
CA LEU H 113 35.99 18.57 6.90
C LEU H 113 37.33 18.40 6.20
N GLU H 114 37.38 18.60 4.89
CA GLU H 114 38.63 18.46 4.15
C GLU H 114 39.64 19.53 4.56
N LYS H 115 39.18 20.75 4.81
CA LYS H 115 40.08 21.79 5.30
C LYS H 115 40.64 21.42 6.67
N ALA H 116 39.79 20.87 7.55
CA ALA H 116 40.28 20.40 8.85
C ALA H 116 41.33 19.31 8.69
N ILE H 117 41.12 18.40 7.74
CA ILE H 117 42.08 17.32 7.52
C ILE H 117 43.40 17.87 6.98
N ASN H 118 43.33 18.85 6.09
CA ASN H 118 44.56 19.48 5.60
C ASN H 118 45.32 20.18 6.71
N PHE H 119 44.61 20.85 7.62
CA PHE H 119 45.28 21.45 8.77
C PHE H 119 45.89 20.37 9.66
N LEU H 120 45.21 19.24 9.79
CA LEU H 120 45.77 18.11 10.52
C LEU H 120 47.09 17.65 9.91
N LYS H 121 47.13 17.56 8.58
CA LYS H 121 48.36 17.20 7.90
C LYS H 121 49.45 18.23 8.18
N MET H 122 49.11 19.51 8.11
CA MET H 122 50.11 20.56 8.28
C MET H 122 50.68 20.57 9.68
N VAL H 123 49.83 20.38 10.70
CA VAL H 123 50.29 20.40 12.09
C VAL H 123 51.22 19.24 12.41
N GLY H 124 50.89 18.02 11.99
CA GLY H 124 51.73 16.88 12.30
C GLY H 124 51.28 16.09 13.51
N MET H 125 52.13 16.02 14.53
CA MET H 125 51.82 15.25 15.73
C MET H 125 50.64 15.88 16.47
N VAL H 126 49.80 15.02 17.03
CA VAL H 126 48.57 15.45 17.69
C VAL H 126 48.51 14.81 19.07
N GLY H 127 48.22 15.63 20.08
CA GLY H 127 48.07 15.17 21.45
C GLY H 127 46.66 14.73 21.75
N GLU H 128 46.35 14.65 23.05
CA GLU H 128 45.03 14.19 23.47
C GLU H 128 43.97 15.27 23.23
N LYS H 129 44.29 16.52 23.58
CA LYS H 129 43.31 17.60 23.42
C LYS H 129 43.00 17.84 21.95
N GLU H 130 44.03 17.84 21.11
CA GLU H 130 43.82 18.01 19.67
C GLU H 130 43.04 16.83 19.10
N PHE H 131 43.30 15.61 19.58
CA PHE H 131 42.50 14.46 19.18
C PHE H 131 41.04 14.66 19.51
N GLU H 132 40.76 15.13 20.73
CA GLU H 132 39.38 15.34 21.15
C GLU H 132 38.71 16.40 20.27
N ILE H 133 39.43 17.49 19.97
CA ILE H 133 38.86 18.55 19.14
C ILE H 133 38.56 18.05 17.74
N ALA H 134 39.51 17.30 17.15
CA ALA H 134 39.31 16.79 15.79
C ALA H 134 38.15 15.82 15.73
N VAL H 135 38.02 14.94 16.74
CA VAL H 135 36.89 14.03 16.76
C VAL H 135 35.58 14.78 16.91
N LYS H 136 35.59 15.86 17.69
CA LYS H 136 34.40 16.68 17.85
C LYS H 136 33.97 17.29 16.51
N ILE H 137 34.94 17.82 15.76
CA ILE H 137 34.64 18.41 14.45
C ILE H 137 34.08 17.34 13.52
N LEU H 138 34.70 16.16 13.51
CA LEU H 138 34.24 15.07 12.65
C LEU H 138 32.81 14.65 13.00
N GLU H 139 32.52 14.55 14.30
CA GLU H 139 31.18 14.16 14.72
C GLU H 139 30.13 15.19 14.35
N ALA H 140 30.46 16.47 14.52
CA ALA H 140 29.53 17.52 14.13
C ALA H 140 29.25 17.47 12.63
N ALA H 141 30.29 17.29 11.83
CA ALA H 141 30.10 17.19 10.38
C ALA H 141 29.25 15.98 10.01
N LEU H 142 29.48 14.85 10.67
CA LEU H 142 28.70 13.64 10.38
C LEU H 142 27.23 13.85 10.71
N HIS H 143 26.94 14.45 11.87
CA HIS H 143 25.54 14.65 12.25
C HIS H 143 24.85 15.62 11.30
N VAL H 144 25.54 16.69 10.91
CA VAL H 144 24.96 17.63 9.94
C VAL H 144 24.67 16.92 8.63
N VAL H 145 25.62 16.09 8.15
CA VAL H 145 25.46 15.42 6.87
C VAL H 145 24.30 14.44 6.91
N LEU H 146 24.17 13.69 8.00
CA LEU H 146 23.06 12.74 8.11
C LEU H 146 21.71 13.45 8.14
N THR H 147 21.62 14.51 8.95
CA THR H 147 20.37 15.27 9.02
C THR H 147 19.98 15.82 7.66
N LEU H 148 20.94 16.38 6.92
CA LEU H 148 20.61 16.93 5.61
C LEU H 148 20.29 15.84 4.60
N SER H 149 21.00 14.71 4.65
CA SER H 149 20.81 13.67 3.64
C SER H 149 19.51 12.93 3.85
N ARG H 150 18.87 13.10 5.00
CA ARG H 150 17.56 12.50 5.21
C ARG H 150 16.56 12.95 4.14
N LEU H 151 16.78 14.12 3.53
CA LEU H 151 15.84 14.70 2.57
C LEU H 151 16.25 14.51 1.11
N LEU H 152 17.22 13.65 0.83
CA LEU H 152 17.69 13.43 -0.53
C LEU H 152 16.99 12.24 -1.17
N ASN H 153 17.23 12.08 -2.46
CA ASN H 153 16.74 10.93 -3.19
C ASN H 153 17.63 9.71 -2.90
N GLU H 154 17.21 8.54 -3.39
CA GLU H 154 17.89 7.30 -3.01
C GLU H 154 19.34 7.29 -3.49
N LEU H 155 19.56 7.54 -4.78
CA LEU H 155 20.92 7.47 -5.32
C LEU H 155 21.82 8.53 -4.71
N GLU H 156 21.30 9.75 -4.56
CA GLU H 156 22.09 10.81 -3.93
C GLU H 156 22.41 10.47 -2.48
N PHE H 157 21.44 9.91 -1.76
CA PHE H 157 21.68 9.54 -0.36
C PHE H 157 22.79 8.51 -0.25
N VAL H 158 22.73 7.44 -1.06
CA VAL H 158 23.74 6.40 -0.95
C VAL H 158 25.09 6.90 -1.42
N LYS H 159 25.11 7.77 -2.43
CA LYS H 159 26.38 8.37 -2.86
C LYS H 159 26.99 9.20 -1.75
N VAL H 160 26.18 9.99 -1.05
CA VAL H 160 26.68 10.80 0.06
C VAL H 160 27.22 9.90 1.17
N LEU H 161 26.52 8.80 1.45
CA LEU H 161 26.99 7.85 2.46
C LEU H 161 28.36 7.29 2.11
N VAL H 162 28.52 6.82 0.87
CA VAL H 162 29.80 6.26 0.45
C VAL H 162 30.91 7.31 0.50
N GLU H 163 30.59 8.53 0.04
CA GLU H 163 31.57 9.61 0.07
C GLU H 163 32.02 9.90 1.49
N PHE H 164 31.09 9.93 2.44
CA PHE H 164 31.46 10.23 3.81
C PHE H 164 32.25 9.11 4.45
N ILE H 165 31.96 7.85 4.08
CA ILE H 165 32.75 6.74 4.60
C ILE H 165 34.19 6.84 4.09
N ASN H 166 34.36 7.18 2.81
CA ASN H 166 35.72 7.37 2.29
C ASN H 166 36.41 8.55 2.97
N LEU H 167 35.67 9.62 3.26
CA LEU H 167 36.25 10.75 3.96
C LEU H 167 36.69 10.37 5.37
N ILE H 168 35.90 9.55 6.06
CA ILE H 168 36.29 9.05 7.38
C ILE H 168 37.58 8.24 7.28
N ALA H 169 37.68 7.41 6.23
CA ALA H 169 38.89 6.62 6.04
C ALA H 169 40.10 7.54 5.88
N LYS H 170 39.97 8.59 5.06
CA LYS H 170 41.08 9.53 4.87
C LYS H 170 41.43 10.23 6.18
N PHE H 171 40.41 10.65 6.93
CA PHE H 171 40.63 11.36 8.19
C PHE H 171 41.40 10.50 9.18
N PHE H 172 41.01 9.23 9.31
CA PHE H 172 41.72 8.34 10.23
C PHE H 172 43.09 7.95 9.70
N LYS H 173 43.28 7.92 8.39
CA LYS H 173 44.62 7.67 7.85
C LYS H 173 45.58 8.81 8.14
N VAL H 174 45.14 10.06 8.03
CA VAL H 174 46.00 11.20 8.32
C VAL H 174 46.32 11.36 9.80
N LEU H 175 45.34 11.12 10.69
CA LEU H 175 45.50 11.37 12.10
C LEU H 175 46.11 10.16 12.79
N LYS H 176 46.96 10.41 13.79
CA LYS H 176 47.62 9.35 14.53
C LYS H 176 47.18 9.35 15.99
N GLY H 177 47.16 8.18 16.60
CA GLY H 177 46.76 8.06 17.99
C GLY H 177 46.80 6.60 18.41
N GLU H 178 46.46 6.38 19.68
CA GLU H 178 46.46 5.03 20.22
C GLU H 178 45.36 4.21 19.56
N PRO H 179 45.63 2.96 19.18
CA PRO H 179 44.64 2.19 18.39
C PRO H 179 43.29 2.01 19.07
N GLU H 180 43.26 1.87 20.40
CA GLU H 180 42.00 1.59 21.08
C GLU H 180 41.05 2.78 20.98
N LYS H 181 41.57 3.99 21.16
CA LYS H 181 40.72 5.18 21.11
C LYS H 181 40.11 5.36 19.72
N LYS H 182 40.92 5.21 18.68
CA LYS H 182 40.39 5.36 17.33
C LYS H 182 39.46 4.21 16.97
N LYS H 183 39.70 3.03 17.54
CA LYS H 183 38.76 1.93 17.36
C LYS H 183 37.39 2.28 17.94
N ARG H 184 37.37 2.84 19.15
CA ARG H 184 36.10 3.22 19.77
C ARG H 184 35.40 4.32 18.99
N VAL H 185 36.16 5.31 18.52
CA VAL H 185 35.57 6.40 17.74
C VAL H 185 34.98 5.85 16.44
N LEU H 186 35.71 4.96 15.76
CA LEU H 186 35.21 4.36 14.54
C LEU H 186 33.93 3.58 14.79
N LEU H 187 33.89 2.83 15.90
CA LEU H 187 32.69 2.08 16.21
C LEU H 187 31.50 3.00 16.42
N LYS H 188 31.71 4.12 17.11
CA LYS H 188 30.60 5.05 17.34
C LYS H 188 30.10 5.66 16.02
N LEU H 189 31.04 6.09 15.16
CA LEU H 189 30.64 6.65 13.87
C LEU H 189 29.87 5.64 13.04
N LEU H 190 30.34 4.39 13.03
CA LEU H 190 29.66 3.36 12.25
C LEU H 190 28.29 3.06 12.81
N GLU H 191 28.12 3.12 14.14
CA GLU H 191 26.80 2.92 14.71
C GLU H 191 25.84 4.02 14.29
N ASP H 192 26.32 5.27 14.27
CA ASP H 192 25.48 6.37 13.81
C ASP H 192 25.05 6.16 12.35
N ILE H 193 26.00 5.83 11.49
CA ILE H 193 25.70 5.62 10.07
C ILE H 193 24.71 4.47 9.90
N LYS H 194 24.93 3.37 10.62
CA LYS H 194 24.05 2.21 10.51
C LYS H 194 22.65 2.52 11.00
N LYS H 195 22.54 3.30 12.08
CA LYS H 195 21.23 3.74 12.56
C LYS H 195 20.46 4.47 11.46
N VAL H 196 21.09 5.49 10.86
CA VAL H 196 20.38 6.25 9.85
C VAL H 196 20.06 5.38 8.63
N PHE H 197 21.01 4.53 8.22
CA PHE H 197 20.79 3.70 7.03
C PHE H 197 19.69 2.67 7.25
N GLU H 198 19.65 2.06 8.44
CA GLU H 198 18.63 1.06 8.71
C GLU H 198 17.26 1.69 8.84
N LEU H 199 17.18 2.96 9.25
CA LEU H 199 15.89 3.63 9.20
C LEU H 199 15.50 3.99 7.77
N TRP H 200 16.47 4.40 6.95
CA TRP H 200 16.17 4.89 5.61
C TRP H 200 15.86 3.78 4.62
N ILE H 201 16.47 2.60 4.78
CA ILE H 201 16.41 1.57 3.75
C ILE H 201 15.00 1.01 3.56
N THR H 202 14.12 1.18 4.53
CA THR H 202 12.80 0.55 4.48
C THR H 202 11.88 1.14 3.41
N ARG H 203 12.35 2.09 2.60
CA ARG H 203 11.49 2.78 1.64
C ARG H 203 11.88 2.52 0.19
N VAL H 204 12.73 1.54 -0.07
CA VAL H 204 13.34 1.43 -1.40
C VAL H 204 13.11 0.09 -2.07
N ASN H 205 12.10 -0.68 -1.64
CA ASN H 205 11.68 -1.91 -2.33
C ASN H 205 12.71 -3.03 -2.15
N PRO H 206 12.26 -4.28 -1.91
CA PRO H 206 13.17 -5.32 -1.40
C PRO H 206 14.36 -5.70 -2.27
N GLU H 207 14.36 -5.37 -3.55
CA GLU H 207 15.52 -5.68 -4.39
C GLU H 207 16.58 -4.59 -4.34
N GLN H 208 16.17 -3.33 -4.43
CA GLN H 208 17.10 -2.23 -4.19
C GLN H 208 17.61 -2.28 -2.76
N GLN H 209 16.83 -2.81 -1.83
CA GLN H 209 17.30 -3.02 -0.47
C GLN H 209 18.53 -3.93 -0.47
N ILE H 210 18.47 -5.05 -1.18
CA ILE H 210 19.61 -5.96 -1.23
C ILE H 210 20.80 -5.28 -1.89
N LEU H 211 20.55 -4.59 -3.02
CA LEU H 211 21.64 -3.90 -3.72
C LEU H 211 22.36 -2.92 -2.81
N PHE H 212 21.60 -2.03 -2.17
CA PHE H 212 22.20 -0.98 -1.36
C PHE H 212 22.83 -1.54 -0.09
N THR H 213 22.21 -2.56 0.51
CA THR H 213 22.79 -3.16 1.70
C THR H 213 24.13 -3.79 1.38
N GLU H 214 24.22 -4.52 0.26
CA GLU H 214 25.50 -5.09 -0.15
C GLU H 214 26.55 -4.00 -0.31
N LEU H 215 26.21 -2.94 -1.05
CA LEU H 215 27.18 -1.88 -1.32
C LEU H 215 27.66 -1.23 -0.03
N VAL H 216 26.73 -0.83 0.85
CA VAL H 216 27.08 -0.08 2.05
C VAL H 216 27.86 -0.96 3.03
N TYR H 217 27.44 -2.22 3.19
CA TYR H 217 28.14 -3.10 4.13
C TYR H 217 29.55 -3.40 3.64
N SER H 218 29.72 -3.58 2.32
CA SER H 218 31.05 -3.76 1.79
C SER H 218 31.93 -2.54 2.03
N ALA H 219 31.36 -1.34 1.85
CA ALA H 219 32.10 -0.12 2.11
C ALA H 219 32.55 -0.05 3.57
N ILE H 220 31.65 -0.39 4.49
CA ILE H 220 31.98 -0.33 5.91
C ILE H 220 33.05 -1.35 6.27
N GLU H 221 32.98 -2.56 5.70
CA GLU H 221 34.02 -3.55 5.98
C GLU H 221 35.38 -3.12 5.44
N ASP H 222 35.40 -2.51 4.25
CA ASP H 222 36.66 -2.01 3.73
C ASP H 222 37.21 -0.90 4.61
N LEU H 223 36.34 -0.02 5.12
CA LEU H 223 36.78 1.02 6.04
C LEU H 223 37.38 0.41 7.30
N LYS H 224 36.73 -0.61 7.86
CA LYS H 224 37.26 -1.27 9.05
C LYS H 224 38.63 -1.86 8.77
N LYS H 225 38.79 -2.54 7.63
CA LYS H 225 40.08 -3.12 7.28
C LYS H 225 41.15 -2.05 7.20
N HIS H 226 40.89 -0.98 6.46
CA HIS H 226 41.87 0.08 6.30
C HIS H 226 42.26 0.69 7.63
N THR H 227 41.26 1.00 8.47
CA THR H 227 41.53 1.65 9.74
C THR H 227 42.31 0.74 10.67
N LEU H 228 41.94 -0.55 10.74
CA LEU H 228 42.64 -1.46 11.65
C LEU H 228 44.06 -1.73 11.18
N GLU H 229 44.29 -1.73 9.86
CA GLU H 229 45.67 -1.82 9.39
C GLU H 229 46.45 -0.54 9.70
N VAL H 230 45.76 0.60 9.69
CA VAL H 230 46.40 1.85 10.12
C VAL H 230 46.79 1.78 11.60
N LEU H 231 45.95 1.10 12.40
CA LEU H 231 46.22 0.98 13.83
C LEU H 231 47.51 0.23 14.10
N GLY H 232 47.76 -0.85 13.35
CA GLY H 232 48.89 -1.73 13.58
C GLY H 232 50.25 -1.07 13.74
N ASN I 25 -19.43 -32.17 -40.73
CA ASN I 25 -20.73 -31.75 -40.24
C ASN I 25 -20.66 -31.52 -38.73
N THR I 26 -21.58 -30.72 -38.19
CA THR I 26 -21.50 -30.33 -36.78
C THR I 26 -21.76 -31.52 -35.85
N VAL I 27 -22.64 -32.43 -36.26
CA VAL I 27 -23.16 -33.44 -35.35
C VAL I 27 -22.03 -34.32 -34.80
N GLU I 28 -21.17 -34.82 -35.69
CA GLU I 28 -20.04 -35.62 -35.25
C GLU I 28 -19.12 -34.82 -34.34
N LYS I 29 -18.96 -33.52 -34.60
CA LYS I 29 -18.17 -32.68 -33.70
C LYS I 29 -18.78 -32.63 -32.30
N VAL I 30 -20.11 -32.51 -32.21
CA VAL I 30 -20.76 -32.45 -30.91
C VAL I 30 -20.60 -33.78 -30.18
N LEU I 31 -20.74 -34.90 -30.91
CA LEU I 31 -20.53 -36.20 -30.27
C LEU I 31 -19.07 -36.41 -29.84
N LYS I 32 -18.11 -35.83 -30.57
CA LYS I 32 -16.73 -35.85 -30.09
C LYS I 32 -16.58 -35.06 -28.79
N VAL I 33 -17.21 -33.89 -28.74
CA VAL I 33 -17.20 -33.12 -27.49
C VAL I 33 -17.73 -33.99 -26.37
N LYS I 34 -18.82 -34.72 -26.65
CA LYS I 34 -19.41 -35.59 -25.64
C LYS I 34 -18.47 -36.71 -25.21
N GLU I 35 -17.77 -37.32 -26.18
CA GLU I 35 -16.94 -38.48 -25.85
C GLU I 35 -15.75 -38.10 -24.98
N GLU I 36 -14.98 -37.10 -25.40
CA GLU I 36 -13.90 -36.61 -24.53
C GLU I 36 -14.42 -35.98 -23.25
N ALA I 37 -15.65 -35.45 -23.23
CA ALA I 37 -16.21 -34.98 -21.98
C ALA I 37 -16.42 -36.12 -21.00
N GLU I 38 -16.98 -37.23 -21.46
CA GLU I 38 -17.15 -38.40 -20.59
C GLU I 38 -15.81 -38.97 -20.15
N LYS I 39 -14.84 -38.98 -21.06
CA LYS I 39 -13.50 -39.47 -20.71
C LYS I 39 -12.88 -38.62 -19.61
N ARG I 40 -12.99 -37.29 -19.74
CA ARG I 40 -12.46 -36.41 -18.71
C ARG I 40 -13.22 -36.56 -17.40
N ILE I 41 -14.53 -36.80 -17.48
CA ILE I 41 -15.33 -37.00 -16.27
C ILE I 41 -14.84 -38.24 -15.52
N ALA I 42 -14.58 -39.32 -16.26
CA ALA I 42 -14.05 -40.53 -15.62
C ALA I 42 -12.67 -40.29 -15.02
N GLU I 43 -11.81 -39.57 -15.75
CA GLU I 43 -10.47 -39.27 -15.24
C GLU I 43 -10.56 -38.48 -13.94
N ILE I 44 -11.45 -37.50 -13.89
CA ILE I 44 -11.61 -36.70 -12.67
C ILE I 44 -12.21 -37.54 -11.56
N GLU I 45 -13.14 -38.44 -11.89
CA GLU I 45 -13.73 -39.30 -10.88
C GLU I 45 -12.68 -40.20 -10.25
N LYS I 46 -11.61 -40.51 -10.99
CA LYS I 46 -10.52 -41.30 -10.42
C LYS I 46 -9.40 -40.44 -9.80
N LEU I 47 -9.72 -39.25 -9.26
CA LEU I 47 -8.70 -38.33 -8.79
C LEU I 47 -8.48 -38.35 -7.28
N GLU I 48 -9.46 -38.79 -6.49
CA GLU I 48 -9.30 -39.07 -5.06
C GLU I 48 -9.20 -37.81 -4.21
N ASN I 49 -9.04 -36.65 -4.82
CA ASN I 49 -8.97 -35.41 -4.07
C ASN I 49 -10.10 -34.48 -4.52
N ILE I 50 -11.08 -34.27 -3.64
CA ILE I 50 -12.31 -33.61 -4.02
C ILE I 50 -12.14 -32.13 -4.36
N GLU I 51 -11.27 -31.41 -3.65
CA GLU I 51 -11.10 -29.99 -3.90
C GLU I 51 -10.59 -29.72 -5.31
N GLU I 52 -9.64 -30.52 -5.79
CA GLU I 52 -9.13 -30.37 -7.14
C GLU I 52 -10.02 -31.00 -8.19
N ALA I 53 -10.98 -31.83 -7.79
CA ALA I 53 -11.90 -32.46 -8.73
C ALA I 53 -13.02 -31.53 -9.14
N VAL I 54 -13.59 -30.78 -8.20
CA VAL I 54 -14.66 -29.84 -8.55
C VAL I 54 -14.12 -28.73 -9.44
N LEU I 55 -12.91 -28.25 -9.16
CA LEU I 55 -12.32 -27.23 -10.01
C LEU I 55 -12.07 -27.75 -11.42
N LYS I 56 -11.61 -29.00 -11.54
CA LYS I 56 -11.41 -29.58 -12.86
C LYS I 56 -12.73 -29.75 -13.60
N LEU I 57 -13.78 -30.16 -12.88
CA LEU I 57 -15.09 -30.27 -13.51
C LEU I 57 -15.62 -28.92 -13.98
N LEU I 58 -15.40 -27.87 -13.19
CA LEU I 58 -15.80 -26.53 -13.62
C LEU I 58 -15.01 -26.08 -14.84
N GLU I 59 -13.71 -26.39 -14.89
CA GLU I 59 -12.92 -26.07 -16.07
C GLU I 59 -13.43 -26.81 -17.30
N LEU I 60 -13.79 -28.09 -17.12
CA LEU I 60 -14.36 -28.86 -18.22
C LEU I 60 -15.67 -28.26 -18.71
N LEU I 61 -16.52 -27.81 -17.78
CA LEU I 61 -17.76 -27.14 -18.15
C LEU I 61 -17.48 -25.88 -18.95
N ASP I 62 -16.50 -25.10 -18.52
CA ASP I 62 -16.14 -23.89 -19.25
C ASP I 62 -15.67 -24.22 -20.66
N GLU I 63 -14.83 -25.25 -20.80
CA GLU I 63 -14.35 -25.64 -22.13
C GLU I 63 -15.50 -26.08 -23.03
N VAL I 64 -16.43 -26.86 -22.48
CA VAL I 64 -17.57 -27.31 -23.27
C VAL I 64 -18.41 -26.12 -23.72
N ILE I 65 -18.63 -25.15 -22.83
CA ILE I 65 -19.44 -23.99 -23.21
C ILE I 65 -18.73 -23.14 -24.25
N HIS I 66 -17.40 -23.02 -24.15
CA HIS I 66 -16.66 -22.30 -25.18
C HIS I 66 -16.81 -22.97 -26.53
N GLU I 67 -16.69 -24.31 -26.56
CA GLU I 67 -16.87 -25.02 -27.83
C GLU I 67 -18.28 -24.86 -28.36
N ALA I 68 -19.28 -24.89 -27.48
CA ALA I 68 -20.66 -24.71 -27.92
C ALA I 68 -20.85 -23.33 -28.54
N ALA I 69 -20.27 -22.30 -27.93
CA ALA I 69 -20.39 -20.96 -28.49
C ALA I 69 -19.64 -20.84 -29.80
N LEU I 70 -18.61 -21.67 -30.00
CA LEU I 70 -17.82 -21.60 -31.23
C LEU I 70 -18.66 -21.90 -32.46
N LEU I 71 -19.50 -22.93 -32.40
CA LEU I 71 -20.30 -23.37 -33.54
C LEU I 71 -21.74 -22.90 -33.41
N PRO I 72 -22.45 -22.71 -34.52
CA PRO I 72 -23.83 -22.23 -34.43
C PRO I 72 -24.79 -23.35 -34.04
N ILE I 73 -25.80 -22.98 -33.25
CA ILE I 73 -26.69 -23.96 -32.64
C ILE I 73 -27.77 -24.36 -33.63
N THR I 74 -28.22 -25.61 -33.53
CA THR I 74 -29.25 -26.18 -34.37
C THR I 74 -30.15 -27.04 -33.49
N PRO I 75 -31.39 -27.31 -33.92
CA PRO I 75 -32.29 -28.11 -33.09
C PRO I 75 -31.76 -29.50 -32.75
N GLU I 76 -31.00 -30.13 -33.65
CA GLU I 76 -30.52 -31.47 -33.40
C GLU I 76 -29.40 -31.50 -32.36
N THR I 77 -28.52 -30.51 -32.39
CA THR I 77 -27.37 -30.51 -31.49
C THR I 77 -27.71 -29.97 -30.10
N LYS I 78 -28.87 -29.32 -29.96
CA LYS I 78 -29.25 -28.75 -28.67
C LYS I 78 -29.38 -29.83 -27.60
N LEU I 79 -30.01 -30.95 -27.94
CA LEU I 79 -30.18 -32.03 -26.98
C LEU I 79 -28.84 -32.60 -26.54
N ILE I 80 -27.92 -32.81 -27.48
CA ILE I 80 -26.61 -33.36 -27.13
C ILE I 80 -25.85 -32.40 -26.23
N TRP I 81 -25.88 -31.10 -26.57
CA TRP I 81 -25.22 -30.12 -25.72
C TRP I 81 -25.80 -30.15 -24.31
N TRP I 82 -27.12 -30.25 -24.21
CA TRP I 82 -27.76 -30.27 -22.89
C TRP I 82 -27.39 -31.53 -22.12
N GLU I 83 -27.26 -32.66 -22.80
CA GLU I 83 -26.83 -33.88 -22.11
C GLU I 83 -25.42 -33.73 -21.55
N ILE I 84 -24.52 -33.14 -22.34
CA ILE I 84 -23.15 -32.91 -21.84
C ILE I 84 -23.17 -32.01 -20.61
N ILE I 85 -23.90 -30.89 -20.70
CA ILE I 85 -23.95 -29.95 -19.58
C ILE I 85 -24.56 -30.62 -18.36
N GLU I 86 -25.61 -31.41 -18.56
CA GLU I 86 -26.27 -32.08 -17.45
C GLU I 86 -25.32 -33.05 -16.76
N ALA I 87 -24.60 -33.86 -17.53
CA ALA I 87 -23.67 -34.82 -16.93
C ALA I 87 -22.62 -34.09 -16.10
N ILE I 88 -22.00 -33.06 -16.68
CA ILE I 88 -20.93 -32.36 -15.97
C ILE I 88 -21.47 -31.70 -14.70
N ALA I 89 -22.62 -31.04 -14.81
CA ALA I 89 -23.17 -30.29 -13.67
C ALA I 89 -23.58 -31.23 -12.54
N LEU I 90 -24.23 -32.35 -12.87
CA LEU I 90 -24.64 -33.28 -11.83
C LEU I 90 -23.43 -33.90 -11.13
N ALA I 91 -22.39 -34.25 -11.91
CA ALA I 91 -21.18 -34.78 -11.29
C ALA I 91 -20.56 -33.75 -10.34
N ALA I 92 -20.48 -32.50 -10.79
CA ALA I 92 -19.88 -31.46 -9.95
C ALA I 92 -20.68 -31.23 -8.67
N LEU I 93 -22.01 -31.23 -8.77
CA LEU I 93 -22.82 -31.02 -7.58
C LEU I 93 -22.65 -32.16 -6.57
N HIS I 94 -22.69 -33.40 -7.06
CA HIS I 94 -22.48 -34.50 -6.13
C HIS I 94 -21.10 -34.45 -5.50
N LYS I 95 -20.08 -34.06 -6.26
CA LYS I 95 -18.76 -33.88 -5.65
C LYS I 95 -18.78 -32.77 -4.59
N LEU I 96 -19.54 -31.70 -4.83
CA LEU I 96 -19.68 -30.65 -3.83
C LEU I 96 -20.25 -31.20 -2.54
N LEU I 97 -21.12 -32.20 -2.63
CA LEU I 97 -21.61 -32.82 -1.39
C LEU I 97 -20.52 -33.62 -0.69
N ASP I 98 -19.45 -33.99 -1.37
CA ASP I 98 -18.44 -34.92 -0.86
C ASP I 98 -17.24 -34.20 -0.23
N GLY I 99 -17.45 -33.27 0.68
CA GLY I 99 -16.34 -32.69 1.40
C GLY I 99 -15.84 -31.35 0.91
N GLY I 100 -15.33 -30.53 1.83
CA GLY I 100 -14.81 -29.20 1.56
C GLY I 100 -15.33 -28.20 2.57
N ASN I 101 -15.09 -26.93 2.28
CA ASN I 101 -15.62 -25.85 3.10
C ASN I 101 -17.06 -25.56 2.69
N ILE I 102 -17.92 -25.33 3.69
CA ILE I 102 -19.36 -25.23 3.45
C ILE I 102 -19.69 -24.03 2.58
N GLU I 103 -19.13 -22.86 2.93
CA GLU I 103 -19.46 -21.63 2.22
C GLU I 103 -18.91 -21.65 0.80
N VAL I 104 -17.67 -22.13 0.63
CA VAL I 104 -17.10 -22.26 -0.70
C VAL I 104 -17.92 -23.22 -1.55
N ASN I 105 -18.40 -24.31 -0.95
CA ASN I 105 -19.21 -25.27 -1.69
C ASN I 105 -20.54 -24.66 -2.11
N ILE I 106 -21.18 -23.87 -1.24
CA ILE I 106 -22.43 -23.22 -1.61
C ILE I 106 -22.20 -22.23 -2.74
N LEU I 107 -21.11 -21.45 -2.66
CA LEU I 107 -20.80 -20.53 -3.74
C LEU I 107 -20.56 -21.26 -5.05
N LEU I 108 -19.87 -22.39 -5.01
CA LEU I 108 -19.63 -23.16 -6.23
C LEU I 108 -20.92 -23.71 -6.81
N ALA I 109 -21.85 -24.16 -5.96
CA ALA I 109 -23.14 -24.61 -6.45
C ALA I 109 -23.89 -23.49 -7.15
N LEU I 110 -23.91 -22.30 -6.55
CA LEU I 110 -24.56 -21.15 -7.17
C LEU I 110 -23.90 -20.80 -8.50
N ARG I 111 -22.58 -20.96 -8.57
CA ARG I 111 -21.86 -20.59 -9.80
C ARG I 111 -22.13 -21.60 -10.91
N ILE I 112 -22.26 -22.88 -10.57
CA ILE I 112 -22.69 -23.87 -11.54
C ILE I 112 -24.07 -23.54 -12.08
N LEU I 113 -24.98 -23.16 -11.19
CA LEU I 113 -26.30 -22.73 -11.63
C LEU I 113 -26.23 -21.53 -12.56
N GLU I 114 -25.38 -20.56 -12.24
CA GLU I 114 -25.24 -19.38 -13.08
C GLU I 114 -24.70 -19.73 -14.46
N LYS I 115 -23.73 -20.65 -14.54
CA LYS I 115 -23.24 -21.10 -15.83
C LYS I 115 -24.34 -21.79 -16.63
N ALA I 116 -25.15 -22.61 -15.97
CA ALA I 116 -26.29 -23.23 -16.65
C ALA I 116 -27.25 -22.18 -17.19
N ILE I 117 -27.50 -21.13 -16.41
CA ILE I 117 -28.42 -20.08 -16.85
C ILE I 117 -27.84 -19.31 -18.03
N ASN I 118 -26.52 -19.07 -18.02
CA ASN I 118 -25.89 -18.41 -19.15
C ASN I 118 -25.99 -19.25 -20.42
N PHE I 119 -25.80 -20.56 -20.28
CA PHE I 119 -26.01 -21.45 -21.42
C PHE I 119 -27.45 -21.40 -21.90
N LEU I 120 -28.40 -21.38 -20.97
CA LEU I 120 -29.81 -21.19 -21.32
C LEU I 120 -30.02 -19.93 -22.14
N LYS I 121 -29.40 -18.83 -21.71
CA LYS I 121 -29.54 -17.58 -22.45
C LYS I 121 -28.99 -17.69 -23.87
N MET I 122 -27.79 -18.26 -24.00
CA MET I 122 -27.15 -18.28 -25.32
C MET I 122 -27.86 -19.23 -26.27
N VAL I 123 -28.37 -20.35 -25.76
CA VAL I 123 -29.11 -21.30 -26.58
C VAL I 123 -30.39 -20.71 -27.15
N GLY I 124 -31.18 -20.03 -26.33
CA GLY I 124 -32.42 -19.44 -26.81
C GLY I 124 -33.66 -20.25 -26.50
N MET I 125 -34.36 -20.69 -27.54
CA MET I 125 -35.61 -21.42 -27.36
C MET I 125 -35.34 -22.76 -26.66
N VAL I 126 -36.31 -23.17 -25.85
CA VAL I 126 -36.19 -24.40 -25.05
C VAL I 126 -37.37 -25.30 -25.37
N GLY I 127 -37.08 -26.57 -25.65
CA GLY I 127 -38.11 -27.57 -25.87
C GLY I 127 -38.56 -28.20 -24.57
N GLU I 128 -39.15 -29.39 -24.70
CA GLU I 128 -39.63 -30.11 -23.53
C GLU I 128 -38.49 -30.86 -22.82
N LYS I 129 -37.67 -31.57 -23.59
CA LYS I 129 -36.56 -32.32 -23.00
C LYS I 129 -35.56 -31.38 -22.35
N GLU I 130 -35.24 -30.27 -23.02
CA GLU I 130 -34.34 -29.28 -22.45
C GLU I 130 -34.93 -28.66 -21.20
N PHE I 131 -36.24 -28.41 -21.20
CA PHE I 131 -36.91 -27.93 -20.00
C PHE I 131 -36.73 -28.91 -18.84
N GLU I 132 -36.95 -30.20 -19.10
CA GLU I 132 -36.81 -31.19 -18.04
C GLU I 132 -35.38 -31.24 -17.52
N ILE I 133 -34.39 -31.18 -18.43
CA ILE I 133 -32.99 -31.23 -18.01
C ILE I 133 -32.64 -30.01 -17.16
N ALA I 134 -33.06 -28.82 -17.59
CA ALA I 134 -32.77 -27.61 -16.82
C ALA I 134 -33.42 -27.66 -15.44
N VAL I 135 -34.67 -28.12 -15.38
CA VAL I 135 -35.34 -28.23 -14.08
C VAL I 135 -34.62 -29.23 -13.18
N LYS I 136 -34.11 -30.32 -13.77
CA LYS I 136 -33.37 -31.30 -12.98
C LYS I 136 -32.09 -30.70 -12.41
N ILE I 137 -31.38 -29.92 -13.22
CA ILE I 137 -30.15 -29.27 -12.73
C ILE I 137 -30.49 -28.30 -11.60
N LEU I 138 -31.55 -27.51 -11.78
CA LEU I 138 -31.96 -26.56 -10.75
C LEU I 138 -32.34 -27.27 -9.46
N GLU I 139 -33.04 -28.39 -9.57
CA GLU I 139 -33.47 -29.14 -8.40
C GLU I 139 -32.28 -29.75 -7.67
N ALA I 140 -31.31 -30.29 -8.41
CA ALA I 140 -30.12 -30.85 -7.78
C ALA I 140 -29.34 -29.76 -7.05
N ALA I 141 -29.21 -28.59 -7.67
CA ALA I 141 -28.52 -27.48 -7.01
C ALA I 141 -29.25 -27.06 -5.75
N LEU I 142 -30.58 -27.00 -5.80
CA LEU I 142 -31.36 -26.60 -4.62
C LEU I 142 -31.15 -27.59 -3.48
N HIS I 143 -31.20 -28.89 -3.78
CA HIS I 143 -31.05 -29.89 -2.73
C HIS I 143 -29.64 -29.84 -2.12
N VAL I 144 -28.62 -29.68 -2.97
CA VAL I 144 -27.25 -29.55 -2.46
C VAL I 144 -27.13 -28.34 -1.55
N VAL I 145 -27.72 -27.21 -1.97
CA VAL I 145 -27.60 -25.98 -1.19
C VAL I 145 -28.30 -26.11 0.15
N LEU I 146 -29.50 -26.71 0.17
CA LEU I 146 -30.21 -26.88 1.43
C LEU I 146 -29.43 -27.80 2.39
N THR I 147 -28.93 -28.92 1.85
CA THR I 147 -28.17 -29.86 2.67
C THR I 147 -26.95 -29.20 3.28
N LEU I 148 -26.20 -28.44 2.47
CA LEU I 148 -25.01 -27.79 2.99
C LEU I 148 -25.35 -26.65 3.94
N SER I 149 -26.46 -25.95 3.71
CA SER I 149 -26.77 -24.77 4.51
C SER I 149 -27.38 -25.16 5.86
N ARG I 150 -27.76 -26.42 6.04
CA ARG I 150 -28.19 -26.84 7.37
C ARG I 150 -27.11 -26.61 8.44
N LEU I 151 -25.85 -26.50 8.01
CA LEU I 151 -24.73 -26.40 8.96
C LEU I 151 -24.19 -24.98 9.11
N LEU I 152 -24.93 -23.96 8.67
CA LEU I 152 -24.47 -22.58 8.73
C LEU I 152 -25.06 -21.88 9.95
N ASN I 153 -24.54 -20.69 10.22
CA ASN I 153 -25.07 -19.82 11.26
C ASN I 153 -26.39 -19.21 10.79
N GLU I 154 -27.04 -18.47 11.69
CA GLU I 154 -28.37 -17.95 11.40
C GLU I 154 -28.33 -16.96 10.23
N LEU I 155 -27.47 -15.95 10.34
CA LEU I 155 -27.40 -14.92 9.31
C LEU I 155 -26.97 -15.49 7.97
N GLU I 156 -25.97 -16.39 7.98
CA GLU I 156 -25.51 -16.99 6.74
C GLU I 156 -26.58 -17.86 6.10
N PHE I 157 -27.32 -18.62 6.92
CA PHE I 157 -28.39 -19.45 6.39
C PHE I 157 -29.45 -18.60 5.71
N VAL I 158 -29.90 -17.53 6.36
CA VAL I 158 -30.95 -16.71 5.76
C VAL I 158 -30.43 -15.98 4.53
N LYS I 159 -29.17 -15.56 4.56
CA LYS I 159 -28.59 -14.91 3.37
C LYS I 159 -28.54 -15.87 2.19
N VAL I 160 -28.16 -17.12 2.44
CA VAL I 160 -28.12 -18.12 1.38
C VAL I 160 -29.52 -18.38 0.84
N LEU I 161 -30.51 -18.45 1.73
CA LEU I 161 -31.90 -18.64 1.30
C LEU I 161 -32.36 -17.52 0.38
N VAL I 162 -32.13 -16.28 0.78
CA VAL I 162 -32.57 -15.14 -0.02
C VAL I 162 -31.85 -15.11 -1.36
N GLU I 163 -30.55 -15.39 -1.35
CA GLU I 163 -29.77 -15.41 -2.59
C GLU I 163 -30.30 -16.47 -3.54
N PHE I 164 -30.65 -17.65 -3.02
CA PHE I 164 -31.14 -18.71 -3.88
C PHE I 164 -32.53 -18.39 -4.41
N ILE I 165 -33.37 -17.71 -3.62
CA ILE I 165 -34.67 -17.31 -4.12
C ILE I 165 -34.51 -16.33 -5.28
N ASN I 166 -33.59 -15.38 -5.15
CA ASN I 166 -33.32 -14.46 -6.25
C ASN I 166 -32.78 -15.20 -7.48
N LEU I 167 -31.93 -16.20 -7.26
CA LEU I 167 -31.41 -16.99 -8.38
C LEU I 167 -32.52 -17.77 -9.08
N ILE I 168 -33.48 -18.29 -8.31
CA ILE I 168 -34.62 -18.97 -8.91
C ILE I 168 -35.43 -18.00 -9.75
N ALA I 169 -35.62 -16.78 -9.23
CA ALA I 169 -36.32 -15.76 -10.01
C ALA I 169 -35.62 -15.49 -11.33
N LYS I 170 -34.29 -15.35 -11.30
CA LYS I 170 -33.54 -15.13 -12.53
C LYS I 170 -33.68 -16.31 -13.48
N PHE I 171 -33.59 -17.53 -12.96
CA PHE I 171 -33.69 -18.72 -13.79
C PHE I 171 -35.04 -18.79 -14.50
N PHE I 172 -36.12 -18.52 -13.77
CA PHE I 172 -37.45 -18.56 -14.39
C PHE I 172 -37.68 -17.39 -15.32
N LYS I 173 -37.06 -16.23 -15.06
CA LYS I 173 -37.17 -15.12 -16.00
C LYS I 173 -36.47 -15.40 -17.32
N VAL I 174 -35.28 -16.02 -17.29
CA VAL I 174 -34.57 -16.35 -18.52
C VAL I 174 -35.21 -17.49 -19.29
N LEU I 175 -35.69 -18.53 -18.63
CA LEU I 175 -36.20 -19.73 -19.27
C LEU I 175 -37.68 -19.55 -19.62
N LYS I 176 -38.05 -20.00 -20.81
CA LYS I 176 -39.41 -19.84 -21.32
C LYS I 176 -40.11 -21.20 -21.39
N GLY I 177 -41.42 -21.19 -21.17
CA GLY I 177 -42.20 -22.41 -21.20
C GLY I 177 -43.66 -22.11 -20.91
N GLU I 178 -44.45 -23.17 -20.92
CA GLU I 178 -45.88 -23.03 -20.65
C GLU I 178 -46.10 -22.60 -19.20
N PRO I 179 -47.04 -21.69 -18.94
CA PRO I 179 -47.20 -21.17 -17.57
C PRO I 179 -47.54 -22.23 -16.52
N GLU I 180 -48.31 -23.25 -16.88
CA GLU I 180 -48.74 -24.24 -15.89
C GLU I 180 -47.58 -25.07 -15.38
N LYS I 181 -46.72 -25.54 -16.29
CA LYS I 181 -45.57 -26.33 -15.90
C LYS I 181 -44.62 -25.52 -15.03
N LYS I 182 -44.37 -24.27 -15.42
CA LYS I 182 -43.51 -23.41 -14.62
C LYS I 182 -44.11 -23.16 -13.24
N LYS I 183 -45.43 -22.98 -13.17
CA LYS I 183 -46.09 -22.79 -11.89
C LYS I 183 -45.93 -24.01 -10.99
N ARG I 184 -46.10 -25.21 -11.56
CA ARG I 184 -45.94 -26.43 -10.76
C ARG I 184 -44.51 -26.59 -10.26
N VAL I 185 -43.53 -26.34 -11.12
CA VAL I 185 -42.13 -26.44 -10.71
C VAL I 185 -41.83 -25.44 -9.60
N LEU I 186 -42.31 -24.20 -9.76
CA LEU I 186 -42.06 -23.17 -8.75
C LEU I 186 -42.70 -23.56 -7.42
N LEU I 187 -43.92 -24.10 -7.46
CA LEU I 187 -44.57 -24.52 -6.24
C LEU I 187 -43.78 -25.61 -5.53
N LYS I 188 -43.27 -26.58 -6.29
CA LYS I 188 -42.49 -27.66 -5.66
C LYS I 188 -41.21 -27.11 -5.03
N LEU I 189 -40.51 -26.22 -5.72
CA LEU I 189 -39.30 -25.64 -5.15
C LEU I 189 -39.62 -24.86 -3.87
N LEU I 190 -40.71 -24.11 -3.88
CA LEU I 190 -41.08 -23.33 -2.70
C LEU I 190 -41.47 -24.24 -1.54
N GLU I 191 -42.10 -25.38 -1.83
CA GLU I 191 -42.40 -26.34 -0.76
C GLU I 191 -41.12 -26.91 -0.16
N ASP I 192 -40.13 -27.22 -0.99
CA ASP I 192 -38.84 -27.69 -0.48
C ASP I 192 -38.22 -26.65 0.46
N ILE I 193 -38.15 -25.40 -0.01
CA ILE I 193 -37.55 -24.33 0.77
C ILE I 193 -38.30 -24.12 2.08
N LYS I 194 -39.64 -24.11 2.02
CA LYS I 194 -40.44 -23.91 3.22
C LYS I 194 -40.26 -25.04 4.21
N LYS I 195 -40.17 -26.28 3.71
CA LYS I 195 -39.94 -27.42 4.59
C LYS I 195 -38.65 -27.23 5.38
N VAL I 196 -37.56 -26.94 4.69
CA VAL I 196 -36.28 -26.77 5.39
C VAL I 196 -36.35 -25.58 6.36
N PHE I 197 -36.95 -24.48 5.92
CA PHE I 197 -36.98 -23.27 6.75
C PHE I 197 -37.82 -23.46 8.01
N GLU I 198 -38.97 -24.13 7.88
CA GLU I 198 -39.82 -24.37 9.04
C GLU I 198 -39.16 -25.35 10.01
N LEU I 199 -38.40 -26.32 9.51
CA LEU I 199 -37.61 -27.14 10.44
C LEU I 199 -36.54 -26.31 11.14
N TRP I 200 -35.90 -25.39 10.41
CA TRP I 200 -34.74 -24.69 10.93
C TRP I 200 -35.10 -23.57 11.91
N ILE I 201 -36.26 -22.94 11.73
CA ILE I 201 -36.57 -21.71 12.45
C ILE I 201 -36.76 -21.92 13.95
N THR I 202 -36.93 -23.16 14.39
CA THR I 202 -37.23 -23.41 15.79
C THR I 202 -36.05 -23.19 16.72
N ARG I 203 -34.90 -22.72 16.23
CA ARG I 203 -33.70 -22.60 17.04
C ARG I 203 -33.27 -21.14 17.25
N VAL I 204 -34.11 -20.17 16.91
CA VAL I 204 -33.61 -18.81 16.75
C VAL I 204 -34.37 -17.80 17.61
N ASN I 205 -35.10 -18.24 18.64
CA ASN I 205 -35.69 -17.34 19.64
C ASN I 205 -36.86 -16.57 19.05
N PRO I 206 -37.99 -16.45 19.77
CA PRO I 206 -39.25 -16.03 19.14
C PRO I 206 -39.29 -14.66 18.47
N GLU I 207 -38.43 -13.72 18.82
CA GLU I 207 -38.42 -12.43 18.13
C GLU I 207 -37.64 -12.48 16.82
N GLN I 208 -36.47 -13.12 16.83
CA GLN I 208 -35.78 -13.35 15.57
C GLN I 208 -36.60 -14.23 14.65
N GLN I 209 -37.43 -15.10 15.23
CA GLN I 209 -38.35 -15.90 14.44
C GLN I 209 -39.27 -15.00 13.63
N ILE I 210 -39.85 -13.99 14.27
CA ILE I 210 -40.75 -13.07 13.57
C ILE I 210 -39.97 -12.30 12.49
N LEU I 211 -38.79 -11.81 12.86
CA LEU I 211 -37.98 -11.06 11.90
C LEU I 211 -37.69 -11.87 10.63
N PHE I 212 -37.15 -13.07 10.81
CA PHE I 212 -36.75 -13.89 9.68
C PHE I 212 -37.95 -14.40 8.91
N THR I 213 -39.05 -14.71 9.60
CA THR I 213 -40.25 -15.15 8.90
C THR I 213 -40.79 -14.05 8.00
N GLU I 214 -40.85 -12.82 8.53
CA GLU I 214 -41.27 -11.69 7.70
C GLU I 214 -40.39 -11.57 6.46
N LEU I 215 -39.08 -11.58 6.66
CA LEU I 215 -38.16 -11.40 5.54
C LEU I 215 -38.32 -12.48 4.48
N VAL I 216 -38.32 -13.74 4.91
CA VAL I 216 -38.36 -14.85 3.95
C VAL I 216 -39.71 -14.93 3.25
N TYR I 217 -40.80 -14.71 3.99
CA TYR I 217 -42.11 -14.77 3.37
C TYR I 217 -42.30 -13.64 2.36
N SER I 218 -41.79 -12.45 2.67
CA SER I 218 -41.84 -11.36 1.69
C SER I 218 -41.03 -11.72 0.44
N ALA I 219 -39.86 -12.33 0.63
CA ALA I 219 -39.06 -12.73 -0.53
C ALA I 219 -39.81 -13.75 -1.39
N ILE I 220 -40.46 -14.72 -0.75
CA ILE I 220 -41.19 -15.74 -1.49
C ILE I 220 -42.37 -15.14 -2.24
N GLU I 221 -43.11 -14.22 -1.60
CA GLU I 221 -44.23 -13.59 -2.27
C GLU I 221 -43.78 -12.75 -3.45
N ASP I 222 -42.65 -12.05 -3.32
CA ASP I 222 -42.13 -11.29 -4.45
C ASP I 222 -41.70 -12.21 -5.58
N LEU I 223 -41.09 -13.35 -5.26
CA LEU I 223 -40.75 -14.33 -6.28
C LEU I 223 -41.98 -14.82 -7.01
N LYS I 224 -43.04 -15.11 -6.25
CA LYS I 224 -44.29 -15.57 -6.87
C LYS I 224 -44.85 -14.50 -7.81
N LYS I 225 -44.85 -13.25 -7.38
CA LYS I 225 -45.35 -12.17 -8.23
C LYS I 225 -44.53 -12.06 -9.51
N HIS I 226 -43.21 -12.02 -9.38
CA HIS I 226 -42.34 -11.89 -10.56
C HIS I 226 -42.57 -13.04 -11.53
N THR I 227 -42.56 -14.27 -11.01
CA THR I 227 -42.71 -15.44 -11.89
C THR I 227 -44.08 -15.46 -12.55
N LEU I 228 -45.14 -15.13 -11.82
CA LEU I 228 -46.48 -15.18 -12.40
C LEU I 228 -46.67 -14.08 -13.44
N GLU I 229 -46.05 -12.92 -13.25
CA GLU I 229 -46.08 -11.91 -14.31
C GLU I 229 -45.26 -12.35 -15.52
N VAL I 230 -44.18 -13.10 -15.28
CA VAL I 230 -43.42 -13.67 -16.40
C VAL I 230 -44.27 -14.66 -17.18
N LEU I 231 -45.13 -15.41 -16.46
CA LEU I 231 -45.96 -16.42 -17.12
C LEU I 231 -46.91 -15.78 -18.12
N GLY I 232 -47.52 -14.65 -17.76
CA GLY I 232 -48.52 -14.01 -18.60
C GLY I 232 -48.08 -13.70 -20.03
N ASN J 25 71.62 -10.51 -17.74
CA ASN J 25 70.62 -11.47 -18.23
C ASN J 25 69.24 -10.84 -18.21
N THR J 26 68.37 -11.29 -19.12
CA THR J 26 67.03 -10.73 -19.22
C THR J 26 66.22 -11.00 -17.97
N VAL J 27 66.34 -12.21 -17.40
CA VAL J 27 65.58 -12.57 -16.21
C VAL J 27 65.94 -11.64 -15.06
N GLU J 28 67.23 -11.32 -14.90
CA GLU J 28 67.64 -10.40 -13.86
C GLU J 28 67.01 -9.02 -14.07
N LYS J 29 66.95 -8.57 -15.32
CA LYS J 29 66.31 -7.29 -15.61
C LYS J 29 64.83 -7.32 -15.23
N VAL J 30 64.15 -8.43 -15.52
CA VAL J 30 62.73 -8.51 -15.20
C VAL J 30 62.51 -8.53 -13.69
N LEU J 31 63.36 -9.23 -12.94
CA LEU J 31 63.25 -9.19 -11.48
C LEU J 31 63.56 -7.82 -10.92
N LYS J 32 64.50 -7.09 -11.52
CA LYS J 32 64.71 -5.70 -11.11
C LYS J 32 63.47 -4.85 -11.35
N VAL J 33 62.84 -5.03 -12.52
CA VAL J 33 61.60 -4.32 -12.79
C VAL J 33 60.57 -4.65 -11.73
N LYS J 34 60.49 -5.92 -11.34
CA LYS J 34 59.53 -6.34 -10.32
C LYS J 34 59.81 -5.67 -8.98
N GLU J 35 61.09 -5.60 -8.60
CA GLU J 35 61.44 -5.03 -7.30
C GLU J 35 61.09 -3.55 -7.23
N GLU J 36 61.53 -2.77 -8.23
CA GLU J 36 61.15 -1.37 -8.28
C GLU J 36 59.64 -1.17 -8.41
N ALA J 37 58.95 -2.09 -9.08
CA ALA J 37 57.50 -1.98 -9.17
C ALA J 37 56.84 -2.13 -7.80
N GLU J 38 57.29 -3.11 -7.02
CA GLU J 38 56.74 -3.27 -5.67
C GLU J 38 57.07 -2.08 -4.79
N LYS J 39 58.29 -1.54 -4.91
CA LYS J 39 58.65 -0.36 -4.13
C LYS J 39 57.75 0.82 -4.46
N ARG J 40 57.52 1.05 -5.75
CA ARG J 40 56.63 2.14 -6.16
C ARG J 40 55.20 1.89 -5.69
N ILE J 41 54.77 0.63 -5.70
CA ILE J 41 53.41 0.31 -5.23
C ILE J 41 53.26 0.66 -3.76
N ALA J 42 54.27 0.32 -2.95
CA ALA J 42 54.22 0.68 -1.53
C ALA J 42 54.24 2.20 -1.35
N GLU J 43 55.08 2.90 -2.11
CA GLU J 43 55.15 4.36 -2.01
C GLU J 43 53.80 4.98 -2.33
N ILE J 44 53.13 4.49 -3.38
CA ILE J 44 51.82 5.02 -3.74
C ILE J 44 50.78 4.65 -2.69
N GLU J 45 50.89 3.46 -2.12
CA GLU J 45 49.95 3.06 -1.08
C GLU J 45 50.05 3.96 0.14
N LYS J 46 51.22 4.56 0.36
CA LYS J 46 51.37 5.52 1.45
C LYS J 46 51.11 6.97 1.03
N LEU J 47 50.22 7.21 0.06
CA LEU J 47 50.03 8.54 -0.50
C LEU J 47 48.84 9.30 0.04
N GLU J 48 47.89 8.63 0.70
CA GLU J 48 46.81 9.23 1.47
C GLU J 48 45.80 10.02 0.63
N ASN J 49 46.04 10.11 -0.68
CA ASN J 49 45.10 10.78 -1.57
C ASN J 49 44.80 9.89 -2.77
N ILE J 50 43.58 9.38 -2.83
CA ILE J 50 43.24 8.34 -3.79
C ILE J 50 43.23 8.82 -5.25
N GLU J 51 42.86 10.07 -5.51
CA GLU J 51 42.79 10.55 -6.89
C GLU J 51 44.16 10.56 -7.54
N GLU J 52 45.20 10.95 -6.79
CA GLU J 52 46.55 10.94 -7.31
C GLU J 52 47.21 9.58 -7.22
N ALA J 53 46.59 8.62 -6.54
CA ALA J 53 47.16 7.28 -6.41
C ALA J 53 46.84 6.41 -7.62
N VAL J 54 45.60 6.45 -8.10
CA VAL J 54 45.24 5.66 -9.28
C VAL J 54 46.00 6.14 -10.50
N LEU J 55 46.19 7.45 -10.63
CA LEU J 55 46.92 7.98 -11.77
C LEU J 55 48.39 7.56 -11.74
N LYS J 56 49.00 7.58 -10.56
CA LYS J 56 50.38 7.11 -10.43
C LYS J 56 50.48 5.62 -10.73
N LEU J 57 49.49 4.84 -10.29
CA LEU J 57 49.49 3.41 -10.60
C LEU J 57 49.36 3.17 -12.09
N LEU J 58 48.52 3.95 -12.77
CA LEU J 58 48.38 3.82 -14.23
C LEU J 58 49.68 4.21 -14.92
N GLU J 59 50.35 5.25 -14.44
CA GLU J 59 51.64 5.62 -15.01
C GLU J 59 52.67 4.51 -14.81
N LEU J 60 52.67 3.89 -13.63
CA LEU J 60 53.56 2.77 -13.38
C LEU J 60 53.27 1.60 -14.31
N LEU J 61 51.99 1.31 -14.53
CA LEU J 61 51.63 0.26 -15.48
C LEU J 61 52.13 0.57 -16.88
N ASP J 62 52.00 1.84 -17.30
CA ASP J 62 52.50 2.25 -18.61
C ASP J 62 54.01 2.04 -18.69
N GLU J 63 54.75 2.44 -17.65
CA GLU J 63 56.20 2.27 -17.67
C GLU J 63 56.59 0.79 -17.75
N VAL J 64 55.90 -0.05 -16.98
CA VAL J 64 56.19 -1.48 -17.00
C VAL J 64 55.95 -2.06 -18.39
N ILE J 65 54.84 -1.66 -19.03
CA ILE J 65 54.54 -2.19 -20.35
C ILE J 65 55.55 -1.69 -21.38
N HIS J 66 56.01 -0.45 -21.24
CA HIS J 66 57.07 0.05 -22.13
C HIS J 66 58.34 -0.77 -21.98
N GLU J 67 58.74 -1.05 -20.73
CA GLU J 67 59.93 -1.86 -20.51
C GLU J 67 59.76 -3.26 -21.10
N ALA J 68 58.57 -3.84 -20.93
CA ALA J 68 58.31 -5.16 -21.51
C ALA J 68 58.43 -5.13 -23.03
N ALA J 69 57.92 -4.07 -23.65
CA ALA J 69 58.03 -3.95 -25.10
C ALA J 69 59.47 -3.80 -25.54
N LEU J 70 60.31 -3.18 -24.69
CA LEU J 70 61.70 -2.97 -25.07
C LEU J 70 62.45 -4.28 -25.28
N LEU J 71 62.23 -5.26 -24.41
CA LEU J 71 62.99 -6.50 -24.44
C LEU J 71 62.18 -7.60 -25.11
N PRO J 72 62.85 -8.57 -25.75
CA PRO J 72 62.09 -9.65 -26.39
C PRO J 72 61.56 -10.65 -25.37
N ILE J 73 60.37 -11.15 -25.62
CA ILE J 73 59.67 -12.00 -24.66
C ILE J 73 60.14 -13.44 -24.80
N THR J 74 60.13 -14.15 -23.68
CA THR J 74 60.56 -15.54 -23.61
C THR J 74 59.62 -16.27 -22.65
N PRO J 75 59.54 -17.59 -22.75
CA PRO J 75 58.60 -18.33 -21.87
C PRO J 75 58.86 -18.14 -20.38
N GLU J 76 60.13 -17.96 -19.97
CA GLU J 76 60.42 -17.86 -18.55
C GLU J 76 60.02 -16.49 -17.98
N THR J 77 60.20 -15.43 -18.78
CA THR J 77 59.91 -14.08 -18.30
C THR J 77 58.44 -13.73 -18.38
N LYS J 78 57.65 -14.51 -19.11
CA LYS J 78 56.23 -14.21 -19.28
C LYS J 78 55.51 -14.24 -17.94
N LEU J 79 55.80 -15.25 -17.11
CA LEU J 79 55.15 -15.36 -15.82
C LEU J 79 55.48 -14.18 -14.93
N ILE J 80 56.75 -13.77 -14.90
CA ILE J 80 57.14 -12.64 -14.06
C ILE J 80 56.46 -11.36 -14.52
N TRP J 81 56.43 -11.13 -15.83
CA TRP J 81 55.73 -9.97 -16.36
C TRP J 81 54.27 -9.98 -15.96
N TRP J 82 53.64 -11.15 -16.01
CA TRP J 82 52.23 -11.24 -15.65
C TRP J 82 52.01 -10.99 -14.16
N GLU J 83 52.94 -11.45 -13.31
CA GLU J 83 52.82 -11.14 -11.89
C GLU J 83 52.91 -9.65 -11.63
N ILE J 84 53.84 -8.96 -12.30
CA ILE J 84 53.95 -7.52 -12.14
C ILE J 84 52.65 -6.83 -12.57
N ILE J 85 52.15 -7.19 -13.74
CA ILE J 85 50.94 -6.56 -14.26
C ILE J 85 49.77 -6.84 -13.33
N GLU J 86 49.66 -8.08 -12.83
CA GLU J 86 48.56 -8.43 -11.95
C GLU J 86 48.60 -7.62 -10.66
N ALA J 87 49.79 -7.50 -10.06
CA ALA J 87 49.90 -6.72 -8.83
C ALA J 87 49.45 -5.28 -9.04
N ILE J 88 49.99 -4.64 -10.09
CA ILE J 88 49.67 -3.24 -10.33
C ILE J 88 48.17 -3.07 -10.61
N ALA J 89 47.62 -3.95 -11.45
CA ALA J 89 46.23 -3.81 -11.85
C ALA J 89 45.28 -4.03 -10.69
N LEU J 90 45.55 -5.04 -9.85
CA LEU J 90 44.67 -5.29 -8.72
C LEU J 90 44.74 -4.15 -7.71
N ALA J 91 45.94 -3.61 -7.46
CA ALA J 91 46.05 -2.45 -6.60
C ALA J 91 45.24 -1.27 -7.14
N ALA J 92 45.35 -1.02 -8.45
CA ALA J 92 44.64 0.10 -9.04
C ALA J 92 43.13 -0.08 -8.96
N LEU J 93 42.64 -1.29 -9.19
CA LEU J 93 41.19 -1.52 -9.12
C LEU J 93 40.67 -1.35 -7.71
N HIS J 94 41.37 -1.90 -6.72
CA HIS J 94 40.91 -1.69 -5.35
C HIS J 94 40.93 -0.21 -4.98
N LYS J 95 41.94 0.54 -5.42
CA LYS J 95 41.93 1.97 -5.19
C LYS J 95 40.74 2.65 -5.88
N LEU J 96 40.35 2.15 -7.06
CA LEU J 96 39.16 2.68 -7.72
C LEU J 96 37.92 2.45 -6.87
N LEU J 97 37.92 1.41 -6.06
CA LEU J 97 36.79 1.22 -5.15
C LEU J 97 36.80 2.23 -4.00
N ASP J 98 37.96 2.80 -3.68
CA ASP J 98 38.13 3.62 -2.49
C ASP J 98 37.96 5.12 -2.75
N GLY J 99 36.88 5.54 -3.38
CA GLY J 99 36.60 6.95 -3.49
C GLY J 99 36.89 7.59 -4.83
N GLY J 100 36.13 8.63 -5.17
CA GLY J 100 36.29 9.39 -6.39
C GLY J 100 34.95 9.63 -7.05
N ASN J 101 35.01 10.02 -8.32
CA ASN J 101 33.81 10.19 -9.13
C ASN J 101 33.44 8.86 -9.78
N ILE J 102 32.16 8.53 -9.76
CA ILE J 102 31.72 7.19 -10.15
C ILE J 102 32.02 6.93 -11.63
N GLU J 103 31.63 7.87 -12.49
CA GLU J 103 31.80 7.66 -13.93
C GLU J 103 33.27 7.63 -14.32
N VAL J 104 34.08 8.52 -13.74
CA VAL J 104 35.51 8.51 -14.00
C VAL J 104 36.13 7.21 -13.52
N ASN J 105 35.70 6.70 -12.38
CA ASN J 105 36.23 5.45 -11.86
C ASN J 105 35.88 4.27 -12.77
N ILE J 106 34.65 4.23 -13.29
CA ILE J 106 34.27 3.17 -14.21
C ILE J 106 35.09 3.26 -15.49
N LEU J 107 35.28 4.48 -16.01
CA LEU J 107 36.13 4.66 -17.17
C LEU J 107 37.54 4.13 -16.91
N LEU J 108 38.11 4.47 -15.75
CA LEU J 108 39.47 4.04 -15.43
C LEU J 108 39.57 2.52 -15.34
N ALA J 109 38.55 1.88 -14.76
CA ALA J 109 38.55 0.42 -14.72
C ALA J 109 38.56 -0.17 -16.13
N LEU J 110 37.75 0.40 -17.02
CA LEU J 110 37.73 -0.09 -18.39
C LEU J 110 39.08 0.11 -19.07
N ARG J 111 39.76 1.23 -18.79
CA ARG J 111 41.06 1.47 -19.42
C ARG J 111 42.15 0.55 -18.86
N ILE J 112 42.07 0.22 -17.57
CA ILE J 112 42.98 -0.80 -17.02
C ILE J 112 42.78 -2.12 -17.73
N LEU J 113 41.51 -2.50 -17.94
CA LEU J 113 41.22 -3.73 -18.66
C LEU J 113 41.76 -3.68 -20.09
N GLU J 114 41.61 -2.54 -20.76
CA GLU J 114 42.10 -2.41 -22.12
C GLU J 114 43.62 -2.51 -22.19
N LYS J 115 44.32 -1.93 -21.22
CA LYS J 115 45.78 -2.08 -21.17
C LYS J 115 46.17 -3.53 -20.95
N ALA J 116 45.44 -4.24 -20.09
CA ALA J 116 45.69 -5.66 -19.92
C ALA J 116 45.50 -6.43 -21.22
N ILE J 117 44.45 -6.08 -21.98
CA ILE J 117 44.21 -6.76 -23.25
C ILE J 117 45.31 -6.45 -24.26
N ASN J 118 45.79 -5.21 -24.28
CA ASN J 118 46.89 -4.86 -25.17
C ASN J 118 48.15 -5.65 -24.83
N PHE J 119 48.45 -5.79 -23.54
CA PHE J 119 49.58 -6.63 -23.14
C PHE J 119 49.35 -8.08 -23.53
N LEU J 120 48.11 -8.56 -23.42
CA LEU J 120 47.77 -9.89 -23.89
C LEU J 120 48.08 -10.06 -25.37
N LYS J 121 47.74 -9.05 -26.18
CA LYS J 121 48.08 -9.08 -27.59
C LYS J 121 49.59 -9.15 -27.80
N MET J 122 50.33 -8.31 -27.07
CA MET J 122 51.77 -8.23 -27.28
C MET J 122 52.47 -9.53 -26.89
N VAL J 123 52.04 -10.15 -25.78
CA VAL J 123 52.70 -11.35 -25.28
C VAL J 123 52.42 -12.58 -26.14
N GLY J 124 51.31 -12.61 -26.87
CA GLY J 124 51.02 -13.73 -27.75
C GLY J 124 50.45 -14.96 -27.07
N MET J 125 51.13 -16.08 -27.22
CA MET J 125 50.65 -17.36 -26.71
C MET J 125 50.58 -17.33 -25.19
N VAL J 126 49.52 -17.95 -24.65
CA VAL J 126 49.18 -17.85 -23.24
C VAL J 126 49.04 -19.26 -22.67
N GLY J 127 49.71 -19.51 -21.54
CA GLY J 127 49.62 -20.78 -20.86
C GLY J 127 48.49 -20.81 -19.84
N GLU J 128 48.55 -21.81 -18.96
CA GLU J 128 47.50 -21.97 -17.95
C GLU J 128 47.62 -20.93 -16.85
N LYS J 129 48.84 -20.68 -16.36
CA LYS J 129 49.03 -19.71 -15.29
C LYS J 129 48.66 -18.30 -15.76
N GLU J 130 49.10 -17.94 -16.97
CA GLU J 130 48.75 -16.64 -17.53
C GLU J 130 47.25 -16.54 -17.79
N PHE J 131 46.62 -17.63 -18.24
CA PHE J 131 45.17 -17.66 -18.38
C PHE J 131 44.49 -17.34 -17.05
N GLU J 132 44.93 -18.01 -15.99
CA GLU J 132 44.33 -17.82 -14.68
C GLU J 132 44.50 -16.38 -14.21
N ILE J 133 45.71 -15.82 -14.40
CA ILE J 133 45.97 -14.45 -13.97
C ILE J 133 45.09 -13.46 -14.75
N ALA J 134 44.98 -13.64 -16.06
CA ALA J 134 44.17 -12.74 -16.87
C ALA J 134 42.70 -12.83 -16.49
N VAL J 135 42.19 -14.03 -16.24
CA VAL J 135 40.81 -14.18 -15.81
C VAL J 135 40.61 -13.51 -14.44
N LYS J 136 41.61 -13.59 -13.56
CA LYS J 136 41.52 -12.91 -12.28
C LYS J 136 41.39 -11.40 -12.46
N ILE J 137 42.21 -10.83 -13.35
CA ILE J 137 42.16 -9.39 -13.59
C ILE J 137 40.80 -9.00 -14.15
N LEU J 138 40.30 -9.77 -15.12
CA LEU J 138 39.01 -9.49 -15.72
C LEU J 138 37.89 -9.57 -14.70
N GLU J 139 37.95 -10.56 -13.80
CA GLU J 139 36.89 -10.74 -12.82
C GLU J 139 36.90 -9.63 -11.79
N ALA J 140 38.09 -9.21 -11.35
CA ALA J 140 38.18 -8.10 -10.42
C ALA J 140 37.64 -6.82 -11.04
N ALA J 141 37.98 -6.58 -12.31
CA ALA J 141 37.46 -5.39 -13.00
C ALA J 141 35.95 -5.45 -13.11
N LEU J 142 35.40 -6.63 -13.41
CA LEU J 142 33.95 -6.77 -13.52
C LEU J 142 33.26 -6.48 -12.20
N HIS J 143 33.81 -7.01 -11.09
CA HIS J 143 33.19 -6.76 -9.80
C HIS J 143 33.24 -5.29 -9.42
N VAL J 144 34.38 -4.64 -9.69
CA VAL J 144 34.48 -3.21 -9.42
C VAL J 144 33.46 -2.42 -10.23
N VAL J 145 33.33 -2.76 -11.52
CA VAL J 145 32.42 -2.04 -12.40
C VAL J 145 30.97 -2.23 -11.95
N LEU J 146 30.58 -3.44 -11.57
CA LEU J 146 29.22 -3.67 -11.13
C LEU J 146 28.92 -2.92 -9.83
N THR J 147 29.86 -2.99 -8.88
CA THR J 147 29.68 -2.28 -7.61
C THR J 147 29.51 -0.78 -7.83
N LEU J 148 30.34 -0.21 -8.70
CA LEU J 148 30.23 1.23 -8.93
C LEU J 148 28.98 1.60 -9.72
N SER J 149 28.62 0.79 -10.73
CA SER J 149 27.47 1.11 -11.57
C SER J 149 26.17 1.00 -10.79
N ARG J 150 26.18 0.27 -9.67
CA ARG J 150 25.02 0.24 -8.80
C ARG J 150 24.48 1.62 -8.42
N LEU J 151 25.31 2.67 -8.53
CA LEU J 151 24.91 4.01 -8.12
C LEU J 151 24.68 4.97 -9.28
N LEU J 152 24.53 4.47 -10.50
CA LEU J 152 24.33 5.30 -11.68
C LEU J 152 22.85 5.44 -12.00
N ASN J 153 22.57 6.26 -13.00
CA ASN J 153 21.22 6.42 -13.51
C ASN J 153 20.89 5.28 -14.47
N GLU J 154 19.64 5.23 -14.93
CA GLU J 154 19.17 4.12 -15.73
C GLU J 154 19.95 4.00 -17.04
N LEU J 155 19.97 5.07 -17.82
CA LEU J 155 20.65 5.03 -19.11
C LEU J 155 22.14 4.81 -18.95
N GLU J 156 22.75 5.46 -17.97
CA GLU J 156 24.18 5.27 -17.73
C GLU J 156 24.50 3.85 -17.30
N PHE J 157 23.65 3.27 -16.45
CA PHE J 157 23.86 1.90 -16.02
C PHE J 157 23.81 0.94 -17.21
N VAL J 158 22.79 1.06 -18.05
CA VAL J 158 22.66 0.13 -19.16
C VAL J 158 23.77 0.35 -20.18
N LYS J 159 24.18 1.60 -20.38
CA LYS J 159 25.30 1.88 -21.28
C LYS J 159 26.59 1.22 -20.78
N VAL J 160 26.85 1.32 -19.47
CA VAL J 160 28.03 0.67 -18.89
C VAL J 160 27.94 -0.83 -19.06
N LEU J 161 26.75 -1.40 -18.88
CA LEU J 161 26.55 -2.84 -19.06
C LEU J 161 26.93 -3.28 -20.47
N VAL J 162 26.39 -2.58 -21.48
CA VAL J 162 26.66 -2.96 -22.86
C VAL J 162 28.14 -2.77 -23.19
N GLU J 163 28.74 -1.69 -22.69
CA GLU J 163 30.16 -1.46 -22.93
C GLU J 163 31.00 -2.58 -22.35
N PHE J 164 30.68 -3.04 -21.14
CA PHE J 164 31.47 -4.10 -20.54
C PHE J 164 31.25 -5.43 -21.24
N ILE J 165 30.04 -5.67 -21.75
CA ILE J 165 29.80 -6.91 -22.51
C ILE J 165 30.64 -6.92 -23.77
N ASN J 166 30.70 -5.79 -24.48
CA ASN J 166 31.55 -5.69 -25.65
C ASN J 166 33.03 -5.87 -25.29
N LEU J 167 33.44 -5.32 -24.14
CA LEU J 167 34.83 -5.48 -23.71
C LEU J 167 35.15 -6.94 -23.40
N ILE J 168 34.20 -7.66 -22.80
CA ILE J 168 34.38 -9.09 -22.56
C ILE J 168 34.53 -9.83 -23.88
N ALA J 169 33.72 -9.47 -24.87
CA ALA J 169 33.83 -10.09 -26.18
C ALA J 169 35.22 -9.89 -26.77
N LYS J 170 35.73 -8.66 -26.67
CA LYS J 170 37.08 -8.38 -27.18
C LYS J 170 38.13 -9.17 -26.43
N PHE J 171 38.02 -9.24 -25.10
CA PHE J 171 39.00 -9.96 -24.29
C PHE J 171 39.03 -11.43 -24.67
N PHE J 172 37.86 -12.05 -24.83
CA PHE J 172 37.83 -13.46 -25.21
C PHE J 172 38.26 -13.69 -26.65
N LYS J 173 38.05 -12.71 -27.54
CA LYS J 173 38.54 -12.85 -28.89
C LYS J 173 40.06 -12.81 -28.96
N VAL J 174 40.71 -11.93 -28.20
CA VAL J 174 42.17 -11.89 -28.17
C VAL J 174 42.79 -13.10 -27.48
N LEU J 175 42.26 -13.52 -26.34
CA LEU J 175 42.87 -14.56 -25.52
C LEU J 175 42.50 -15.93 -26.06
N LYS J 176 43.48 -16.81 -26.15
CA LYS J 176 43.31 -18.15 -26.70
C LYS J 176 43.44 -19.20 -25.60
N GLY J 177 42.66 -20.27 -25.72
CA GLY J 177 42.68 -21.33 -24.73
C GLY J 177 41.70 -22.41 -25.12
N GLU J 178 41.62 -23.42 -24.27
CA GLU J 178 40.73 -24.54 -24.52
C GLU J 178 39.28 -24.08 -24.46
N PRO J 179 38.42 -24.54 -25.38
CA PRO J 179 37.03 -24.03 -25.40
C PRO J 179 36.24 -24.25 -24.13
N GLU J 180 36.46 -25.36 -23.42
CA GLU J 180 35.65 -25.66 -22.24
C GLU J 180 35.92 -24.67 -21.11
N LYS J 181 37.19 -24.35 -20.86
CA LYS J 181 37.53 -23.41 -19.80
C LYS J 181 36.97 -22.02 -20.12
N LYS J 182 37.11 -21.59 -21.37
CA LYS J 182 36.56 -20.29 -21.76
C LYS J 182 35.05 -20.27 -21.63
N LYS J 183 34.40 -21.38 -21.98
CA LYS J 183 32.95 -21.47 -21.83
C LYS J 183 32.54 -21.33 -20.37
N ARG J 184 33.24 -22.02 -19.47
CA ARG J 184 32.91 -21.93 -18.04
C ARG J 184 33.13 -20.52 -17.50
N VAL J 185 34.24 -19.89 -17.87
CA VAL J 185 34.50 -18.53 -17.43
C VAL J 185 33.43 -17.57 -17.94
N LEU J 186 33.05 -17.71 -19.21
CA LEU J 186 32.02 -16.85 -19.78
C LEU J 186 30.70 -17.04 -19.07
N LEU J 187 30.35 -18.30 -18.74
CA LEU J 187 29.11 -18.56 -18.03
C LEU J 187 29.13 -17.89 -16.66
N LYS J 188 30.25 -17.96 -15.95
CA LYS J 188 30.33 -17.32 -14.64
C LYS J 188 30.16 -15.81 -14.75
N LEU J 189 30.85 -15.19 -15.72
CA LEU J 189 30.72 -13.75 -15.90
C LEU J 189 29.28 -13.36 -16.23
N LEU J 190 28.63 -14.13 -17.09
CA LEU J 190 27.26 -13.81 -17.46
C LEU J 190 26.31 -14.00 -16.29
N GLU J 191 26.57 -14.97 -15.42
CA GLU J 191 25.75 -15.11 -14.22
C GLU J 191 25.90 -13.91 -13.30
N ASP J 192 27.13 -13.41 -13.14
CA ASP J 192 27.33 -12.19 -12.35
C ASP J 192 26.53 -11.02 -12.92
N ILE J 193 26.66 -10.81 -14.23
CA ILE J 193 25.97 -9.68 -14.88
C ILE J 193 24.47 -9.83 -14.74
N LYS J 194 23.94 -11.03 -14.97
CA LYS J 194 22.50 -11.26 -14.89
C LYS J 194 22.00 -11.07 -13.47
N LYS J 195 22.77 -11.49 -12.48
CA LYS J 195 22.39 -11.26 -11.09
C LYS J 195 22.20 -9.78 -10.81
N VAL J 196 23.20 -8.97 -11.15
CA VAL J 196 23.10 -7.54 -10.86
C VAL J 196 21.95 -6.91 -11.65
N PHE J 197 21.81 -7.28 -12.93
CA PHE J 197 20.77 -6.70 -13.76
C PHE J 197 19.38 -7.06 -13.28
N GLU J 198 19.19 -8.32 -12.85
CA GLU J 198 17.87 -8.74 -12.38
C GLU J 198 17.52 -8.09 -11.06
N LEU J 199 18.52 -7.75 -10.25
CA LEU J 199 18.20 -6.96 -9.06
C LEU J 199 17.89 -5.53 -9.42
N TRP J 200 18.60 -4.96 -10.40
CA TRP J 200 18.46 -3.54 -10.71
C TRP J 200 17.19 -3.22 -11.49
N ILE J 201 16.68 -4.17 -12.29
CA ILE J 201 15.61 -3.86 -13.23
C ILE J 201 14.28 -3.57 -12.54
N THR J 202 14.15 -3.90 -11.25
CA THR J 202 12.86 -3.75 -10.59
C THR J 202 12.49 -2.31 -10.29
N ARG J 203 13.28 -1.32 -10.70
CA ARG J 203 13.04 0.07 -10.34
C ARG J 203 12.73 0.94 -11.55
N VAL J 204 12.41 0.36 -12.71
CA VAL J 204 12.43 1.13 -13.93
C VAL J 204 11.11 1.04 -14.71
N ASN J 205 10.00 0.65 -14.06
CA ASN J 205 8.66 0.74 -14.67
C ASN J 205 8.48 -0.32 -15.76
N PRO J 206 7.34 -1.02 -15.79
CA PRO J 206 7.23 -2.24 -16.61
C PRO J 206 7.48 -2.13 -18.11
N GLU J 207 7.36 -0.95 -18.71
CA GLU J 207 7.65 -0.82 -20.13
C GLU J 207 9.14 -0.62 -20.41
N GLN J 208 9.81 0.22 -19.63
CA GLN J 208 11.26 0.31 -19.74
C GLN J 208 11.91 -1.00 -19.32
N GLN J 209 11.24 -1.79 -18.48
CA GLN J 209 11.73 -3.12 -18.16
C GLN J 209 11.82 -3.96 -19.43
N ILE J 210 10.75 -3.94 -20.23
CA ILE J 210 10.75 -4.71 -21.49
C ILE J 210 11.86 -4.20 -22.41
N LEU J 211 11.95 -2.87 -22.55
CA LEU J 211 12.96 -2.30 -23.44
C LEU J 211 14.37 -2.73 -23.05
N PHE J 212 14.74 -2.52 -21.79
CA PHE J 212 16.09 -2.79 -21.34
C PHE J 212 16.37 -4.29 -21.32
N THR J 213 15.38 -5.11 -20.95
CA THR J 213 15.58 -6.55 -20.96
C THR J 213 15.85 -7.05 -22.37
N GLU J 214 15.08 -6.57 -23.35
CA GLU J 214 15.32 -6.94 -24.74
C GLU J 214 16.75 -6.59 -25.14
N LEU J 215 17.16 -5.33 -24.88
CA LEU J 215 18.48 -4.89 -25.30
C LEU J 215 19.59 -5.74 -24.66
N VAL J 216 19.52 -5.92 -23.35
CA VAL J 216 20.59 -6.61 -22.62
C VAL J 216 20.64 -8.08 -23.03
N TYR J 217 19.49 -8.73 -23.14
CA TYR J 217 19.48 -10.15 -23.48
C TYR J 217 19.98 -10.38 -24.90
N SER J 218 19.62 -9.50 -25.84
CA SER J 218 20.16 -9.62 -27.19
C SER J 218 21.67 -9.44 -27.19
N ALA J 219 22.18 -8.48 -26.40
CA ALA J 219 23.62 -8.30 -26.32
C ALA J 219 24.32 -9.55 -25.78
N ILE J 220 23.74 -10.16 -24.75
CA ILE J 220 24.33 -11.36 -24.16
C ILE J 220 24.32 -12.51 -25.16
N GLU J 221 23.23 -12.69 -25.90
CA GLU J 221 23.17 -13.76 -26.88
C GLU J 221 24.18 -13.55 -28.00
N ASP J 222 24.35 -12.31 -28.45
CA ASP J 222 25.36 -12.05 -29.46
C ASP J 222 26.77 -12.31 -28.93
N LEU J 223 27.01 -11.97 -27.67
CA LEU J 223 28.29 -12.30 -27.05
C LEU J 223 28.54 -13.80 -27.04
N LYS J 224 27.52 -14.57 -26.66
CA LYS J 224 27.66 -16.02 -26.65
C LYS J 224 27.98 -16.54 -28.05
N LYS J 225 27.27 -16.04 -29.06
CA LYS J 225 27.55 -16.46 -30.43
C LYS J 225 28.99 -16.17 -30.80
N HIS J 226 29.44 -14.94 -30.57
CA HIS J 226 30.81 -14.56 -30.95
C HIS J 226 31.84 -15.44 -30.27
N THR J 227 31.74 -15.61 -28.94
CA THR J 227 32.76 -16.37 -28.24
C THR J 227 32.71 -17.85 -28.60
N LEU J 228 31.53 -18.42 -28.79
CA LEU J 228 31.46 -19.84 -29.13
C LEU J 228 31.97 -20.10 -30.54
N GLU J 229 31.80 -19.15 -31.46
CA GLU J 229 32.45 -19.29 -32.76
C GLU J 229 33.97 -19.11 -32.64
N VAL J 230 34.41 -18.27 -31.69
CA VAL J 230 35.85 -18.13 -31.45
C VAL J 230 36.43 -19.44 -30.93
N LEU J 231 35.66 -20.15 -30.10
CA LEU J 231 36.15 -21.41 -29.54
C LEU J 231 36.43 -22.45 -30.61
N GLY J 232 35.54 -22.55 -31.61
CA GLY J 232 35.65 -23.56 -32.65
C GLY J 232 36.97 -23.56 -33.40
N ASN K 25 23.70 -50.57 3.49
CA ASN K 25 22.45 -51.21 3.06
C ASN K 25 21.25 -50.36 3.47
N THR K 26 20.17 -50.44 2.69
CA THR K 26 18.98 -49.65 2.97
C THR K 26 18.34 -50.06 4.29
N VAL K 27 18.29 -51.37 4.56
CA VAL K 27 17.66 -51.85 5.78
C VAL K 27 18.35 -51.28 7.02
N GLU K 28 19.69 -51.26 6.99
CA GLU K 28 20.41 -50.68 8.12
C GLU K 28 20.05 -49.22 8.31
N LYS K 29 19.90 -48.48 7.22
CA LYS K 29 19.47 -47.09 7.32
C LYS K 29 18.08 -46.98 7.93
N VAL K 30 17.18 -47.90 7.58
CA VAL K 30 15.82 -47.84 8.11
C VAL K 30 15.81 -48.09 9.60
N LEU K 31 16.57 -49.09 10.08
CA LEU K 31 16.62 -49.30 11.52
C LEU K 31 17.38 -48.18 12.24
N LYS K 32 18.33 -47.52 11.58
CA LYS K 32 18.92 -46.33 12.18
C LYS K 32 17.87 -45.24 12.38
N VAL K 33 17.04 -45.03 11.35
CA VAL K 33 15.95 -44.06 11.46
C VAL K 33 15.00 -44.45 12.58
N LYS K 34 14.72 -45.75 12.70
CA LYS K 34 13.83 -46.22 13.76
C LYS K 34 14.41 -45.93 15.14
N GLU K 35 15.70 -46.20 15.33
CA GLU K 35 16.32 -45.95 16.62
C GLU K 35 16.29 -44.47 16.97
N GLU K 36 16.62 -43.62 15.98
CA GLU K 36 16.58 -42.18 16.22
C GLU K 36 15.15 -41.72 16.55
N ALA K 37 14.16 -42.28 15.87
CA ALA K 37 12.77 -41.90 16.13
C ALA K 37 12.34 -42.28 17.53
N GLU K 38 12.70 -43.49 17.98
CA GLU K 38 12.37 -43.88 19.36
C GLU K 38 13.07 -42.99 20.38
N LYS K 39 14.32 -42.62 20.13
CA LYS K 39 15.03 -41.72 21.04
C LYS K 39 14.32 -40.38 21.12
N ARG K 40 13.93 -39.82 19.96
CA ARG K 40 13.23 -38.55 19.95
C ARG K 40 11.88 -38.65 20.63
N ILE K 41 11.19 -39.78 20.47
CA ILE K 41 9.90 -39.97 21.12
C ILE K 41 10.05 -39.94 22.62
N ALA K 42 11.09 -40.61 23.14
CA ALA K 42 11.34 -40.57 24.58
C ALA K 42 11.65 -39.15 25.05
N GLU K 43 12.48 -38.43 24.30
CA GLU K 43 12.81 -37.05 24.67
C GLU K 43 11.55 -36.18 24.72
N ILE K 44 10.68 -36.33 23.74
CA ILE K 44 9.44 -35.54 23.71
C ILE K 44 8.51 -35.96 24.83
N GLU K 45 8.47 -37.24 25.15
CA GLU K 45 7.62 -37.71 26.25
C GLU K 45 8.08 -37.13 27.58
N LYS K 46 9.37 -36.80 27.69
CA LYS K 46 9.86 -36.16 28.93
C LYS K 46 9.82 -34.64 28.89
N LEU K 47 8.86 -34.02 28.18
CA LEU K 47 8.89 -32.58 27.95
C LEU K 47 7.91 -31.77 28.79
N GLU K 48 6.94 -32.42 29.45
CA GLU K 48 6.10 -31.81 30.48
C GLU K 48 5.19 -30.69 29.98
N ASN K 49 5.29 -30.35 28.69
CA ASN K 49 4.42 -29.34 28.11
C ASN K 49 3.77 -29.91 26.85
N ILE K 50 2.47 -30.21 26.93
CA ILE K 50 1.79 -30.96 25.88
C ILE K 50 1.62 -30.19 24.59
N GLU K 51 1.37 -28.88 24.65
CA GLU K 51 1.12 -28.12 23.43
C GLU K 51 2.31 -28.13 22.48
N GLU K 52 3.52 -28.01 23.02
CA GLU K 52 4.73 -28.03 22.21
C GLU K 52 5.24 -29.44 21.95
N ALA K 53 4.68 -30.44 22.60
CA ALA K 53 5.06 -31.84 22.37
C ALA K 53 4.40 -32.41 21.14
N VAL K 54 3.12 -32.10 20.91
CA VAL K 54 2.44 -32.58 19.72
C VAL K 54 3.06 -31.99 18.46
N LEU K 55 3.44 -30.71 18.52
CA LEU K 55 4.10 -30.09 17.38
C LEU K 55 5.44 -30.74 17.09
N LYS K 56 6.19 -31.08 18.14
CA LYS K 56 7.46 -31.77 17.95
C LYS K 56 7.25 -33.15 17.36
N LEU K 57 6.20 -33.86 17.80
CA LEU K 57 5.91 -35.17 17.23
C LEU K 57 5.51 -35.06 15.76
N LEU K 58 4.74 -34.02 15.40
CA LEU K 58 4.39 -33.82 13.99
C LEU K 58 5.62 -33.50 13.15
N GLU K 59 6.54 -32.71 13.70
CA GLU K 59 7.79 -32.43 13.01
C GLU K 59 8.61 -33.71 12.81
N LEU K 60 8.65 -34.57 13.83
CA LEU K 60 9.34 -35.84 13.70
C LEU K 60 8.70 -36.71 12.63
N LEU K 61 7.37 -36.74 12.57
CA LEU K 61 6.68 -37.48 11.53
C LEU K 61 7.04 -36.95 10.15
N ASP K 62 7.09 -35.63 10.00
CA ASP K 62 7.48 -35.03 8.72
C ASP K 62 8.90 -35.45 8.33
N GLU K 63 9.83 -35.43 9.29
CA GLU K 63 11.20 -35.83 8.99
C GLU K 63 11.27 -37.29 8.56
N VAL K 64 10.52 -38.16 9.24
CA VAL K 64 10.51 -39.58 8.88
C VAL K 64 9.96 -39.76 7.47
N ILE K 65 8.89 -39.04 7.13
CA ILE K 65 8.31 -39.16 5.81
C ILE K 65 9.29 -38.66 4.74
N HIS K 66 10.00 -37.57 5.01
CA HIS K 66 11.00 -37.10 4.05
C HIS K 66 12.09 -38.14 3.83
N GLU K 67 12.58 -38.74 4.93
CA GLU K 67 13.59 -39.78 4.79
C GLU K 67 13.07 -40.97 3.99
N ALA K 68 11.82 -41.37 4.24
CA ALA K 68 11.24 -42.48 3.50
C ALA K 68 11.13 -42.16 2.01
N ALA K 69 10.77 -40.93 1.70
CA ALA K 69 10.68 -40.53 0.29
C ALA K 69 12.05 -40.50 -0.37
N LEU K 70 13.10 -40.24 0.42
CA LEU K 70 14.44 -40.16 -0.16
C LEU K 70 14.88 -41.49 -0.75
N LEU K 71 14.63 -42.59 -0.05
CA LEU K 71 15.09 -43.90 -0.51
C LEU K 71 13.97 -44.68 -1.18
N PRO K 72 14.28 -45.56 -2.13
CA PRO K 72 13.22 -46.31 -2.80
C PRO K 72 12.68 -47.41 -1.89
N ILE K 73 11.39 -47.69 -2.03
CA ILE K 73 10.70 -48.59 -1.12
C ILE K 73 10.84 -50.02 -1.62
N THR K 74 10.88 -50.96 -0.68
CA THR K 74 11.01 -52.39 -0.94
C THR K 74 10.10 -53.12 0.02
N PRO K 75 9.73 -54.37 -0.29
CA PRO K 75 8.81 -55.11 0.60
C PRO K 75 9.32 -55.28 2.02
N GLU K 76 10.63 -55.40 2.22
CA GLU K 76 11.14 -55.66 3.56
C GLU K 76 11.11 -54.40 4.42
N THR K 77 11.38 -53.24 3.83
CA THR K 77 11.44 -52.00 4.60
C THR K 77 10.06 -51.39 4.84
N LYS K 78 9.04 -51.85 4.12
CA LYS K 78 7.70 -51.29 4.28
C LYS K 78 7.19 -51.50 5.70
N LEU K 79 7.38 -52.71 6.24
CA LEU K 79 6.91 -52.99 7.59
C LEU K 79 7.61 -52.11 8.61
N ILE K 80 8.92 -51.92 8.48
CA ILE K 80 9.65 -51.10 9.45
C ILE K 80 9.18 -49.65 9.38
N TRP K 81 9.02 -49.14 8.16
CA TRP K 81 8.49 -47.78 8.00
C TRP K 81 7.13 -47.66 8.67
N TRP K 82 6.28 -48.69 8.52
CA TRP K 82 4.95 -48.63 9.10
C TRP K 82 5.00 -48.67 10.62
N GLU K 83 5.94 -49.44 11.20
CA GLU K 83 6.08 -49.44 12.65
C GLU K 83 6.51 -48.06 13.15
N ILE K 84 7.45 -47.41 12.47
CA ILE K 84 7.86 -46.07 12.87
C ILE K 84 6.67 -45.10 12.82
N ILE K 85 5.93 -45.13 11.71
CA ILE K 85 4.80 -44.22 11.54
C ILE K 85 3.74 -44.50 12.60
N GLU K 86 3.46 -45.77 12.86
CA GLU K 86 2.45 -46.14 13.84
C GLU K 86 2.83 -45.65 15.24
N ALA K 87 4.09 -45.85 15.62
CA ALA K 87 4.54 -45.41 16.94
C ALA K 87 4.37 -43.90 17.09
N ILE K 88 4.87 -43.14 16.11
CA ILE K 88 4.80 -41.69 16.20
C ILE K 88 3.35 -41.22 16.24
N ALA K 89 2.51 -41.79 15.37
CA ALA K 89 1.12 -41.33 15.27
C ALA K 89 0.33 -41.66 16.53
N LEU K 90 0.51 -42.86 17.07
CA LEU K 90 -0.22 -43.21 18.29
C LEU K 90 0.22 -42.35 19.47
N ALA K 91 1.53 -42.08 19.58
CA ALA K 91 1.99 -41.18 20.63
C ALA K 91 1.36 -39.80 20.48
N ALA K 92 1.34 -39.28 19.24
CA ALA K 92 0.79 -37.96 19.00
C ALA K 92 -0.69 -37.90 19.33
N LEU K 93 -1.45 -38.93 18.96
CA LEU K 93 -2.89 -38.91 19.24
C LEU K 93 -3.16 -38.99 20.74
N HIS K 94 -2.44 -39.85 21.46
CA HIS K 94 -2.64 -39.88 22.89
C HIS K 94 -2.27 -38.56 23.55
N LYS K 95 -1.23 -37.89 23.07
CA LYS K 95 -0.93 -36.55 23.56
C LYS K 95 -2.04 -35.58 23.24
N LEU K 96 -2.68 -35.73 22.08
CA LEU K 96 -3.83 -34.88 21.74
C LEU K 96 -4.95 -35.05 22.74
N LEU K 97 -5.08 -36.23 23.32
CA LEU K 97 -6.09 -36.42 24.35
C LEU K 97 -5.70 -35.72 25.66
N ASP K 98 -4.43 -35.41 25.84
CA ASP K 98 -3.89 -34.91 27.12
C ASP K 98 -3.82 -33.39 27.18
N GLY K 99 -4.89 -32.67 26.87
CA GLY K 99 -4.88 -31.23 27.06
C GLY K 99 -4.62 -30.40 25.83
N GLY K 100 -5.18 -29.18 25.81
CA GLY K 100 -5.07 -28.25 24.71
C GLY K 100 -6.40 -27.63 24.39
N ASN K 101 -6.51 -27.06 23.20
CA ASN K 101 -7.77 -26.53 22.71
C ASN K 101 -8.50 -27.59 21.89
N ILE K 102 -9.81 -27.69 22.08
CA ILE K 102 -10.57 -28.81 21.52
C ILE K 102 -10.54 -28.78 20.00
N GLU K 103 -10.85 -27.63 19.41
CA GLU K 103 -10.93 -27.53 17.96
C GLU K 103 -9.56 -27.71 17.31
N VAL K 104 -8.53 -27.11 17.91
CA VAL K 104 -7.17 -27.28 17.42
C VAL K 104 -6.75 -28.73 17.50
N ASN K 105 -7.10 -29.41 18.60
CA ASN K 105 -6.75 -30.82 18.75
C ASN K 105 -7.45 -31.69 17.71
N ILE K 106 -8.71 -31.40 17.42
CA ILE K 106 -9.42 -32.15 16.38
C ILE K 106 -8.77 -31.94 15.02
N LEU K 107 -8.41 -30.69 14.72
CA LEU K 107 -7.72 -30.40 13.47
C LEU K 107 -6.39 -31.14 13.38
N LEU K 108 -5.66 -31.22 14.50
CA LEU K 108 -4.38 -31.92 14.49
C LEU K 108 -4.57 -33.42 14.28
N ALA K 109 -5.61 -33.99 14.87
CA ALA K 109 -5.91 -35.41 14.65
C ALA K 109 -6.19 -35.67 13.17
N LEU K 110 -7.00 -34.80 12.55
CA LEU K 110 -7.28 -34.95 11.12
C LEU K 110 -6.01 -34.80 10.29
N ARG K 111 -5.11 -33.91 10.70
CA ARG K 111 -3.86 -33.72 9.97
C ARG K 111 -2.96 -34.95 10.07
N ILE K 112 -2.91 -35.57 11.25
CA ILE K 112 -2.16 -36.82 11.40
C ILE K 112 -2.72 -37.89 10.48
N LEU K 113 -4.06 -37.99 10.43
CA LEU K 113 -4.68 -38.95 9.52
C LEU K 113 -4.32 -38.64 8.07
N GLU K 114 -4.32 -37.38 7.67
CA GLU K 114 -4.01 -37.02 6.30
C GLU K 114 -2.57 -37.37 5.95
N LYS K 115 -1.64 -37.14 6.88
CA LYS K 115 -0.25 -37.54 6.65
C LYS K 115 -0.13 -39.05 6.49
N ALA K 116 -0.87 -39.80 7.33
CA ALA K 116 -0.87 -41.26 7.18
C ALA K 116 -1.40 -41.67 5.81
N ILE K 117 -2.44 -40.99 5.33
CA ILE K 117 -3.01 -41.34 4.02
C ILE K 117 -2.05 -41.01 2.90
N ASN K 118 -1.34 -39.88 3.01
CA ASN K 118 -0.33 -39.54 2.01
C ASN K 118 0.79 -40.58 1.98
N PHE K 119 1.23 -41.04 3.14
CA PHE K 119 2.23 -42.11 3.16
C PHE K 119 1.68 -43.40 2.57
N LEU K 120 0.40 -43.68 2.82
CA LEU K 120 -0.26 -44.83 2.20
C LEU K 120 -0.22 -44.73 0.69
N LYS K 121 -0.48 -43.54 0.15
CA LYS K 121 -0.38 -43.33 -1.29
C LYS K 121 1.05 -43.57 -1.78
N MET K 122 2.04 -43.04 -1.05
CA MET K 122 3.42 -43.14 -1.49
C MET K 122 3.91 -44.59 -1.49
N VAL K 123 3.56 -45.36 -0.47
CA VAL K 123 4.04 -46.73 -0.35
C VAL K 123 3.39 -47.67 -1.35
N GLY K 124 2.20 -47.33 -1.86
CA GLY K 124 1.54 -48.14 -2.86
C GLY K 124 0.85 -49.39 -2.33
N MET K 125 1.25 -50.55 -2.83
CA MET K 125 0.61 -51.81 -2.47
C MET K 125 0.79 -52.10 -0.99
N VAL K 126 -0.28 -52.61 -0.37
CA VAL K 126 -0.35 -52.78 1.08
C VAL K 126 -0.73 -54.22 1.38
N GLY K 127 0.03 -54.87 2.26
CA GLY K 127 -0.23 -56.22 2.67
C GLY K 127 -1.15 -56.29 3.88
N GLU K 128 -1.16 -57.47 4.52
CA GLU K 128 -2.05 -57.69 5.66
C GLU K 128 -1.56 -56.94 6.90
N LYS K 129 -0.26 -57.00 7.18
CA LYS K 129 0.28 -56.32 8.35
C LYS K 129 0.11 -54.81 8.23
N GLU K 130 0.40 -54.26 7.05
CA GLU K 130 0.21 -52.84 6.81
C GLU K 130 -1.26 -52.46 6.87
N PHE K 131 -2.14 -53.32 6.38
CA PHE K 131 -3.58 -53.08 6.51
C PHE K 131 -3.98 -52.98 7.97
N GLU K 132 -3.49 -53.91 8.79
CA GLU K 132 -3.81 -53.91 10.22
C GLU K 132 -3.30 -52.63 10.88
N ILE K 133 -2.07 -52.23 10.57
CA ILE K 133 -1.49 -51.03 11.17
C ILE K 133 -2.29 -49.79 10.78
N ALA K 134 -2.64 -49.67 9.49
CA ALA K 134 -3.38 -48.50 9.03
C ALA K 134 -4.76 -48.44 9.65
N VAL K 135 -5.44 -49.58 9.76
CA VAL K 135 -6.75 -49.59 10.40
C VAL K 135 -6.63 -49.21 11.88
N LYS K 136 -5.55 -49.65 12.54
CA LYS K 136 -5.34 -49.28 13.93
C LYS K 136 -5.17 -47.77 14.08
N ILE K 137 -4.39 -47.16 13.19
CA ILE K 137 -4.20 -45.70 13.25
C ILE K 137 -5.52 -44.99 13.02
N LEU K 138 -6.28 -45.44 12.03
CA LEU K 138 -7.58 -44.83 11.74
C LEU K 138 -8.52 -44.94 12.93
N GLU K 139 -8.54 -46.10 13.59
CA GLU K 139 -9.45 -46.31 14.70
C GLU K 139 -9.05 -45.45 15.90
N ALA K 140 -7.75 -45.34 16.17
CA ALA K 140 -7.30 -44.49 17.27
C ALA K 140 -7.67 -43.03 17.02
N ALA K 141 -7.49 -42.57 15.78
CA ALA K 141 -7.87 -41.20 15.44
C ALA K 141 -9.37 -40.98 15.59
N LEU K 142 -10.17 -41.97 15.16
CA LEU K 142 -11.62 -41.84 15.29
C LEU K 142 -12.04 -41.73 16.75
N HIS K 143 -11.46 -42.57 17.62
CA HIS K 143 -11.82 -42.52 19.03
C HIS K 143 -11.42 -41.20 19.65
N VAL K 144 -10.23 -40.70 19.32
CA VAL K 144 -9.79 -39.39 19.82
C VAL K 144 -10.76 -38.31 19.39
N VAL K 145 -11.15 -38.33 18.10
CA VAL K 145 -12.01 -37.28 17.56
C VAL K 145 -13.38 -37.32 18.23
N LEU K 146 -13.96 -38.51 18.42
CA LEU K 146 -15.27 -38.59 19.07
C LEU K 146 -15.20 -38.10 20.51
N THR K 147 -14.16 -38.52 21.25
CA THR K 147 -14.01 -38.11 22.63
C THR K 147 -13.90 -36.59 22.75
N LEU K 148 -13.07 -35.98 21.89
CA LEU K 148 -12.94 -34.53 21.95
C LEU K 148 -14.21 -33.82 21.48
N SER K 149 -14.89 -34.36 20.47
CA SER K 149 -16.05 -33.67 19.90
C SER K 149 -17.25 -33.75 20.83
N ARG K 150 -17.21 -34.61 21.84
CA ARG K 150 -18.31 -34.60 22.82
C ARG K 150 -18.48 -33.25 23.50
N LEU K 151 -17.43 -32.41 23.51
CA LEU K 151 -17.46 -31.13 24.21
C LEU K 151 -17.68 -29.94 23.28
N LEU K 152 -18.05 -30.17 22.04
CA LEU K 152 -18.27 -29.10 21.07
C LEU K 152 -19.72 -28.66 21.07
N ASN K 153 -20.00 -27.60 20.32
CA ASN K 153 -21.36 -27.11 20.14
C ASN K 153 -22.06 -27.93 19.06
N GLU K 154 -23.33 -27.59 18.82
CA GLU K 154 -24.15 -28.35 17.89
C GLU K 154 -23.56 -28.37 16.49
N LEU K 155 -23.47 -27.18 15.88
CA LEU K 155 -23.00 -27.07 14.51
C LEU K 155 -21.57 -27.58 14.36
N GLU K 156 -20.71 -27.25 15.32
CA GLU K 156 -19.33 -27.71 15.26
C GLU K 156 -19.24 -29.23 15.36
N PHE K 157 -20.05 -29.83 16.23
CA PHE K 157 -20.05 -31.29 16.35
C PHE K 157 -20.47 -31.94 15.03
N VAL K 158 -21.56 -31.48 14.44
CA VAL K 158 -22.03 -32.11 13.21
C VAL K 158 -21.04 -31.87 12.07
N LYS K 159 -20.41 -30.69 12.04
CA LYS K 159 -19.40 -30.43 11.02
C LYS K 159 -18.22 -31.38 11.16
N VAL K 160 -17.77 -31.62 12.39
CA VAL K 160 -16.67 -32.55 12.62
C VAL K 160 -17.06 -33.95 12.19
N LEU K 161 -18.29 -34.35 12.49
CA LEU K 161 -18.78 -35.67 12.08
C LEU K 161 -18.73 -35.83 10.57
N VAL K 162 -19.26 -34.84 9.84
CA VAL K 162 -19.30 -34.93 8.38
C VAL K 162 -17.88 -34.94 7.80
N GLU K 163 -17.00 -34.10 8.36
CA GLU K 163 -15.62 -34.06 7.92
C GLU K 163 -14.94 -35.41 8.10
N PHE K 164 -15.17 -36.06 9.24
CA PHE K 164 -14.52 -37.34 9.48
C PHE K 164 -15.11 -38.44 8.58
N ILE K 165 -16.40 -38.36 8.28
CA ILE K 165 -16.99 -39.33 7.36
C ILE K 165 -16.35 -39.20 5.98
N ASN K 166 -16.15 -37.97 5.52
CA ASN K 166 -15.49 -37.77 4.23
C ASN K 166 -14.04 -38.25 4.27
N LEU K 167 -13.35 -38.03 5.39
CA LEU K 167 -11.98 -38.51 5.52
C LEU K 167 -11.92 -40.04 5.49
N ILE K 168 -12.89 -40.70 6.11
CA ILE K 168 -12.97 -42.15 6.05
C ILE K 168 -13.16 -42.61 4.60
N ALA K 169 -14.03 -41.91 3.87
CA ALA K 169 -14.22 -42.24 2.45
C ALA K 169 -12.92 -42.15 1.68
N LYS K 170 -12.17 -41.07 1.91
CA LYS K 170 -10.88 -40.90 1.23
C LYS K 170 -9.90 -42.01 1.60
N PHE K 171 -9.84 -42.35 2.89
CA PHE K 171 -8.91 -43.37 3.36
C PHE K 171 -9.22 -44.71 2.71
N PHE K 172 -10.50 -45.08 2.66
CA PHE K 172 -10.87 -46.35 2.05
C PHE K 172 -10.70 -46.33 0.53
N LYS K 173 -10.84 -45.17 -0.10
CA LYS K 173 -10.58 -45.10 -1.53
C LYS K 173 -9.11 -45.29 -1.86
N VAL K 174 -8.20 -44.70 -1.08
CA VAL K 174 -6.77 -44.91 -1.31
C VAL K 174 -6.30 -46.32 -0.94
N LEU K 175 -6.77 -46.87 0.17
CA LEU K 175 -6.30 -48.14 0.69
C LEU K 175 -6.97 -49.30 -0.06
N LYS K 176 -6.17 -50.29 -0.45
CA LYS K 176 -6.64 -51.43 -1.21
C LYS K 176 -6.59 -52.69 -0.37
N GLY K 177 -7.55 -53.58 -0.58
CA GLY K 177 -7.62 -54.82 0.17
C GLY K 177 -8.82 -55.62 -0.26
N GLU K 178 -8.97 -56.78 0.37
CA GLU K 178 -10.09 -57.66 0.05
C GLU K 178 -11.40 -56.99 0.48
N PRO K 179 -12.46 -57.09 -0.33
CA PRO K 179 -13.70 -56.35 -0.02
C PRO K 179 -14.33 -56.70 1.32
N GLU K 180 -14.24 -57.96 1.75
CA GLU K 180 -14.92 -58.36 2.98
C GLU K 180 -14.29 -57.70 4.21
N LYS K 181 -12.96 -57.66 4.27
CA LYS K 181 -12.29 -57.05 5.41
C LYS K 181 -12.60 -55.56 5.48
N LYS K 182 -12.55 -54.87 4.34
CA LYS K 182 -12.87 -53.45 4.31
C LYS K 182 -14.32 -53.22 4.70
N LYS K 183 -15.21 -54.11 4.27
CA LYS K 183 -16.62 -54.00 4.66
C LYS K 183 -16.79 -54.12 6.17
N ARG K 184 -16.11 -55.09 6.79
CA ARG K 184 -16.22 -55.27 8.23
C ARG K 184 -15.65 -54.07 8.99
N VAL K 185 -14.50 -53.56 8.55
CA VAL K 185 -13.91 -52.39 9.20
C VAL K 185 -14.84 -51.18 9.08
N LEU K 186 -15.41 -50.98 7.89
CA LEU K 186 -16.31 -49.85 7.69
C LEU K 186 -17.54 -49.99 8.57
N LEU K 187 -18.08 -51.20 8.69
CA LEU K 187 -19.24 -51.41 9.55
C LEU K 187 -18.92 -51.08 11.00
N LYS K 188 -17.74 -51.49 11.47
CA LYS K 188 -17.36 -51.19 12.85
C LYS K 188 -17.24 -49.69 13.08
N LEU K 189 -16.58 -48.98 12.16
CA LEU K 189 -16.43 -47.54 12.31
C LEU K 189 -17.79 -46.85 12.30
N LEU K 190 -18.69 -47.29 11.42
CA LEU K 190 -20.02 -46.69 11.34
C LEU K 190 -20.82 -46.94 12.60
N GLU K 191 -20.67 -48.13 13.21
CA GLU K 191 -21.36 -48.39 14.47
C GLU K 191 -20.83 -47.48 15.57
N ASP K 192 -19.52 -47.25 15.60
CA ASP K 192 -18.95 -46.31 16.57
C ASP K 192 -19.57 -44.92 16.41
N ILE K 193 -19.57 -44.42 15.17
CA ILE K 193 -20.10 -43.08 14.90
C ILE K 193 -21.58 -43.02 15.28
N LYS K 194 -22.35 -44.05 14.92
CA LYS K 194 -23.77 -44.05 15.23
C LYS K 194 -24.03 -44.08 16.73
N LYS K 195 -23.22 -44.85 17.47
CA LYS K 195 -23.33 -44.86 18.92
C LYS K 195 -23.18 -43.46 19.49
N VAL K 196 -22.10 -42.77 19.12
CA VAL K 196 -21.87 -41.43 19.67
C VAL K 196 -22.98 -40.48 19.24
N PHE K 197 -23.39 -40.53 17.97
CA PHE K 197 -24.39 -39.60 17.47
C PHE K 197 -25.75 -39.84 18.12
N GLU K 198 -26.11 -41.10 18.33
CA GLU K 198 -27.40 -41.40 18.95
C GLU K 198 -27.42 -41.03 20.42
N LEU K 199 -26.27 -41.08 21.10
CA LEU K 199 -26.22 -40.54 22.44
C LEU K 199 -26.34 -39.02 22.43
N TRP K 200 -25.70 -38.36 21.46
CA TRP K 200 -25.59 -36.90 21.46
C TRP K 200 -26.87 -36.21 21.01
N ILE K 201 -27.64 -36.83 20.11
CA ILE K 201 -28.75 -36.12 19.47
C ILE K 201 -29.89 -35.80 20.43
N THR K 202 -29.95 -36.45 21.58
CA THR K 202 -31.09 -36.27 22.48
C THR K 202 -31.14 -34.91 23.14
N ARG K 203 -30.26 -33.97 22.78
CA ARG K 203 -30.17 -32.69 23.45
C ARG K 203 -30.45 -31.51 22.52
N VAL K 204 -31.01 -31.75 21.34
CA VAL K 204 -30.97 -30.74 20.30
C VAL K 204 -32.36 -30.35 19.78
N ASN K 205 -33.43 -30.69 20.52
CA ASN K 205 -34.80 -30.25 20.21
C ASN K 205 -35.31 -31.00 18.97
N PRO K 206 -36.56 -31.51 19.00
CA PRO K 206 -37.01 -32.49 18.00
C PRO K 206 -36.91 -32.08 16.53
N GLU K 207 -37.03 -30.81 16.20
CA GLU K 207 -36.92 -30.39 14.81
C GLU K 207 -35.48 -30.41 14.31
N GLN K 208 -34.55 -29.90 15.11
CA GLN K 208 -33.15 -30.03 14.75
C GLN K 208 -32.70 -31.48 14.80
N GLN K 209 -33.36 -32.31 15.59
CA GLN K 209 -33.10 -33.74 15.56
C GLN K 209 -33.36 -34.26 14.16
N ILE K 210 -34.48 -33.88 13.56
CA ILE K 210 -34.82 -34.34 12.22
C ILE K 210 -33.81 -33.81 11.20
N LEU K 211 -33.48 -32.52 11.31
CA LEU K 211 -32.51 -31.93 10.38
C LEU K 211 -31.17 -32.68 10.40
N PHE K 212 -30.60 -32.81 11.60
CA PHE K 212 -29.28 -33.42 11.72
C PHE K 212 -29.32 -34.91 11.41
N THR K 213 -30.41 -35.59 11.76
CA THR K 213 -30.52 -37.01 11.44
C THR K 213 -30.53 -37.21 9.93
N GLU K 214 -31.31 -36.40 9.21
CA GLU K 214 -31.32 -36.49 7.75
C GLU K 214 -29.92 -36.29 7.19
N LEU K 215 -29.24 -35.22 7.63
CA LEU K 215 -27.92 -34.91 7.09
C LEU K 215 -26.93 -36.05 7.35
N VAL K 216 -26.85 -36.52 8.60
CA VAL K 216 -25.85 -37.52 8.97
C VAL K 216 -26.14 -38.86 8.30
N TYR K 217 -27.42 -39.27 8.26
CA TYR K 217 -27.73 -40.55 7.64
C TYR K 217 -27.49 -40.52 6.14
N SER K 218 -27.77 -39.39 5.48
CA SER K 218 -27.46 -39.27 4.07
C SER K 218 -25.96 -39.36 3.84
N ALA K 219 -25.17 -38.71 4.69
CA ALA K 219 -23.72 -38.79 4.57
C ALA K 219 -23.23 -40.23 4.72
N ILE K 220 -23.77 -40.95 5.71
CA ILE K 220 -23.35 -42.33 5.95
C ILE K 220 -23.73 -43.22 4.77
N GLU K 221 -24.94 -43.05 4.23
CA GLU K 221 -25.35 -43.87 3.09
C GLU K 221 -24.48 -43.59 1.87
N ASP K 222 -24.15 -42.32 1.63
CA ASP K 222 -23.24 -42.00 0.52
C ASP K 222 -21.88 -42.62 0.72
N LEU K 223 -21.37 -42.62 1.96
CA LEU K 223 -20.10 -43.26 2.25
C LEU K 223 -20.17 -44.76 1.96
N LYS K 224 -21.25 -45.40 2.38
CA LYS K 224 -21.41 -46.84 2.11
C LYS K 224 -21.39 -47.10 0.62
N LYS K 225 -22.12 -46.29 -0.15
CA LYS K 225 -22.15 -46.49 -1.60
C LYS K 225 -20.76 -46.31 -2.21
N HIS K 226 -20.04 -45.26 -1.78
CA HIS K 226 -18.72 -45.00 -2.33
C HIS K 226 -17.76 -46.16 -2.08
N THR K 227 -17.65 -46.61 -0.82
CA THR K 227 -16.71 -47.69 -0.54
C THR K 227 -17.16 -49.00 -1.15
N LEU K 228 -18.47 -49.26 -1.23
CA LEU K 228 -18.92 -50.50 -1.85
C LEU K 228 -18.61 -50.52 -3.34
N GLU K 229 -18.72 -49.37 -4.01
CA GLU K 229 -18.31 -49.33 -5.41
C GLU K 229 -16.80 -49.45 -5.53
N VAL K 230 -16.06 -48.94 -4.54
CA VAL K 230 -14.61 -49.12 -4.53
C VAL K 230 -14.25 -50.60 -4.43
N LEU K 231 -15.02 -51.35 -3.64
CA LEU K 231 -14.75 -52.78 -3.46
C LEU K 231 -14.86 -53.55 -4.78
N GLY K 232 -15.86 -53.24 -5.59
CA GLY K 232 -16.16 -53.98 -6.79
C GLY K 232 -15.00 -54.39 -7.68
N ASN L 25 35.07 -9.54 -70.80
CA ASN L 25 33.64 -9.55 -70.48
C ASN L 25 33.40 -8.85 -69.14
N THR L 26 32.20 -8.29 -68.98
CA THR L 26 31.89 -7.57 -67.76
C THR L 26 31.61 -8.52 -66.60
N VAL L 27 30.96 -9.65 -66.89
CA VAL L 27 30.52 -10.56 -65.84
C VAL L 27 31.72 -11.11 -65.06
N GLU L 28 32.78 -11.50 -65.78
CA GLU L 28 33.96 -12.01 -65.09
C GLU L 28 34.57 -10.95 -64.18
N LYS L 29 34.58 -9.70 -64.64
CA LYS L 29 35.05 -8.60 -63.80
C LYS L 29 34.19 -8.46 -62.54
N VAL L 30 32.87 -8.58 -62.70
CA VAL L 30 31.99 -8.40 -61.53
C VAL L 30 32.20 -9.51 -60.52
N LEU L 31 32.33 -10.76 -60.97
CA LEU L 31 32.60 -11.84 -60.03
C LEU L 31 33.99 -11.75 -59.42
N LYS L 32 34.98 -11.20 -60.16
CA LYS L 32 36.28 -10.97 -59.56
C LYS L 32 36.18 -9.92 -58.45
N VAL L 33 35.37 -8.88 -58.68
CA VAL L 33 35.13 -7.87 -57.65
C VAL L 33 34.45 -8.50 -56.45
N LYS L 34 33.50 -9.40 -56.70
CA LYS L 34 32.81 -10.09 -55.62
C LYS L 34 33.80 -10.91 -54.78
N GLU L 35 34.68 -11.64 -55.45
CA GLU L 35 35.66 -12.45 -54.72
C GLU L 35 36.58 -11.58 -53.87
N GLU L 36 37.06 -10.48 -54.45
CA GLU L 36 37.91 -9.57 -53.69
C GLU L 36 37.16 -8.99 -52.50
N ALA L 37 35.88 -8.64 -52.69
CA ALA L 37 35.09 -8.09 -51.60
C ALA L 37 34.92 -9.08 -50.47
N GLU L 38 34.65 -10.35 -50.78
CA GLU L 38 34.51 -11.35 -49.73
C GLU L 38 35.83 -11.58 -49.00
N LYS L 39 36.94 -11.59 -49.73
CA LYS L 39 38.24 -11.74 -49.08
C LYS L 39 38.50 -10.58 -48.12
N ARG L 40 38.21 -9.36 -48.55
CA ARG L 40 38.40 -8.20 -47.68
C ARG L 40 37.45 -8.26 -46.48
N ILE L 41 36.23 -8.77 -46.69
CA ILE L 41 35.28 -8.87 -45.58
C ILE L 41 35.80 -9.82 -44.51
N ALA L 42 36.35 -10.97 -44.95
CA ALA L 42 36.94 -11.89 -43.98
C ALA L 42 38.14 -11.27 -43.27
N GLU L 43 38.99 -10.57 -44.03
CA GLU L 43 40.14 -9.91 -43.42
C GLU L 43 39.71 -8.91 -42.35
N ILE L 44 38.68 -8.12 -42.64
CA ILE L 44 38.20 -7.13 -41.67
C ILE L 44 37.54 -7.83 -40.48
N GLU L 45 36.84 -8.94 -40.75
CA GLU L 45 36.22 -9.68 -39.65
C GLU L 45 37.27 -10.21 -38.68
N LYS L 46 38.48 -10.46 -39.17
CA LYS L 46 39.57 -10.87 -38.29
C LYS L 46 40.40 -9.72 -37.74
N LEU L 47 39.82 -8.54 -37.54
CA LEU L 47 40.58 -7.35 -37.15
C LEU L 47 40.54 -7.05 -35.65
N GLU L 48 39.56 -7.56 -34.92
CA GLU L 48 39.50 -7.51 -33.46
C GLU L 48 39.17 -6.12 -32.90
N ASN L 49 39.19 -5.08 -33.73
CA ASN L 49 38.91 -3.75 -33.23
C ASN L 49 37.76 -3.15 -34.03
N ILE L 50 36.62 -2.99 -33.38
CA ILE L 50 35.37 -2.64 -34.05
C ILE L 50 35.39 -1.23 -34.66
N GLU L 51 36.04 -0.27 -34.02
CA GLU L 51 36.04 1.09 -34.53
C GLU L 51 36.75 1.18 -35.87
N GLU L 52 37.86 0.46 -36.04
CA GLU L 52 38.57 0.45 -37.30
C GLU L 52 37.98 -0.53 -38.30
N ALA L 53 37.05 -1.39 -37.88
CA ALA L 53 36.43 -2.35 -38.78
C ALA L 53 35.29 -1.74 -39.56
N VAL L 54 34.44 -0.94 -38.92
CA VAL L 54 33.33 -0.31 -39.61
C VAL L 54 33.83 0.69 -40.64
N LEU L 55 34.89 1.43 -40.30
CA LEU L 55 35.45 2.38 -41.26
C LEU L 55 36.05 1.67 -42.46
N LYS L 56 36.73 0.54 -42.22
CA LYS L 56 37.27 -0.24 -43.33
C LYS L 56 36.14 -0.80 -44.21
N LEU L 57 35.05 -1.24 -43.59
CA LEU L 57 33.92 -1.74 -44.36
C LEU L 57 33.28 -0.62 -45.19
N LEU L 58 33.18 0.58 -44.63
CA LEU L 58 32.66 1.72 -45.39
C LEU L 58 33.58 2.07 -46.55
N GLU L 59 34.90 2.01 -46.33
CA GLU L 59 35.84 2.24 -47.41
C GLU L 59 35.68 1.19 -48.51
N LEU L 60 35.50 -0.07 -48.13
CA LEU L 60 35.27 -1.13 -49.10
C LEU L 60 34.00 -0.89 -49.90
N LEU L 61 32.94 -0.45 -49.22
CA LEU L 61 31.69 -0.12 -49.91
C LEU L 61 31.92 1.00 -50.92
N ASP L 62 32.68 2.02 -50.53
CA ASP L 62 32.97 3.13 -51.45
C ASP L 62 33.74 2.63 -52.66
N GLU L 63 34.72 1.76 -52.46
CA GLU L 63 35.49 1.22 -53.58
C GLU L 63 34.59 0.42 -54.51
N VAL L 64 33.70 -0.40 -53.95
CA VAL L 64 32.79 -1.19 -54.77
C VAL L 64 31.88 -0.29 -55.59
N ILE L 65 31.37 0.79 -54.98
CA ILE L 65 30.50 1.70 -55.71
C ILE L 65 31.27 2.40 -56.83
N HIS L 66 32.52 2.78 -56.58
CA HIS L 66 33.32 3.39 -57.64
C HIS L 66 33.52 2.43 -58.80
N GLU L 67 33.85 1.17 -58.51
CA GLU L 67 34.01 0.18 -59.58
C GLU L 67 32.71 -0.01 -60.34
N ALA L 68 31.57 -0.06 -59.63
CA ALA L 68 30.29 -0.23 -60.29
C ALA L 68 29.99 0.94 -61.21
N ALA L 69 30.31 2.15 -60.77
CA ALA L 69 30.08 3.32 -61.61
C ALA L 69 31.01 3.32 -62.82
N LEU L 70 32.17 2.67 -62.71
CA LEU L 70 33.13 2.67 -63.80
C LEU L 70 32.57 1.98 -65.05
N LEU L 71 31.94 0.81 -64.88
CA LEU L 71 31.45 0.06 -66.03
C LEU L 71 29.95 0.21 -66.18
N PRO L 72 29.40 0.12 -67.39
CA PRO L 72 27.96 0.31 -67.55
C PRO L 72 27.17 -0.90 -67.06
N ILE L 73 25.95 -0.63 -66.60
CA ILE L 73 25.16 -1.65 -65.91
C ILE L 73 24.35 -2.44 -66.92
N THR L 74 24.07 -3.69 -66.58
CA THR L 74 23.31 -4.61 -67.41
C THR L 74 22.43 -5.45 -66.50
N PRO L 75 21.35 -6.03 -67.04
CA PRO L 75 20.45 -6.82 -66.18
C PRO L 75 21.13 -7.99 -65.48
N GLU L 76 22.13 -8.60 -66.09
CA GLU L 76 22.77 -9.76 -65.49
C GLU L 76 23.66 -9.36 -64.31
N THR L 77 24.38 -8.24 -64.44
CA THR L 77 25.32 -7.83 -63.40
C THR L 77 24.64 -7.10 -62.25
N LYS L 78 23.39 -6.67 -62.42
CA LYS L 78 22.69 -5.94 -61.37
C LYS L 78 22.55 -6.79 -60.11
N LEU L 79 22.17 -8.05 -60.29
CA LEU L 79 21.99 -8.93 -59.14
C LEU L 79 23.30 -9.14 -58.40
N ILE L 80 24.40 -9.35 -59.14
CA ILE L 80 25.70 -9.58 -58.49
C ILE L 80 26.13 -8.34 -57.71
N TRP L 81 25.97 -7.16 -58.32
CA TRP L 81 26.29 -5.93 -57.62
C TRP L 81 25.48 -5.81 -56.34
N TRP L 82 24.19 -6.16 -56.42
CA TRP L 82 23.34 -6.05 -55.23
C TRP L 82 23.74 -7.04 -54.16
N GLU L 83 24.19 -8.24 -54.53
CA GLU L 83 24.67 -9.18 -53.53
C GLU L 83 25.92 -8.67 -52.84
N ILE L 84 26.84 -8.07 -53.60
CA ILE L 84 28.04 -7.51 -52.98
C ILE L 84 27.68 -6.41 -51.99
N ILE L 85 26.80 -5.49 -52.42
CA ILE L 85 26.40 -4.40 -51.55
C ILE L 85 25.69 -4.93 -50.32
N GLU L 86 24.83 -5.94 -50.50
CA GLU L 86 24.11 -6.52 -49.37
C GLU L 86 25.06 -7.12 -48.35
N ALA L 87 26.04 -7.90 -48.81
CA ALA L 87 26.99 -8.51 -47.90
C ALA L 87 27.74 -7.46 -47.10
N ILE L 88 28.30 -6.46 -47.79
CA ILE L 88 29.09 -5.44 -47.11
C ILE L 88 28.23 -4.66 -46.13
N ALA L 89 27.03 -4.28 -46.55
CA ALA L 89 26.16 -3.45 -45.70
C ALA L 89 25.71 -4.20 -44.46
N LEU L 90 25.31 -5.47 -44.62
CA LEU L 90 24.87 -6.24 -43.47
C LEU L 90 26.01 -6.47 -42.48
N ALA L 91 27.21 -6.76 -43.00
CA ALA L 91 28.36 -6.91 -42.10
C ALA L 91 28.62 -5.62 -41.34
N ALA L 92 28.58 -4.48 -42.03
CA ALA L 92 28.82 -3.20 -41.39
C ALA L 92 27.80 -2.89 -40.31
N LEU L 93 26.52 -3.16 -40.59
CA LEU L 93 25.47 -2.89 -39.61
C LEU L 93 25.64 -3.77 -38.37
N HIS L 94 25.92 -5.06 -38.56
CA HIS L 94 26.13 -5.91 -37.39
C HIS L 94 27.34 -5.46 -36.59
N LYS L 95 28.41 -5.03 -37.26
CA LYS L 95 29.54 -4.47 -36.52
C LYS L 95 29.15 -3.21 -35.76
N LEU L 96 28.26 -2.39 -36.32
CA LEU L 96 27.77 -1.22 -35.61
C LEU L 96 27.06 -1.63 -34.33
N LEU L 97 26.41 -2.80 -34.32
CA LEU L 97 25.80 -3.26 -33.08
C LEU L 97 26.85 -3.68 -32.04
N ASP L 98 28.07 -3.98 -32.46
CA ASP L 98 29.09 -4.56 -31.58
C ASP L 98 30.03 -3.52 -30.99
N GLY L 99 29.52 -2.46 -30.38
CA GLY L 99 30.39 -1.55 -29.65
C GLY L 99 30.74 -0.27 -30.36
N GLY L 100 30.94 0.81 -29.59
CA GLY L 100 31.28 2.13 -30.06
C GLY L 100 30.47 3.18 -29.36
N ASN L 101 30.50 4.39 -29.92
CA ASN L 101 29.68 5.49 -29.43
C ASN L 101 28.30 5.43 -30.07
N ILE L 102 27.25 5.64 -29.27
CA ILE L 102 25.89 5.42 -29.73
C ILE L 102 25.54 6.36 -30.88
N GLU L 103 25.78 7.66 -30.68
CA GLU L 103 25.40 8.64 -31.69
C GLU L 103 26.19 8.47 -32.97
N VAL L 104 27.50 8.20 -32.84
CA VAL L 104 28.33 7.95 -34.02
C VAL L 104 27.84 6.70 -34.75
N ASN L 105 27.45 5.66 -34.02
CA ASN L 105 26.97 4.44 -34.66
C ASN L 105 25.66 4.68 -35.39
N ILE L 106 24.76 5.49 -34.81
CA ILE L 106 23.50 5.81 -35.50
C ILE L 106 23.78 6.60 -36.78
N LEU L 107 24.68 7.57 -36.70
CA LEU L 107 25.06 8.34 -37.88
C LEU L 107 25.66 7.43 -38.96
N LEU L 108 26.47 6.47 -38.56
CA LEU L 108 27.06 5.54 -39.53
C LEU L 108 26.01 4.66 -40.18
N ALA L 109 25.02 4.21 -39.40
CA ALA L 109 23.92 3.43 -39.97
C ALA L 109 23.17 4.25 -41.01
N LEU L 110 22.88 5.52 -40.69
CA LEU L 110 22.18 6.37 -41.64
C LEU L 110 23.03 6.59 -42.90
N ARG L 111 24.35 6.73 -42.74
CA ARG L 111 25.21 6.91 -43.91
C ARG L 111 25.26 5.67 -44.79
N ILE L 112 25.27 4.48 -44.18
CA ILE L 112 25.19 3.25 -44.96
C ILE L 112 23.90 3.20 -45.76
N LEU L 113 22.78 3.56 -45.10
CA LEU L 113 21.51 3.59 -45.82
C LEU L 113 21.53 4.59 -46.97
N GLU L 114 22.13 5.76 -46.75
CA GLU L 114 22.19 6.77 -47.80
C GLU L 114 23.05 6.29 -48.98
N LYS L 115 24.15 5.59 -48.70
CA LYS L 115 24.95 5.03 -49.79
C LYS L 115 24.15 3.99 -50.57
N ALA L 116 23.38 3.16 -49.87
CA ALA L 116 22.53 2.20 -50.56
C ALA L 116 21.51 2.90 -51.44
N ILE L 117 20.94 4.01 -50.95
CA ILE L 117 19.96 4.77 -51.74
C ILE L 117 20.61 5.38 -52.96
N ASN L 118 21.84 5.89 -52.81
CA ASN L 118 22.54 6.44 -53.96
C ASN L 118 22.82 5.38 -55.02
N PHE L 119 23.22 4.18 -54.59
CA PHE L 119 23.40 3.09 -55.54
C PHE L 119 22.08 2.71 -56.19
N LEU L 120 20.98 2.78 -55.42
CA LEU L 120 19.66 2.54 -55.98
C LEU L 120 19.34 3.53 -57.09
N LYS L 121 19.67 4.81 -56.88
CA LYS L 121 19.49 5.82 -57.92
C LYS L 121 20.33 5.50 -59.14
N MET L 122 21.59 5.10 -58.91
CA MET L 122 22.50 4.88 -60.04
C MET L 122 22.07 3.66 -60.87
N VAL L 123 21.61 2.60 -60.23
CA VAL L 123 21.30 1.36 -60.93
C VAL L 123 20.06 1.46 -61.80
N GLY L 124 19.20 2.43 -61.55
CA GLY L 124 18.00 2.59 -62.36
C GLY L 124 16.84 1.71 -61.94
N MET L 125 16.34 0.89 -62.87
CA MET L 125 15.17 0.06 -62.60
C MET L 125 15.51 -1.05 -61.62
N VAL L 126 14.47 -1.63 -61.03
CA VAL L 126 14.61 -2.62 -59.96
C VAL L 126 13.64 -3.77 -60.21
N GLY L 127 14.12 -5.00 -60.12
CA GLY L 127 13.28 -6.17 -60.20
C GLY L 127 12.77 -6.58 -58.82
N GLU L 128 12.29 -7.82 -58.75
CA GLU L 128 11.77 -8.30 -57.47
C GLU L 128 12.90 -8.73 -56.53
N LYS L 129 13.98 -9.30 -57.08
CA LYS L 129 15.09 -9.73 -56.25
C LYS L 129 15.82 -8.54 -55.65
N GLU L 130 16.08 -7.52 -56.48
CA GLU L 130 16.71 -6.30 -55.98
C GLU L 130 15.80 -5.58 -55.00
N PHE L 131 14.49 -5.59 -55.23
CA PHE L 131 13.55 -5.02 -54.27
C PHE L 131 13.66 -5.72 -52.93
N GLU L 132 13.70 -7.06 -52.95
CA GLU L 132 13.82 -7.82 -51.70
C GLU L 132 15.12 -7.47 -50.98
N ILE L 133 16.23 -7.40 -51.72
CA ILE L 133 17.52 -7.10 -51.12
C ILE L 133 17.51 -5.71 -50.49
N ALA L 134 16.99 -4.71 -51.21
CA ALA L 134 16.95 -3.36 -50.68
C ALA L 134 16.07 -3.26 -49.44
N VAL L 135 14.93 -3.94 -49.44
CA VAL L 135 14.06 -3.93 -48.28
C VAL L 135 14.75 -4.58 -47.09
N LYS L 136 15.52 -5.65 -47.34
CA LYS L 136 16.27 -6.28 -46.25
C LYS L 136 17.31 -5.35 -45.66
N ILE L 137 18.02 -4.62 -46.52
CA ILE L 137 19.02 -3.66 -46.03
C ILE L 137 18.34 -2.59 -45.18
N LEU L 138 17.21 -2.06 -45.68
CA LEU L 138 16.48 -1.03 -44.94
C LEU L 138 16.01 -1.55 -43.59
N GLU L 139 15.51 -2.78 -43.56
CA GLU L 139 15.03 -3.38 -42.31
C GLU L 139 16.16 -3.57 -41.31
N ALA L 140 17.32 -4.05 -41.78
CA ALA L 140 18.46 -4.22 -40.88
C ALA L 140 18.90 -2.89 -40.30
N ALA L 141 18.94 -1.85 -41.13
CA ALA L 141 19.30 -0.52 -40.65
C ALA L 141 18.30 -0.01 -39.62
N LEU L 142 17.01 -0.24 -39.87
CA LEU L 142 15.98 0.21 -38.93
C LEU L 142 16.11 -0.48 -37.59
N HIS L 143 16.33 -1.80 -37.60
CA HIS L 143 16.45 -2.52 -36.34
C HIS L 143 17.69 -2.09 -35.57
N VAL L 144 18.81 -1.89 -36.27
CA VAL L 144 20.02 -1.40 -35.61
C VAL L 144 19.77 -0.04 -34.98
N VAL L 145 19.12 0.86 -35.72
CA VAL L 145 18.89 2.22 -35.22
C VAL L 145 17.99 2.20 -34.00
N LEU L 146 16.92 1.40 -34.03
CA LEU L 146 16.02 1.35 -32.88
C LEU L 146 16.72 0.79 -31.65
N THR L 147 17.49 -0.30 -31.83
CA THR L 147 18.21 -0.89 -30.72
C THR L 147 19.18 0.11 -30.10
N LEU L 148 19.92 0.84 -30.93
CA LEU L 148 20.87 1.80 -30.38
C LEU L 148 20.17 3.00 -29.76
N SER L 149 19.05 3.44 -30.33
CA SER L 149 18.39 4.64 -29.83
C SER L 149 17.66 4.40 -28.54
N ARG L 150 17.43 3.13 -28.16
CA ARG L 150 16.87 2.87 -26.84
C ARG L 150 17.68 3.48 -25.71
N LEU L 151 18.97 3.77 -25.94
CA LEU L 151 19.85 4.27 -24.90
C LEU L 151 20.13 5.76 -25.00
N LEU L 152 19.34 6.52 -25.75
CA LEU L 152 19.56 7.95 -25.92
C LEU L 152 18.67 8.76 -24.98
N ASN L 153 18.92 10.06 -24.94
CA ASN L 153 18.07 10.98 -24.21
C ASN L 153 16.80 11.25 -24.99
N GLU L 154 15.86 11.97 -24.37
CA GLU L 154 14.53 12.14 -24.96
C GLU L 154 14.62 12.90 -26.28
N LEU L 155 15.25 14.08 -26.26
CA LEU L 155 15.32 14.90 -27.47
C LEU L 155 16.10 14.20 -28.57
N GLU L 156 17.23 13.57 -28.22
CA GLU L 156 18.01 12.86 -29.21
C GLU L 156 17.23 11.69 -29.80
N PHE L 157 16.49 10.96 -28.96
CA PHE L 157 15.71 9.83 -29.44
C PHE L 157 14.65 10.29 -30.44
N VAL L 158 13.91 11.36 -30.11
CA VAL L 158 12.86 11.82 -31.01
C VAL L 158 13.45 12.39 -32.29
N LYS L 159 14.60 13.07 -32.19
CA LYS L 159 15.27 13.58 -33.38
C LYS L 159 15.68 12.44 -34.31
N VAL L 160 16.21 11.36 -33.74
CA VAL L 160 16.61 10.20 -34.53
C VAL L 160 15.38 9.58 -35.19
N LEU L 161 14.28 9.49 -34.45
CA LEU L 161 13.04 8.95 -35.02
C LEU L 161 12.58 9.74 -36.24
N VAL L 162 12.53 11.07 -36.09
CA VAL L 162 12.07 11.92 -37.21
C VAL L 162 13.03 11.81 -38.38
N GLU L 163 14.33 11.79 -38.11
CA GLU L 163 15.31 11.67 -39.17
C GLU L 163 15.15 10.37 -39.95
N PHE L 164 14.91 9.26 -39.24
CA PHE L 164 14.75 7.99 -39.92
C PHE L 164 13.43 7.94 -40.69
N ILE L 165 12.39 8.59 -40.19
CA ILE L 165 11.13 8.63 -40.95
C ILE L 165 11.33 9.38 -42.26
N ASN L 166 12.05 10.50 -42.22
CA ASN L 166 12.34 11.22 -43.45
C ASN L 166 13.22 10.38 -44.39
N LEU L 167 14.17 9.63 -43.84
CA LEU L 167 15.00 8.76 -44.67
C LEU L 167 14.17 7.68 -45.34
N ILE L 168 13.20 7.10 -44.62
CA ILE L 168 12.31 6.12 -45.22
C ILE L 168 11.51 6.75 -46.36
N ALA L 169 11.06 7.99 -46.15
CA ALA L 169 10.34 8.69 -47.21
C ALA L 169 11.20 8.83 -48.46
N LYS L 170 12.47 9.24 -48.27
CA LYS L 170 13.37 9.35 -49.42
C LYS L 170 13.61 8.02 -50.09
N PHE L 171 13.81 6.96 -49.30
CA PHE L 171 14.06 5.64 -49.85
C PHE L 171 12.90 5.16 -50.71
N PHE L 172 11.67 5.33 -50.22
CA PHE L 172 10.51 4.91 -50.99
C PHE L 172 10.25 5.83 -52.18
N LYS L 173 10.63 7.10 -52.10
CA LYS L 173 10.52 7.96 -53.27
C LYS L 173 11.48 7.55 -54.39
N VAL L 174 12.71 7.17 -54.04
CA VAL L 174 13.68 6.76 -55.06
C VAL L 174 13.39 5.38 -55.63
N LEU L 175 12.94 4.43 -54.82
CA LEU L 175 12.76 3.04 -55.24
C LEU L 175 11.38 2.84 -55.83
N LYS L 176 11.33 2.18 -56.98
CA LYS L 176 10.09 1.96 -57.72
C LYS L 176 9.66 0.51 -57.60
N GLY L 177 8.36 0.28 -57.53
CA GLY L 177 7.84 -1.07 -57.40
C GLY L 177 6.33 -1.05 -57.39
N GLU L 178 5.76 -2.24 -57.25
CA GLU L 178 4.32 -2.39 -57.25
C GLU L 178 3.72 -1.74 -55.99
N PRO L 179 2.65 -0.96 -56.12
CA PRO L 179 2.14 -0.20 -54.97
C PRO L 179 1.77 -1.03 -53.75
N GLU L 180 1.18 -2.21 -53.94
CA GLU L 180 0.70 -2.99 -52.80
C GLU L 180 1.89 -3.52 -51.99
N LYS L 181 2.94 -3.98 -52.68
CA LYS L 181 4.14 -4.45 -51.98
C LYS L 181 4.76 -3.33 -51.15
N LYS L 182 4.90 -2.14 -51.75
CA LYS L 182 5.47 -1.02 -51.02
C LYS L 182 4.59 -0.63 -49.85
N LYS L 183 3.27 -0.72 -50.02
CA LYS L 183 2.35 -0.42 -48.93
C LYS L 183 2.55 -1.39 -47.76
N ARG L 184 2.69 -2.69 -48.07
CA ARG L 184 2.89 -3.67 -47.01
C ARG L 184 4.21 -3.45 -46.29
N VAL L 185 5.28 -3.17 -47.04
CA VAL L 185 6.58 -2.92 -46.42
C VAL L 185 6.51 -1.68 -45.53
N LEU L 186 5.89 -0.61 -46.01
CA LEU L 186 5.78 0.61 -45.22
C LEU L 186 4.98 0.37 -43.95
N LEU L 187 3.89 -0.40 -44.06
CA LEU L 187 3.10 -0.70 -42.87
C LEU L 187 3.92 -1.46 -41.84
N LYS L 188 4.70 -2.45 -42.29
CA LYS L 188 5.52 -3.23 -41.36
C LYS L 188 6.55 -2.34 -40.65
N LEU L 189 7.22 -1.48 -41.42
CA LEU L 189 8.18 -0.56 -40.81
C LEU L 189 7.51 0.35 -39.79
N LEU L 190 6.32 0.84 -40.12
CA LEU L 190 5.63 1.75 -39.21
C LEU L 190 5.21 1.04 -37.94
N GLU L 191 4.80 -0.23 -38.03
CA GLU L 191 4.49 -0.98 -36.82
C GLU L 191 5.73 -1.17 -35.95
N ASP L 192 6.88 -1.44 -36.56
CA ASP L 192 8.12 -1.53 -35.78
C ASP L 192 8.38 -0.23 -35.02
N ILE L 193 8.33 0.89 -35.74
CA ILE L 193 8.61 2.19 -35.13
C ILE L 193 7.60 2.48 -34.03
N LYS L 194 6.32 2.20 -34.28
CA LYS L 194 5.28 2.48 -33.30
C LYS L 194 5.45 1.64 -32.04
N LYS L 195 5.80 0.36 -32.19
CA LYS L 195 6.01 -0.48 -31.02
C LYS L 195 7.10 0.09 -30.14
N VAL L 196 8.25 0.42 -30.76
CA VAL L 196 9.35 0.98 -29.95
C VAL L 196 8.93 2.29 -29.30
N PHE L 197 8.25 3.15 -30.06
CA PHE L 197 7.88 4.48 -29.53
C PHE L 197 6.89 4.38 -28.38
N GLU L 198 5.89 3.49 -28.50
CA GLU L 198 4.91 3.39 -27.42
C GLU L 198 5.49 2.72 -26.19
N LEU L 199 6.49 1.84 -26.35
CA LEU L 199 7.20 1.39 -25.17
C LEU L 199 8.00 2.52 -24.53
N TRP L 200 8.64 3.35 -25.36
CA TRP L 200 9.55 4.37 -24.84
C TRP L 200 8.83 5.56 -24.21
N ILE L 201 7.64 5.90 -24.70
CA ILE L 201 7.00 7.16 -24.33
C ILE L 201 6.56 7.20 -22.87
N THR L 202 6.50 6.05 -22.20
CA THR L 202 5.96 6.03 -20.84
C THR L 202 6.92 6.60 -19.80
N ARG L 203 8.03 7.22 -20.20
CA ARG L 203 9.02 7.70 -19.25
C ARG L 203 9.21 9.21 -19.30
N VAL L 204 8.31 9.95 -19.93
CA VAL L 204 8.61 11.33 -20.27
C VAL L 204 7.56 12.32 -19.78
N ASN L 205 6.70 11.94 -18.80
CA ASN L 205 5.79 12.88 -18.14
C ASN L 205 4.66 13.28 -19.08
N PRO L 206 3.40 13.30 -18.60
CA PRO L 206 2.24 13.36 -19.50
C PRO L 206 2.13 14.55 -20.44
N GLU L 207 2.79 15.66 -20.18
CA GLU L 207 2.76 16.78 -21.11
C GLU L 207 3.76 16.64 -22.24
N GLN L 208 4.99 16.23 -21.93
CA GLN L 208 5.93 15.87 -22.99
C GLN L 208 5.40 14.70 -23.79
N GLN L 209 4.61 13.83 -23.17
CA GLN L 209 3.97 12.74 -23.90
C GLN L 209 3.09 13.27 -25.01
N ILE L 210 2.25 14.26 -24.69
CA ILE L 210 1.37 14.85 -25.70
C ILE L 210 2.18 15.53 -26.79
N LEU L 211 3.20 16.29 -26.39
CA LEU L 211 4.04 16.98 -27.38
C LEU L 211 4.67 16.01 -28.37
N PHE L 212 5.37 15.00 -27.83
CA PHE L 212 6.09 14.06 -28.68
C PHE L 212 5.14 13.21 -29.50
N THR L 213 4.00 12.80 -28.92
CA THR L 213 3.04 12.02 -29.67
C THR L 213 2.50 12.81 -30.85
N GLU L 214 2.15 14.07 -30.64
CA GLU L 214 1.70 14.92 -31.74
C GLU L 214 2.74 14.97 -32.84
N LEU L 215 3.99 15.27 -32.48
CA LEU L 215 5.03 15.43 -33.47
C LEU L 215 5.24 14.14 -34.28
N VAL L 216 5.40 13.01 -33.58
CA VAL L 216 5.71 11.75 -34.24
C VAL L 216 4.55 11.29 -35.10
N TYR L 217 3.32 11.43 -34.60
CA TYR L 217 2.17 10.97 -35.36
C TYR L 217 1.96 11.82 -36.61
N SER L 218 2.18 13.13 -36.51
CA SER L 218 2.10 13.97 -37.70
C SER L 218 3.16 13.59 -38.71
N ALA L 219 4.38 13.29 -38.25
CA ALA L 219 5.44 12.85 -39.16
C ALA L 219 5.05 11.56 -39.87
N ILE L 220 4.47 10.61 -39.12
CA ILE L 220 4.09 9.33 -39.72
C ILE L 220 2.98 9.52 -40.75
N GLU L 221 1.99 10.36 -40.44
CA GLU L 221 0.92 10.61 -41.41
C GLU L 221 1.45 11.30 -42.66
N ASP L 222 2.39 12.22 -42.51
CA ASP L 222 2.99 12.85 -43.68
C ASP L 222 3.75 11.83 -44.52
N LEU L 223 4.45 10.90 -43.87
CA LEU L 223 5.13 9.83 -44.60
C LEU L 223 4.13 8.98 -45.37
N LYS L 224 3.01 8.63 -44.74
CA LYS L 224 1.99 7.84 -45.42
C LYS L 224 1.46 8.57 -46.63
N LYS L 225 1.18 9.86 -46.48
CA LYS L 225 0.67 10.66 -47.60
C LYS L 225 1.68 10.69 -48.75
N HIS L 226 2.94 10.99 -48.44
CA HIS L 226 3.96 11.06 -49.47
C HIS L 226 4.11 9.74 -50.21
N THR L 227 4.21 8.64 -49.47
CA THR L 227 4.41 7.35 -50.10
C THR L 227 3.20 6.93 -50.92
N LEU L 228 1.98 7.22 -50.42
CA LEU L 228 0.79 6.83 -51.18
C LEU L 228 0.66 7.64 -52.46
N GLU L 229 1.03 8.93 -52.43
CA GLU L 229 1.04 9.69 -53.67
C GLU L 229 2.12 9.18 -54.62
N VAL L 230 3.24 8.69 -54.06
CA VAL L 230 4.27 8.08 -54.90
C VAL L 230 3.73 6.82 -55.58
N LEU L 231 2.91 6.06 -54.85
CA LEU L 231 2.36 4.81 -55.40
C LEU L 231 1.52 5.06 -56.63
N GLY L 232 0.69 6.11 -56.60
CA GLY L 232 -0.25 6.39 -57.68
C GLY L 232 0.34 6.45 -59.07
N ASN M 25 24.17 -9.95 51.94
CA ASN M 25 23.74 -11.33 52.06
C ASN M 25 22.39 -11.53 51.36
N THR M 26 22.14 -12.75 50.89
CA THR M 26 20.89 -13.03 50.17
C THR M 26 19.70 -13.04 51.12
N VAL M 27 19.90 -13.54 52.34
CA VAL M 27 18.78 -13.73 53.26
C VAL M 27 18.13 -12.40 53.62
N GLU M 28 18.94 -11.37 53.89
CA GLU M 28 18.36 -10.08 54.23
C GLU M 28 17.58 -9.51 53.04
N LYS M 29 18.08 -9.71 51.83
CA LYS M 29 17.34 -9.29 50.64
C LYS M 29 15.99 -10.00 50.55
N VAL M 30 15.97 -11.30 50.82
CA VAL M 30 14.71 -12.05 50.71
C VAL M 30 13.73 -11.59 51.78
N LEU M 31 14.20 -11.34 53.00
CA LEU M 31 13.30 -10.84 54.04
C LEU M 31 12.80 -9.43 53.73
N LYS M 32 13.64 -8.59 53.10
CA LYS M 32 13.15 -7.28 52.70
C LYS M 32 12.08 -7.41 51.62
N VAL M 33 12.26 -8.36 50.70
CA VAL M 33 11.24 -8.64 49.69
C VAL M 33 9.95 -9.09 50.35
N LYS M 34 10.07 -9.93 51.39
CA LYS M 34 8.89 -10.39 52.11
C LYS M 34 8.16 -9.23 52.78
N GLU M 35 8.91 -8.32 53.41
CA GLU M 35 8.28 -7.17 54.05
C GLU M 35 7.55 -6.31 53.04
N GLU M 36 8.20 -6.04 51.90
CA GLU M 36 7.54 -5.25 50.86
C GLU M 36 6.30 -5.95 50.33
N ALA M 37 6.36 -7.28 50.17
CA ALA M 37 5.22 -8.02 49.67
C ALA M 37 4.04 -7.96 50.63
N GLU M 38 4.29 -8.11 51.93
CA GLU M 38 3.20 -7.99 52.90
C GLU M 38 2.62 -6.58 52.92
N LYS M 39 3.47 -5.56 52.82
CA LYS M 39 2.97 -4.19 52.77
C LYS M 39 2.06 -3.99 51.55
N ARG M 40 2.49 -4.48 50.39
CA ARG M 40 1.68 -4.36 49.19
C ARG M 40 0.38 -5.15 49.31
N ILE M 41 0.43 -6.31 49.98
CA ILE M 41 -0.77 -7.11 50.15
C ILE M 41 -1.80 -6.36 50.99
N ALA M 42 -1.34 -5.71 52.07
CA ALA M 42 -2.25 -4.90 52.87
C ALA M 42 -2.82 -3.73 52.06
N GLU M 43 -1.97 -3.07 51.28
CA GLU M 43 -2.43 -1.97 50.45
C GLU M 43 -3.52 -2.42 49.48
N ILE M 44 -3.30 -3.57 48.84
CA ILE M 44 -4.30 -4.09 47.89
C ILE M 44 -5.57 -4.53 48.62
N GLU M 45 -5.42 -5.08 49.83
CA GLU M 45 -6.58 -5.49 50.60
C GLU M 45 -7.46 -4.29 50.94
N LYS M 46 -6.86 -3.11 51.06
CA LYS M 46 -7.65 -1.91 51.33
C LYS M 46 -8.09 -1.16 50.06
N LEU M 47 -8.32 -1.87 48.94
CA LEU M 47 -8.56 -1.21 47.67
C LEU M 47 -10.03 -1.14 47.24
N GLU M 48 -10.93 -1.84 47.94
CA GLU M 48 -12.39 -1.71 47.82
C GLU M 48 -12.92 -2.04 46.43
N ASN M 49 -12.06 -2.43 45.50
CA ASN M 49 -12.50 -2.84 44.17
C ASN M 49 -11.82 -4.15 43.80
N ILE M 50 -12.61 -5.23 43.76
CA ILE M 50 -12.05 -6.58 43.61
C ILE M 50 -11.43 -6.82 42.24
N GLU M 51 -12.02 -6.29 41.17
CA GLU M 51 -11.46 -6.54 39.85
C GLU M 51 -10.06 -5.95 39.69
N GLU M 52 -9.82 -4.78 40.28
CA GLU M 52 -8.50 -4.15 40.25
C GLU M 52 -7.55 -4.73 41.28
N ALA M 53 -8.05 -5.51 42.23
CA ALA M 53 -7.21 -6.08 43.28
C ALA M 53 -6.53 -7.37 42.84
N VAL M 54 -7.25 -8.23 42.12
CA VAL M 54 -6.65 -9.49 41.68
C VAL M 54 -5.55 -9.23 40.66
N LEU M 55 -5.75 -8.25 39.78
CA LEU M 55 -4.73 -7.90 38.81
C LEU M 55 -3.48 -7.36 39.49
N LYS M 56 -3.65 -6.52 40.51
CA LYS M 56 -2.51 -6.02 41.26
C LYS M 56 -1.79 -7.15 41.99
N LEU M 57 -2.54 -8.11 42.55
CA LEU M 57 -1.91 -9.24 43.21
C LEU M 57 -1.13 -10.10 42.21
N LEU M 58 -1.66 -10.29 41.00
CA LEU M 58 -0.94 -11.03 39.99
C LEU M 58 0.33 -10.29 39.56
N GLU M 59 0.25 -8.97 39.45
CA GLU M 59 1.45 -8.18 39.15
C GLU M 59 2.49 -8.32 40.26
N LEU M 60 2.04 -8.29 41.51
CA LEU M 60 2.97 -8.47 42.64
C LEU M 60 3.62 -9.84 42.60
N LEU M 61 2.85 -10.88 42.28
CA LEU M 61 3.42 -12.21 42.13
C LEU M 61 4.47 -12.23 41.03
N ASP M 62 4.20 -11.55 39.91
CA ASP M 62 5.17 -11.48 38.84
C ASP M 62 6.47 -10.82 39.29
N GLU M 63 6.37 -9.70 40.01
CA GLU M 63 7.58 -9.02 40.50
C GLU M 63 8.35 -9.91 41.46
N VAL M 64 7.64 -10.60 42.36
CA VAL M 64 8.31 -11.47 43.31
C VAL M 64 9.06 -12.58 42.58
N ILE M 65 8.44 -13.17 41.57
CA ILE M 65 9.09 -14.25 40.83
C ILE M 65 10.29 -13.72 40.04
N HIS M 66 10.19 -12.50 39.49
CA HIS M 66 11.33 -11.91 38.80
C HIS M 66 12.50 -11.72 39.75
N GLU M 67 12.23 -11.20 40.96
CA GLU M 67 13.30 -11.06 41.94
C GLU M 67 13.88 -12.42 42.33
N ALA M 68 13.03 -13.42 42.49
CA ALA M 68 13.52 -14.75 42.83
C ALA M 68 14.45 -15.29 41.74
N ALA M 69 14.11 -15.05 40.49
CA ALA M 69 14.97 -15.49 39.39
C ALA M 69 16.25 -14.69 39.34
N LEU M 70 16.23 -13.45 39.85
CA LEU M 70 17.42 -12.60 39.77
C LEU M 70 18.58 -13.17 40.56
N LEU M 71 18.33 -13.64 41.79
CA LEU M 71 19.41 -14.15 42.64
C LEU M 71 19.40 -15.68 42.66
N PRO M 72 20.55 -16.33 42.84
CA PRO M 72 20.57 -17.79 42.82
C PRO M 72 19.94 -18.38 44.08
N ILE M 73 19.36 -19.57 43.93
CA ILE M 73 18.56 -20.17 44.99
C ILE M 73 19.45 -20.99 45.91
N THR M 74 19.07 -21.03 47.18
CA THR M 74 19.79 -21.74 48.22
C THR M 74 18.76 -22.43 49.10
N PRO M 75 19.17 -23.48 49.84
CA PRO M 75 18.19 -24.19 50.70
C PRO M 75 17.52 -23.30 51.72
N GLU M 76 18.22 -22.30 52.26
CA GLU M 76 17.63 -21.47 53.31
C GLU M 76 16.59 -20.51 52.76
N THR M 77 16.83 -19.95 51.57
CA THR M 77 15.92 -18.97 51.00
C THR M 77 14.71 -19.60 50.32
N LYS M 78 14.75 -20.91 50.05
CA LYS M 78 13.65 -21.56 49.38
C LYS M 78 12.36 -21.47 50.20
N LEU M 79 12.47 -21.72 51.50
CA LEU M 79 11.29 -21.66 52.36
C LEU M 79 10.69 -20.27 52.39
N ILE M 80 11.52 -19.23 52.49
CA ILE M 80 11.03 -17.86 52.55
C ILE M 80 10.33 -17.50 51.23
N TRP M 81 10.95 -17.86 50.10
CA TRP M 81 10.32 -17.62 48.82
C TRP M 81 8.97 -18.31 48.75
N TRP M 82 8.89 -19.54 49.27
CA TRP M 82 7.63 -20.27 49.23
C TRP M 82 6.56 -19.62 50.10
N GLU M 83 6.96 -19.07 51.26
CA GLU M 83 5.98 -18.35 52.08
C GLU M 83 5.46 -17.12 51.36
N ILE M 84 6.33 -16.38 50.68
CA ILE M 84 5.87 -15.20 49.94
C ILE M 84 4.88 -15.61 48.86
N ILE M 85 5.24 -16.63 48.07
CA ILE M 85 4.36 -17.08 46.99
C ILE M 85 3.04 -17.58 47.56
N GLU M 86 3.09 -18.31 48.67
CA GLU M 86 1.88 -18.84 49.28
C GLU M 86 0.95 -17.73 49.73
N ALA M 87 1.50 -16.71 50.41
CA ALA M 87 0.67 -15.61 50.88
C ALA M 87 -0.01 -14.90 49.72
N ILE M 88 0.77 -14.54 48.69
CA ILE M 88 0.20 -13.81 47.56
C ILE M 88 -0.85 -14.66 46.85
N ALA M 89 -0.56 -15.94 46.65
CA ALA M 89 -1.47 -16.80 45.90
C ALA M 89 -2.77 -17.03 46.66
N LEU M 90 -2.69 -17.27 47.97
CA LEU M 90 -3.91 -17.49 48.75
C LEU M 90 -4.77 -16.23 48.79
N ALA M 91 -4.13 -15.07 48.95
CA ALA M 91 -4.90 -13.82 48.90
C ALA M 91 -5.60 -13.66 47.56
N ALA M 92 -4.89 -13.94 46.46
CA ALA M 92 -5.47 -13.77 45.13
C ALA M 92 -6.63 -14.73 44.91
N LEU M 93 -6.49 -15.99 45.36
CA LEU M 93 -7.57 -16.95 45.17
C LEU M 93 -8.82 -16.55 45.97
N HIS M 94 -8.63 -16.17 47.23
CA HIS M 94 -9.80 -15.74 47.99
C HIS M 94 -10.45 -14.51 47.36
N LYS M 95 -9.66 -13.57 46.84
CA LYS M 95 -10.24 -12.44 46.13
C LYS M 95 -11.01 -12.90 44.89
N LEU M 96 -10.52 -13.94 44.21
CA LEU M 96 -11.26 -14.49 43.07
C LEU M 96 -12.62 -15.00 43.50
N LEU M 97 -12.72 -15.51 44.72
CA LEU M 97 -14.05 -15.92 45.20
C LEU M 97 -14.96 -14.72 45.46
N ASP M 98 -14.41 -13.53 45.60
CA ASP M 98 -15.15 -12.34 46.03
C ASP M 98 -15.62 -11.48 44.86
N GLY M 99 -16.28 -12.06 43.86
CA GLY M 99 -16.90 -11.23 42.83
C GLY M 99 -16.12 -11.10 41.55
N GLY M 100 -16.83 -10.93 40.44
CA GLY M 100 -16.29 -10.80 39.11
C GLY M 100 -17.06 -11.66 38.12
N ASN M 101 -16.47 -11.84 36.94
CA ASN M 101 -17.04 -12.74 35.94
C ASN M 101 -16.54 -14.16 36.18
N ILE M 102 -17.44 -15.13 36.04
CA ILE M 102 -17.13 -16.51 36.45
C ILE M 102 -16.00 -17.09 35.61
N GLU M 103 -16.13 -16.99 34.28
CA GLU M 103 -15.14 -17.57 33.39
C GLU M 103 -13.78 -16.89 33.54
N VAL M 104 -13.78 -15.57 33.65
CA VAL M 104 -12.53 -14.84 33.85
C VAL M 104 -11.88 -15.24 35.17
N ASN M 105 -12.69 -15.43 36.22
CA ASN M 105 -12.14 -15.83 37.51
C ASN M 105 -11.55 -17.24 37.46
N ILE M 106 -12.20 -18.15 36.73
CA ILE M 106 -11.64 -19.49 36.59
C ILE M 106 -10.33 -19.45 35.83
N LEU M 107 -10.27 -18.66 34.75
CA LEU M 107 -9.02 -18.52 34.02
C LEU M 107 -7.92 -17.93 34.89
N LEU M 108 -8.27 -16.96 35.74
CA LEU M 108 -7.26 -16.37 36.63
C LEU M 108 -6.76 -17.37 37.65
N ALA M 109 -7.66 -18.21 38.17
CA ALA M 109 -7.24 -19.26 39.10
C ALA M 109 -6.26 -20.21 38.44
N LEU M 110 -6.57 -20.64 37.20
CA LEU M 110 -5.66 -21.51 36.47
C LEU M 110 -4.33 -20.82 36.20
N ARG M 111 -4.37 -19.50 35.96
CA ARG M 111 -3.13 -18.76 35.73
C ARG M 111 -2.26 -18.71 36.98
N ILE M 112 -2.87 -18.51 38.14
CA ILE M 112 -2.12 -18.54 39.39
C ILE M 112 -1.48 -19.89 39.61
N LEU M 113 -2.24 -20.96 39.34
CA LEU M 113 -1.69 -22.31 39.47
C LEU M 113 -0.51 -22.51 38.52
N GLU M 114 -0.64 -22.04 37.28
CA GLU M 114 0.44 -22.21 36.31
C GLU M 114 1.69 -21.44 36.72
N LYS M 115 1.52 -20.23 37.28
CA LYS M 115 2.67 -19.49 37.79
C LYS M 115 3.34 -20.23 38.95
N ALA M 116 2.54 -20.82 39.83
CA ALA M 116 3.12 -21.62 40.91
C ALA M 116 3.91 -22.81 40.36
N ILE M 117 3.38 -23.46 39.32
CA ILE M 117 4.08 -24.60 38.72
C ILE M 117 5.38 -24.16 38.07
N ASN M 118 5.37 -23.00 37.40
CA ASN M 118 6.60 -22.49 36.80
C ASN M 118 7.65 -22.17 37.86
N PHE M 119 7.21 -21.60 38.98
CA PHE M 119 8.14 -21.36 40.09
C PHE M 119 8.69 -22.68 40.63
N LEU M 120 7.83 -23.70 40.72
CA LEU M 120 8.29 -25.02 41.14
C LEU M 120 9.37 -25.55 40.21
N LYS M 121 9.17 -25.37 38.89
CA LYS M 121 10.19 -25.77 37.93
C LYS M 121 11.50 -25.01 38.17
N MET M 122 11.40 -23.70 38.40
CA MET M 122 12.60 -22.89 38.56
C MET M 122 13.37 -23.29 39.82
N VAL M 123 12.66 -23.55 40.91
CA VAL M 123 13.30 -23.94 42.17
C VAL M 123 14.03 -25.27 42.07
N GLY M 124 13.41 -26.28 41.47
CA GLY M 124 14.04 -27.59 41.38
C GLY M 124 13.60 -28.55 42.47
N MET M 125 14.55 -28.98 43.30
CA MET M 125 14.25 -29.91 44.38
C MET M 125 13.35 -29.24 45.42
N VAL M 126 12.46 -30.04 46.00
CA VAL M 126 11.47 -29.55 46.97
C VAL M 126 11.45 -30.49 48.16
N GLY M 127 11.48 -29.93 49.36
CA GLY M 127 11.44 -30.71 50.58
C GLY M 127 10.01 -30.94 51.07
N GLU M 128 9.90 -31.27 52.36
CA GLU M 128 8.59 -31.56 52.93
C GLU M 128 7.76 -30.30 53.11
N LYS M 129 8.36 -29.23 53.62
CA LYS M 129 7.63 -27.99 53.85
C LYS M 129 7.14 -27.40 52.53
N GLU M 130 8.02 -27.39 51.53
CA GLU M 130 7.64 -26.89 50.21
C GLU M 130 6.56 -27.75 49.57
N PHE M 131 6.65 -29.08 49.74
CA PHE M 131 5.61 -29.96 49.26
C PHE M 131 4.27 -29.63 49.89
N GLU M 132 4.27 -29.41 51.21
CA GLU M 132 3.03 -29.09 51.91
C GLU M 132 2.46 -27.76 51.40
N ILE M 133 3.32 -26.76 51.23
CA ILE M 133 2.85 -25.46 50.74
C ILE M 133 2.25 -25.58 49.34
N ALA M 134 2.93 -26.30 48.45
CA ALA M 134 2.44 -26.46 47.09
C ALA M 134 1.11 -27.21 47.06
N VAL M 135 0.98 -28.25 47.88
CA VAL M 135 -0.27 -28.99 47.94
C VAL M 135 -1.40 -28.09 48.45
N LYS M 136 -1.10 -27.23 49.43
CA LYS M 136 -2.12 -26.31 49.92
C LYS M 136 -2.57 -25.33 48.82
N ILE M 137 -1.62 -24.81 48.06
CA ILE M 137 -1.97 -23.91 46.95
C ILE M 137 -2.85 -24.62 45.94
N LEU M 138 -2.48 -25.85 45.59
CA LEU M 138 -3.26 -26.63 44.63
C LEU M 138 -4.67 -26.88 45.14
N GLU M 139 -4.79 -27.25 46.41
CA GLU M 139 -6.11 -27.53 46.99
C GLU M 139 -6.98 -26.27 47.02
N ALA M 140 -6.39 -25.13 47.37
CA ALA M 140 -7.15 -23.88 47.39
C ALA M 140 -7.65 -23.53 45.99
N ALA M 141 -6.78 -23.69 44.99
CA ALA M 141 -7.19 -23.42 43.62
C ALA M 141 -8.31 -24.36 43.18
N LEU M 142 -8.21 -25.64 43.55
CA LEU M 142 -9.25 -26.60 43.18
C LEU M 142 -10.59 -26.24 43.81
N HIS M 143 -10.58 -25.86 45.09
CA HIS M 143 -11.83 -25.51 45.76
C HIS M 143 -12.45 -24.26 45.15
N VAL M 144 -11.62 -23.25 44.86
CA VAL M 144 -12.14 -22.04 44.20
C VAL M 144 -12.76 -22.39 42.85
N VAL M 145 -12.06 -23.23 42.07
CA VAL M 145 -12.53 -23.56 40.74
C VAL M 145 -13.85 -24.33 40.80
N LEU M 146 -13.97 -25.28 41.72
CA LEU M 146 -15.22 -26.03 41.83
C LEU M 146 -16.38 -25.14 42.25
N THR M 147 -16.13 -24.28 43.25
CA THR M 147 -17.17 -23.36 43.71
C THR M 147 -17.65 -22.45 42.59
N LEU M 148 -16.72 -21.92 41.80
CA LEU M 148 -17.12 -21.04 40.71
C LEU M 148 -17.80 -21.82 39.57
N SER M 149 -17.32 -23.03 39.27
CA SER M 149 -17.85 -23.78 38.14
C SER M 149 -19.24 -24.33 38.43
N ARG M 150 -19.66 -24.34 39.69
CA ARG M 150 -21.03 -24.74 39.97
C ARG M 150 -22.06 -23.90 39.21
N LEU M 151 -21.70 -22.67 38.81
CA LEU M 151 -22.63 -21.76 38.16
C LEU M 151 -22.48 -21.69 36.65
N LEU M 152 -21.73 -22.62 36.04
CA LEU M 152 -21.50 -22.62 34.61
C LEU M 152 -22.52 -23.50 33.89
N ASN M 153 -22.49 -23.45 32.56
CA ASN M 153 -23.31 -24.32 31.74
C ASN M 153 -22.69 -25.71 31.66
N GLU M 154 -23.37 -26.62 30.97
CA GLU M 154 -22.94 -28.02 30.93
C GLU M 154 -21.58 -28.16 30.26
N LEU M 155 -21.48 -27.74 29.00
CA LEU M 155 -20.24 -27.89 28.25
C LEU M 155 -19.09 -27.14 28.91
N GLU M 156 -19.35 -25.93 29.38
CA GLU M 156 -18.31 -25.15 30.04
C GLU M 156 -17.85 -25.82 31.33
N PHE M 157 -18.79 -26.36 32.10
CA PHE M 157 -18.43 -27.06 33.33
C PHE M 157 -17.52 -28.25 33.04
N VAL M 158 -17.90 -29.08 32.06
CA VAL M 158 -17.10 -30.27 31.78
C VAL M 158 -15.75 -29.90 31.18
N LYS M 159 -15.71 -28.84 30.37
CA LYS M 159 -14.44 -28.36 29.84
C LYS M 159 -13.51 -27.90 30.95
N VAL M 160 -14.06 -27.17 31.92
CA VAL M 160 -13.25 -26.72 33.07
C VAL M 160 -12.74 -27.92 33.86
N LEU M 161 -13.59 -28.93 34.05
CA LEU M 161 -13.18 -30.14 34.76
C LEU M 161 -12.00 -30.82 34.06
N VAL M 162 -12.12 -31.02 32.76
CA VAL M 162 -11.06 -31.71 32.01
C VAL M 162 -9.77 -30.89 32.04
N GLU M 163 -9.89 -29.57 31.88
CA GLU M 163 -8.72 -28.71 31.91
C GLU M 163 -8.02 -28.77 33.26
N PHE M 164 -8.78 -28.78 34.34
CA PHE M 164 -8.16 -28.84 35.66
C PHE M 164 -7.53 -30.20 35.92
N ILE M 165 -8.12 -31.27 35.39
CA ILE M 165 -7.51 -32.60 35.54
C ILE M 165 -6.16 -32.63 34.82
N ASN M 166 -6.11 -32.05 33.62
CA ASN M 166 -4.83 -31.97 32.90
C ASN M 166 -3.82 -31.11 33.67
N LEU M 167 -4.29 -30.03 34.29
CA LEU M 167 -3.39 -29.19 35.08
C LEU M 167 -2.84 -29.94 36.28
N ILE M 168 -3.67 -30.75 36.93
CA ILE M 168 -3.21 -31.59 38.03
C ILE M 168 -2.15 -32.57 37.55
N ALA M 169 -2.36 -33.15 36.37
CA ALA M 169 -1.38 -34.07 35.81
C ALA M 169 -0.03 -33.36 35.60
N LYS M 170 -0.08 -32.16 35.03
CA LYS M 170 1.16 -31.39 34.84
C LYS M 170 1.83 -31.07 36.17
N PHE M 171 1.04 -30.66 37.16
CA PHE M 171 1.58 -30.29 38.46
C PHE M 171 2.28 -31.47 39.12
N PHE M 172 1.67 -32.64 39.08
CA PHE M 172 2.29 -33.83 39.66
C PHE M 172 3.48 -34.31 38.83
N LYS M 173 3.47 -34.11 37.52
CA LYS M 173 4.65 -34.43 36.73
C LYS M 173 5.85 -33.58 37.09
N VAL M 174 5.66 -32.28 37.28
CA VAL M 174 6.76 -31.40 37.64
C VAL M 174 7.24 -31.61 39.08
N LEU M 175 6.34 -31.80 40.03
CA LEU M 175 6.68 -31.87 41.45
C LEU M 175 7.19 -33.26 41.80
N LYS M 176 8.26 -33.30 42.61
CA LYS M 176 8.87 -34.54 43.03
C LYS M 176 8.60 -34.80 44.52
N GLY M 177 8.44 -36.06 44.87
CA GLY M 177 8.17 -36.42 46.26
C GLY M 177 8.01 -37.92 46.39
N GLU M 178 7.74 -38.34 47.63
CA GLU M 178 7.55 -39.75 47.91
C GLU M 178 6.29 -40.27 47.23
N PRO M 179 6.33 -41.45 46.61
CA PRO M 179 5.16 -41.93 45.86
C PRO M 179 3.89 -42.07 46.70
N GLU M 180 4.01 -42.49 47.96
CA GLU M 180 2.83 -42.71 48.78
C GLU M 180 2.13 -41.40 49.11
N LYS M 181 2.90 -40.37 49.44
CA LYS M 181 2.32 -39.06 49.75
C LYS M 181 1.59 -38.49 48.54
N LYS M 182 2.24 -38.57 47.37
CA LYS M 182 1.61 -38.07 46.16
C LYS M 182 0.36 -38.88 45.83
N LYS M 183 0.39 -40.19 46.06
CA LYS M 183 -0.79 -41.01 45.83
C LYS M 183 -1.94 -40.59 46.73
N ARG M 184 -1.66 -40.33 48.01
CA ARG M 184 -2.72 -39.90 48.93
C ARG M 184 -3.29 -38.54 48.52
N VAL M 185 -2.43 -37.60 48.15
CA VAL M 185 -2.90 -36.28 47.73
C VAL M 185 -3.77 -36.40 46.48
N LEU M 186 -3.32 -37.21 45.51
CA LEU M 186 -4.07 -37.39 44.28
C LEU M 186 -5.44 -38.00 44.56
N LEU M 187 -5.48 -38.98 45.46
CA LEU M 187 -6.76 -39.60 45.81
C LEU M 187 -7.70 -38.58 46.44
N LYS M 188 -7.18 -37.73 47.32
CA LYS M 188 -8.03 -36.72 47.96
C LYS M 188 -8.60 -35.75 46.92
N LEU M 189 -7.75 -35.28 46.00
CA LEU M 189 -8.22 -34.38 44.95
C LEU M 189 -9.28 -35.05 44.09
N LEU M 190 -9.06 -36.32 43.74
CA LEU M 190 -10.02 -37.03 42.91
C LEU M 190 -11.35 -37.22 43.62
N GLU M 191 -11.32 -37.44 44.94
CA GLU M 191 -12.58 -37.55 45.68
C GLU M 191 -13.33 -36.22 45.68
N ASP M 192 -12.61 -35.11 45.84
CA ASP M 192 -13.26 -33.80 45.74
C ASP M 192 -13.95 -33.62 44.39
N ILE M 193 -13.21 -33.88 43.30
CA ILE M 193 -13.75 -33.73 41.95
C ILE M 193 -14.95 -34.64 41.77
N LYS M 194 -14.85 -35.89 42.22
CA LYS M 194 -15.93 -36.84 42.03
C LYS M 194 -17.18 -36.44 42.78
N LYS M 195 -17.03 -35.92 44.00
CA LYS M 195 -18.19 -35.48 44.75
C LYS M 195 -18.93 -34.36 44.03
N VAL M 196 -18.18 -33.35 43.57
CA VAL M 196 -18.84 -32.25 42.87
C VAL M 196 -19.50 -32.75 41.58
N PHE M 197 -18.80 -33.61 40.82
CA PHE M 197 -19.34 -34.08 39.55
C PHE M 197 -20.56 -34.96 39.75
N GLU M 198 -20.57 -35.80 40.77
CA GLU M 198 -21.70 -36.68 41.02
C GLU M 198 -22.91 -35.90 41.50
N LEU M 199 -22.69 -34.76 42.18
CA LEU M 199 -23.82 -33.90 42.48
C LEU M 199 -24.32 -33.19 41.24
N TRP M 200 -23.40 -32.77 40.36
CA TRP M 200 -23.78 -31.95 39.21
C TRP M 200 -24.45 -32.76 38.10
N ILE M 201 -24.09 -34.03 37.94
CA ILE M 201 -24.51 -34.79 36.76
C ILE M 201 -26.01 -35.07 36.73
N THR M 202 -26.69 -34.96 37.87
CA THR M 202 -28.09 -35.34 37.93
C THR M 202 -29.02 -34.38 37.19
N ARG M 203 -28.49 -33.39 36.48
CA ARG M 203 -29.31 -32.35 35.85
C ARG M 203 -29.21 -32.35 34.33
N VAL M 204 -28.64 -33.39 33.72
CA VAL M 204 -28.25 -33.28 32.32
C VAL M 204 -28.84 -34.39 31.45
N ASN M 205 -29.91 -35.08 31.91
CA ASN M 205 -30.65 -36.03 31.07
C ASN M 205 -29.83 -37.30 30.83
N PRO M 206 -30.45 -38.49 30.91
CA PRO M 206 -29.69 -39.74 31.03
C PRO M 206 -28.71 -40.08 29.91
N GLU M 207 -28.88 -39.51 28.72
CA GLU M 207 -27.93 -39.78 27.64
C GLU M 207 -26.70 -38.89 27.70
N GLN M 208 -26.88 -37.59 27.91
CA GLN M 208 -25.75 -36.73 28.21
C GLN M 208 -25.02 -37.19 29.46
N GLN M 209 -25.75 -37.80 30.39
CA GLN M 209 -25.13 -38.39 31.58
C GLN M 209 -24.11 -39.45 31.19
N ILE M 210 -24.49 -40.37 30.31
CA ILE M 210 -23.58 -41.42 29.88
C ILE M 210 -22.39 -40.82 29.15
N LEU M 211 -22.65 -39.87 28.25
CA LEU M 211 -21.56 -39.24 27.50
C LEU M 211 -20.53 -38.61 28.44
N PHE M 212 -20.99 -37.75 29.35
CA PHE M 212 -20.08 -37.02 30.22
C PHE M 212 -19.42 -37.94 31.22
N THR M 213 -20.13 -38.95 31.71
CA THR M 213 -19.53 -39.89 32.65
C THR M 213 -18.39 -40.64 31.99
N GLU M 214 -18.59 -41.12 30.76
CA GLU M 214 -17.53 -41.80 30.04
C GLU M 214 -16.32 -40.88 29.89
N LEU M 215 -16.56 -39.65 29.42
CA LEU M 215 -15.45 -38.73 29.19
C LEU M 215 -14.66 -38.45 30.47
N VAL M 216 -15.36 -38.10 31.55
CA VAL M 216 -14.70 -37.69 32.78
C VAL M 216 -13.98 -38.87 33.43
N TYR M 217 -14.61 -40.05 33.43
CA TYR M 217 -13.97 -41.21 34.05
C TYR M 217 -12.74 -41.65 33.27
N SER M 218 -12.78 -41.57 31.95
CA SER M 218 -11.59 -41.88 31.16
C SER M 218 -10.48 -40.89 31.46
N ALA M 219 -10.82 -39.59 31.58
CA ALA M 219 -9.81 -38.59 31.91
C ALA M 219 -9.18 -38.89 33.27
N ILE M 220 -10.00 -39.26 34.26
CA ILE M 220 -9.47 -39.56 35.60
C ILE M 220 -8.57 -40.78 35.57
N GLU M 221 -8.97 -41.82 34.84
CA GLU M 221 -8.12 -43.01 34.74
C GLU M 221 -6.79 -42.71 34.06
N ASP M 222 -6.81 -41.88 33.02
CA ASP M 222 -5.56 -41.49 32.38
C ASP M 222 -4.68 -40.70 33.34
N LEU M 223 -5.28 -39.82 34.14
CA LEU M 223 -4.53 -39.08 35.15
C LEU M 223 -3.86 -40.03 36.14
N LYS M 224 -4.62 -41.02 36.60
CA LYS M 224 -4.07 -42.00 37.54
C LYS M 224 -2.88 -42.74 36.92
N LYS M 225 -3.03 -43.17 35.67
CA LYS M 225 -1.94 -43.85 34.98
C LYS M 225 -0.71 -42.97 34.89
N HIS M 226 -0.89 -41.73 34.45
CA HIS M 226 0.23 -40.82 34.26
C HIS M 226 0.98 -40.59 35.57
N THR M 227 0.25 -40.26 36.63
CA THR M 227 0.93 -39.98 37.89
C THR M 227 1.55 -41.22 38.50
N LEU M 228 0.91 -42.39 38.34
CA LEU M 228 1.49 -43.61 38.89
C LEU M 228 2.76 -43.99 38.17
N GLU M 229 2.84 -43.75 36.86
CA GLU M 229 4.11 -43.96 36.17
C GLU M 229 5.12 -42.87 36.54
N VAL M 230 4.65 -41.67 36.87
CA VAL M 230 5.54 -40.61 37.33
C VAL M 230 6.21 -41.01 38.63
N LEU M 231 5.47 -41.71 39.51
CA LEU M 231 6.04 -42.17 40.77
C LEU M 231 7.32 -42.97 40.54
N GLY M 232 7.25 -43.96 39.66
CA GLY M 232 8.43 -44.75 39.28
C GLY M 232 9.11 -45.46 40.44
N ASN N 25 0.59 44.18 -72.48
CA ASN N 25 -0.16 44.38 -71.24
C ASN N 25 0.57 43.74 -70.07
N THR N 26 0.32 44.25 -68.86
CA THR N 26 0.99 43.73 -67.67
C THR N 26 0.38 42.40 -67.24
N VAL N 27 -0.94 42.26 -67.38
CA VAL N 27 -1.63 41.08 -66.86
C VAL N 27 -1.14 39.81 -67.53
N GLU N 28 -0.96 39.84 -68.85
CA GLU N 28 -0.44 38.67 -69.54
C GLU N 28 0.95 38.31 -69.03
N LYS N 29 1.78 39.32 -68.77
CA LYS N 29 3.10 39.04 -68.18
C LYS N 29 2.99 38.39 -66.82
N VAL N 30 2.03 38.86 -65.99
CA VAL N 30 1.91 38.32 -64.64
C VAL N 30 1.46 36.86 -64.68
N LEU N 31 0.47 36.53 -65.52
CA LEU N 31 0.08 35.12 -65.64
C LEU N 31 1.16 34.28 -66.31
N LYS N 32 1.98 34.87 -67.19
CA LYS N 32 3.13 34.13 -67.70
C LYS N 32 4.10 33.78 -66.59
N VAL N 33 4.36 34.74 -65.70
CA VAL N 33 5.22 34.49 -64.54
C VAL N 33 4.60 33.42 -63.66
N LYS N 34 3.27 33.45 -63.52
CA LYS N 34 2.59 32.45 -62.71
C LYS N 34 2.78 31.04 -63.29
N GLU N 35 2.63 30.92 -64.61
CA GLU N 35 2.81 29.62 -65.26
C GLU N 35 4.24 29.12 -65.09
N GLU N 36 5.21 30.00 -65.29
CA GLU N 36 6.61 29.61 -65.12
C GLU N 36 6.88 29.18 -63.67
N ALA N 37 6.32 29.91 -62.70
CA ALA N 37 6.53 29.57 -61.30
C ALA N 37 5.93 28.21 -60.95
N GLU N 38 4.73 27.93 -61.47
CA GLU N 38 4.13 26.62 -61.22
C GLU N 38 4.95 25.49 -61.85
N LYS N 39 5.46 25.72 -63.06
CA LYS N 39 6.31 24.72 -63.69
C LYS N 39 7.56 24.46 -62.87
N ARG N 40 8.20 25.53 -62.38
CA ARG N 40 9.39 25.38 -61.55
C ARG N 40 9.06 24.67 -60.24
N ILE N 41 7.89 24.96 -59.67
CA ILE N 41 7.49 24.31 -58.43
C ILE N 41 7.35 22.81 -58.63
N ALA N 42 6.74 22.41 -59.76
CA ALA N 42 6.64 20.98 -60.06
C ALA N 42 8.03 20.35 -60.24
N GLU N 43 8.91 21.04 -60.96
CA GLU N 43 10.27 20.51 -61.15
C GLU N 43 10.98 20.32 -59.82
N ILE N 44 10.85 21.29 -58.91
CA ILE N 44 11.50 21.18 -57.60
C ILE N 44 10.84 20.08 -56.77
N GLU N 45 9.53 19.93 -56.89
CA GLU N 45 8.84 18.87 -56.16
C GLU N 45 9.33 17.50 -56.60
N LYS N 46 9.78 17.39 -57.85
CA LYS N 46 10.34 16.11 -58.32
C LYS N 46 11.85 16.00 -58.14
N LEU N 47 12.43 16.61 -57.11
CA LEU N 47 13.88 16.69 -56.97
C LEU N 47 14.49 15.71 -55.98
N GLU N 48 13.69 15.08 -55.11
CA GLU N 48 14.06 13.95 -54.28
C GLU N 48 15.13 14.26 -53.24
N ASN N 49 15.63 15.50 -53.21
CA ASN N 49 16.61 15.91 -52.20
C ASN N 49 16.14 17.20 -51.55
N ILE N 50 15.72 17.12 -50.29
CA ILE N 50 15.04 18.24 -49.64
C ILE N 50 15.94 19.43 -49.37
N GLU N 51 17.21 19.20 -49.01
CA GLU N 51 18.08 20.31 -48.63
C GLU N 51 18.29 21.29 -49.79
N GLU N 52 18.52 20.76 -50.99
CA GLU N 52 18.72 21.62 -52.15
C GLU N 52 17.41 22.00 -52.83
N ALA N 53 16.28 21.54 -52.32
CA ALA N 53 14.97 21.92 -52.84
C ALA N 53 14.42 23.18 -52.19
N VAL N 54 14.60 23.32 -50.88
CA VAL N 54 14.16 24.54 -50.20
C VAL N 54 14.96 25.73 -50.69
N LEU N 55 16.25 25.54 -50.95
CA LEU N 55 17.07 26.62 -51.49
C LEU N 55 16.60 27.01 -52.89
N LYS N 56 16.23 26.04 -53.71
CA LYS N 56 15.69 26.34 -55.03
C LYS N 56 14.37 27.10 -54.92
N LEU N 57 13.52 26.72 -53.98
CA LEU N 57 12.26 27.44 -53.78
C LEU N 57 12.51 28.88 -53.32
N LEU N 58 13.49 29.08 -52.44
CA LEU N 58 13.83 30.43 -52.01
C LEU N 58 14.37 31.26 -53.16
N GLU N 59 15.19 30.64 -54.03
CA GLU N 59 15.68 31.34 -55.21
C GLU N 59 14.53 31.71 -56.14
N LEU N 60 13.57 30.81 -56.32
CA LEU N 60 12.41 31.12 -57.14
C LEU N 60 11.60 32.28 -56.55
N LEU N 61 11.43 32.29 -55.23
CA LEU N 61 10.76 33.41 -54.58
C LEU N 61 11.48 34.72 -54.84
N ASP N 62 12.82 34.70 -54.74
CA ASP N 62 13.60 35.91 -54.99
C ASP N 62 13.43 36.39 -56.42
N GLU N 63 13.44 35.45 -57.39
CA GLU N 63 13.25 35.84 -58.78
C GLU N 63 11.87 36.45 -59.01
N VAL N 64 10.84 35.84 -58.42
CA VAL N 64 9.49 36.35 -58.59
C VAL N 64 9.37 37.76 -57.99
N ILE N 65 9.99 37.98 -56.84
CA ILE N 65 9.91 39.30 -56.21
C ILE N 65 10.68 40.33 -57.03
N HIS N 66 11.81 39.95 -57.62
CA HIS N 66 12.52 40.86 -58.51
C HIS N 66 11.64 41.25 -59.70
N GLU N 67 10.99 40.27 -60.32
CA GLU N 67 10.11 40.59 -61.44
C GLU N 67 8.97 41.50 -61.01
N ALA N 68 8.38 41.23 -59.85
CA ALA N 68 7.29 42.08 -59.36
C ALA N 68 7.77 43.51 -59.14
N ALA N 69 9.00 43.66 -58.64
CA ALA N 69 9.55 45.00 -58.44
C ALA N 69 9.79 45.70 -59.78
N LEU N 70 10.10 44.94 -60.82
CA LEU N 70 10.38 45.55 -62.11
C LEU N 70 9.18 46.30 -62.67
N LEU N 71 7.98 45.69 -62.60
CA LEU N 71 6.82 46.36 -63.18
C LEU N 71 6.00 47.05 -62.11
N PRO N 72 5.25 48.11 -62.44
CA PRO N 72 4.50 48.81 -61.41
C PRO N 72 3.19 48.13 -61.05
N ILE N 73 2.85 48.20 -59.77
CA ILE N 73 1.76 47.40 -59.23
C ILE N 73 0.42 48.06 -59.53
N THR N 74 -0.60 47.24 -59.71
CA THR N 74 -1.96 47.68 -60.00
C THR N 74 -2.91 46.81 -59.19
N PRO N 75 -4.14 47.28 -58.96
CA PRO N 75 -5.08 46.47 -58.16
C PRO N 75 -5.37 45.10 -58.73
N GLU N 76 -5.40 44.95 -60.06
CA GLU N 76 -5.76 43.66 -60.64
C GLU N 76 -4.63 42.65 -60.54
N THR N 77 -3.38 43.11 -60.65
CA THR N 77 -2.25 42.19 -60.61
C THR N 77 -1.83 41.83 -59.18
N LYS N 78 -2.31 42.58 -58.19
CA LYS N 78 -1.93 42.32 -56.80
C LYS N 78 -2.36 40.93 -56.37
N LEU N 79 -3.59 40.53 -56.73
CA LEU N 79 -4.08 39.21 -56.34
C LEU N 79 -3.24 38.11 -56.98
N ILE N 80 -2.88 38.26 -58.26
CA ILE N 80 -2.09 37.22 -58.93
C ILE N 80 -0.71 37.12 -58.30
N TRP N 81 -0.09 38.26 -58.02
CA TRP N 81 1.21 38.25 -57.36
C TRP N 81 1.12 37.55 -56.01
N TRP N 82 0.05 37.81 -55.27
CA TRP N 82 -0.11 37.19 -53.96
C TRP N 82 -0.35 35.69 -54.08
N GLU N 83 -1.06 35.25 -55.12
CA GLU N 83 -1.24 33.81 -55.33
C GLU N 83 0.10 33.13 -55.62
N ILE N 84 0.94 33.76 -56.44
CA ILE N 84 2.26 33.19 -56.71
C ILE N 84 3.08 33.09 -55.42
N ILE N 85 3.11 34.18 -54.65
CA ILE N 85 3.88 34.19 -53.41
C ILE N 85 3.33 33.13 -52.45
N GLU N 86 2.01 33.01 -52.37
CA GLU N 86 1.38 32.03 -51.49
C GLU N 86 1.80 30.62 -51.86
N ALA N 87 1.73 30.28 -53.15
CA ALA N 87 2.11 28.94 -53.59
C ALA N 87 3.55 28.62 -53.22
N ILE N 88 4.46 29.53 -53.58
CA ILE N 88 5.89 29.28 -53.33
C ILE N 88 6.16 29.15 -51.84
N ALA N 89 5.60 30.06 -51.04
CA ALA N 89 5.88 30.08 -49.61
C ALA N 89 5.33 28.83 -48.93
N LEU N 90 4.10 28.42 -49.27
CA LEU N 90 3.53 27.23 -48.65
C LEU N 90 4.32 25.98 -49.02
N ALA N 91 4.72 25.87 -50.28
CA ALA N 91 5.54 24.73 -50.69
C ALA N 91 6.85 24.70 -49.90
N ALA N 92 7.50 25.86 -49.77
CA ALA N 92 8.77 25.91 -49.07
C ALA N 92 8.62 25.55 -47.60
N LEU N 93 7.56 26.04 -46.95
CA LEU N 93 7.36 25.71 -45.54
C LEU N 93 7.10 24.22 -45.34
N HIS N 94 6.26 23.63 -46.19
CA HIS N 94 6.04 22.20 -46.04
C HIS N 94 7.32 21.41 -46.28
N LYS N 95 8.13 21.80 -47.26
CA LYS N 95 9.42 21.13 -47.43
C LYS N 95 10.30 21.30 -46.20
N LEU N 96 10.24 22.47 -45.54
CA LEU N 96 10.98 22.64 -44.30
C LEU N 96 10.54 21.63 -43.25
N LEU N 97 9.27 21.22 -43.29
CA LEU N 97 8.84 20.18 -42.36
C LEU N 97 9.40 18.81 -42.73
N ASP N 98 9.81 18.61 -43.96
CA ASP N 98 10.22 17.28 -44.46
C ASP N 98 11.73 17.07 -44.37
N GLY N 99 12.35 17.28 -43.21
CA GLY N 99 13.74 16.90 -43.06
C GLY N 99 14.75 18.02 -43.15
N GLY N 100 15.87 17.87 -42.44
CA GLY N 100 16.95 18.83 -42.41
C GLY N 100 17.47 19.03 -41.01
N ASN N 101 18.18 20.14 -40.81
CA ASN N 101 18.64 20.53 -39.49
C ASN N 101 17.63 21.48 -38.86
N ILE N 102 17.32 21.26 -37.58
CA ILE N 102 16.20 21.95 -36.94
C ILE N 102 16.44 23.46 -36.91
N GLU N 103 17.64 23.88 -36.47
CA GLU N 103 17.91 25.31 -36.34
C GLU N 103 17.96 25.99 -37.71
N VAL N 104 18.57 25.35 -38.69
CA VAL N 104 18.60 25.91 -40.04
C VAL N 104 17.20 26.01 -40.61
N ASN N 105 16.36 25.00 -40.37
CA ASN N 105 14.99 25.04 -40.86
C ASN N 105 14.18 26.16 -40.22
N ILE N 106 14.37 26.38 -38.91
CA ILE N 106 13.69 27.48 -38.25
C ILE N 106 14.15 28.82 -38.82
N LEU N 107 15.46 28.97 -39.03
CA LEU N 107 15.97 30.19 -39.64
C LEU N 107 15.38 30.40 -41.04
N LEU N 108 15.25 29.34 -41.82
CA LEU N 108 14.69 29.46 -43.16
C LEU N 108 13.22 29.84 -43.12
N ALA N 109 12.47 29.29 -42.17
CA ALA N 109 11.07 29.69 -42.02
C ALA N 109 10.96 31.17 -41.69
N LEU N 110 11.80 31.65 -40.78
CA LEU N 110 11.79 33.08 -40.46
C LEU N 110 12.18 33.92 -41.67
N ARG N 111 13.11 33.43 -42.49
CA ARG N 111 13.51 34.17 -43.68
C ARG N 111 12.37 34.24 -44.70
N ILE N 112 11.63 33.15 -44.87
CA ILE N 112 10.47 33.18 -45.76
C ILE N 112 9.44 34.19 -45.26
N LEU N 113 9.20 34.21 -43.94
CA LEU N 113 8.29 35.19 -43.39
C LEU N 113 8.78 36.61 -43.62
N GLU N 114 10.08 36.85 -43.46
CA GLU N 114 10.63 38.19 -43.69
C GLU N 114 10.49 38.61 -45.14
N LYS N 115 10.70 37.67 -46.07
CA LYS N 115 10.51 37.99 -47.49
C LYS N 115 9.06 38.34 -47.78
N ALA N 116 8.12 37.60 -47.17
CA ALA N 116 6.70 37.95 -47.32
C ALA N 116 6.41 39.34 -46.78
N ILE N 117 7.02 39.70 -45.64
CA ILE N 117 6.78 41.01 -45.05
C ILE N 117 7.37 42.11 -45.94
N ASN N 118 8.54 41.86 -46.54
CA ASN N 118 9.12 42.84 -47.44
C ASN N 118 8.25 43.05 -48.67
N PHE N 119 7.70 41.96 -49.22
CA PHE N 119 6.76 42.13 -50.34
C PHE N 119 5.50 42.86 -49.89
N LEU N 120 5.06 42.61 -48.67
CA LEU N 120 3.92 43.34 -48.10
C LEU N 120 4.21 44.84 -48.07
N LYS N 121 5.41 45.21 -47.65
CA LYS N 121 5.81 46.62 -47.67
C LYS N 121 5.80 47.18 -49.09
N MET N 122 6.34 46.41 -50.04
CA MET N 122 6.46 46.89 -51.41
C MET N 122 5.09 47.11 -52.05
N VAL N 123 4.15 46.19 -51.82
CA VAL N 123 2.86 46.23 -52.49
C VAL N 123 1.96 47.35 -51.98
N GLY N 124 2.20 47.86 -50.77
CA GLY N 124 1.41 48.94 -50.23
C GLY N 124 0.10 48.52 -49.60
N MET N 125 -1.01 49.06 -50.10
CA MET N 125 -2.33 48.79 -49.52
C MET N 125 -2.72 47.33 -49.74
N VAL N 126 -3.48 46.78 -48.79
CA VAL N 126 -3.88 45.39 -48.80
C VAL N 126 -5.39 45.30 -48.62
N GLY N 127 -6.04 44.50 -49.47
CA GLY N 127 -7.47 44.25 -49.36
C GLY N 127 -7.77 43.05 -48.49
N GLU N 128 -9.00 42.55 -48.63
CA GLU N 128 -9.42 41.42 -47.80
C GLU N 128 -8.79 40.11 -48.26
N LYS N 129 -8.74 39.87 -49.57
CA LYS N 129 -8.14 38.65 -50.09
C LYS N 129 -6.65 38.58 -49.76
N GLU N 130 -5.95 39.70 -49.97
CA GLU N 130 -4.54 39.76 -49.62
C GLU N 130 -4.33 39.62 -48.12
N PHE N 131 -5.23 40.18 -47.31
CA PHE N 131 -5.18 39.99 -45.88
C PHE N 131 -5.25 38.50 -45.52
N GLU N 132 -6.21 37.79 -46.13
CA GLU N 132 -6.35 36.36 -45.84
C GLU N 132 -5.11 35.59 -46.26
N ILE N 133 -4.56 35.90 -47.43
CA ILE N 133 -3.38 35.19 -47.90
C ILE N 133 -2.21 35.42 -46.95
N ALA N 134 -1.99 36.68 -46.55
CA ALA N 134 -0.89 36.96 -45.65
C ALA N 134 -1.07 36.28 -44.30
N VAL N 135 -2.30 36.26 -43.78
CA VAL N 135 -2.55 35.61 -42.50
C VAL N 135 -2.30 34.11 -42.61
N LYS N 136 -2.68 33.50 -43.72
CA LYS N 136 -2.47 32.06 -43.87
C LYS N 136 -0.98 31.73 -43.99
N ILE N 137 -0.21 32.59 -44.68
CA ILE N 137 1.24 32.40 -44.72
C ILE N 137 1.83 32.50 -43.32
N LEU N 138 1.41 33.50 -42.56
CA LEU N 138 1.91 33.68 -41.20
C LEU N 138 1.56 32.48 -40.32
N GLU N 139 0.33 31.96 -40.46
CA GLU N 139 -0.09 30.81 -39.66
C GLU N 139 0.70 29.57 -40.02
N ALA N 140 0.94 29.34 -41.31
CA ALA N 140 1.74 28.18 -41.72
C ALA N 140 3.15 28.27 -41.16
N ALA N 141 3.75 29.46 -41.23
CA ALA N 141 5.09 29.64 -40.69
C ALA N 141 5.11 29.39 -39.18
N LEU N 142 4.10 29.89 -38.47
CA LEU N 142 4.03 29.70 -37.03
C LEU N 142 3.92 28.22 -36.67
N HIS N 143 3.06 27.49 -37.38
CA HIS N 143 2.89 26.06 -37.08
C HIS N 143 4.17 25.29 -37.37
N VAL N 144 4.83 25.61 -38.49
CA VAL N 144 6.11 24.96 -38.79
C VAL N 144 7.12 25.24 -37.69
N VAL N 145 7.20 26.49 -37.24
CA VAL N 145 8.20 26.86 -36.24
C VAL N 145 7.92 26.15 -34.92
N LEU N 146 6.66 26.08 -34.50
CA LEU N 146 6.34 25.40 -33.24
C LEU N 146 6.66 23.91 -33.31
N THR N 147 6.27 23.28 -34.43
CA THR N 147 6.54 21.85 -34.60
C THR N 147 8.04 21.57 -34.56
N LEU N 148 8.84 22.41 -35.22
CA LEU N 148 10.28 22.19 -35.23
C LEU N 148 10.92 22.51 -33.89
N SER N 149 10.39 23.52 -33.17
CA SER N 149 11.03 23.95 -31.94
C SER N 149 10.70 23.03 -30.78
N ARG N 150 9.71 22.15 -30.92
CA ARG N 150 9.50 21.15 -29.88
C ARG N 150 10.75 20.31 -29.60
N LEU N 151 11.72 20.29 -30.51
CA LEU N 151 12.89 19.43 -30.39
C LEU N 151 14.17 20.17 -30.02
N LEU N 152 14.07 21.42 -29.54
CA LEU N 152 15.23 22.21 -29.20
C LEU N 152 15.52 22.12 -27.70
N ASN N 153 16.63 22.73 -27.31
CA ASN N 153 16.97 22.86 -25.91
C ASN N 153 16.18 24.01 -25.29
N GLU N 154 16.30 24.18 -23.97
CA GLU N 154 15.48 25.16 -23.27
C GLU N 154 15.79 26.58 -23.75
N LEU N 155 17.06 26.96 -23.73
CA LEU N 155 17.44 28.31 -24.13
C LEU N 155 17.11 28.56 -25.58
N GLU N 156 17.40 27.60 -26.46
CA GLU N 156 17.12 27.77 -27.87
C GLU N 156 15.62 27.89 -28.13
N PHE N 157 14.81 27.07 -27.44
CA PHE N 157 13.37 27.14 -27.61
C PHE N 157 12.82 28.50 -27.20
N VAL N 158 13.25 29.00 -26.04
CA VAL N 158 12.72 30.29 -25.59
C VAL N 158 13.22 31.43 -26.48
N LYS N 159 14.46 31.32 -26.97
CA LYS N 159 14.96 32.33 -27.91
C LYS N 159 14.13 32.35 -29.18
N VAL N 160 13.79 31.17 -29.71
CA VAL N 160 12.98 31.09 -30.92
C VAL N 160 11.59 31.67 -30.67
N LEU N 161 11.01 31.39 -29.50
CA LEU N 161 9.71 31.94 -29.16
C LEU N 161 9.72 33.47 -29.14
N VAL N 162 10.72 34.04 -28.48
CA VAL N 162 10.81 35.50 -28.38
C VAL N 162 11.04 36.11 -29.77
N GLU N 163 11.88 35.48 -30.58
CA GLU N 163 12.13 35.96 -31.92
C GLU N 163 10.86 35.97 -32.75
N PHE N 164 10.06 34.90 -32.65
CA PHE N 164 8.82 34.85 -33.44
C PHE N 164 7.80 35.85 -32.94
N ILE N 165 7.76 36.12 -31.63
CA ILE N 165 6.86 37.14 -31.12
C ILE N 165 7.23 38.51 -31.68
N ASN N 166 8.52 38.81 -31.71
CA ASN N 166 8.96 40.09 -32.31
C ASN N 166 8.63 40.14 -33.80
N LEU N 167 8.78 39.01 -34.49
CA LEU N 167 8.45 38.98 -35.92
C LEU N 167 6.95 39.20 -36.14
N ILE N 168 6.11 38.64 -35.28
CA ILE N 168 4.67 38.89 -35.35
C ILE N 168 4.38 40.37 -35.15
N ALA N 169 5.07 40.98 -34.20
CA ALA N 169 4.89 42.42 -33.98
C ALA N 169 5.24 43.21 -35.23
N LYS N 170 6.35 42.88 -35.87
CA LYS N 170 6.74 43.57 -37.10
C LYS N 170 5.71 43.35 -38.20
N PHE N 171 5.23 42.12 -38.35
CA PHE N 171 4.26 41.80 -39.40
C PHE N 171 2.98 42.60 -39.21
N PHE N 172 2.48 42.68 -37.98
CA PHE N 172 1.27 43.43 -37.73
C PHE N 172 1.49 44.94 -37.80
N LYS N 173 2.71 45.41 -37.55
CA LYS N 173 3.00 46.82 -37.74
C LYS N 173 3.01 47.21 -39.21
N VAL N 174 3.60 46.38 -40.08
CA VAL N 174 3.63 46.68 -41.51
C VAL N 174 2.27 46.52 -42.18
N LEU N 175 1.49 45.52 -41.78
CA LEU N 175 0.22 45.19 -42.44
C LEU N 175 -0.91 46.02 -41.85
N LYS N 176 -1.78 46.53 -42.73
CA LYS N 176 -2.88 47.40 -42.34
C LYS N 176 -4.22 46.69 -42.55
N GLY N 177 -5.16 46.97 -41.66
CA GLY N 177 -6.47 46.35 -41.75
C GLY N 177 -7.36 46.85 -40.63
N GLU N 178 -8.61 46.38 -40.65
CA GLU N 178 -9.58 46.79 -39.64
C GLU N 178 -9.14 46.25 -38.27
N PRO N 179 -9.23 47.05 -37.21
CA PRO N 179 -8.67 46.62 -35.91
C PRO N 179 -9.26 45.34 -35.36
N GLU N 180 -10.55 45.07 -35.59
CA GLU N 180 -11.17 43.89 -35.00
C GLU N 180 -10.61 42.61 -35.59
N LYS N 181 -10.42 42.57 -36.92
CA LYS N 181 -9.87 41.38 -37.56
C LYS N 181 -8.46 41.11 -37.09
N LYS N 182 -7.64 42.15 -37.02
CA LYS N 182 -6.27 41.99 -36.55
C LYS N 182 -6.24 41.54 -35.10
N LYS N 183 -7.16 42.06 -34.28
CA LYS N 183 -7.25 41.62 -32.89
C LYS N 183 -7.58 40.14 -32.79
N ARG N 184 -8.54 39.67 -33.60
CA ARG N 184 -8.90 38.25 -33.58
C ARG N 184 -7.75 37.37 -34.04
N VAL N 185 -7.06 37.78 -35.11
CA VAL N 185 -5.92 37.00 -35.59
C VAL N 185 -4.82 36.95 -34.54
N LEU N 186 -4.54 38.08 -33.89
CA LEU N 186 -3.51 38.12 -32.87
C LEU N 186 -3.87 37.21 -31.69
N LEU N 187 -5.14 37.23 -31.29
CA LEU N 187 -5.57 36.36 -30.20
C LEU N 187 -5.40 34.89 -30.56
N LYS N 188 -5.74 34.52 -31.80
CA LYS N 188 -5.57 33.14 -32.23
C LYS N 188 -4.10 32.72 -32.20
N LEU N 189 -3.22 33.57 -32.73
CA LEU N 189 -1.79 33.25 -32.73
C LEU N 189 -1.27 33.12 -31.30
N LEU N 190 -1.68 34.02 -30.42
CA LEU N 190 -1.21 33.96 -29.04
C LEU N 190 -1.73 32.71 -28.34
N GLU N 191 -2.93 32.27 -28.68
CA GLU N 191 -3.45 31.02 -28.12
C GLU N 191 -2.60 29.84 -28.57
N ASP N 192 -2.22 29.81 -29.86
CA ASP N 192 -1.33 28.74 -30.32
C ASP N 192 -0.01 28.73 -29.55
N ILE N 193 0.60 29.90 -29.40
CA ILE N 193 1.88 30.00 -28.72
C ILE N 193 1.74 29.57 -27.26
N LYS N 194 0.69 30.01 -26.58
CA LYS N 194 0.50 29.66 -25.18
C LYS N 194 0.24 28.18 -25.01
N LYS N 195 -0.53 27.58 -25.92
CA LYS N 195 -0.69 26.13 -25.97
C LYS N 195 0.66 25.42 -25.93
N VAL N 196 1.52 25.72 -26.92
CA VAL N 196 2.79 25.01 -27.00
C VAL N 196 3.65 25.29 -25.77
N PHE N 197 3.69 26.55 -25.33
CA PHE N 197 4.56 26.92 -24.21
C PHE N 197 4.11 26.27 -22.91
N GLU N 198 2.79 26.20 -22.67
CA GLU N 198 2.30 25.61 -21.44
C GLU N 198 2.48 24.10 -21.44
N LEU N 199 2.47 23.46 -22.61
CA LEU N 199 2.83 22.05 -22.64
C LEU N 199 4.33 21.86 -22.39
N TRP N 200 5.15 22.77 -22.91
CA TRP N 200 6.60 22.60 -22.87
C TRP N 200 7.19 22.92 -21.50
N ILE N 201 6.61 23.87 -20.77
CA ILE N 201 7.26 24.41 -19.57
C ILE N 201 7.33 23.40 -18.44
N THR N 202 6.63 22.27 -18.54
CA THR N 202 6.59 21.32 -17.44
C THR N 202 7.90 20.57 -17.22
N ARG N 203 8.90 20.77 -18.08
CA ARG N 203 10.12 19.97 -18.05
C ARG N 203 11.33 20.76 -17.58
N VAL N 204 11.16 21.94 -16.99
CA VAL N 204 12.28 22.86 -16.84
C VAL N 204 12.48 23.33 -15.40
N ASN N 205 11.97 22.58 -14.40
CA ASN N 205 12.31 22.83 -12.98
C ASN N 205 11.66 24.11 -12.46
N PRO N 206 11.03 24.07 -11.28
CA PRO N 206 10.15 25.17 -10.84
C PRO N 206 10.76 26.58 -10.77
N GLU N 207 12.08 26.72 -10.82
CA GLU N 207 12.67 28.05 -10.81
C GLU N 207 12.90 28.60 -12.20
N GLN N 208 13.43 27.77 -13.11
CA GLN N 208 13.47 28.18 -14.51
C GLN N 208 12.07 28.36 -15.06
N GLN N 209 11.10 27.65 -14.50
CA GLN N 209 9.70 27.87 -14.87
C GLN N 209 9.30 29.31 -14.60
N ILE N 210 9.63 29.82 -13.41
CA ILE N 210 9.28 31.21 -13.07
C ILE N 210 10.03 32.17 -13.98
N LEU N 211 11.33 31.93 -14.18
CA LEU N 211 12.11 32.82 -15.04
C LEU N 211 11.53 32.93 -16.45
N PHE N 212 11.31 31.78 -17.09
CA PHE N 212 10.84 31.77 -18.47
C PHE N 212 9.40 32.26 -18.56
N THR N 213 8.58 31.96 -17.56
CA THR N 213 7.20 32.45 -17.58
C THR N 213 7.16 33.96 -17.54
N GLU N 214 7.95 34.57 -16.63
CA GLU N 214 8.01 36.02 -16.60
C GLU N 214 8.45 36.58 -17.95
N LEU N 215 9.52 36.03 -18.52
CA LEU N 215 10.04 36.56 -19.77
C LEU N 215 9.00 36.48 -20.90
N VAL N 216 8.40 35.30 -21.08
CA VAL N 216 7.49 35.09 -22.20
C VAL N 216 6.21 35.90 -22.02
N TYR N 217 5.68 35.96 -20.79
CA TYR N 217 4.45 36.71 -20.58
C TYR N 217 4.68 38.21 -20.77
N SER N 218 5.83 38.72 -20.32
CA SER N 218 6.15 40.12 -20.58
C SER N 218 6.25 40.40 -22.07
N ALA N 219 6.88 39.49 -22.81
CA ALA N 219 6.98 39.66 -24.26
C ALA N 219 5.58 39.70 -24.90
N ILE N 220 4.70 38.80 -24.48
CA ILE N 220 3.35 38.74 -25.04
C ILE N 220 2.57 40.01 -24.73
N GLU N 221 2.66 40.50 -23.49
CA GLU N 221 1.95 41.72 -23.12
C GLU N 221 2.48 42.92 -23.90
N ASP N 222 3.80 43.00 -24.09
CA ASP N 222 4.35 44.09 -24.88
C ASP N 222 3.88 44.01 -26.34
N LEU N 223 3.78 42.79 -26.88
CA LEU N 223 3.24 42.62 -28.23
C LEU N 223 1.81 43.10 -28.31
N LYS N 224 1.00 42.77 -27.30
CA LYS N 224 -0.39 43.22 -27.28
C LYS N 224 -0.47 44.74 -27.26
N LYS N 225 0.35 45.37 -26.43
CA LYS N 225 0.38 46.83 -26.38
C LYS N 225 0.73 47.41 -27.74
N HIS N 226 1.81 46.92 -28.34
CA HIS N 226 2.26 47.45 -29.62
C HIS N 226 1.18 47.32 -30.69
N THR N 227 0.59 46.13 -30.80
CA THR N 227 -0.40 45.91 -31.86
C THR N 227 -1.66 46.72 -31.62
N LEU N 228 -2.10 46.82 -30.37
CA LEU N 228 -3.33 47.57 -30.09
C LEU N 228 -3.12 49.06 -30.30
N GLU N 229 -1.92 49.58 -30.04
CA GLU N 229 -1.64 50.97 -30.40
C GLU N 229 -1.57 51.13 -31.92
N VAL N 230 -1.08 50.11 -32.62
CA VAL N 230 -1.07 50.15 -34.09
C VAL N 230 -2.50 50.22 -34.61
N LEU N 231 -3.42 49.52 -33.95
CA LEU N 231 -4.82 49.52 -34.38
C LEU N 231 -5.43 50.91 -34.31
N GLY N 232 -5.13 51.66 -33.25
CA GLY N 232 -5.76 52.94 -32.95
C GLY N 232 -6.09 53.87 -34.11
N ASN O 25 -24.47 31.88 46.31
CA ASN O 25 -24.12 30.96 47.38
C ASN O 25 -24.26 29.51 46.92
N THR O 26 -23.47 28.62 47.53
CA THR O 26 -23.50 27.21 47.15
C THR O 26 -24.85 26.58 47.44
N VAL O 27 -25.43 26.90 48.60
CA VAL O 27 -26.72 26.33 48.99
C VAL O 27 -27.79 26.71 47.96
N GLU O 28 -27.78 27.95 47.50
CA GLU O 28 -28.75 28.36 46.48
C GLU O 28 -28.58 27.54 45.22
N LYS O 29 -27.35 27.27 44.81
CA LYS O 29 -27.11 26.43 43.64
C LYS O 29 -27.65 25.03 43.86
N VAL O 30 -27.46 24.47 45.06
CA VAL O 30 -27.92 23.11 45.31
C VAL O 30 -29.44 23.04 45.27
N LEU O 31 -30.13 24.04 45.84
CA LEU O 31 -31.59 24.04 45.76
C LEU O 31 -32.09 24.30 44.34
N LYS O 32 -31.34 25.08 43.54
CA LYS O 32 -31.71 25.20 42.14
C LYS O 32 -31.61 23.85 41.42
N VAL O 33 -30.54 23.11 41.71
CA VAL O 33 -30.39 21.76 41.15
C VAL O 33 -31.55 20.88 41.58
N LYS O 34 -31.94 20.99 42.85
CA LYS O 34 -33.06 20.19 43.36
C LYS O 34 -34.35 20.52 42.63
N GLU O 35 -34.61 21.80 42.42
CA GLU O 35 -35.85 22.20 41.73
C GLU O 35 -35.86 21.69 40.29
N GLU O 36 -34.73 21.86 39.57
CA GLU O 36 -34.67 21.39 38.20
C GLU O 36 -34.82 19.87 38.15
N ALA O 37 -34.24 19.17 39.12
CA ALA O 37 -34.35 17.72 39.16
C ALA O 37 -35.79 17.27 39.38
N GLU O 38 -36.52 17.93 40.28
CA GLU O 38 -37.93 17.57 40.48
C GLU O 38 -38.75 17.85 39.23
N LYS O 39 -38.49 18.97 38.55
CA LYS O 39 -39.20 19.27 37.31
C LYS O 39 -38.94 18.19 36.27
N ARG O 40 -37.69 17.78 36.11
CA ARG O 40 -37.36 16.74 35.15
C ARG O 40 -37.98 15.40 35.54
N ILE O 41 -38.06 15.12 36.84
CA ILE O 41 -38.67 13.88 37.30
C ILE O 41 -40.14 13.85 36.91
N ALA O 42 -40.85 14.96 37.11
CA ALA O 42 -42.24 15.02 36.68
C ALA O 42 -42.37 14.86 35.17
N GLU O 43 -41.50 15.52 34.42
CA GLU O 43 -41.53 15.41 32.96
C GLU O 43 -41.34 13.97 32.51
N ILE O 44 -40.40 13.26 33.12
CA ILE O 44 -40.15 11.87 32.77
C ILE O 44 -41.32 11.00 33.21
N GLU O 45 -41.92 11.31 34.36
CA GLU O 45 -43.06 10.53 34.83
C GLU O 45 -44.24 10.65 33.86
N LYS O 46 -44.31 11.75 33.12
CA LYS O 46 -45.37 11.90 32.12
C LYS O 46 -44.96 11.42 30.72
N LEU O 47 -44.10 10.40 30.62
CA LEU O 47 -43.54 10.00 29.32
C LEU O 47 -44.15 8.75 28.71
N GLU O 48 -44.95 7.99 29.45
CA GLU O 48 -45.80 6.90 28.94
C GLU O 48 -45.01 5.76 28.30
N ASN O 49 -43.69 5.85 28.27
CA ASN O 49 -42.85 4.78 27.72
C ASN O 49 -41.75 4.44 28.71
N ILE O 50 -41.86 3.29 29.36
CA ILE O 50 -40.98 2.94 30.47
C ILE O 50 -39.53 2.72 30.07
N GLU O 51 -39.28 2.13 28.89
CA GLU O 51 -37.91 1.84 28.50
C GLU O 51 -37.10 3.11 28.31
N GLU O 52 -37.69 4.14 27.72
CA GLU O 52 -37.02 5.41 27.51
C GLU O 52 -37.08 6.33 28.72
N ALA O 53 -37.80 5.94 29.76
CA ALA O 53 -37.89 6.74 30.98
C ALA O 53 -36.80 6.40 31.97
N VAL O 54 -36.47 5.12 32.14
CA VAL O 54 -35.40 4.73 33.05
C VAL O 54 -34.07 5.29 32.56
N LEU O 55 -33.84 5.29 31.25
CA LEU O 55 -32.59 5.83 30.72
C LEU O 55 -32.49 7.33 30.96
N LYS O 56 -33.61 8.05 30.82
CA LYS O 56 -33.61 9.47 31.12
C LYS O 56 -33.35 9.72 32.60
N LEU O 57 -33.91 8.89 33.48
CA LEU O 57 -33.64 9.03 34.90
C LEU O 57 -32.17 8.77 35.21
N LEU O 58 -31.56 7.77 34.55
CA LEU O 58 -30.14 7.51 34.75
C LEU O 58 -29.29 8.67 34.27
N GLU O 59 -29.65 9.26 33.12
CA GLU O 59 -28.89 10.42 32.64
C GLU O 59 -29.06 11.61 33.59
N LEU O 60 -30.25 11.76 34.19
CA LEU O 60 -30.46 12.81 35.18
C LEU O 60 -29.58 12.58 36.41
N LEU O 61 -29.48 11.33 36.86
CA LEU O 61 -28.58 11.01 37.96
C LEU O 61 -27.14 11.37 37.61
N ASP O 62 -26.73 11.06 36.38
CA ASP O 62 -25.38 11.38 35.96
C ASP O 62 -25.14 12.89 35.99
N GLU O 63 -26.09 13.67 35.49
CA GLU O 63 -25.94 15.12 35.50
C GLU O 63 -25.86 15.66 36.91
N VAL O 64 -26.71 15.14 37.81
CA VAL O 64 -26.69 15.60 39.20
C VAL O 64 -25.36 15.30 39.85
N ILE O 65 -24.82 14.10 39.62
CA ILE O 65 -23.55 13.75 40.24
C ILE O 65 -22.41 14.57 39.65
N HIS O 66 -22.46 14.87 38.35
CA HIS O 66 -21.46 15.75 37.76
C HIS O 66 -21.48 17.14 38.41
N GLU O 67 -22.69 17.70 38.58
CA GLU O 67 -22.79 19.00 39.24
C GLU O 67 -22.28 18.94 40.67
N ALA O 68 -22.59 17.85 41.39
CA ALA O 68 -22.10 17.70 42.75
C ALA O 68 -20.58 17.65 42.80
N ALA O 69 -19.97 16.96 41.83
CA ALA O 69 -18.52 16.89 41.79
C ALA O 69 -17.90 18.25 41.46
N LEU O 70 -18.62 19.07 40.67
CA LEU O 70 -18.08 20.37 40.28
C LEU O 70 -17.84 21.27 41.50
N LEU O 71 -18.77 21.30 42.44
CA LEU O 71 -18.70 22.18 43.60
C LEU O 71 -18.15 21.43 44.81
N PRO O 72 -17.49 22.13 45.74
CA PRO O 72 -16.97 21.43 46.92
C PRO O 72 -18.06 21.13 47.93
N ILE O 73 -17.93 19.99 48.60
CA ILE O 73 -18.99 19.50 49.47
C ILE O 73 -18.85 20.11 50.86
N THR O 74 -19.98 20.31 51.52
CA THR O 74 -20.05 20.92 52.84
C THR O 74 -21.12 20.20 53.63
N PRO O 75 -21.07 20.27 54.97
CA PRO O 75 -22.07 19.54 55.77
C PRO O 75 -23.52 19.91 55.48
N GLU O 76 -23.79 21.17 55.16
CA GLU O 76 -25.17 21.59 54.96
C GLU O 76 -25.72 21.10 53.62
N THR O 77 -24.88 21.06 52.58
CA THR O 77 -25.34 20.64 51.26
C THR O 77 -25.37 19.13 51.09
N LYS O 78 -24.74 18.38 52.00
CA LYS O 78 -24.71 16.93 51.89
C LYS O 78 -26.11 16.35 51.96
N LEU O 79 -26.93 16.84 52.90
CA LEU O 79 -28.28 16.33 53.04
C LEU O 79 -29.11 16.61 51.79
N ILE O 80 -28.98 17.82 51.23
CA ILE O 80 -29.76 18.17 50.05
C ILE O 80 -29.36 17.29 48.87
N TRP O 81 -28.05 17.11 48.69
CA TRP O 81 -27.59 16.21 47.62
C TRP O 81 -28.15 14.81 47.81
N TRP O 82 -28.19 14.35 49.05
CA TRP O 82 -28.71 13.01 49.32
C TRP O 82 -30.21 12.91 49.03
N GLU O 83 -30.97 13.97 49.33
CA GLU O 83 -32.39 13.94 48.97
C GLU O 83 -32.58 13.89 47.45
N ILE O 84 -31.77 14.65 46.71
CA ILE O 84 -31.87 14.60 45.25
C ILE O 84 -31.58 13.20 44.74
N ILE O 85 -30.47 12.61 45.20
CA ILE O 85 -30.08 11.27 44.76
C ILE O 85 -31.15 10.26 45.13
N GLU O 86 -31.70 10.38 46.34
CA GLU O 86 -32.72 9.44 46.80
C GLU O 86 -33.97 9.52 45.94
N ALA O 87 -34.43 10.73 45.63
CA ALA O 87 -35.61 10.89 44.80
C ALA O 87 -35.40 10.24 43.43
N ILE O 88 -34.30 10.58 42.78
CA ILE O 88 -34.06 10.05 41.43
C ILE O 88 -33.94 8.53 41.47
N ALA O 89 -33.19 8.01 42.45
CA ALA O 89 -32.94 6.57 42.51
C ALA O 89 -34.23 5.80 42.78
N LEU O 90 -35.06 6.28 43.71
CA LEU O 90 -36.30 5.56 44.02
C LEU O 90 -37.25 5.60 42.83
N ALA O 91 -37.35 6.75 42.16
CA ALA O 91 -38.18 6.81 40.95
C ALA O 91 -37.69 5.82 39.91
N ALA O 92 -36.37 5.75 39.69
CA ALA O 92 -35.82 4.85 38.69
C ALA O 92 -36.08 3.39 39.05
N LEU O 93 -35.93 3.04 40.32
CA LEU O 93 -36.16 1.65 40.72
C LEU O 93 -37.62 1.24 40.53
N HIS O 94 -38.55 2.10 40.95
CA HIS O 94 -39.95 1.77 40.73
C HIS O 94 -40.27 1.66 39.25
N LYS O 95 -39.70 2.53 38.41
CA LYS O 95 -39.89 2.38 36.97
C LYS O 95 -39.31 1.07 36.47
N LEU O 96 -38.22 0.60 37.06
CA LEU O 96 -37.66 -0.71 36.70
C LEU O 96 -38.65 -1.81 37.00
N LEU O 97 -39.47 -1.64 38.05
CA LEU O 97 -40.49 -2.65 38.31
C LEU O 97 -41.62 -2.62 37.28
N ASP O 98 -41.77 -1.53 36.55
CA ASP O 98 -42.92 -1.32 35.66
C ASP O 98 -42.64 -1.72 34.21
N GLY O 99 -42.14 -2.93 33.97
CA GLY O 99 -42.03 -3.42 32.60
C GLY O 99 -40.65 -3.32 31.98
N GLY O 100 -40.35 -4.26 31.07
CA GLY O 100 -39.10 -4.35 30.36
C GLY O 100 -38.57 -5.76 30.35
N ASN O 101 -37.29 -5.89 29.99
CA ASN O 101 -36.62 -7.18 30.02
C ASN O 101 -36.03 -7.42 31.41
N ILE O 102 -36.18 -8.64 31.91
CA ILE O 102 -35.86 -8.93 33.31
C ILE O 102 -34.36 -8.75 33.57
N GLU O 103 -33.53 -9.34 32.71
CA GLU O 103 -32.09 -9.28 32.94
C GLU O 103 -31.56 -7.85 32.81
N VAL O 104 -32.04 -7.12 31.81
CA VAL O 104 -31.64 -5.73 31.65
C VAL O 104 -32.06 -4.91 32.86
N ASN O 105 -33.26 -5.15 33.38
CA ASN O 105 -33.74 -4.41 34.54
C ASN O 105 -32.90 -4.72 35.77
N ILE O 106 -32.52 -5.98 35.98
CA ILE O 106 -31.67 -6.32 37.11
C ILE O 106 -30.31 -5.64 36.99
N LEU O 107 -29.74 -5.67 35.78
CA LEU O 107 -28.47 -4.98 35.55
C LEU O 107 -28.60 -3.49 35.86
N LEU O 108 -29.70 -2.87 35.42
CA LEU O 108 -29.89 -1.44 35.66
C LEU O 108 -30.02 -1.14 37.15
N ALA O 109 -30.71 -2.01 37.89
CA ALA O 109 -30.79 -1.84 39.34
C ALA O 109 -29.41 -1.87 39.98
N LEU O 110 -28.58 -2.84 39.55
CA LEU O 110 -27.23 -2.92 40.10
C LEU O 110 -26.41 -1.68 39.74
N ARG O 111 -26.60 -1.14 38.54
CA ARG O 111 -25.86 0.06 38.14
C ARG O 111 -26.31 1.30 38.92
N ILE O 112 -27.60 1.40 39.22
CA ILE O 112 -28.07 2.48 40.08
C ILE O 112 -27.43 2.38 41.46
N LEU O 113 -27.39 1.16 42.01
CA LEU O 113 -26.73 0.96 43.29
C LEU O 113 -25.25 1.34 43.23
N GLU O 114 -24.57 0.97 42.14
CA GLU O 114 -23.15 1.30 42.00
C GLU O 114 -22.93 2.80 41.92
N LYS O 115 -23.80 3.52 41.22
CA LYS O 115 -23.69 4.98 41.18
C LYS O 115 -23.89 5.57 42.57
N ALA O 116 -24.84 5.04 43.33
CA ALA O 116 -25.04 5.49 44.71
C ALA O 116 -23.79 5.25 45.54
N ILE O 117 -23.14 4.10 45.36
CA ILE O 117 -21.92 3.79 46.11
C ILE O 117 -20.78 4.73 45.72
N ASN O 118 -20.68 5.05 44.43
CA ASN O 118 -19.65 5.99 44.00
C ASN O 118 -19.88 7.38 44.62
N PHE O 119 -21.13 7.82 44.66
CA PHE O 119 -21.43 9.09 45.34
C PHE O 119 -21.10 9.00 46.82
N LEU O 120 -21.35 7.85 47.43
CA LEU O 120 -20.99 7.64 48.83
C LEU O 120 -19.48 7.81 49.02
N LYS O 121 -18.68 7.24 48.12
CA LYS O 121 -17.24 7.42 48.19
C LYS O 121 -16.86 8.89 48.04
N MET O 122 -17.48 9.59 47.10
CA MET O 122 -17.13 10.97 46.84
C MET O 122 -17.46 11.87 48.02
N VAL O 123 -18.62 11.66 48.66
CA VAL O 123 -19.07 12.52 49.74
C VAL O 123 -18.30 12.29 51.03
N GLY O 124 -17.63 11.15 51.18
CA GLY O 124 -16.85 10.88 52.37
C GLY O 124 -17.68 10.51 53.59
N MET O 125 -17.39 11.14 54.72
CA MET O 125 -18.07 10.84 55.97
C MET O 125 -19.56 11.19 55.88
N VAL O 126 -20.38 10.34 56.51
CA VAL O 126 -21.83 10.51 56.49
C VAL O 126 -22.34 10.51 57.93
N GLY O 127 -23.50 11.14 58.14
CA GLY O 127 -24.15 11.14 59.43
C GLY O 127 -25.21 10.06 59.53
N GLU O 128 -26.14 10.27 60.47
CA GLU O 128 -27.22 9.30 60.66
C GLU O 128 -28.29 9.45 59.59
N LYS O 129 -28.56 10.68 59.16
CA LYS O 129 -29.57 10.90 58.12
C LYS O 129 -29.12 10.33 56.79
N GLU O 130 -27.85 10.58 56.43
CA GLU O 130 -27.30 10.01 55.21
C GLU O 130 -27.23 8.50 55.28
N PHE O 131 -26.91 7.95 56.46
CA PHE O 131 -26.92 6.50 56.64
C PHE O 131 -28.32 5.95 56.39
N GLU O 132 -29.34 6.61 56.92
CA GLU O 132 -30.71 6.15 56.72
C GLU O 132 -31.08 6.20 55.25
N ILE O 133 -30.72 7.28 54.55
CA ILE O 133 -31.05 7.40 53.14
C ILE O 133 -30.36 6.32 52.32
N ALA O 134 -29.08 6.07 52.59
CA ALA O 134 -28.35 5.05 51.83
C ALA O 134 -28.92 3.66 52.09
N VAL O 135 -29.26 3.36 53.34
CA VAL O 135 -29.87 2.06 53.64
C VAL O 135 -31.22 1.93 52.95
N LYS O 136 -31.97 3.02 52.87
CA LYS O 136 -33.25 2.99 52.15
C LYS O 136 -33.04 2.66 50.68
N ILE O 137 -32.06 3.29 50.05
CA ILE O 137 -31.77 3.02 48.64
C ILE O 137 -31.37 1.57 48.45
N LEU O 138 -30.49 1.08 49.31
CA LEU O 138 -30.03 -0.31 49.21
C LEU O 138 -31.18 -1.29 49.38
N GLU O 139 -32.07 -1.02 50.34
CA GLU O 139 -33.21 -1.91 50.59
C GLU O 139 -34.17 -1.92 49.40
N ALA O 140 -34.44 -0.75 48.83
CA ALA O 140 -35.32 -0.68 47.67
C ALA O 140 -34.72 -1.46 46.49
N ALA O 141 -33.42 -1.29 46.26
CA ALA O 141 -32.77 -2.03 45.19
C ALA O 141 -32.83 -3.53 45.43
N LEU O 142 -32.64 -3.96 46.67
CA LEU O 142 -32.70 -5.38 47.00
C LEU O 142 -34.09 -5.95 46.73
N HIS O 143 -35.13 -5.22 47.14
CA HIS O 143 -36.49 -5.71 46.92
C HIS O 143 -36.81 -5.79 45.43
N VAL O 144 -36.39 -4.78 44.67
CA VAL O 144 -36.62 -4.82 43.22
C VAL O 144 -35.91 -6.03 42.60
N VAL O 145 -34.66 -6.25 43.01
CA VAL O 145 -33.87 -7.34 42.42
C VAL O 145 -34.48 -8.70 42.75
N LEU O 146 -34.94 -8.89 43.99
CA LEU O 146 -35.54 -10.16 44.36
C LEU O 146 -36.84 -10.40 43.61
N THR O 147 -37.70 -9.37 43.53
CA THR O 147 -38.95 -9.50 42.80
C THR O 147 -38.70 -9.86 41.34
N LEU O 148 -37.74 -9.20 40.70
CA LEU O 148 -37.46 -9.51 39.30
C LEU O 148 -36.82 -10.89 39.14
N SER O 149 -35.94 -11.28 40.07
CA SER O 149 -35.22 -12.53 39.90
C SER O 149 -36.10 -13.74 40.14
N ARG O 150 -37.26 -13.54 40.76
CA ARG O 150 -38.20 -14.65 40.89
C ARG O 150 -38.57 -15.29 39.55
N LEU O 151 -38.33 -14.60 38.44
CA LEU O 151 -38.74 -15.09 37.12
C LEU O 151 -37.58 -15.54 36.25
N LEU O 152 -36.40 -15.78 36.82
CA LEU O 152 -35.23 -16.19 36.06
C LEU O 152 -35.04 -17.70 36.12
N ASN O 153 -34.10 -18.18 35.32
CA ASN O 153 -33.70 -19.59 35.37
C ASN O 153 -32.83 -19.83 36.60
N GLU O 154 -32.53 -21.11 36.86
CA GLU O 154 -31.82 -21.47 38.08
C GLU O 154 -30.42 -20.84 38.13
N LEU O 155 -29.64 -21.05 37.08
CA LEU O 155 -28.28 -20.52 37.06
C LEU O 155 -28.27 -19.00 37.10
N GLU O 156 -29.16 -18.36 36.34
CA GLU O 156 -29.23 -16.90 36.36
C GLU O 156 -29.66 -16.38 37.72
N PHE O 157 -30.61 -17.05 38.37
CA PHE O 157 -31.04 -16.64 39.70
C PHE O 157 -29.90 -16.69 40.69
N VAL O 158 -29.17 -17.81 40.73
CA VAL O 158 -28.11 -17.96 41.71
C VAL O 158 -26.96 -16.99 41.41
N LYS O 159 -26.68 -16.75 40.13
CA LYS O 159 -25.66 -15.79 39.76
C LYS O 159 -26.03 -14.38 40.24
N VAL O 160 -27.30 -14.00 40.05
CA VAL O 160 -27.76 -12.69 40.52
C VAL O 160 -27.65 -12.60 42.03
N LEU O 161 -27.99 -13.68 42.73
CA LEU O 161 -27.87 -13.70 44.19
C LEU O 161 -26.44 -13.45 44.64
N VAL O 162 -25.50 -14.19 44.05
CA VAL O 162 -24.10 -14.06 44.44
C VAL O 162 -23.59 -12.65 44.13
N GLU O 163 -23.97 -12.12 42.96
CA GLU O 163 -23.55 -10.78 42.58
C GLU O 163 -24.07 -9.74 43.57
N PHE O 164 -25.34 -9.88 44.00
CA PHE O 164 -25.88 -8.89 44.93
C PHE O 164 -25.24 -9.02 46.31
N ILE O 165 -24.88 -10.23 46.73
CA ILE O 165 -24.19 -10.38 48.00
C ILE O 165 -22.83 -9.68 47.96
N ASN O 166 -22.11 -9.84 46.85
CA ASN O 166 -20.85 -9.12 46.71
C ASN O 166 -21.06 -7.61 46.69
N LEU O 167 -22.12 -7.15 46.05
CA LEU O 167 -22.41 -5.71 46.02
C LEU O 167 -22.72 -5.19 47.42
N ILE O 168 -23.46 -5.96 48.23
CA ILE O 168 -23.71 -5.57 49.61
C ILE O 168 -22.40 -5.48 50.38
N ALA O 169 -21.50 -6.43 50.15
CA ALA O 169 -20.19 -6.37 50.81
C ALA O 169 -19.46 -5.08 50.44
N LYS O 170 -19.47 -4.72 49.16
CA LYS O 170 -18.82 -3.49 48.74
C LYS O 170 -19.47 -2.26 49.37
N PHE O 171 -20.79 -2.24 49.40
CA PHE O 171 -21.52 -1.10 49.97
C PHE O 171 -21.18 -0.91 51.44
N PHE O 172 -21.18 -2.01 52.20
CA PHE O 172 -20.85 -1.90 53.62
C PHE O 172 -19.38 -1.59 53.86
N LYS O 173 -18.48 -2.03 52.97
CA LYS O 173 -17.08 -1.67 53.11
C LYS O 173 -16.84 -0.18 52.87
N VAL O 174 -17.51 0.40 51.88
CA VAL O 174 -17.37 1.84 51.63
C VAL O 174 -18.04 2.69 52.70
N LEU O 175 -19.24 2.32 53.15
CA LEU O 175 -20.03 3.13 54.08
C LEU O 175 -19.56 2.90 55.50
N LYS O 176 -19.44 3.98 56.27
CA LYS O 176 -18.94 3.94 57.64
C LYS O 176 -20.04 4.28 58.62
N GLY O 177 -20.03 3.62 59.77
CA GLY O 177 -21.03 3.86 60.79
C GLY O 177 -20.75 3.01 62.01
N GLU O 178 -21.64 3.14 63.00
CA GLU O 178 -21.49 2.38 64.23
C GLU O 178 -21.70 0.89 63.95
N PRO O 179 -20.89 0.00 64.53
CA PRO O 179 -21.00 -1.43 64.19
C PRO O 179 -22.36 -2.05 64.46
N GLU O 180 -23.06 -1.63 65.51
CA GLU O 180 -24.33 -2.26 65.86
C GLU O 180 -25.40 -2.00 64.79
N LYS O 181 -25.48 -0.76 64.32
CA LYS O 181 -26.47 -0.43 63.29
C LYS O 181 -26.20 -1.17 62.00
N LYS O 182 -24.94 -1.23 61.59
CA LYS O 182 -24.58 -1.96 60.38
C LYS O 182 -24.87 -3.45 60.55
N LYS O 183 -24.62 -3.99 61.74
CA LYS O 183 -24.94 -5.39 62.00
C LYS O 183 -26.43 -5.66 61.87
N ARG O 184 -27.27 -4.78 62.43
CA ARG O 184 -28.71 -4.97 62.33
C ARG O 184 -29.20 -4.87 60.89
N VAL O 185 -28.68 -3.90 60.14
CA VAL O 185 -29.07 -3.76 58.73
C VAL O 185 -28.66 -4.99 57.94
N LEU O 186 -27.44 -5.49 58.17
CA LEU O 186 -26.96 -6.67 57.46
C LEU O 186 -27.82 -7.88 57.79
N LEU O 187 -28.21 -8.03 59.06
CA LEU O 187 -29.08 -9.14 59.43
C LEU O 187 -30.41 -9.06 58.71
N LYS O 188 -30.99 -7.86 58.63
CA LYS O 188 -32.28 -7.71 57.95
C LYS O 188 -32.17 -8.07 56.46
N LEU O 189 -31.12 -7.59 55.79
CA LEU O 189 -30.92 -7.92 54.38
C LEU O 189 -30.73 -9.42 54.19
N LEU O 190 -29.95 -10.04 55.06
CA LEU O 190 -29.71 -11.48 54.95
C LEU O 190 -30.99 -12.27 55.16
N GLU O 191 -31.84 -11.82 56.08
CA GLU O 191 -33.13 -12.51 56.26
C GLU O 191 -34.00 -12.40 55.02
N ASP O 192 -34.03 -11.22 54.39
CA ASP O 192 -34.77 -11.08 53.14
C ASP O 192 -34.28 -12.06 52.08
N ILE O 193 -32.95 -12.07 51.87
CA ILE O 193 -32.37 -12.95 50.86
C ILE O 193 -32.65 -14.41 51.19
N LYS O 194 -32.52 -14.80 52.45
CA LYS O 194 -32.72 -16.18 52.84
C LYS O 194 -34.17 -16.61 52.65
N LYS O 195 -35.12 -15.72 52.95
CA LYS O 195 -36.52 -16.06 52.75
C LYS O 195 -36.80 -16.34 51.28
N VAL O 196 -36.34 -15.45 50.39
CA VAL O 196 -36.58 -15.66 48.97
C VAL O 196 -35.90 -16.95 48.50
N PHE O 197 -34.66 -17.18 48.93
CA PHE O 197 -33.92 -18.36 48.48
C PHE O 197 -34.55 -19.65 48.99
N GLU O 198 -35.04 -19.64 50.23
CA GLU O 198 -35.65 -20.85 50.79
C GLU O 198 -36.98 -21.14 50.13
N LEU O 199 -37.68 -20.12 49.64
CA LEU O 199 -38.86 -20.39 48.84
C LEU O 199 -38.48 -20.93 47.46
N TRP O 200 -37.42 -20.39 46.87
CA TRP O 200 -37.08 -20.71 45.49
C TRP O 200 -36.43 -22.09 45.35
N ILE O 201 -35.69 -22.54 46.37
CA ILE O 201 -34.86 -23.73 46.22
C ILE O 201 -35.66 -25.01 46.08
N THR O 202 -36.95 -24.99 46.44
CA THR O 202 -37.73 -26.21 46.45
C THR O 202 -38.07 -26.74 45.05
N ARG O 203 -37.54 -26.14 43.99
CA ARG O 203 -37.92 -26.51 42.62
C ARG O 203 -36.76 -27.06 41.81
N VAL O 204 -35.64 -27.41 42.44
CA VAL O 204 -34.43 -27.65 41.67
C VAL O 204 -33.81 -29.02 41.96
N ASN O 205 -34.59 -29.99 42.46
CA ASN O 205 -34.13 -31.37 42.60
C ASN O 205 -33.08 -31.51 43.71
N PRO O 206 -33.15 -32.57 44.55
CA PRO O 206 -32.38 -32.59 45.80
C PRO O 206 -30.87 -32.51 45.69
N GLU O 207 -30.28 -32.77 44.53
CA GLU O 207 -28.83 -32.64 44.40
C GLU O 207 -28.39 -31.23 44.02
N GLN O 208 -29.09 -30.61 43.06
CA GLN O 208 -28.85 -29.19 42.81
C GLN O 208 -29.20 -28.36 44.03
N GLN O 209 -30.14 -28.83 44.83
CA GLN O 209 -30.45 -28.18 46.11
C GLN O 209 -29.20 -28.13 46.99
N ILE O 210 -28.51 -29.26 47.14
CA ILE O 210 -27.32 -29.30 47.97
C ILE O 210 -26.24 -28.39 47.40
N LEU O 211 -26.02 -28.48 46.08
CA LEU O 211 -24.98 -27.65 45.45
C LEU O 211 -25.24 -26.16 45.69
N PHE O 212 -26.45 -25.70 45.37
CA PHE O 212 -26.75 -24.28 45.48
C PHE O 212 -26.78 -23.83 46.93
N THR O 213 -27.27 -24.68 47.83
CA THR O 213 -27.29 -24.31 49.25
C THR O 213 -25.89 -24.11 49.79
N GLU O 214 -24.96 -25.02 49.45
CA GLU O 214 -23.58 -24.84 49.87
C GLU O 214 -23.01 -23.53 49.33
N LEU O 215 -23.20 -23.29 48.03
CA LEU O 215 -22.63 -22.08 47.42
C LEU O 215 -23.16 -20.82 48.10
N VAL O 216 -24.48 -20.74 48.27
CA VAL O 216 -25.09 -19.51 48.80
C VAL O 216 -24.73 -19.32 50.26
N TYR O 217 -24.74 -20.40 51.05
CA TYR O 217 -24.43 -20.27 52.47
C TYR O 217 -22.97 -19.88 52.68
N SER O 218 -22.06 -20.43 51.87
CA SER O 218 -20.67 -20.00 51.96
C SER O 218 -20.51 -18.53 51.60
N ALA O 219 -21.23 -18.07 50.56
CA ALA O 219 -21.17 -16.66 50.20
C ALA O 219 -21.65 -15.77 51.34
N ILE O 220 -22.75 -16.17 51.99
CA ILE O 220 -23.30 -15.38 53.09
C ILE O 220 -22.33 -15.34 54.27
N GLU O 221 -21.73 -16.47 54.60
CA GLU O 221 -20.78 -16.48 55.71
C GLU O 221 -19.56 -15.63 55.41
N ASP O 222 -19.06 -15.68 54.18
CA ASP O 222 -17.93 -14.83 53.81
C ASP O 222 -18.30 -13.36 53.90
N LEU O 223 -19.52 -13.01 53.49
CA LEU O 223 -20.01 -11.64 53.64
C LEU O 223 -20.03 -11.23 55.11
N LYS O 224 -20.54 -12.10 55.97
CA LYS O 224 -20.58 -11.79 57.39
C LYS O 224 -19.18 -11.54 57.95
N LYS O 225 -18.22 -12.39 57.57
CA LYS O 225 -16.85 -12.21 58.02
C LYS O 225 -16.28 -10.88 57.56
N HIS O 226 -16.49 -10.55 56.27
CA HIS O 226 -15.95 -9.31 55.72
C HIS O 226 -16.49 -8.10 56.45
N THR O 227 -17.82 -8.01 56.58
CA THR O 227 -18.39 -6.82 57.22
C THR O 227 -18.08 -6.79 58.72
N LEU O 228 -17.98 -7.95 59.37
CA LEU O 228 -17.66 -7.95 60.80
C LEU O 228 -16.24 -7.48 61.04
N GLU O 229 -15.30 -7.85 60.17
CA GLU O 229 -13.95 -7.30 60.27
C GLU O 229 -13.94 -5.82 59.93
N VAL O 230 -14.82 -5.38 59.02
CA VAL O 230 -14.93 -3.96 58.72
C VAL O 230 -15.40 -3.19 59.95
N LEU O 231 -16.32 -3.79 60.73
CA LEU O 231 -16.84 -3.12 61.92
C LEU O 231 -15.75 -2.85 62.95
N GLY O 232 -14.87 -3.82 63.16
CA GLY O 232 -13.85 -3.72 64.19
C GLY O 232 -12.98 -2.47 64.15
N ASN P 25 19.38 83.76 -26.10
CA ASN P 25 19.38 83.17 -24.78
C ASN P 25 19.61 81.66 -24.86
N THR P 26 20.20 81.08 -23.83
CA THR P 26 20.49 79.65 -23.84
C THR P 26 19.20 78.83 -23.73
N VAL P 27 18.25 79.30 -22.92
CA VAL P 27 17.06 78.50 -22.63
C VAL P 27 16.26 78.22 -23.89
N GLU P 28 16.07 79.22 -24.75
CA GLU P 28 15.32 79.00 -25.97
C GLU P 28 16.03 78.00 -26.87
N LYS P 29 17.37 78.05 -26.90
CA LYS P 29 18.12 77.05 -27.66
C LYS P 29 17.90 75.65 -27.10
N VAL P 30 17.88 75.50 -25.77
CA VAL P 30 17.70 74.18 -25.18
C VAL P 30 16.32 73.64 -25.48
N LEU P 31 15.28 74.49 -25.40
CA LEU P 31 13.93 74.02 -25.74
C LEU P 31 13.80 73.72 -27.22
N LYS P 32 14.51 74.45 -28.09
CA LYS P 32 14.49 74.11 -29.51
C LYS P 32 15.13 72.74 -29.73
N VAL P 33 16.22 72.46 -28.99
CA VAL P 33 16.85 71.15 -29.07
C VAL P 33 15.88 70.08 -28.59
N LYS P 34 15.13 70.37 -27.52
CA LYS P 34 14.15 69.43 -27.01
C LYS P 34 13.08 69.12 -28.05
N GLU P 35 12.57 70.15 -28.72
CA GLU P 35 11.55 69.95 -29.74
C GLU P 35 12.09 69.11 -30.90
N GLU P 36 13.30 69.42 -31.36
CA GLU P 36 13.89 68.65 -32.44
C GLU P 36 14.10 67.19 -32.01
N ALA P 37 14.53 66.97 -30.77
CA ALA P 37 14.75 65.61 -30.29
C ALA P 37 13.44 64.83 -30.23
N GLU P 38 12.36 65.45 -29.77
CA GLU P 38 11.08 64.76 -29.75
C GLU P 38 10.60 64.43 -31.16
N LYS P 39 10.77 65.36 -32.10
CA LYS P 39 10.39 65.08 -33.48
C LYS P 39 11.18 63.90 -34.03
N ARG P 40 12.49 63.87 -33.79
CA ARG P 40 13.30 62.76 -34.26
C ARG P 40 12.91 61.45 -33.58
N ILE P 41 12.53 61.52 -32.30
CA ILE P 41 12.12 60.31 -31.59
C ILE P 41 10.86 59.73 -32.21
N ALA P 42 9.89 60.59 -32.55
CA ALA P 42 8.69 60.10 -33.22
C ALA P 42 9.02 59.52 -34.59
N GLU P 43 9.90 60.20 -35.34
CA GLU P 43 10.30 59.71 -36.65
C GLU P 43 10.92 58.32 -36.56
N ILE P 44 11.79 58.11 -35.56
CA ILE P 44 12.43 56.81 -35.38
C ILE P 44 11.41 55.79 -34.91
N GLU P 45 10.46 56.19 -34.07
CA GLU P 45 9.43 55.27 -33.61
C GLU P 45 8.59 54.76 -34.77
N LYS P 46 8.48 55.55 -35.83
CA LYS P 46 7.76 55.09 -37.02
C LYS P 46 8.65 54.41 -38.07
N LEU P 47 9.69 53.70 -37.66
CA LEU P 47 10.68 53.16 -38.59
C LEU P 47 10.55 51.67 -38.88
N GLU P 48 9.76 50.93 -38.10
CA GLU P 48 9.36 49.55 -38.39
C GLU P 48 10.52 48.56 -38.47
N ASN P 49 11.75 49.02 -38.26
CA ASN P 49 12.91 48.13 -38.27
C ASN P 49 13.78 48.43 -37.05
N ILE P 50 13.79 47.49 -36.10
CA ILE P 50 14.34 47.77 -34.77
C ILE P 50 15.86 47.92 -34.73
N GLU P 51 16.60 47.06 -35.42
CA GLU P 51 18.05 47.08 -35.27
C GLU P 51 18.66 48.40 -35.74
N GLU P 52 18.17 48.94 -36.86
CA GLU P 52 18.64 50.23 -37.34
C GLU P 52 17.89 51.41 -36.73
N ALA P 53 17.02 51.18 -35.75
CA ALA P 53 16.36 52.25 -35.01
C ALA P 53 17.09 52.58 -33.71
N VAL P 54 17.62 51.56 -33.03
CA VAL P 54 18.41 51.80 -31.84
C VAL P 54 19.69 52.55 -32.19
N LEU P 55 20.27 52.24 -33.34
CA LEU P 55 21.46 52.97 -33.78
C LEU P 55 21.15 54.44 -34.03
N LYS P 56 19.99 54.73 -34.62
CA LYS P 56 19.59 56.12 -34.83
C LYS P 56 19.34 56.81 -33.50
N LEU P 57 18.75 56.11 -32.53
CA LEU P 57 18.56 56.71 -31.21
C LEU P 57 19.89 57.02 -30.54
N LEU P 58 20.87 56.12 -30.67
CA LEU P 58 22.20 56.37 -30.11
C LEU P 58 22.87 57.55 -30.80
N GLU P 59 22.71 57.67 -32.12
CA GLU P 59 23.26 58.82 -32.83
C GLU P 59 22.61 60.11 -32.37
N LEU P 60 21.29 60.08 -32.14
CA LEU P 60 20.60 61.26 -31.61
C LEU P 60 21.12 61.63 -30.23
N LEU P 61 21.35 60.63 -29.38
CA LEU P 61 21.93 60.88 -28.06
C LEU P 61 23.30 61.54 -28.19
N ASP P 62 24.12 61.06 -29.11
CA ASP P 62 25.44 61.64 -29.32
C ASP P 62 25.35 63.09 -29.78
N GLU P 63 24.43 63.38 -30.70
CA GLU P 63 24.25 64.76 -31.16
C GLU P 63 23.80 65.67 -30.03
N VAL P 64 22.86 65.18 -29.21
CA VAL P 64 22.38 65.99 -28.08
C VAL P 64 23.51 66.28 -27.11
N ILE P 65 24.34 65.28 -26.81
CA ILE P 65 25.43 65.49 -25.87
C ILE P 65 26.47 66.44 -26.45
N HIS P 66 26.73 66.36 -27.76
CA HIS P 66 27.62 67.33 -28.38
C HIS P 66 27.09 68.76 -28.24
N GLU P 67 25.80 68.95 -28.51
CA GLU P 67 25.22 70.28 -28.34
C GLU P 67 25.31 70.74 -26.90
N ALA P 68 25.05 69.85 -25.95
CA ALA P 68 25.13 70.21 -24.54
C ALA P 68 26.55 70.64 -24.17
N ALA P 69 27.55 69.95 -24.71
CA ALA P 69 28.94 70.34 -24.46
C ALA P 69 29.26 71.69 -25.09
N LEU P 70 28.60 72.01 -26.21
CA LEU P 70 28.92 73.25 -26.91
C LEU P 70 28.63 74.49 -26.07
N LEU P 71 27.45 74.53 -25.41
CA LEU P 71 27.13 75.71 -24.61
C LEU P 71 27.36 75.45 -23.13
N PRO P 72 27.68 76.47 -22.34
CA PRO P 72 27.98 76.22 -20.93
C PRO P 72 26.72 75.95 -20.11
N ILE P 73 26.88 75.15 -19.07
CA ILE P 73 25.75 74.64 -18.31
C ILE P 73 25.37 75.63 -17.22
N THR P 74 24.09 75.67 -16.90
CA THR P 74 23.52 76.53 -15.87
C THR P 74 22.46 75.75 -15.13
N PRO P 75 22.10 76.17 -13.91
CA PRO P 75 21.10 75.41 -13.14
C PRO P 75 19.75 75.27 -13.83
N GLU P 76 19.33 76.25 -14.62
CA GLU P 76 18.01 76.18 -15.23
C GLU P 76 17.97 75.20 -16.40
N THR P 77 19.05 75.13 -17.18
CA THR P 77 19.07 74.27 -18.35
C THR P 77 19.43 72.83 -18.03
N LYS P 78 19.95 72.57 -16.82
CA LYS P 78 20.33 71.21 -16.43
C LYS P 78 19.13 70.29 -16.45
N LEU P 79 17.99 70.76 -15.92
CA LEU P 79 16.79 69.95 -15.89
C LEU P 79 16.31 69.61 -17.30
N ILE P 80 16.31 70.58 -18.20
CA ILE P 80 15.85 70.34 -19.56
C ILE P 80 16.77 69.34 -20.26
N TRP P 81 18.08 69.51 -20.09
CA TRP P 81 19.02 68.55 -20.67
C TRP P 81 18.75 67.15 -20.15
N TRP P 82 18.46 67.03 -18.85
CA TRP P 82 18.21 65.72 -18.27
C TRP P 82 16.92 65.11 -18.79
N GLU P 83 15.89 65.93 -19.03
CA GLU P 83 14.67 65.39 -19.63
C GLU P 83 14.92 64.87 -21.04
N ILE P 84 15.70 65.61 -21.83
CA ILE P 84 16.01 65.13 -23.18
C ILE P 84 16.76 63.80 -23.12
N ILE P 85 17.78 63.73 -22.26
CA ILE P 85 18.58 62.50 -22.14
C ILE P 85 17.69 61.36 -21.65
N GLU P 86 16.83 61.62 -20.68
CA GLU P 86 15.93 60.60 -20.15
C GLU P 86 15.03 60.05 -21.23
N ALA P 87 14.40 60.93 -22.01
CA ALA P 87 13.49 60.49 -23.06
C ALA P 87 14.21 59.59 -24.07
N ILE P 88 15.37 60.06 -24.57
CA ILE P 88 16.09 59.29 -25.58
C ILE P 88 16.53 57.95 -25.02
N ALA P 89 17.07 57.95 -23.79
CA ALA P 89 17.61 56.72 -23.22
C ALA P 89 16.52 55.70 -22.94
N LEU P 90 15.38 56.14 -22.40
CA LEU P 90 14.30 55.20 -22.12
C LEU P 90 13.73 54.63 -23.41
N ALA P 91 13.58 55.45 -24.45
CA ALA P 91 13.12 54.93 -25.73
C ALA P 91 14.09 53.90 -26.27
N ALA P 92 15.40 54.18 -26.19
CA ALA P 92 16.38 53.25 -26.72
C ALA P 92 16.38 51.93 -25.96
N LEU P 93 16.26 51.99 -24.63
CA LEU P 93 16.24 50.75 -23.85
C LEU P 93 15.01 49.91 -24.17
N HIS P 94 13.83 50.54 -24.25
CA HIS P 94 12.65 49.77 -24.59
C HIS P 94 12.76 49.17 -25.98
N LYS P 95 13.35 49.89 -26.93
CA LYS P 95 13.59 49.29 -28.24
C LYS P 95 14.56 48.10 -28.15
N LEU P 96 15.57 48.20 -27.28
CA LEU P 96 16.47 47.08 -27.07
C LEU P 96 15.71 45.86 -26.58
N LEU P 97 14.60 46.07 -25.88
CA LEU P 97 13.77 44.91 -25.51
C LEU P 97 13.03 44.33 -26.70
N ASP P 98 12.86 45.09 -27.78
CA ASP P 98 12.01 44.69 -28.90
C ASP P 98 12.80 44.03 -30.03
N GLY P 99 13.60 43.01 -29.75
CA GLY P 99 14.23 42.26 -30.82
C GLY P 99 15.65 42.63 -31.15
N GLY P 100 16.41 41.66 -31.66
CA GLY P 100 17.81 41.79 -32.01
C GLY P 100 18.59 40.62 -31.47
N ASN P 101 19.92 40.77 -31.47
CA ASN P 101 20.80 39.77 -30.88
C ASN P 101 21.01 40.09 -29.40
N ILE P 102 21.03 39.05 -28.56
CA ILE P 102 20.98 39.23 -27.12
C ILE P 102 22.25 39.93 -26.62
N GLU P 103 23.42 39.43 -27.04
CA GLU P 103 24.68 39.98 -26.54
C GLU P 103 24.90 41.40 -27.06
N VAL P 104 24.57 41.64 -28.33
CA VAL P 104 24.68 42.99 -28.87
C VAL P 104 23.75 43.94 -28.13
N ASN P 105 22.54 43.48 -27.80
CA ASN P 105 21.60 44.32 -27.08
C ASN P 105 22.10 44.64 -25.68
N ILE P 106 22.69 43.66 -25.00
CA ILE P 106 23.25 43.91 -23.66
C ILE P 106 24.40 44.92 -23.75
N LEU P 107 25.26 44.78 -24.76
CA LEU P 107 26.35 45.73 -24.95
C LEU P 107 25.80 47.13 -25.22
N LEU P 108 24.76 47.25 -26.02
CA LEU P 108 24.17 48.55 -26.31
C LEU P 108 23.56 49.17 -25.06
N ALA P 109 22.91 48.37 -24.21
CA ALA P 109 22.38 48.88 -22.95
C ALA P 109 23.50 49.42 -22.07
N LEU P 110 24.60 48.68 -21.97
CA LEU P 110 25.73 49.16 -21.19
C LEU P 110 26.32 50.43 -21.79
N ARG P 111 26.32 50.55 -23.11
CA ARG P 111 26.82 51.76 -23.75
C ARG P 111 25.94 52.96 -23.45
N ILE P 112 24.63 52.77 -23.45
CA ILE P 112 23.72 53.86 -23.09
C ILE P 112 23.98 54.30 -21.65
N LEU P 113 24.16 53.32 -20.75
CA LEU P 113 24.47 53.66 -19.37
C LEU P 113 25.78 54.43 -19.25
N GLU P 114 26.79 54.01 -20.00
CA GLU P 114 28.08 54.71 -19.95
C GLU P 114 27.96 56.13 -20.49
N LYS P 115 27.17 56.32 -21.54
CA LYS P 115 26.94 57.67 -22.06
C LYS P 115 26.26 58.54 -21.02
N ALA P 116 25.28 57.99 -20.31
CA ALA P 116 24.63 58.73 -19.24
C ALA P 116 25.62 59.09 -18.13
N ILE P 117 26.52 58.17 -17.80
CA ILE P 117 27.52 58.45 -16.76
C ILE P 117 28.47 59.54 -17.20
N ASN P 118 28.88 59.52 -18.48
CA ASN P 118 29.75 60.56 -18.99
C ASN P 118 29.07 61.93 -18.96
N PHE P 119 27.78 61.98 -19.33
CA PHE P 119 27.06 63.24 -19.21
C PHE P 119 26.94 63.68 -17.76
N LEU P 120 26.77 62.72 -16.85
CA LEU P 120 26.74 63.01 -15.42
C LEU P 120 28.06 63.66 -14.98
N LYS P 121 29.18 63.13 -15.45
CA LYS P 121 30.47 63.75 -15.17
C LYS P 121 30.55 65.17 -15.72
N MET P 122 30.07 65.35 -16.94
CA MET P 122 30.17 66.66 -17.60
C MET P 122 29.33 67.71 -16.88
N VAL P 123 28.14 67.34 -16.43
CA VAL P 123 27.21 68.31 -15.85
C VAL P 123 27.64 68.79 -14.48
N GLY P 124 28.50 68.05 -13.78
CA GLY P 124 28.95 68.47 -12.46
C GLY P 124 28.03 68.06 -11.33
N MET P 125 27.55 69.04 -10.57
CA MET P 125 26.69 68.76 -9.42
C MET P 125 25.32 68.26 -9.89
N VAL P 126 24.59 67.65 -8.97
CA VAL P 126 23.30 67.03 -9.27
C VAL P 126 22.33 67.33 -8.14
N GLY P 127 21.12 67.77 -8.48
CA GLY P 127 20.07 67.99 -7.52
C GLY P 127 19.24 66.76 -7.27
N GLU P 128 18.07 66.96 -6.65
CA GLU P 128 17.21 65.82 -6.33
C GLU P 128 16.47 65.32 -7.56
N LYS P 129 16.05 66.23 -8.44
CA LYS P 129 15.34 65.82 -9.66
C LYS P 129 16.28 65.09 -10.62
N GLU P 130 17.48 65.62 -10.79
CA GLU P 130 18.48 64.94 -11.61
C GLU P 130 18.88 63.60 -11.00
N PHE P 131 18.94 63.53 -9.66
CA PHE P 131 19.20 62.25 -9.00
C PHE P 131 18.10 61.25 -9.34
N GLU P 132 16.85 61.67 -9.27
CA GLU P 132 15.73 60.77 -9.57
C GLU P 132 15.82 60.30 -11.02
N ILE P 133 16.11 61.22 -11.94
CA ILE P 133 16.17 60.85 -13.36
C ILE P 133 17.30 59.84 -13.60
N ALA P 134 18.48 60.10 -13.03
CA ALA P 134 19.61 59.20 -13.21
C ALA P 134 19.32 57.82 -12.63
N VAL P 135 18.70 57.77 -11.45
CA VAL P 135 18.38 56.48 -10.84
C VAL P 135 17.37 55.73 -11.70
N LYS P 136 16.40 56.44 -12.28
CA LYS P 136 15.41 55.76 -13.11
C LYS P 136 16.04 55.21 -14.39
N ILE P 137 17.00 55.95 -14.96
CA ILE P 137 17.72 55.43 -16.13
C ILE P 137 18.50 54.18 -15.76
N LEU P 138 19.19 54.22 -14.62
CA LEU P 138 19.95 53.07 -14.17
C LEU P 138 19.06 51.86 -13.94
N GLU P 139 17.88 52.07 -13.34
CA GLU P 139 16.97 50.97 -13.08
C GLU P 139 16.42 50.38 -14.37
N ALA P 140 16.08 51.24 -15.35
CA ALA P 140 15.60 50.73 -16.63
C ALA P 140 16.67 49.88 -17.30
N ALA P 141 17.92 50.35 -17.29
CA ALA P 141 19.00 49.58 -17.88
C ALA P 141 19.19 48.25 -17.17
N LEU P 142 19.11 48.26 -15.83
CA LEU P 142 19.28 47.02 -15.07
C LEU P 142 18.18 46.01 -15.41
N HIS P 143 16.94 46.47 -15.50
CA HIS P 143 15.85 45.55 -15.81
C HIS P 143 15.98 44.99 -17.22
N VAL P 144 16.37 45.84 -18.18
CA VAL P 144 16.60 45.35 -19.55
C VAL P 144 17.70 44.29 -19.54
N VAL P 145 18.79 44.55 -18.81
CA VAL P 145 19.92 43.64 -18.81
C VAL P 145 19.54 42.29 -18.19
N LEU P 146 18.80 42.32 -17.08
CA LEU P 146 18.40 41.07 -16.44
C LEU P 146 17.47 40.27 -17.35
N THR P 147 16.48 40.95 -17.96
CA THR P 147 15.55 40.28 -18.84
C THR P 147 16.28 39.62 -20.01
N LEU P 148 17.22 40.34 -20.62
CA LEU P 148 17.93 39.77 -21.76
C LEU P 148 18.91 38.68 -21.34
N SER P 149 19.49 38.80 -20.14
CA SER P 149 20.50 37.84 -19.73
C SER P 149 19.89 36.54 -19.24
N ARG P 150 18.58 36.51 -19.00
CA ARG P 150 17.96 35.23 -18.69
C ARG P 150 18.15 34.19 -19.80
N LEU P 151 18.43 34.65 -21.03
CA LEU P 151 18.54 33.75 -22.17
C LEU P 151 19.98 33.44 -22.57
N LEU P 152 20.97 33.76 -21.74
CA LEU P 152 22.36 33.53 -22.05
C LEU P 152 22.83 32.21 -21.46
N ASN P 153 24.08 31.86 -21.77
CA ASN P 153 24.71 30.68 -21.19
C ASN P 153 25.23 31.02 -19.80
N GLU P 154 25.79 30.01 -19.12
CA GLU P 154 26.21 30.17 -17.74
C GLU P 154 27.32 31.21 -17.62
N LEU P 155 28.43 30.99 -18.33
CA LEU P 155 29.58 31.88 -18.22
C LEU P 155 29.23 33.28 -18.68
N GLU P 156 28.48 33.40 -19.77
CA GLU P 156 28.09 34.72 -20.27
C GLU P 156 27.18 35.44 -19.29
N PHE P 157 26.25 34.72 -18.68
CA PHE P 157 25.36 35.32 -17.70
C PHE P 157 26.15 35.87 -16.51
N VAL P 158 27.09 35.08 -15.98
CA VAL P 158 27.84 35.53 -14.81
C VAL P 158 28.77 36.69 -15.19
N LYS P 159 29.34 36.65 -16.40
CA LYS P 159 30.17 37.75 -16.86
C LYS P 159 29.37 39.04 -16.96
N VAL P 160 28.15 38.97 -17.50
CA VAL P 160 27.30 40.14 -17.61
C VAL P 160 26.96 40.67 -16.22
N LEU P 161 26.68 39.77 -15.28
CA LEU P 161 26.38 40.17 -13.90
C LEU P 161 27.54 40.94 -13.29
N VAL P 162 28.76 40.40 -13.40
CA VAL P 162 29.92 41.06 -12.80
C VAL P 162 30.17 42.40 -13.47
N GLU P 163 30.04 42.45 -14.79
CA GLU P 163 30.23 43.71 -15.52
C GLU P 163 29.25 44.76 -15.07
N PHE P 164 27.98 44.39 -14.87
CA PHE P 164 26.99 45.37 -14.45
C PHE P 164 27.22 45.81 -13.02
N ILE P 165 27.71 44.92 -12.16
CA ILE P 165 28.04 45.32 -10.79
C ILE P 165 29.15 46.36 -10.80
N ASN P 166 30.17 46.14 -11.63
CA ASN P 166 31.24 47.13 -11.75
C ASN P 166 30.72 48.45 -12.31
N LEU P 167 29.79 48.39 -13.27
CA LEU P 167 29.20 49.60 -13.82
C LEU P 167 28.41 50.37 -12.76
N ILE P 168 27.68 49.64 -11.90
CA ILE P 168 26.96 50.29 -10.80
C ILE P 168 27.94 50.97 -9.86
N ALA P 169 29.08 50.31 -9.59
CA ALA P 169 30.10 50.94 -8.75
C ALA P 169 30.60 52.24 -9.37
N LYS P 170 30.86 52.23 -10.68
CA LYS P 170 31.29 53.44 -11.36
C LYS P 170 30.23 54.53 -11.29
N PHE P 171 28.96 54.17 -11.52
CA PHE P 171 27.89 55.15 -11.52
C PHE P 171 27.74 55.81 -10.16
N PHE P 172 27.79 55.00 -9.09
CA PHE P 172 27.67 55.58 -7.75
C PHE P 172 28.92 56.35 -7.33
N LYS P 173 30.08 55.98 -7.86
CA LYS P 173 31.28 56.77 -7.57
C LYS P 173 31.24 58.14 -8.23
N VAL P 174 30.75 58.23 -9.47
CA VAL P 174 30.63 59.51 -10.15
C VAL P 174 29.51 60.39 -9.59
N LEU P 175 28.36 59.81 -9.26
CA LEU P 175 27.19 60.57 -8.83
C LEU P 175 27.27 60.88 -7.36
N LYS P 176 26.91 62.12 -7.00
CA LYS P 176 26.98 62.59 -5.62
C LYS P 176 25.59 62.84 -5.07
N GLY P 177 25.40 62.54 -3.79
CA GLY P 177 24.10 62.72 -3.16
C GLY P 177 24.17 62.33 -1.70
N GLU P 178 23.01 62.43 -1.04
CA GLU P 178 22.92 62.12 0.37
C GLU P 178 23.19 60.63 0.61
N PRO P 179 24.03 60.27 1.57
CA PRO P 179 24.42 58.85 1.73
C PRO P 179 23.25 57.90 1.95
N GLU P 180 22.23 58.31 2.69
CA GLU P 180 21.10 57.42 2.96
C GLU P 180 20.32 57.10 1.69
N LYS P 181 20.12 58.10 0.83
CA LYS P 181 19.38 57.88 -0.41
C LYS P 181 20.12 56.89 -1.31
N LYS P 182 21.43 57.09 -1.50
CA LYS P 182 22.20 56.18 -2.33
C LYS P 182 22.28 54.80 -1.69
N LYS P 183 22.30 54.73 -0.36
CA LYS P 183 22.26 53.44 0.31
C LYS P 183 20.98 52.69 -0.02
N ARG P 184 19.84 53.38 0.05
CA ARG P 184 18.56 52.73 -0.26
C ARG P 184 18.50 52.30 -1.72
N VAL P 185 18.95 53.15 -2.63
CA VAL P 185 18.96 52.79 -4.05
C VAL P 185 19.85 51.57 -4.29
N LEU P 186 21.03 51.54 -3.68
CA LEU P 186 21.93 50.42 -3.84
C LEU P 186 21.32 49.14 -3.31
N LEU P 187 20.65 49.22 -2.16
CA LEU P 187 20.01 48.02 -1.60
C LEU P 187 18.92 47.51 -2.53
N LYS P 188 18.14 48.40 -3.13
CA LYS P 188 17.09 47.98 -4.06
C LYS P 188 17.70 47.29 -5.28
N LEU P 189 18.74 47.87 -5.86
CA LEU P 189 19.39 47.26 -7.02
C LEU P 189 19.96 45.89 -6.67
N LEU P 190 20.59 45.78 -5.51
CA LEU P 190 21.17 44.51 -5.10
C LEU P 190 20.10 43.46 -4.88
N GLU P 191 18.94 43.87 -4.36
CA GLU P 191 17.84 42.92 -4.20
C GLU P 191 17.36 42.41 -5.55
N ASP P 192 17.24 43.30 -6.54
CA ASP P 192 16.86 42.86 -7.88
C ASP P 192 17.85 41.83 -8.43
N ILE P 193 19.14 42.16 -8.36
CA ILE P 193 20.17 41.28 -8.88
C ILE P 193 20.14 39.94 -8.16
N LYS P 194 20.02 39.97 -6.83
CA LYS P 194 20.03 38.74 -6.05
C LYS P 194 18.83 37.86 -6.37
N LYS P 195 17.66 38.47 -6.56
CA LYS P 195 16.47 37.70 -6.92
C LYS P 195 16.69 36.96 -8.23
N VAL P 196 17.15 37.68 -9.26
CA VAL P 196 17.38 37.02 -10.54
C VAL P 196 18.42 35.91 -10.39
N PHE P 197 19.51 36.19 -9.67
CA PHE P 197 20.60 35.23 -9.55
C PHE P 197 20.17 33.97 -8.80
N GLU P 198 19.36 34.12 -7.74
CA GLU P 198 18.96 32.94 -6.99
C GLU P 198 17.93 32.12 -7.76
N LEU P 199 17.12 32.76 -8.60
CA LEU P 199 16.28 31.98 -9.49
C LEU P 199 17.13 31.23 -10.51
N TRP P 200 18.19 31.86 -11.01
CA TRP P 200 18.98 31.29 -12.10
C TRP P 200 19.91 30.18 -11.64
N ILE P 201 20.44 30.26 -10.42
CA ILE P 201 21.53 29.37 -10.01
C ILE P 201 21.10 27.92 -9.85
N THR P 202 19.81 27.65 -9.87
CA THR P 202 19.33 26.29 -9.61
C THR P 202 19.59 25.34 -10.77
N ARG P 203 20.20 25.78 -11.87
CA ARG P 203 20.34 24.98 -13.07
C ARG P 203 21.78 24.63 -13.40
N VAL P 204 22.72 24.84 -12.47
CA VAL P 204 24.13 24.84 -12.85
C VAL P 204 24.96 23.85 -12.02
N ASN P 205 24.35 22.84 -11.40
CA ASN P 205 25.07 21.73 -10.76
C ASN P 205 25.74 22.22 -9.47
N PRO P 206 25.63 21.47 -8.36
CA PRO P 206 26.00 22.02 -7.04
C PRO P 206 27.44 22.49 -6.84
N GLU P 207 28.39 22.06 -7.67
CA GLU P 207 29.75 22.56 -7.55
C GLU P 207 29.96 23.88 -8.27
N GLN P 208 29.45 24.01 -9.49
CA GLN P 208 29.43 25.31 -10.15
C GLN P 208 28.59 26.29 -9.37
N GLN P 209 27.58 25.81 -8.64
CA GLN P 209 26.79 26.65 -7.76
C GLN P 209 27.67 27.30 -6.72
N ILE P 210 28.53 26.52 -6.07
CA ILE P 210 29.43 27.07 -5.05
C ILE P 210 30.40 28.06 -5.68
N LEU P 211 30.98 27.69 -6.81
CA LEU P 211 31.93 28.59 -7.48
C LEU P 211 31.30 29.95 -7.80
N PHE P 212 30.16 29.93 -8.49
CA PHE P 212 29.53 31.16 -8.93
C PHE P 212 28.98 31.95 -7.75
N THR P 213 28.47 31.27 -6.72
CA THR P 213 27.98 31.99 -5.56
C THR P 213 29.11 32.73 -4.86
N GLU P 214 30.25 32.07 -4.67
CA GLU P 214 31.40 32.76 -4.09
C GLU P 214 31.77 34.00 -4.90
N LEU P 215 31.88 33.83 -6.23
CA LEU P 215 32.31 34.94 -7.08
C LEU P 215 31.34 36.11 -6.99
N VAL P 216 30.05 35.85 -7.17
CA VAL P 216 29.05 36.92 -7.21
C VAL P 216 28.93 37.60 -5.84
N TYR P 217 28.92 36.82 -4.76
CA TYR P 217 28.77 37.40 -3.44
C TYR P 217 29.98 38.25 -3.07
N SER P 218 31.18 37.82 -3.46
CA SER P 218 32.35 38.64 -3.21
C SER P 218 32.29 39.94 -4.01
N ALA P 219 31.81 39.87 -5.26
CA ALA P 219 31.67 41.08 -6.04
C ALA P 219 30.68 42.06 -5.39
N ILE P 220 29.56 41.53 -4.88
CA ILE P 220 28.56 42.38 -4.25
C ILE P 220 29.12 43.01 -2.97
N GLU P 221 29.86 42.24 -2.18
CA GLU P 221 30.46 42.79 -0.96
C GLU P 221 31.48 43.89 -1.28
N ASP P 222 32.29 43.68 -2.31
CA ASP P 222 33.23 44.72 -2.71
C ASP P 222 32.51 45.98 -3.17
N LEU P 223 31.41 45.80 -3.92
CA LEU P 223 30.61 46.95 -4.33
C LEU P 223 30.08 47.71 -3.12
N LYS P 224 29.58 46.98 -2.12
CA LYS P 224 29.06 47.62 -0.92
C LYS P 224 30.15 48.41 -0.22
N LYS P 225 31.34 47.82 -0.08
CA LYS P 225 32.45 48.53 0.56
C LYS P 225 32.80 49.81 -0.20
N HIS P 226 32.93 49.70 -1.53
CA HIS P 226 33.30 50.86 -2.33
C HIS P 226 32.28 51.99 -2.19
N THR P 227 31.00 51.67 -2.35
CA THR P 227 29.98 52.71 -2.30
C THR P 227 29.84 53.30 -0.91
N LEU P 228 29.95 52.47 0.14
CA LEU P 228 29.82 52.99 1.49
C LEU P 228 31.00 53.87 1.87
N GLU P 229 32.20 53.57 1.35
CA GLU P 229 33.33 54.48 1.54
C GLU P 229 33.11 55.76 0.75
N VAL P 230 32.48 55.66 -0.42
CA VAL P 230 32.14 56.86 -1.19
C VAL P 230 31.19 57.74 -0.39
N LEU P 231 30.26 57.12 0.35
CA LEU P 231 29.29 57.87 1.13
C LEU P 231 29.96 58.73 2.19
N GLY P 232 30.98 58.19 2.87
CA GLY P 232 31.61 58.85 4.00
C GLY P 232 32.01 60.30 3.81
N ASN Q 25 -62.17 15.31 -1.29
CA ASN Q 25 -62.50 15.34 0.13
C ASN Q 25 -61.89 14.14 0.85
N THR Q 26 -61.60 14.31 2.15
CA THR Q 26 -60.96 13.24 2.90
C THR Q 26 -61.89 12.02 3.05
N VAL Q 27 -63.19 12.28 3.19
CA VAL Q 27 -64.12 11.22 3.55
C VAL Q 27 -64.15 10.13 2.47
N GLU Q 28 -64.31 10.52 1.21
CA GLU Q 28 -64.37 9.50 0.15
C GLU Q 28 -63.06 8.74 0.05
N LYS Q 29 -61.94 9.40 0.32
CA LYS Q 29 -60.67 8.68 0.39
C LYS Q 29 -60.70 7.63 1.49
N VAL Q 30 -61.27 7.97 2.65
CA VAL Q 30 -61.29 7.03 3.77
C VAL Q 30 -62.17 5.82 3.44
N LEU Q 31 -63.32 6.05 2.79
CA LEU Q 31 -64.14 4.90 2.40
C LEU Q 31 -63.50 4.09 1.28
N LYS Q 32 -62.66 4.72 0.47
CA LYS Q 32 -61.93 3.95 -0.52
C LYS Q 32 -61.02 3.04 0.24
N VAL Q 33 -60.28 3.59 1.19
CA VAL Q 33 -59.35 2.81 2.00
C VAL Q 33 -60.07 1.65 2.67
N LYS Q 34 -61.27 1.91 3.18
CA LYS Q 34 -62.05 0.86 3.83
C LYS Q 34 -62.41 -0.25 2.85
N GLU Q 35 -62.84 0.12 1.64
CA GLU Q 35 -63.18 -0.89 0.64
C GLU Q 35 -61.97 -1.74 0.27
N GLU Q 36 -60.83 -1.09 0.06
CA GLU Q 36 -59.61 -1.83 -0.27
C GLU Q 36 -59.21 -2.76 0.87
N ALA Q 37 -59.32 -2.27 2.11
CA ALA Q 37 -58.95 -3.10 3.26
C ALA Q 37 -59.84 -4.32 3.37
N GLU Q 38 -61.15 -4.16 3.16
CA GLU Q 38 -62.05 -5.31 3.23
C GLU Q 38 -61.78 -6.30 2.11
N LYS Q 39 -61.48 -5.80 0.91
CA LYS Q 39 -61.13 -6.68 -0.19
C LYS Q 39 -59.89 -7.50 0.15
N ARG Q 40 -58.86 -6.84 0.71
CA ARG Q 40 -57.65 -7.56 1.08
C ARG Q 40 -57.91 -8.54 2.21
N ILE Q 41 -58.82 -8.19 3.13
CA ILE Q 41 -59.15 -9.10 4.22
C ILE Q 41 -59.77 -10.38 3.68
N ALA Q 42 -60.69 -10.25 2.72
CA ALA Q 42 -61.27 -11.44 2.09
C ALA Q 42 -60.20 -12.25 1.35
N GLU Q 43 -59.32 -11.56 0.61
CA GLU Q 43 -58.27 -12.27 -0.11
C GLU Q 43 -57.37 -13.06 0.83
N ILE Q 44 -57.02 -12.46 1.97
CA ILE Q 44 -56.18 -13.15 2.94
C ILE Q 44 -56.94 -14.29 3.60
N GLU Q 45 -58.24 -14.10 3.84
CA GLU Q 45 -59.04 -15.17 4.43
C GLU Q 45 -59.10 -16.38 3.51
N LYS Q 46 -58.94 -16.16 2.21
CA LYS Q 46 -58.90 -17.29 1.27
C LYS Q 46 -57.47 -17.79 0.99
N LEU Q 47 -56.55 -17.71 1.95
CA LEU Q 47 -55.14 -18.01 1.70
C LEU Q 47 -54.68 -19.37 2.21
N GLU Q 48 -55.48 -20.07 3.01
CA GLU Q 48 -55.32 -21.48 3.40
C GLU Q 48 -54.05 -21.77 4.17
N ASN Q 49 -53.21 -20.76 4.42
CA ASN Q 49 -52.00 -20.94 5.22
C ASN Q 49 -51.94 -19.86 6.28
N ILE Q 50 -52.09 -20.25 7.55
CA ILE Q 50 -52.26 -19.29 8.63
C ILE Q 50 -51.01 -18.46 8.92
N GLU Q 51 -49.81 -19.03 8.77
CA GLU Q 51 -48.60 -18.28 9.05
C GLU Q 51 -48.43 -17.10 8.11
N GLU Q 52 -48.70 -17.30 6.82
CA GLU Q 52 -48.62 -16.22 5.84
C GLU Q 52 -49.77 -15.24 5.94
N ALA Q 53 -50.86 -15.61 6.60
CA ALA Q 53 -52.04 -14.77 6.71
C ALA Q 53 -51.91 -13.72 7.80
N VAL Q 54 -51.37 -14.09 8.96
CA VAL Q 54 -51.22 -13.12 10.04
C VAL Q 54 -50.22 -12.04 9.65
N LEU Q 55 -49.12 -12.42 8.99
CA LEU Q 55 -48.14 -11.44 8.55
C LEU Q 55 -48.73 -10.50 7.50
N LYS Q 56 -49.54 -11.05 6.59
CA LYS Q 56 -50.20 -10.21 5.60
C LYS Q 56 -51.18 -9.23 6.25
N LEU Q 57 -51.91 -9.69 7.27
CA LEU Q 57 -52.82 -8.80 7.98
C LEU Q 57 -52.05 -7.70 8.72
N LEU Q 58 -50.91 -8.05 9.31
CA LEU Q 58 -50.08 -7.04 9.96
C LEU Q 58 -49.56 -6.01 8.97
N GLU Q 59 -49.15 -6.48 7.78
CA GLU Q 59 -48.73 -5.55 6.74
C GLU Q 59 -49.87 -4.64 6.30
N LEU Q 60 -51.08 -5.19 6.19
CA LEU Q 60 -52.25 -4.38 5.85
C LEU Q 60 -52.53 -3.34 6.92
N LEU Q 61 -52.39 -3.72 8.20
CA LEU Q 61 -52.58 -2.77 9.29
C LEU Q 61 -51.56 -1.65 9.21
N ASP Q 62 -50.30 -1.99 8.92
CA ASP Q 62 -49.27 -0.98 8.78
C ASP Q 62 -49.59 -0.02 7.63
N GLU Q 63 -50.06 -0.57 6.51
CA GLU Q 63 -50.43 0.26 5.36
C GLU Q 63 -51.57 1.22 5.73
N VAL Q 64 -52.58 0.71 6.42
CA VAL Q 64 -53.71 1.54 6.81
C VAL Q 64 -53.25 2.66 7.75
N ILE Q 65 -52.37 2.35 8.70
CA ILE Q 65 -51.92 3.37 9.64
C ILE Q 65 -51.05 4.40 8.93
N HIS Q 66 -50.24 3.98 7.95
CA HIS Q 66 -49.48 4.95 7.17
C HIS Q 66 -50.41 5.90 6.42
N GLU Q 67 -51.45 5.35 5.78
CA GLU Q 67 -52.41 6.21 5.08
C GLU Q 67 -53.10 7.15 6.05
N ALA Q 68 -53.46 6.67 7.23
CA ALA Q 68 -54.12 7.52 8.21
C ALA Q 68 -53.22 8.67 8.64
N ALA Q 69 -51.93 8.37 8.85
CA ALA Q 69 -50.99 9.43 9.24
C ALA Q 69 -50.78 10.42 8.09
N LEU Q 70 -50.99 9.96 6.85
CA LEU Q 70 -50.77 10.84 5.69
C LEU Q 70 -51.73 12.04 5.71
N LEU Q 71 -53.00 11.80 6.03
CA LEU Q 71 -54.03 12.84 5.98
C LEU Q 71 -54.37 13.33 7.39
N PRO Q 72 -54.81 14.58 7.55
CA PRO Q 72 -55.11 15.07 8.90
C PRO Q 72 -56.44 14.57 9.41
N ILE Q 73 -56.47 14.23 10.70
CA ILE Q 73 -57.63 13.57 11.29
C ILE Q 73 -58.72 14.59 11.54
N THR Q 74 -59.96 14.15 11.41
CA THR Q 74 -61.16 14.95 11.62
C THR Q 74 -62.15 14.11 12.42
N PRO Q 75 -63.11 14.76 13.10
CA PRO Q 75 -64.06 13.98 13.91
C PRO Q 75 -64.86 12.95 13.12
N GLU Q 76 -65.20 13.23 11.86
CA GLU Q 76 -66.05 12.32 11.10
C GLU Q 76 -65.25 11.11 10.61
N THR Q 77 -63.98 11.29 10.27
CA THR Q 77 -63.17 10.20 9.75
C THR Q 77 -62.62 9.30 10.84
N LYS Q 78 -62.65 9.75 12.10
CA LYS Q 78 -62.11 8.96 13.19
C LYS Q 78 -62.86 7.63 13.34
N LEU Q 79 -64.19 7.70 13.24
CA LEU Q 79 -65.00 6.49 13.38
C LEU Q 79 -64.68 5.49 12.27
N ILE Q 80 -64.55 5.97 11.03
CA ILE Q 80 -64.26 5.06 9.92
C ILE Q 80 -62.89 4.43 10.09
N TRP Q 81 -61.90 5.23 10.48
CA TRP Q 81 -60.56 4.68 10.72
C TRP Q 81 -60.62 3.60 11.81
N TRP Q 82 -61.40 3.86 12.86
CA TRP Q 82 -61.48 2.89 13.95
C TRP Q 82 -62.18 1.61 13.51
N GLU Q 83 -63.20 1.72 12.66
CA GLU Q 83 -63.83 0.49 12.16
C GLU Q 83 -62.86 -0.32 11.31
N ILE Q 84 -62.08 0.35 10.45
CA ILE Q 84 -61.09 -0.38 9.64
C ILE Q 84 -60.10 -1.10 10.55
N ILE Q 85 -59.56 -0.38 11.53
CA ILE Q 85 -58.53 -0.95 12.39
C ILE Q 85 -59.11 -2.08 13.24
N GLU Q 86 -60.34 -1.91 13.71
CA GLU Q 86 -61.00 -2.96 14.49
C GLU Q 86 -61.18 -4.22 13.66
N ALA Q 87 -61.64 -4.07 12.41
CA ALA Q 87 -61.82 -5.23 11.54
C ALA Q 87 -60.52 -5.98 11.34
N ILE Q 88 -59.46 -5.25 10.97
CA ILE Q 88 -58.17 -5.91 10.71
C ILE Q 88 -57.64 -6.58 11.96
N ALA Q 89 -57.72 -5.88 13.11
CA ALA Q 89 -57.17 -6.40 14.34
C ALA Q 89 -57.90 -7.65 14.81
N LEU Q 90 -59.24 -7.65 14.74
CA LEU Q 90 -60.00 -8.82 15.16
C LEU Q 90 -59.73 -10.00 14.24
N ALA Q 91 -59.64 -9.77 12.93
CA ALA Q 91 -59.31 -10.85 12.01
C ALA Q 91 -57.94 -11.43 12.35
N ALA Q 92 -56.95 -10.57 12.60
CA ALA Q 92 -55.61 -11.04 12.89
C ALA Q 92 -55.56 -11.83 14.20
N LEU Q 93 -56.27 -11.37 15.22
CA LEU Q 93 -56.26 -12.09 16.49
C LEU Q 93 -56.90 -13.46 16.36
N HIS Q 94 -58.05 -13.54 15.68
CA HIS Q 94 -58.66 -14.85 15.50
C HIS Q 94 -57.75 -15.77 14.69
N LYS Q 95 -57.06 -15.25 13.67
CA LYS Q 95 -56.10 -16.07 12.95
C LYS Q 95 -54.96 -16.52 13.85
N LEU Q 96 -54.56 -15.68 14.81
CA LEU Q 96 -53.55 -16.09 15.78
C LEU Q 96 -54.03 -17.27 16.62
N LEU Q 97 -55.35 -17.37 16.81
CA LEU Q 97 -55.86 -18.53 17.53
C LEU Q 97 -55.79 -19.81 16.69
N ASP Q 98 -55.70 -19.68 15.36
CA ASP Q 98 -55.79 -20.82 14.45
C ASP Q 98 -54.43 -21.39 14.06
N GLY Q 99 -53.57 -21.71 15.02
CA GLY Q 99 -52.36 -22.44 14.69
C GLY Q 99 -51.09 -21.64 14.57
N GLY Q 100 -49.96 -22.28 14.89
CA GLY Q 100 -48.63 -21.69 14.84
C GLY Q 100 -47.87 -22.01 16.12
N ASN Q 101 -46.75 -21.31 16.30
CA ASN Q 101 -45.97 -21.43 17.52
C ASN Q 101 -46.57 -20.54 18.60
N ILE Q 102 -46.66 -21.08 19.83
CA ILE Q 102 -47.41 -20.41 20.89
C ILE Q 102 -46.74 -19.08 21.26
N GLU Q 103 -45.42 -19.11 21.48
CA GLU Q 103 -44.72 -17.91 21.93
C GLU Q 103 -44.75 -16.82 20.85
N VAL Q 104 -44.55 -17.21 19.60
CA VAL Q 104 -44.60 -16.25 18.49
C VAL Q 104 -46.00 -15.65 18.39
N ASN Q 105 -47.03 -16.47 18.58
CA ASN Q 105 -48.40 -15.97 18.50
C ASN Q 105 -48.71 -14.98 19.63
N ILE Q 106 -48.23 -15.27 20.85
CA ILE Q 106 -48.43 -14.34 21.95
C ILE Q 106 -47.72 -13.02 21.66
N LEU Q 107 -46.48 -13.11 21.15
CA LEU Q 107 -45.75 -11.90 20.78
C LEU Q 107 -46.53 -11.09 19.75
N LEU Q 108 -47.07 -11.77 18.73
CA LEU Q 108 -47.81 -11.07 17.68
C LEU Q 108 -49.07 -10.41 18.22
N ALA Q 109 -49.76 -11.06 19.15
CA ALA Q 109 -50.91 -10.44 19.78
C ALA Q 109 -50.51 -9.15 20.51
N LEU Q 110 -49.39 -9.21 21.24
CA LEU Q 110 -48.92 -8.01 21.93
C LEU Q 110 -48.56 -6.91 20.96
N ARG Q 111 -47.98 -7.25 19.80
CA ARG Q 111 -47.60 -6.23 18.83
C ARG Q 111 -48.84 -5.61 18.17
N ILE Q 112 -49.88 -6.41 17.92
CA ILE Q 112 -51.13 -5.85 17.43
C ILE Q 112 -51.71 -4.86 18.43
N LEU Q 113 -51.68 -5.23 19.71
CA LEU Q 113 -52.14 -4.31 20.75
C LEU Q 113 -51.31 -3.03 20.77
N GLU Q 114 -49.99 -3.16 20.63
CA GLU Q 114 -49.14 -1.97 20.65
C GLU Q 114 -49.41 -1.05 19.46
N LYS Q 115 -49.67 -1.64 18.29
CA LYS Q 115 -50.04 -0.81 17.14
C LYS Q 115 -51.36 -0.08 17.38
N ALA Q 116 -52.32 -0.76 18.00
CA ALA Q 116 -53.57 -0.09 18.35
C ALA Q 116 -53.32 1.06 19.32
N ILE Q 117 -52.43 0.87 20.29
CA ILE Q 117 -52.11 1.92 21.25
C ILE Q 117 -51.43 3.10 20.57
N ASN Q 118 -50.54 2.82 19.62
CA ASN Q 118 -49.90 3.90 18.87
C ASN Q 118 -50.92 4.69 18.06
N PHE Q 119 -51.89 4.00 17.45
CA PHE Q 119 -52.94 4.71 16.74
C PHE Q 119 -53.79 5.56 17.71
N LEU Q 120 -54.05 5.02 18.90
CA LEU Q 120 -54.71 5.82 19.94
C LEU Q 120 -53.93 7.09 20.23
N LYS Q 121 -52.61 6.98 20.35
CA LYS Q 121 -51.78 8.16 20.59
C LYS Q 121 -51.90 9.15 19.44
N MET Q 122 -51.84 8.65 18.20
CA MET Q 122 -51.85 9.55 17.04
C MET Q 122 -53.19 10.27 16.91
N VAL Q 123 -54.30 9.56 17.13
CA VAL Q 123 -55.62 10.15 17.03
C VAL Q 123 -55.87 11.23 18.07
N GLY Q 124 -55.49 11.00 19.32
CA GLY Q 124 -55.71 11.97 20.37
C GLY Q 124 -56.98 11.74 21.16
N MET Q 125 -57.91 12.69 21.10
CA MET Q 125 -59.16 12.56 21.82
C MET Q 125 -60.00 11.41 21.27
N VAL Q 126 -60.66 10.70 22.17
CA VAL Q 126 -61.47 9.53 21.82
C VAL Q 126 -62.84 9.68 22.46
N GLY Q 127 -63.90 9.46 21.68
CA GLY Q 127 -65.26 9.54 22.17
C GLY Q 127 -65.74 8.23 22.74
N GLU Q 128 -67.06 8.09 22.83
CA GLU Q 128 -67.65 6.89 23.41
C GLU Q 128 -67.53 5.70 22.47
N LYS Q 129 -67.83 5.89 21.19
CA LYS Q 129 -67.75 4.79 20.23
C LYS Q 129 -66.32 4.30 20.07
N GLU Q 130 -65.37 5.22 19.97
CA GLU Q 130 -63.97 4.83 19.88
C GLU Q 130 -63.49 4.14 21.14
N PHE Q 131 -63.96 4.61 22.31
CA PHE Q 131 -63.66 3.94 23.56
C PHE Q 131 -64.15 2.49 23.54
N GLU Q 132 -65.38 2.29 23.09
CA GLU Q 132 -65.95 0.95 23.04
C GLU Q 132 -65.14 0.06 22.09
N ILE Q 133 -64.76 0.60 20.92
CA ILE Q 133 -64.00 -0.19 19.97
C ILE Q 133 -62.63 -0.57 20.55
N ALA Q 134 -61.95 0.39 21.17
CA ALA Q 134 -60.64 0.11 21.74
C ALA Q 134 -60.72 -0.92 22.85
N VAL Q 135 -61.74 -0.83 23.71
CA VAL Q 135 -61.92 -1.82 24.76
C VAL Q 135 -62.20 -3.19 24.16
N LYS Q 136 -62.94 -3.23 23.05
CA LYS Q 136 -63.19 -4.49 22.36
C LYS Q 136 -61.89 -5.13 21.88
N ILE Q 137 -61.01 -4.32 21.28
CA ILE Q 137 -59.73 -4.84 20.79
C ILE Q 137 -58.90 -5.35 21.97
N LEU Q 138 -58.86 -4.58 23.06
CA LEU Q 138 -58.08 -4.98 24.23
C LEU Q 138 -58.60 -6.28 24.81
N GLU Q 139 -59.91 -6.42 24.92
CA GLU Q 139 -60.49 -7.63 25.50
C GLU Q 139 -60.24 -8.85 24.61
N ALA Q 140 -60.35 -8.68 23.29
CA ALA Q 140 -60.06 -9.79 22.39
C ALA Q 140 -58.61 -10.22 22.50
N ALA Q 141 -57.69 -9.25 22.56
CA ALA Q 141 -56.27 -9.58 22.72
C ALA Q 141 -56.03 -10.29 24.04
N LEU Q 142 -56.67 -9.86 25.12
CA LEU Q 142 -56.49 -10.50 26.42
C LEU Q 142 -56.97 -11.94 26.38
N HIS Q 143 -58.15 -12.18 25.79
CA HIS Q 143 -58.66 -13.55 25.75
C HIS Q 143 -57.77 -14.45 24.91
N VAL Q 144 -57.29 -13.95 23.77
CA VAL Q 144 -56.37 -14.74 22.94
C VAL Q 144 -55.11 -15.08 23.73
N VAL Q 145 -54.55 -14.09 24.43
CA VAL Q 145 -53.30 -14.29 25.15
C VAL Q 145 -53.48 -15.30 26.28
N LEU Q 146 -54.59 -15.20 27.01
CA LEU Q 146 -54.84 -16.16 28.09
C LEU Q 146 -55.00 -17.58 27.55
N THR Q 147 -55.79 -17.73 26.48
CA THR Q 147 -55.98 -19.03 25.88
C THR Q 147 -54.66 -19.65 25.44
N LEU Q 148 -53.82 -18.86 24.76
CA LEU Q 148 -52.54 -19.40 24.31
C LEU Q 148 -51.59 -19.67 25.46
N SER Q 149 -51.54 -18.80 26.46
CA SER Q 149 -50.59 -18.98 27.55
C SER Q 149 -50.97 -20.15 28.44
N ARG Q 150 -52.20 -20.61 28.35
CA ARG Q 150 -52.59 -21.84 29.05
C ARG Q 150 -51.69 -23.03 28.75
N LEU Q 151 -50.89 -22.97 27.67
CA LEU Q 151 -50.05 -24.09 27.26
C LEU Q 151 -48.56 -23.83 27.43
N LEU Q 152 -48.17 -22.85 28.24
CA LEU Q 152 -46.77 -22.51 28.43
C LEU Q 152 -46.23 -23.14 29.71
N ASN Q 153 -44.93 -22.97 29.92
CA ASN Q 153 -44.28 -23.37 31.16
C ASN Q 153 -44.54 -22.33 32.25
N GLU Q 154 -44.12 -22.66 33.48
CA GLU Q 154 -44.44 -21.80 34.62
C GLU Q 154 -43.81 -20.42 34.47
N LEU Q 155 -42.50 -20.37 34.24
CA LEU Q 155 -41.82 -19.10 34.13
C LEU Q 155 -42.34 -18.30 32.93
N GLU Q 156 -42.53 -18.96 31.79
CA GLU Q 156 -43.03 -18.27 30.61
C GLU Q 156 -44.44 -17.75 30.84
N PHE Q 157 -45.31 -18.54 31.48
CA PHE Q 157 -46.67 -18.10 31.74
C PHE Q 157 -46.69 -16.86 32.63
N VAL Q 158 -45.92 -16.89 33.73
CA VAL Q 158 -45.94 -15.74 34.63
C VAL Q 158 -45.31 -14.52 33.98
N LYS Q 159 -44.28 -14.72 33.16
CA LYS Q 159 -43.70 -13.61 32.42
C LYS Q 159 -44.71 -12.97 31.48
N VAL Q 160 -45.49 -13.81 30.77
CA VAL Q 160 -46.51 -13.28 29.86
C VAL Q 160 -47.58 -12.52 30.65
N LEU Q 161 -47.97 -13.05 31.81
CA LEU Q 161 -48.94 -12.37 32.65
C LEU Q 161 -48.46 -10.98 33.05
N VAL Q 162 -47.23 -10.89 33.55
CA VAL Q 162 -46.69 -9.60 33.99
C VAL Q 162 -46.58 -8.63 32.82
N GLU Q 163 -46.13 -9.13 31.67
CA GLU Q 163 -46.02 -8.30 30.47
C GLU Q 163 -47.37 -7.74 30.07
N PHE Q 164 -48.41 -8.57 30.10
CA PHE Q 164 -49.73 -8.08 29.69
C PHE Q 164 -50.30 -7.10 30.71
N ILE Q 165 -50.00 -7.28 32.00
CA ILE Q 165 -50.45 -6.30 32.99
C ILE Q 165 -49.81 -4.95 32.73
N ASN Q 166 -48.51 -4.96 32.43
CA ASN Q 166 -47.84 -3.69 32.09
C ASN Q 166 -48.41 -3.08 30.82
N LEU Q 167 -48.76 -3.91 29.84
CA LEU Q 167 -49.37 -3.40 28.62
C LEU Q 167 -50.73 -2.76 28.89
N ILE Q 168 -51.52 -3.38 29.78
CA ILE Q 168 -52.80 -2.78 30.17
C ILE Q 168 -52.58 -1.43 30.84
N ALA Q 169 -51.55 -1.35 31.68
CA ALA Q 169 -51.23 -0.07 32.32
C ALA Q 169 -50.92 1.00 31.28
N LYS Q 170 -50.10 0.65 30.28
CA LYS Q 170 -49.78 1.61 29.22
C LYS Q 170 -51.02 2.01 28.44
N PHE Q 171 -51.87 1.03 28.12
CA PHE Q 171 -53.08 1.32 27.34
C PHE Q 171 -53.99 2.28 28.07
N PHE Q 172 -54.19 2.06 29.37
CA PHE Q 172 -55.03 2.96 30.14
C PHE Q 172 -54.37 4.31 30.39
N LYS Q 173 -53.05 4.36 30.46
CA LYS Q 173 -52.36 5.64 30.57
C LYS Q 173 -52.52 6.49 29.31
N VAL Q 174 -52.47 5.88 28.13
CA VAL Q 174 -52.65 6.62 26.88
C VAL Q 174 -54.10 7.01 26.62
N LEU Q 175 -55.05 6.15 26.95
CA LEU Q 175 -56.46 6.35 26.61
C LEU Q 175 -57.16 7.17 27.68
N LYS Q 176 -57.97 8.13 27.26
CA LYS Q 176 -58.65 9.04 28.16
C LYS Q 176 -60.15 8.79 28.15
N GLY Q 177 -60.79 8.97 29.31
CA GLY Q 177 -62.22 8.77 29.42
C GLY Q 177 -62.66 9.02 30.84
N GLU Q 178 -63.96 8.83 31.06
CA GLU Q 178 -64.53 9.04 32.39
C GLU Q 178 -63.98 8.00 33.36
N PRO Q 179 -63.64 8.38 34.59
CA PRO Q 179 -63.01 7.43 35.52
C PRO Q 179 -63.84 6.20 35.84
N GLU Q 180 -65.17 6.32 35.90
CA GLU Q 180 -66.00 5.19 36.30
C GLU Q 180 -65.97 4.08 35.26
N LYS Q 181 -66.09 4.44 33.98
CA LYS Q 181 -66.06 3.44 32.92
C LYS Q 181 -64.72 2.73 32.87
N LYS Q 182 -63.63 3.49 33.00
CA LYS Q 182 -62.30 2.90 33.01
C LYS Q 182 -62.12 1.97 34.21
N LYS Q 183 -62.65 2.37 35.36
CA LYS Q 183 -62.58 1.53 36.55
C LYS Q 183 -63.32 0.22 36.33
N ARG Q 184 -64.52 0.27 35.74
CA ARG Q 184 -65.28 -0.95 35.48
C ARG Q 184 -64.55 -1.87 34.50
N VAL Q 185 -63.99 -1.29 33.43
CA VAL Q 185 -63.26 -2.09 32.46
C VAL Q 185 -62.05 -2.74 33.12
N LEU Q 186 -61.31 -1.98 33.94
CA LEU Q 186 -60.16 -2.52 34.63
C LEU Q 186 -60.55 -3.67 35.55
N LEU Q 187 -61.66 -3.52 36.26
CA LEU Q 187 -62.12 -4.59 37.14
C LEU Q 187 -62.45 -5.85 36.34
N LYS Q 188 -63.10 -5.69 35.18
CA LYS Q 188 -63.43 -6.85 34.36
C LYS Q 188 -62.16 -7.57 33.88
N LEU Q 189 -61.18 -6.80 33.38
CA LEU Q 189 -59.94 -7.41 32.91
C LEU Q 189 -59.23 -8.13 34.05
N LEU Q 190 -59.19 -7.51 35.23
CA LEU Q 190 -58.51 -8.12 36.37
C LEU Q 190 -59.22 -9.39 36.81
N GLU Q 191 -60.54 -9.43 36.73
CA GLU Q 191 -61.26 -10.65 37.08
C GLU Q 191 -60.93 -11.77 36.10
N ASP Q 192 -60.85 -11.46 34.81
CA ASP Q 192 -60.44 -12.47 33.83
C ASP Q 192 -59.06 -13.04 34.17
N ILE Q 193 -58.10 -12.14 34.40
CA ILE Q 193 -56.73 -12.56 34.70
C ILE Q 193 -56.70 -13.39 35.96
N LYS Q 194 -57.41 -12.95 37.00
CA LYS Q 194 -57.39 -13.65 38.28
C LYS Q 194 -58.01 -15.04 38.16
N LYS Q 195 -59.09 -15.16 37.40
CA LYS Q 195 -59.70 -16.47 37.21
C LYS Q 195 -58.73 -17.45 36.57
N VAL Q 196 -58.09 -17.02 35.48
CA VAL Q 196 -57.15 -17.91 34.80
C VAL Q 196 -55.97 -18.24 35.72
N PHE Q 197 -55.47 -17.25 36.45
CA PHE Q 197 -54.31 -17.48 37.32
C PHE Q 197 -54.65 -18.41 38.47
N GLU Q 198 -55.83 -18.26 39.06
CA GLU Q 198 -56.23 -19.11 40.17
C GLU Q 198 -56.46 -20.53 39.71
N LEU Q 199 -56.89 -20.73 38.46
CA LEU Q 199 -56.95 -22.09 37.93
C LEU Q 199 -55.55 -22.65 37.69
N TRP Q 200 -54.64 -21.82 37.19
CA TRP Q 200 -53.33 -22.31 36.77
C TRP Q 200 -52.40 -22.60 37.95
N ILE Q 201 -52.51 -21.84 39.04
CA ILE Q 201 -51.52 -21.90 40.11
C ILE Q 201 -51.53 -23.23 40.85
N THR Q 202 -52.62 -24.00 40.75
CA THR Q 202 -52.74 -25.24 41.52
C THR Q 202 -51.76 -26.33 41.09
N ARG Q 203 -50.87 -26.06 40.14
CA ARG Q 203 -50.00 -27.09 39.59
C ARG Q 203 -48.52 -26.83 39.85
N VAL Q 204 -48.18 -25.92 40.76
CA VAL Q 204 -46.81 -25.44 40.83
C VAL Q 204 -46.20 -25.57 42.23
N ASN Q 205 -46.74 -26.43 43.10
CA ASN Q 205 -46.12 -26.76 44.39
C ASN Q 205 -46.22 -25.59 45.36
N PRO Q 206 -46.56 -25.84 46.65
CA PRO Q 206 -46.97 -24.76 47.54
C PRO Q 206 -45.97 -23.63 47.81
N GLU Q 207 -44.69 -23.82 47.53
CA GLU Q 207 -43.73 -22.74 47.69
C GLU Q 207 -43.66 -21.83 46.48
N GLN Q 208 -43.59 -22.40 45.28
CA GLN Q 208 -43.71 -21.59 44.07
C GLN Q 208 -45.07 -20.92 44.00
N GLN Q 209 -46.09 -21.52 44.60
CA GLN Q 209 -47.39 -20.88 44.72
C GLN Q 209 -47.28 -19.56 45.47
N ILE Q 210 -46.59 -19.58 46.63
CA ILE Q 210 -46.44 -18.34 47.40
C ILE Q 210 -45.63 -17.32 46.62
N LEU Q 211 -44.54 -17.76 45.99
CA LEU Q 211 -43.70 -16.84 45.22
C LEU Q 211 -44.50 -16.14 44.13
N PHE Q 212 -45.19 -16.93 43.29
CA PHE Q 212 -45.88 -16.36 42.14
C PHE Q 212 -47.10 -15.57 42.57
N THR Q 213 -47.79 -16.00 43.62
CA THR Q 213 -48.92 -15.24 44.11
C THR Q 213 -48.50 -13.87 44.61
N GLU Q 214 -47.40 -13.80 45.37
CA GLU Q 214 -46.89 -12.51 45.81
C GLU Q 214 -46.57 -11.62 44.62
N LEU Q 215 -45.84 -12.16 43.64
CA LEU Q 215 -45.44 -11.36 42.49
C LEU Q 215 -46.66 -10.83 41.72
N VAL Q 216 -47.63 -11.69 41.44
CA VAL Q 216 -48.77 -11.31 40.61
C VAL Q 216 -49.67 -10.34 41.33
N TYR Q 217 -49.92 -10.57 42.62
CA TYR Q 217 -50.77 -9.63 43.37
C TYR Q 217 -50.11 -8.28 43.52
N SER Q 218 -48.78 -8.25 43.70
CA SER Q 218 -48.09 -6.97 43.73
C SER Q 218 -48.23 -6.24 42.41
N ALA Q 219 -48.10 -6.96 41.29
CA ALA Q 219 -48.24 -6.34 39.98
C ALA Q 219 -49.65 -5.78 39.79
N ILE Q 220 -50.67 -6.53 40.23
CA ILE Q 220 -52.05 -6.07 40.07
C ILE Q 220 -52.32 -4.84 40.93
N GLU Q 221 -51.79 -4.82 42.16
CA GLU Q 221 -51.97 -3.65 43.01
C GLU Q 221 -51.29 -2.42 42.42
N ASP Q 222 -50.09 -2.59 41.87
CA ASP Q 222 -49.43 -1.47 41.19
C ASP Q 222 -50.26 -0.98 40.01
N LEU Q 223 -50.84 -1.90 39.24
CA LEU Q 223 -51.67 -1.49 38.10
C LEU Q 223 -52.87 -0.69 38.58
N LYS Q 224 -53.52 -1.15 39.65
CA LYS Q 224 -54.67 -0.42 40.19
C LYS Q 224 -54.27 0.98 40.63
N LYS Q 225 -53.13 1.10 41.33
CA LYS Q 225 -52.67 2.40 41.78
C LYS Q 225 -52.41 3.33 40.61
N HIS Q 226 -51.66 2.85 39.61
CA HIS Q 226 -51.34 3.68 38.44
C HIS Q 226 -52.60 4.15 37.74
N THR Q 227 -53.52 3.23 37.45
CA THR Q 227 -54.73 3.58 36.72
C THR Q 227 -55.60 4.54 37.53
N LEU Q 228 -55.75 4.31 38.83
CA LEU Q 228 -56.61 5.17 39.63
C LEU Q 228 -56.02 6.57 39.78
N GLU Q 229 -54.69 6.68 39.83
CA GLU Q 229 -54.08 8.00 39.80
C GLU Q 229 -54.28 8.66 38.44
N VAL Q 230 -54.24 7.88 37.36
CA VAL Q 230 -54.50 8.44 36.03
C VAL Q 230 -55.92 8.97 35.95
N LEU Q 231 -56.87 8.27 36.57
CA LEU Q 231 -58.27 8.69 36.51
C LEU Q 231 -58.48 10.06 37.14
N GLY Q 232 -57.82 10.32 38.27
CA GLY Q 232 -58.00 11.56 39.00
C GLY Q 232 -57.72 12.82 38.21
N ASN R 25 71.87 61.36 2.23
CA ASN R 25 71.77 59.99 2.72
C ASN R 25 70.77 59.19 1.89
N THR R 26 70.95 57.87 1.84
CA THR R 26 70.06 57.03 1.05
C THR R 26 68.69 56.91 1.70
N VAL R 27 68.65 56.85 3.03
CA VAL R 27 67.38 56.59 3.72
C VAL R 27 66.38 57.70 3.46
N GLU R 28 66.82 58.96 3.51
CA GLU R 28 65.89 60.05 3.27
C GLU R 28 65.37 60.03 1.84
N LYS R 29 66.22 59.66 0.89
CA LYS R 29 65.76 59.52 -0.49
C LYS R 29 64.71 58.42 -0.62
N VAL R 30 64.92 57.29 0.06
CA VAL R 30 63.95 56.20 -0.04
C VAL R 30 62.63 56.60 0.59
N LEU R 31 62.67 57.30 1.73
CA LEU R 31 61.41 57.76 2.34
C LEU R 31 60.72 58.81 1.48
N LYS R 32 61.48 59.66 0.79
CA LYS R 32 60.86 60.61 -0.13
C LYS R 32 60.19 59.88 -1.29
N VAL R 33 60.83 58.80 -1.78
CA VAL R 33 60.22 57.99 -2.82
C VAL R 33 58.93 57.36 -2.32
N LYS R 34 58.96 56.88 -1.08
CA LYS R 34 57.76 56.29 -0.48
C LYS R 34 56.62 57.29 -0.40
N GLU R 35 56.93 58.52 0.03
CA GLU R 35 55.90 59.55 0.13
C GLU R 35 55.32 59.89 -1.23
N GLU R 36 56.19 60.05 -2.24
CA GLU R 36 55.72 60.33 -3.59
C GLU R 36 54.84 59.20 -4.11
N ALA R 37 55.24 57.95 -3.85
CA ALA R 37 54.45 56.81 -4.30
C ALA R 37 53.08 56.78 -3.64
N GLU R 38 53.00 57.09 -2.34
CA GLU R 38 51.71 57.12 -1.67
C GLU R 38 50.82 58.22 -2.23
N LYS R 39 51.40 59.40 -2.50
CA LYS R 39 50.62 60.47 -3.10
C LYS R 39 50.07 60.05 -4.47
N ARG R 40 50.91 59.42 -5.29
CA ARG R 40 50.46 58.98 -6.60
C ARG R 40 49.40 57.90 -6.48
N ILE R 41 49.51 57.03 -5.47
CA ILE R 41 48.52 55.98 -5.28
C ILE R 41 47.17 56.58 -4.93
N ALA R 42 47.16 57.62 -4.09
CA ALA R 42 45.91 58.30 -3.78
C ALA R 42 45.32 58.97 -5.03
N GLU R 43 46.17 59.63 -5.82
CA GLU R 43 45.69 60.27 -7.03
C GLU R 43 45.06 59.26 -7.99
N ILE R 44 45.69 58.09 -8.13
CA ILE R 44 45.16 57.05 -9.01
C ILE R 44 43.88 56.48 -8.43
N GLU R 45 43.80 56.34 -7.10
CA GLU R 45 42.59 55.83 -6.47
C GLU R 45 41.42 56.76 -6.72
N LYS R 46 41.68 58.04 -6.93
CA LYS R 46 40.61 58.99 -7.25
C LYS R 46 40.37 59.19 -8.75
N LEU R 47 40.56 58.16 -9.58
CA LEU R 47 40.55 58.34 -11.03
C LEU R 47 39.32 57.81 -11.74
N GLU R 48 38.41 57.11 -11.06
CA GLU R 48 37.08 56.72 -11.52
C GLU R 48 37.08 55.90 -12.81
N ASN R 49 38.24 55.54 -13.34
CA ASN R 49 38.33 54.72 -14.53
C ASN R 49 39.37 53.63 -14.32
N ILE R 50 38.91 52.39 -14.18
CA ILE R 50 39.79 51.29 -13.77
C ILE R 50 40.81 50.89 -14.82
N GLU R 51 40.44 50.84 -16.09
CA GLU R 51 41.35 50.31 -17.11
C GLU R 51 42.62 51.15 -17.22
N GLU R 52 42.49 52.47 -17.21
CA GLU R 52 43.63 53.36 -17.32
C GLU R 52 44.25 53.68 -15.96
N ALA R 53 43.72 53.12 -14.88
CA ALA R 53 44.31 53.26 -13.55
C ALA R 53 45.28 52.14 -13.22
N VAL R 54 44.99 50.91 -13.65
CA VAL R 54 45.94 49.81 -13.48
C VAL R 54 47.21 50.09 -14.26
N LEU R 55 47.07 50.68 -15.45
CA LEU R 55 48.24 51.02 -16.24
C LEU R 55 49.08 52.09 -15.55
N LYS R 56 48.43 53.07 -14.92
CA LYS R 56 49.15 54.08 -14.18
C LYS R 56 49.87 53.49 -12.98
N LEU R 57 49.23 52.54 -12.30
CA LEU R 57 49.88 51.85 -11.19
C LEU R 57 51.09 51.05 -11.67
N LEU R 58 50.98 50.40 -12.83
CA LEU R 58 52.11 49.67 -13.39
C LEU R 58 53.26 50.61 -13.75
N GLU R 59 52.94 51.78 -14.31
CA GLU R 59 53.97 52.77 -14.60
C GLU R 59 54.65 53.24 -13.31
N LEU R 60 53.86 53.45 -12.26
CA LEU R 60 54.44 53.85 -10.97
C LEU R 60 55.38 52.78 -10.43
N LEU R 61 54.98 51.51 -10.55
CA LEU R 61 55.85 50.41 -10.13
C LEU R 61 57.15 50.40 -10.92
N ASP R 62 57.07 50.64 -12.23
CA ASP R 62 58.27 50.69 -13.05
C ASP R 62 59.19 51.82 -12.61
N GLU R 63 58.61 53.00 -12.33
CA GLU R 63 59.43 54.13 -11.87
C GLU R 63 60.11 53.82 -10.56
N VAL R 64 59.38 53.20 -9.62
CA VAL R 64 59.96 52.86 -8.33
C VAL R 64 61.11 51.87 -8.51
N ILE R 65 60.93 50.88 -9.38
CA ILE R 65 61.99 49.88 -9.58
C ILE R 65 63.20 50.50 -10.25
N HIS R 66 62.99 51.43 -11.18
CA HIS R 66 64.12 52.14 -11.78
C HIS R 66 64.89 52.93 -10.73
N GLU R 67 64.18 53.64 -9.85
CA GLU R 67 64.85 54.38 -8.79
C GLU R 67 65.63 53.44 -7.88
N ALA R 68 65.04 52.29 -7.55
CA ALA R 68 65.73 51.32 -6.70
C ALA R 68 67.00 50.82 -7.38
N ALA R 69 66.95 50.59 -8.68
CA ALA R 69 68.13 50.14 -9.40
C ALA R 69 69.21 51.21 -9.42
N LEU R 70 68.81 52.49 -9.47
CA LEU R 70 69.79 53.57 -9.54
C LEU R 70 70.69 53.60 -8.30
N LEU R 71 70.12 53.45 -7.12
CA LEU R 71 70.85 53.57 -5.87
C LEU R 71 71.30 52.20 -5.38
N PRO R 72 72.41 52.10 -4.64
CA PRO R 72 72.87 50.80 -4.17
C PRO R 72 72.10 50.32 -2.94
N ILE R 73 71.84 49.02 -2.91
CA ILE R 73 70.92 48.45 -1.94
C ILE R 73 71.66 48.14 -0.65
N THR R 74 71.04 48.47 0.47
CA THR R 74 71.58 48.29 1.81
C THR R 74 70.53 47.60 2.67
N PRO R 75 70.94 46.94 3.75
CA PRO R 75 69.95 46.20 4.57
C PRO R 75 68.83 47.06 5.13
N GLU R 76 69.10 48.32 5.48
CA GLU R 76 68.05 49.14 6.10
C GLU R 76 67.02 49.61 5.07
N THR R 77 67.46 49.87 3.83
CA THR R 77 66.55 50.35 2.80
C THR R 77 65.75 49.22 2.16
N LYS R 78 66.16 47.97 2.35
CA LYS R 78 65.46 46.85 1.74
C LYS R 78 64.01 46.79 2.22
N LEU R 79 63.80 46.96 3.52
CA LEU R 79 62.44 46.90 4.05
C LEU R 79 61.56 47.99 3.48
N ILE R 80 62.08 49.21 3.37
CA ILE R 80 61.28 50.32 2.83
C ILE R 80 60.94 50.07 1.37
N TRP R 81 61.92 49.61 0.60
CA TRP R 81 61.67 49.30 -0.81
C TRP R 81 60.58 48.24 -0.93
N TRP R 82 60.64 47.21 -0.08
CA TRP R 82 59.64 46.15 -0.13
C TRP R 82 58.27 46.67 0.28
N GLU R 83 58.20 47.59 1.23
CA GLU R 83 56.92 48.16 1.61
C GLU R 83 56.30 48.94 0.44
N ILE R 84 57.12 49.73 -0.26
CA ILE R 84 56.61 50.47 -1.42
C ILE R 84 56.09 49.50 -2.47
N ILE R 85 56.88 48.47 -2.80
CA ILE R 85 56.47 47.50 -3.81
C ILE R 85 55.19 46.80 -3.38
N GLU R 86 55.10 46.44 -2.10
CA GLU R 86 53.92 45.79 -1.56
C GLU R 86 52.67 46.64 -1.75
N ALA R 87 52.76 47.91 -1.35
CA ALA R 87 51.61 48.80 -1.46
C ALA R 87 51.14 48.91 -2.90
N ILE R 88 52.08 49.18 -3.81
CA ILE R 88 51.70 49.38 -5.21
C ILE R 88 51.09 48.10 -5.79
N ALA R 89 51.72 46.95 -5.51
CA ALA R 89 51.27 45.69 -6.08
C ALA R 89 49.89 45.30 -5.56
N LEU R 90 49.65 45.47 -4.25
CA LEU R 90 48.35 45.11 -3.71
C LEU R 90 47.25 46.01 -4.24
N ALA R 91 47.53 47.32 -4.37
CA ALA R 91 46.55 48.21 -4.95
C ALA R 91 46.24 47.81 -6.39
N ALA R 92 47.27 47.49 -7.16
CA ALA R 92 47.06 47.12 -8.57
C ALA R 92 46.27 45.82 -8.68
N LEU R 93 46.55 44.84 -7.83
CA LEU R 93 45.80 43.58 -7.90
C LEU R 93 44.34 43.78 -7.55
N HIS R 94 44.06 44.53 -6.48
CA HIS R 94 42.67 44.78 -6.14
C HIS R 94 41.96 45.53 -7.26
N LYS R 95 42.63 46.49 -7.91
CA LYS R 95 42.02 47.13 -9.06
C LYS R 95 41.76 46.14 -10.19
N LEU R 96 42.67 45.18 -10.39
CA LEU R 96 42.44 44.14 -11.40
C LEU R 96 41.18 43.36 -11.10
N LEU R 97 40.81 43.26 -9.83
CA LEU R 97 39.53 42.62 -9.51
C LEU R 97 38.33 43.50 -9.88
N ASP R 98 38.53 44.80 -10.02
CA ASP R 98 37.43 45.76 -10.18
C ASP R 98 37.14 46.11 -11.64
N GLY R 99 36.93 45.11 -12.50
CA GLY R 99 36.49 45.41 -13.85
C GLY R 99 37.55 45.41 -14.92
N GLY R 100 37.17 45.03 -16.15
CA GLY R 100 38.01 44.95 -17.31
C GLY R 100 37.76 43.68 -18.08
N ASN R 101 38.69 43.34 -18.97
CA ASN R 101 38.64 42.09 -19.69
C ASN R 101 39.36 41.00 -18.89
N ILE R 102 38.77 39.80 -18.85
CA ILE R 102 39.24 38.76 -17.95
C ILE R 102 40.65 38.32 -18.32
N GLU R 103 40.88 38.03 -19.60
CA GLU R 103 42.19 37.54 -20.03
C GLU R 103 43.27 38.60 -19.88
N VAL R 104 42.95 39.84 -20.24
CA VAL R 104 43.89 40.93 -20.06
C VAL R 104 44.22 41.12 -18.58
N ASN R 105 43.22 41.00 -17.71
CA ASN R 105 43.46 41.15 -16.28
C ASN R 105 44.35 40.04 -15.75
N ILE R 106 44.14 38.80 -16.20
CA ILE R 106 44.99 37.70 -15.76
C ILE R 106 46.43 37.93 -16.23
N LEU R 107 46.60 38.36 -17.48
CA LEU R 107 47.94 38.66 -17.97
C LEU R 107 48.60 39.76 -17.15
N LEU R 108 47.84 40.80 -16.78
CA LEU R 108 48.39 41.87 -15.97
C LEU R 108 48.80 41.37 -14.58
N ALA R 109 48.01 40.49 -13.99
CA ALA R 109 48.37 39.92 -12.69
C ALA R 109 49.68 39.14 -12.80
N LEU R 110 49.82 38.33 -13.84
CA LEU R 110 51.07 37.60 -14.04
C LEU R 110 52.25 38.54 -14.24
N ARG R 111 52.02 39.66 -14.96
CA ARG R 111 53.11 40.61 -15.18
C ARG R 111 53.53 41.31 -13.89
N ILE R 112 52.56 41.63 -13.02
CA ILE R 112 52.91 42.20 -11.72
C ILE R 112 53.74 41.21 -10.91
N LEU R 113 53.33 39.93 -10.92
CA LEU R 113 54.11 38.92 -10.22
C LEU R 113 55.52 38.80 -10.78
N GLU R 114 55.66 38.85 -12.10
CA GLU R 114 56.98 38.76 -12.72
C GLU R 114 57.85 39.95 -12.35
N LYS R 115 57.27 41.15 -12.29
CA LYS R 115 58.04 42.31 -11.86
C LYS R 115 58.51 42.17 -10.41
N ALA R 116 57.63 41.65 -9.55
CA ALA R 116 58.04 41.38 -8.18
C ALA R 116 59.18 40.38 -8.12
N ILE R 117 59.13 39.35 -8.96
CA ILE R 117 60.20 38.35 -9.00
C ILE R 117 61.51 38.97 -9.47
N ASN R 118 61.44 39.85 -10.46
CA ASN R 118 62.65 40.52 -10.94
C ASN R 118 63.25 41.40 -9.85
N PHE R 119 62.42 42.11 -9.10
CA PHE R 119 62.93 42.89 -7.98
C PHE R 119 63.54 41.99 -6.92
N LEU R 120 62.93 40.82 -6.69
CA LEU R 120 63.53 39.84 -5.78
C LEU R 120 64.92 39.45 -6.25
N LYS R 121 65.08 39.22 -7.55
CA LYS R 121 66.40 38.88 -8.09
C LYS R 121 67.40 40.01 -7.86
N MET R 122 66.99 41.25 -8.11
CA MET R 122 67.93 42.36 -8.03
C MET R 122 68.30 42.65 -6.57
N VAL R 123 67.39 42.40 -5.64
CA VAL R 123 67.67 42.62 -4.22
C VAL R 123 68.66 41.61 -3.66
N GLY R 124 68.49 40.32 -3.98
CA GLY R 124 69.37 39.29 -3.46
C GLY R 124 68.82 38.59 -2.22
N MET R 125 69.63 38.52 -1.17
CA MET R 125 69.22 37.85 0.05
C MET R 125 68.08 38.61 0.73
N VAL R 126 67.15 37.86 1.31
CA VAL R 126 65.98 38.43 1.98
C VAL R 126 65.91 37.88 3.39
N GLY R 127 65.29 38.63 4.30
CA GLY R 127 65.06 38.20 5.65
C GLY R 127 63.70 37.55 5.82
N GLU R 128 63.22 37.54 7.06
CA GLU R 128 61.90 36.99 7.33
C GLU R 128 60.79 37.97 6.97
N LYS R 129 61.04 39.28 7.16
CA LYS R 129 60.04 40.28 6.81
C LYS R 129 59.82 40.34 5.30
N GLU R 130 60.92 40.35 4.55
CA GLU R 130 60.81 40.34 3.09
C GLU R 130 60.19 39.05 2.58
N PHE R 131 60.50 37.92 3.22
CA PHE R 131 59.85 36.66 2.88
C PHE R 131 58.34 36.77 3.07
N GLU R 132 57.92 37.34 4.20
CA GLU R 132 56.50 37.52 4.47
C GLU R 132 55.84 38.38 3.40
N ILE R 133 56.49 39.50 3.05
CA ILE R 133 55.89 40.43 2.08
C ILE R 133 55.78 39.76 0.72
N ALA R 134 56.83 39.06 0.29
CA ALA R 134 56.79 38.38 -1.01
C ALA R 134 55.72 37.29 -1.04
N VAL R 135 55.59 36.52 0.03
CA VAL R 135 54.57 35.48 0.06
C VAL R 135 53.18 36.10 0.03
N LYS R 136 53.00 37.24 0.70
CA LYS R 136 51.71 37.92 0.68
C LYS R 136 51.35 38.39 -0.73
N ILE R 137 52.34 38.93 -1.45
CA ILE R 137 52.10 39.37 -2.82
C ILE R 137 51.73 38.17 -3.70
N LEU R 138 52.47 37.08 -3.56
CA LEU R 138 52.18 35.88 -4.34
C LEU R 138 50.78 35.34 -4.05
N GLU R 139 50.38 35.35 -2.78
CA GLU R 139 49.06 34.86 -2.40
C GLU R 139 47.95 35.75 -2.97
N ALA R 140 48.14 37.06 -2.91
CA ALA R 140 47.15 37.97 -3.48
C ALA R 140 47.00 37.74 -4.98
N ALA R 141 48.13 37.58 -5.68
CA ALA R 141 48.06 37.32 -7.11
C ALA R 141 47.35 36.00 -7.41
N LEU R 142 47.64 34.96 -6.61
CA LEU R 142 46.99 33.67 -6.82
C LEU R 142 45.48 33.78 -6.64
N HIS R 143 45.04 34.47 -5.59
CA HIS R 143 43.60 34.59 -5.36
C HIS R 143 42.92 35.38 -6.48
N VAL R 144 43.56 36.46 -6.94
CA VAL R 144 43.01 37.22 -8.05
C VAL R 144 42.89 36.34 -9.29
N VAL R 145 43.93 35.56 -9.57
CA VAL R 145 43.94 34.72 -10.77
C VAL R 145 42.84 33.66 -10.70
N LEU R 146 42.68 33.02 -9.55
CA LEU R 146 41.65 31.99 -9.43
C LEU R 146 40.25 32.60 -9.58
N THR R 147 40.01 33.73 -8.92
CA THR R 147 38.71 34.39 -9.03
C THR R 147 38.40 34.75 -10.47
N LEU R 148 39.37 35.32 -11.19
CA LEU R 148 39.11 35.71 -12.57
C LEU R 148 39.02 34.52 -13.50
N SER R 149 39.73 33.44 -13.20
CA SER R 149 39.75 32.30 -14.12
C SER R 149 38.51 31.42 -13.96
N ARG R 150 37.74 31.62 -12.89
CA ARG R 150 36.47 30.89 -12.80
C ARG R 150 35.55 31.17 -13.99
N LEU R 151 35.74 32.29 -14.68
CA LEU R 151 34.84 32.70 -15.76
C LEU R 151 35.39 32.40 -17.16
N LEU R 152 36.44 31.60 -17.28
CA LEU R 152 37.04 31.28 -18.56
C LEU R 152 36.51 29.96 -19.09
N ASN R 153 36.88 29.66 -20.34
CA ASN R 153 36.55 28.39 -20.96
C ASN R 153 37.47 27.30 -20.42
N GLU R 154 37.22 26.06 -20.82
CA GLU R 154 37.98 24.94 -20.27
C GLU R 154 39.46 25.03 -20.62
N LEU R 155 39.76 25.18 -21.91
CA LEU R 155 41.15 25.24 -22.34
C LEU R 155 41.87 26.43 -21.74
N GLU R 156 41.22 27.60 -21.73
CA GLU R 156 41.84 28.80 -21.16
C GLU R 156 42.08 28.64 -19.67
N PHE R 157 41.12 28.05 -18.95
CA PHE R 157 41.29 27.85 -17.52
C PHE R 157 42.48 26.95 -17.23
N VAL R 158 42.59 25.82 -17.94
CA VAL R 158 43.69 24.90 -17.66
C VAL R 158 45.02 25.51 -18.08
N LYS R 159 45.04 26.26 -19.17
CA LYS R 159 46.27 26.94 -19.58
C LYS R 159 46.73 27.94 -18.53
N VAL R 160 45.79 28.70 -17.98
CA VAL R 160 46.13 29.66 -16.93
C VAL R 160 46.65 28.94 -15.69
N LEU R 161 46.04 27.81 -15.34
CA LEU R 161 46.51 27.02 -14.21
C LEU R 161 47.95 26.58 -14.39
N VAL R 162 48.26 26.02 -15.57
CA VAL R 162 49.61 25.52 -15.82
C VAL R 162 50.61 26.67 -15.81
N GLU R 163 50.24 27.79 -16.42
CA GLU R 163 51.10 28.97 -16.42
C GLU R 163 51.41 29.44 -15.01
N PHE R 164 50.39 29.47 -14.14
CA PHE R 164 50.63 29.94 -12.78
C PHE R 164 51.46 28.95 -11.98
N ILE R 165 51.31 27.65 -12.24
CA ILE R 165 52.15 26.66 -11.56
C ILE R 165 53.61 26.86 -11.94
N ASN R 166 53.87 27.09 -13.23
CA ASN R 166 55.24 27.37 -13.66
C ASN R 166 55.76 28.66 -13.03
N LEU R 167 54.91 29.68 -12.92
CA LEU R 167 55.32 30.93 -12.28
C LEU R 167 55.67 30.71 -10.81
N ILE R 168 54.89 29.88 -10.11
CA ILE R 168 55.19 29.55 -8.73
C ILE R 168 56.55 28.86 -8.63
N ALA R 169 56.82 27.95 -9.56
CA ALA R 169 58.12 27.29 -9.58
C ALA R 169 59.25 28.30 -9.74
N LYS R 170 59.09 29.25 -10.66
CA LYS R 170 60.11 30.28 -10.86
C LYS R 170 60.30 31.12 -9.61
N PHE R 171 59.18 31.51 -8.97
CA PHE R 171 59.25 32.35 -7.78
C PHE R 171 60.00 31.64 -6.66
N PHE R 172 59.69 30.37 -6.42
CA PHE R 172 60.40 29.64 -5.38
C PHE R 172 61.83 29.33 -5.75
N LYS R 173 62.15 29.26 -7.05
CA LYS R 173 63.52 29.05 -7.44
C LYS R 173 64.39 30.28 -7.22
N VAL R 174 63.87 31.48 -7.48
CA VAL R 174 64.68 32.70 -7.28
C VAL R 174 64.62 33.22 -5.85
N LEU R 175 63.80 32.62 -4.98
CA LEU R 175 63.66 33.08 -3.60
C LEU R 175 64.29 32.06 -2.65
N LYS R 176 65.07 32.55 -1.69
CA LYS R 176 65.81 31.71 -0.77
C LYS R 176 65.25 31.82 0.64
N GLY R 177 65.23 30.70 1.34
CA GLY R 177 64.72 30.67 2.70
C GLY R 177 64.83 29.27 3.27
N GLU R 178 64.40 29.14 4.52
CA GLU R 178 64.46 27.85 5.20
C GLU R 178 63.52 26.86 4.52
N PRO R 179 63.93 25.60 4.35
CA PRO R 179 63.08 24.65 3.61
C PRO R 179 61.71 24.42 4.21
N GLU R 180 61.58 24.44 5.54
CA GLU R 180 60.30 24.12 6.16
C GLU R 180 59.25 25.18 5.86
N LYS R 181 59.63 26.46 5.97
CA LYS R 181 58.68 27.54 5.69
C LYS R 181 58.24 27.51 4.23
N LYS R 182 59.20 27.32 3.32
CA LYS R 182 58.87 27.25 1.91
C LYS R 182 57.96 26.06 1.61
N LYS R 183 58.21 24.93 2.27
CA LYS R 183 57.35 23.76 2.10
C LYS R 183 55.93 24.04 2.57
N ARG R 184 55.78 24.70 3.71
CA ARG R 184 54.45 25.02 4.22
C ARG R 184 53.71 25.98 3.28
N VAL R 185 54.40 27.01 2.80
CA VAL R 185 53.79 27.95 1.87
C VAL R 185 53.36 27.24 0.59
N LEU R 186 54.23 26.38 0.06
CA LEU R 186 53.90 25.66 -1.16
C LEU R 186 52.70 24.75 -0.96
N LEU R 187 52.62 24.08 0.19
CA LEU R 187 51.48 23.22 0.46
C LEU R 187 50.19 24.03 0.52
N LYS R 188 50.24 25.20 1.14
CA LYS R 188 49.04 26.04 1.20
C LYS R 188 48.59 26.48 -0.19
N LEU R 189 49.54 26.93 -1.02
CA LEU R 189 49.20 27.33 -2.39
C LEU R 189 48.61 26.17 -3.18
N LEU R 190 49.21 24.99 -3.03
CA LEU R 190 48.70 23.82 -3.75
C LEU R 190 47.30 23.45 -3.30
N GLU R 191 47.02 23.60 -2.00
CA GLU R 191 45.66 23.33 -1.53
C GLU R 191 44.66 24.31 -2.15
N ASP R 192 45.03 25.58 -2.23
CA ASP R 192 44.15 26.55 -2.90
C ASP R 192 43.86 26.15 -4.34
N ILE R 193 44.92 25.85 -5.09
CA ILE R 193 44.76 25.49 -6.50
C ILE R 193 43.92 24.23 -6.64
N LYS R 194 44.19 23.21 -5.82
CA LYS R 194 43.45 21.97 -5.91
C LYS R 194 41.99 22.16 -5.56
N LYS R 195 41.69 23.00 -4.57
CA LYS R 195 40.31 23.29 -4.22
C LYS R 195 39.54 23.87 -5.40
N VAL R 196 40.10 24.90 -6.02
CA VAL R 196 39.41 25.50 -7.16
C VAL R 196 39.27 24.48 -8.30
N PHE R 197 40.33 23.70 -8.55
CA PHE R 197 40.31 22.75 -9.65
C PHE R 197 39.28 21.65 -9.45
N GLU R 198 39.15 21.14 -8.22
CA GLU R 198 38.18 20.07 -7.99
C GLU R 198 36.76 20.59 -8.04
N LEU R 199 36.54 21.85 -7.65
CA LEU R 199 35.22 22.42 -7.86
C LEU R 199 34.94 22.59 -9.35
N TRP R 200 35.95 22.97 -10.13
CA TRP R 200 35.73 23.30 -11.54
C TRP R 200 35.57 22.07 -12.42
N ILE R 201 36.27 20.98 -12.12
CA ILE R 201 36.38 19.87 -13.06
C ILE R 201 35.06 19.15 -13.28
N THR R 202 34.06 19.37 -12.43
CA THR R 202 32.82 18.63 -12.53
C THR R 202 31.97 19.01 -13.73
N ARG R 203 32.43 19.89 -14.62
CA ARG R 203 31.63 20.40 -15.71
C ARG R 203 32.17 20.03 -17.09
N VAL R 204 33.12 19.10 -17.17
CA VAL R 204 33.86 18.93 -18.40
C VAL R 204 33.82 17.50 -18.94
N ASN R 205 32.85 16.68 -18.51
CA ASN R 205 32.61 15.37 -19.11
C ASN R 205 33.70 14.37 -18.72
N PRO R 206 33.34 13.14 -18.33
CA PRO R 206 34.29 12.24 -17.65
C PRO R 206 35.53 11.83 -18.42
N GLU R 207 35.67 12.20 -19.69
CA GLU R 207 36.90 11.93 -20.42
C GLU R 207 37.86 13.11 -20.41
N GLN R 208 37.35 14.32 -20.67
CA GLN R 208 38.16 15.50 -20.45
C GLN R 208 38.55 15.63 -19.00
N GLN R 209 37.74 15.09 -18.09
CA GLN R 209 38.11 15.04 -16.68
C GLN R 209 39.40 14.26 -16.49
N ILE R 210 39.49 13.08 -17.11
CA ILE R 210 40.71 12.26 -16.97
C ILE R 210 41.89 12.99 -17.60
N LEU R 211 41.69 13.56 -18.79
CA LEU R 211 42.78 14.27 -19.47
C LEU R 211 43.33 15.41 -18.62
N PHE R 212 42.44 16.29 -18.16
CA PHE R 212 42.88 17.47 -17.41
C PHE R 212 43.42 17.10 -16.04
N THR R 213 42.83 16.10 -15.39
CA THR R 213 43.35 15.66 -14.10
C THR R 213 44.77 15.13 -14.24
N GLU R 214 45.02 14.31 -15.27
CA GLU R 214 46.37 13.82 -15.51
C GLU R 214 47.33 14.98 -15.70
N LEU R 215 46.98 15.92 -16.57
CA LEU R 215 47.88 17.03 -16.87
C LEU R 215 48.19 17.87 -15.63
N VAL R 216 47.15 18.25 -14.89
CA VAL R 216 47.34 19.14 -13.75
C VAL R 216 48.10 18.44 -12.63
N TYR R 217 47.78 17.16 -12.38
CA TYR R 217 48.47 16.44 -11.31
C TYR R 217 49.93 16.22 -11.65
N SER R 218 50.24 15.94 -12.91
CA SER R 218 51.65 15.83 -13.32
C SER R 218 52.37 17.16 -13.13
N ALA R 219 51.72 18.27 -13.47
CA ALA R 219 52.33 19.59 -13.26
C ALA R 219 52.62 19.83 -11.79
N ILE R 220 51.67 19.49 -10.92
CA ILE R 220 51.85 19.70 -9.48
C ILE R 220 52.99 18.83 -8.95
N GLU R 221 53.06 17.57 -9.39
CA GLU R 221 54.13 16.69 -8.94
C GLU R 221 55.50 17.22 -9.38
N ASP R 222 55.59 17.71 -10.61
CA ASP R 222 56.85 18.29 -11.07
C ASP R 222 57.22 19.52 -10.26
N LEU R 223 56.23 20.36 -9.94
CA LEU R 223 56.50 21.53 -9.10
C LEU R 223 57.04 21.12 -7.74
N LYS R 224 56.43 20.11 -7.13
CA LYS R 224 56.90 19.61 -5.85
C LYS R 224 58.34 19.12 -5.96
N LYS R 225 58.64 18.35 -7.00
CA LYS R 225 60.00 17.86 -7.20
C LYS R 225 60.98 19.02 -7.31
N HIS R 226 60.69 19.99 -8.18
CA HIS R 226 61.61 21.09 -8.42
C HIS R 226 61.88 21.87 -7.14
N THR R 227 60.82 22.25 -6.43
CA THR R 227 61.03 23.09 -5.26
C THR R 227 61.66 22.30 -4.11
N LEU R 228 61.35 21.02 -3.99
CA LEU R 228 61.95 20.24 -2.90
C LEU R 228 63.42 19.95 -3.18
N GLU R 229 63.82 19.88 -4.45
CA GLU R 229 65.24 19.84 -4.76
C GLU R 229 65.90 21.18 -4.52
N VAL R 230 65.16 22.27 -4.76
CA VAL R 230 65.69 23.62 -4.46
C VAL R 230 65.94 23.75 -2.96
N LEU R 231 65.07 23.17 -2.14
CA LEU R 231 65.23 23.25 -0.69
C LEU R 231 66.52 22.59 -0.23
N GLY R 232 66.86 21.44 -0.80
CA GLY R 232 68.02 20.67 -0.38
C GLY R 232 69.33 21.42 -0.32
N ASN S 25 -45.66 -42.82 -23.59
CA ASN S 25 -46.94 -42.34 -23.08
C ASN S 25 -46.83 -42.00 -21.60
N THR S 26 -47.65 -41.04 -21.15
CA THR S 26 -47.62 -40.63 -19.75
C THR S 26 -48.02 -41.76 -18.82
N VAL S 27 -49.06 -42.51 -19.19
CA VAL S 27 -49.54 -43.59 -18.34
C VAL S 27 -48.46 -44.63 -18.12
N GLU S 28 -47.74 -44.99 -19.19
CA GLU S 28 -46.65 -45.95 -19.05
C GLU S 28 -45.59 -45.45 -18.09
N LYS S 29 -45.27 -44.15 -18.15
CA LYS S 29 -44.32 -43.56 -17.21
C LYS S 29 -44.85 -43.67 -15.78
N VAL S 30 -46.15 -43.47 -15.59
CA VAL S 30 -46.71 -43.53 -14.24
C VAL S 30 -46.61 -44.93 -13.66
N LEU S 31 -46.92 -45.96 -14.45
CA LEU S 31 -46.75 -47.32 -13.93
C LEU S 31 -45.27 -47.71 -13.80
N LYS S 32 -44.38 -47.12 -14.59
CA LYS S 32 -42.96 -47.33 -14.34
C LYS S 32 -42.56 -46.78 -12.97
N VAL S 33 -43.05 -45.57 -12.66
CA VAL S 33 -42.80 -44.98 -11.34
C VAL S 33 -43.39 -45.87 -10.25
N LYS S 34 -44.58 -46.41 -10.50
CA LYS S 34 -45.22 -47.28 -9.52
C LYS S 34 -44.39 -48.53 -9.25
N GLU S 35 -43.89 -49.16 -10.31
CA GLU S 35 -43.07 -50.36 -10.12
C GLU S 35 -41.80 -50.04 -9.35
N GLU S 36 -41.15 -48.94 -9.71
CA GLU S 36 -39.94 -48.55 -9.00
C GLU S 36 -40.24 -48.26 -7.53
N ALA S 37 -41.37 -47.62 -7.26
CA ALA S 37 -41.74 -47.30 -5.88
C ALA S 37 -41.98 -48.56 -5.06
N GLU S 38 -42.71 -49.53 -5.62
CA GLU S 38 -42.92 -50.79 -4.90
C GLU S 38 -41.60 -51.53 -4.65
N LYS S 39 -40.69 -51.53 -5.64
CA LYS S 39 -39.40 -52.16 -5.43
C LYS S 39 -38.63 -51.49 -4.29
N ARG S 40 -38.62 -50.16 -4.28
CA ARG S 40 -37.92 -49.44 -3.22
C ARG S 40 -38.59 -49.67 -1.87
N ILE S 41 -39.91 -49.79 -1.85
CA ILE S 41 -40.62 -50.04 -0.59
C ILE S 41 -40.21 -51.40 -0.02
N ALA S 42 -40.11 -52.41 -0.88
CA ALA S 42 -39.65 -53.72 -0.41
C ALA S 42 -38.20 -53.64 0.09
N GLU S 43 -37.34 -52.93 -0.65
CA GLU S 43 -35.95 -52.79 -0.22
C GLU S 43 -35.85 -52.14 1.15
N ILE S 44 -36.64 -51.09 1.38
CA ILE S 44 -36.62 -50.41 2.67
C ILE S 44 -37.21 -51.30 3.76
N GLU S 45 -38.25 -52.07 3.42
CA GLU S 45 -38.84 -52.98 4.40
C GLU S 45 -37.83 -54.03 4.85
N LYS S 46 -36.86 -54.33 4.00
CA LYS S 46 -35.80 -55.27 4.41
C LYS S 46 -34.57 -54.58 5.01
N LEU S 47 -34.74 -53.45 5.71
CA LEU S 47 -33.60 -52.65 6.15
C LEU S 47 -33.23 -52.82 7.62
N GLU S 48 -34.11 -53.41 8.44
CA GLU S 48 -33.85 -53.85 9.82
C GLU S 48 -33.49 -52.72 10.77
N ASN S 49 -33.47 -51.48 10.29
CA ASN S 49 -33.22 -50.33 11.15
C ASN S 49 -34.28 -49.27 10.89
N ILE S 50 -35.18 -49.09 11.86
CA ILE S 50 -36.38 -48.28 11.64
C ILE S 50 -36.10 -46.80 11.44
N GLU S 51 -35.11 -46.23 12.13
CA GLU S 51 -34.85 -44.80 12.00
C GLU S 51 -34.42 -44.43 10.59
N GLU S 52 -33.57 -45.25 9.96
CA GLU S 52 -33.14 -45.02 8.59
C GLU S 52 -34.17 -45.45 7.57
N ALA S 53 -35.21 -46.18 7.96
CA ALA S 53 -36.26 -46.59 7.05
C ALA S 53 -37.29 -45.51 6.82
N VAL S 54 -37.69 -44.79 7.88
CA VAL S 54 -38.68 -43.72 7.73
C VAL S 54 -38.10 -42.58 6.89
N LEU S 55 -36.83 -42.24 7.11
CA LEU S 55 -36.22 -41.17 6.32
C LEU S 55 -36.11 -41.56 4.85
N LYS S 56 -35.77 -42.82 4.57
CA LYS S 56 -35.72 -43.28 3.19
C LYS S 56 -37.10 -43.27 2.56
N LEU S 57 -38.13 -43.63 3.31
CA LEU S 57 -39.49 -43.57 2.78
C LEU S 57 -39.90 -42.13 2.49
N LEU S 58 -39.52 -41.20 3.36
CA LEU S 58 -39.82 -39.78 3.10
C LEU S 58 -39.09 -39.28 1.86
N GLU S 59 -37.84 -39.72 1.67
CA GLU S 59 -37.11 -39.35 0.46
C GLU S 59 -37.79 -39.92 -0.78
N LEU S 60 -38.26 -41.17 -0.69
CA LEU S 60 -38.98 -41.77 -1.81
C LEU S 60 -40.26 -41.00 -2.12
N LEU S 61 -40.99 -40.58 -1.09
CA LEU S 61 -42.20 -39.80 -1.29
C LEU S 61 -41.88 -38.47 -1.98
N ASP S 62 -40.79 -37.81 -1.55
CA ASP S 62 -40.39 -36.57 -2.18
C ASP S 62 -40.04 -36.79 -3.65
N GLU S 63 -39.34 -37.88 -3.95
CA GLU S 63 -38.99 -38.19 -5.34
C GLU S 63 -40.24 -38.40 -6.18
N VAL S 64 -41.21 -39.14 -5.64
CA VAL S 64 -42.45 -39.39 -6.37
C VAL S 64 -43.19 -38.09 -6.63
N ILE S 65 -43.24 -37.20 -5.63
CA ILE S 65 -43.95 -35.94 -5.82
C ILE S 65 -43.23 -35.07 -6.84
N HIS S 66 -41.90 -35.08 -6.86
CA HIS S 66 -41.16 -34.35 -7.88
C HIS S 66 -41.49 -34.87 -9.27
N GLU S 67 -41.50 -36.19 -9.44
CA GLU S 67 -41.85 -36.75 -10.74
C GLU S 67 -43.27 -36.38 -11.15
N ALA S 68 -44.19 -36.42 -10.20
CA ALA S 68 -45.58 -36.05 -10.49
C ALA S 68 -45.67 -34.59 -10.93
N ALA S 69 -44.91 -33.72 -10.29
CA ALA S 69 -44.91 -32.31 -10.68
C ALA S 69 -44.32 -32.11 -12.06
N LEU S 70 -43.38 -32.98 -12.45
CA LEU S 70 -42.75 -32.83 -13.76
C LEU S 70 -43.75 -32.97 -14.89
N LEU S 71 -44.65 -33.94 -14.82
CA LEU S 71 -45.57 -34.24 -15.90
C LEU S 71 -46.94 -33.61 -15.63
N PRO S 72 -47.69 -33.27 -16.68
CA PRO S 72 -49.02 -32.68 -16.45
C PRO S 72 -50.02 -33.73 -16.02
N ILE S 73 -50.91 -33.34 -15.11
CA ILE S 73 -51.84 -34.29 -14.50
C ILE S 73 -53.06 -34.47 -15.38
N THR S 74 -53.56 -35.70 -15.43
CA THR S 74 -54.70 -36.10 -16.23
C THR S 74 -55.62 -36.93 -15.36
N PRO S 75 -56.91 -37.04 -15.73
CA PRO S 75 -57.84 -37.82 -14.90
C PRO S 75 -57.45 -39.27 -14.69
N GLU S 76 -56.86 -39.91 -15.70
CA GLU S 76 -56.54 -41.33 -15.57
C GLU S 76 -55.32 -41.56 -14.68
N THR S 77 -54.34 -40.68 -14.74
CA THR S 77 -53.12 -40.86 -13.96
C THR S 77 -53.30 -40.45 -12.50
N LYS S 78 -54.36 -39.70 -12.18
CA LYS S 78 -54.58 -39.24 -10.81
C LYS S 78 -54.75 -40.42 -9.88
N LEU S 79 -55.51 -41.43 -10.29
CA LEU S 79 -55.73 -42.59 -9.43
C LEU S 79 -54.43 -43.31 -9.14
N ILE S 80 -53.60 -43.52 -10.16
CA ILE S 80 -52.34 -44.24 -9.98
C ILE S 80 -51.42 -43.45 -9.06
N TRP S 81 -51.33 -42.13 -9.27
CA TRP S 81 -50.52 -41.30 -8.38
C TRP S 81 -51.00 -41.43 -6.94
N TRP S 82 -52.32 -41.46 -6.74
CA TRP S 82 -52.84 -41.57 -5.39
C TRP S 82 -52.54 -42.94 -4.79
N GLU S 83 -52.57 -44.01 -5.59
CA GLU S 83 -52.18 -45.31 -5.06
C GLU S 83 -50.73 -45.32 -4.60
N ILE S 84 -49.83 -44.74 -5.40
CA ILE S 84 -48.42 -44.69 -5.00
C ILE S 84 -48.26 -43.91 -3.70
N ILE S 85 -48.89 -42.74 -3.62
CA ILE S 85 -48.79 -41.91 -2.42
C ILE S 85 -49.35 -42.64 -1.22
N GLU S 86 -50.49 -43.30 -1.39
CA GLU S 86 -51.11 -44.03 -0.29
C GLU S 86 -50.20 -45.14 0.22
N ALA S 87 -49.62 -45.92 -0.70
CA ALA S 87 -48.74 -47.00 -0.28
C ALA S 87 -47.56 -46.48 0.52
N ILE S 88 -46.88 -45.46 -0.01
CA ILE S 88 -45.69 -44.94 0.67
C ILE S 88 -46.08 -44.36 2.03
N ALA S 89 -47.17 -43.60 2.08
CA ALA S 89 -47.57 -42.94 3.32
C ALA S 89 -47.96 -43.95 4.40
N LEU S 90 -48.72 -44.98 4.02
CA LEU S 90 -49.13 -45.98 5.01
C LEU S 90 -47.93 -46.76 5.52
N ALA S 91 -47.00 -47.12 4.63
CA ALA S 91 -45.79 -47.79 5.09
C ALA S 91 -45.00 -46.92 6.07
N ALA S 92 -44.87 -45.62 5.75
CA ALA S 92 -44.11 -44.72 6.62
C ALA S 92 -44.79 -44.57 7.97
N LEU S 93 -46.12 -44.47 8.00
CA LEU S 93 -46.82 -44.33 9.27
C LEU S 93 -46.67 -45.58 10.13
N HIS S 94 -46.84 -46.76 9.53
CA HIS S 94 -46.65 -47.96 10.33
C HIS S 94 -45.22 -48.08 10.85
N LYS S 95 -44.24 -47.68 10.05
CA LYS S 95 -42.87 -47.67 10.56
C LYS S 95 -42.70 -46.67 11.69
N LEU S 96 -43.41 -45.54 11.64
CA LEU S 96 -43.37 -44.59 12.74
C LEU S 96 -43.91 -45.21 14.02
N LEU S 97 -44.85 -46.16 13.89
CA LEU S 97 -45.31 -46.85 15.08
C LEU S 97 -44.27 -47.84 15.62
N ASP S 98 -43.32 -48.25 14.79
CA ASP S 98 -42.38 -49.33 15.13
C ASP S 98 -41.08 -48.82 15.71
N GLY S 99 -41.11 -47.96 16.72
CA GLY S 99 -39.88 -47.58 17.39
C GLY S 99 -39.28 -46.24 17.00
N GLY S 100 -38.59 -45.60 17.94
CA GLY S 100 -37.96 -44.32 17.76
C GLY S 100 -38.25 -43.40 18.92
N ASN S 101 -38.03 -42.11 18.71
CA ASN S 101 -38.36 -41.09 19.70
C ASN S 101 -39.77 -40.57 19.47
N ILE S 102 -40.52 -40.40 20.56
CA ILE S 102 -41.95 -40.12 20.45
C ILE S 102 -42.20 -38.78 19.77
N GLU S 103 -41.52 -37.73 20.23
CA GLU S 103 -41.75 -36.40 19.69
C GLU S 103 -41.35 -36.30 18.22
N VAL S 104 -40.20 -36.88 17.88
CA VAL S 104 -39.75 -36.89 16.49
C VAL S 104 -40.73 -37.66 15.62
N ASN S 105 -41.25 -38.78 16.12
CA ASN S 105 -42.19 -39.57 15.35
C ASN S 105 -43.50 -38.82 15.11
N ILE S 106 -43.98 -38.10 16.12
CA ILE S 106 -45.20 -37.30 15.95
C ILE S 106 -44.96 -36.19 14.92
N LEU S 107 -43.82 -35.51 15.02
CA LEU S 107 -43.48 -34.49 14.03
C LEU S 107 -43.44 -35.08 12.63
N LEU S 108 -42.85 -36.26 12.48
CA LEU S 108 -42.78 -36.89 11.17
C LEU S 108 -44.15 -37.26 10.64
N ALA S 109 -45.05 -37.72 11.52
CA ALA S 109 -46.41 -38.02 11.09
C ALA S 109 -47.10 -36.77 10.55
N LEU S 110 -46.98 -35.66 11.28
CA LEU S 110 -47.56 -34.41 10.80
C LEU S 110 -46.93 -33.98 9.48
N ARG S 111 -45.64 -34.23 9.31
CA ARG S 111 -44.94 -33.86 8.08
C ARG S 111 -45.44 -34.68 6.90
N ILE S 112 -45.68 -35.97 7.10
CA ILE S 112 -46.25 -36.82 6.05
C ILE S 112 -47.63 -36.33 5.67
N LEU S 113 -48.44 -35.98 6.68
CA LEU S 113 -49.77 -35.44 6.40
C LEU S 113 -49.68 -34.14 5.59
N GLU S 114 -48.74 -33.26 5.95
CA GLU S 114 -48.59 -32.00 5.23
C GLU S 114 -48.15 -32.24 3.78
N LYS S 115 -47.27 -33.23 3.56
CA LYS S 115 -46.89 -33.57 2.19
C LYS S 115 -48.09 -34.06 1.39
N ALA S 116 -48.93 -34.89 2.01
CA ALA S 116 -50.14 -35.35 1.33
C ALA S 116 -51.07 -34.18 1.00
N ILE S 117 -51.17 -33.21 1.92
CA ILE S 117 -52.03 -32.05 1.68
C ILE S 117 -51.48 -31.19 0.54
N ASN S 118 -50.16 -31.04 0.47
CA ASN S 118 -49.57 -30.29 -0.64
C ASN S 118 -49.81 -30.99 -1.97
N PHE S 119 -49.69 -32.31 -1.99
CA PHE S 119 -50.02 -33.05 -3.21
C PHE S 119 -51.49 -32.87 -3.57
N LEU S 120 -52.37 -32.86 -2.56
CA LEU S 120 -53.78 -32.61 -2.80
C LEU S 120 -54.01 -31.25 -3.43
N LYS S 121 -53.29 -30.24 -2.96
CA LYS S 121 -53.37 -28.91 -3.58
C LYS S 121 -52.92 -28.96 -5.03
N MET S 122 -51.81 -29.64 -5.29
CA MET S 122 -51.27 -29.67 -6.64
C MET S 122 -52.19 -30.41 -7.61
N VAL S 123 -52.79 -31.51 -7.17
CA VAL S 123 -53.61 -32.33 -8.05
C VAL S 123 -54.93 -31.67 -8.41
N GLY S 124 -55.38 -30.68 -7.64
CA GLY S 124 -56.62 -29.99 -7.96
C GLY S 124 -57.86 -30.75 -7.52
N MET S 125 -58.77 -31.00 -8.46
CA MET S 125 -60.03 -31.64 -8.16
C MET S 125 -59.79 -33.10 -7.72
N VAL S 126 -60.65 -33.56 -6.80
CA VAL S 126 -60.55 -34.91 -6.26
C VAL S 126 -61.91 -35.58 -6.38
N GLY S 127 -61.93 -36.81 -6.89
CA GLY S 127 -63.15 -37.58 -7.03
C GLY S 127 -63.46 -38.39 -5.79
N GLU S 128 -64.30 -39.40 -5.97
CA GLU S 128 -64.71 -40.24 -4.85
C GLU S 128 -63.58 -41.16 -4.39
N LYS S 129 -62.90 -41.80 -5.33
CA LYS S 129 -61.80 -42.71 -4.97
C LYS S 129 -60.66 -41.96 -4.30
N GLU S 130 -60.30 -40.80 -4.86
CA GLU S 130 -59.27 -39.97 -4.24
C GLU S 130 -59.70 -39.45 -2.88
N PHE S 131 -60.99 -39.13 -2.73
CA PHE S 131 -61.51 -38.73 -1.43
C PHE S 131 -61.32 -39.85 -0.41
N GLU S 132 -61.65 -41.08 -0.81
CA GLU S 132 -61.49 -42.21 0.10
C GLU S 132 -60.03 -42.42 0.48
N ILE S 133 -59.13 -42.31 -0.50
CA ILE S 133 -57.70 -42.50 -0.23
C ILE S 133 -57.21 -41.43 0.74
N ALA S 134 -57.58 -40.16 0.50
CA ALA S 134 -57.14 -39.08 1.38
C ALA S 134 -57.66 -39.25 2.79
N VAL S 135 -58.93 -39.65 2.94
CA VAL S 135 -59.50 -39.86 4.27
C VAL S 135 -58.79 -41.03 4.95
N LYS S 136 -58.42 -42.06 4.18
CA LYS S 136 -57.68 -43.18 4.74
C LYS S 136 -56.34 -42.73 5.30
N ILE S 137 -55.62 -41.90 4.54
CA ILE S 137 -54.32 -41.40 5.00
C ILE S 137 -54.50 -40.56 6.25
N LEU S 138 -55.50 -39.68 6.25
CA LEU S 138 -55.74 -38.81 7.41
C LEU S 138 -56.06 -39.63 8.65
N GLU S 139 -56.91 -40.65 8.51
CA GLU S 139 -57.29 -41.47 9.66
C GLU S 139 -56.10 -42.29 10.19
N ALA S 140 -55.28 -42.82 9.28
CA ALA S 140 -54.09 -43.55 9.72
C ALA S 140 -53.15 -42.64 10.50
N ALA S 141 -52.94 -41.42 9.99
CA ALA S 141 -52.07 -40.47 10.68
C ALA S 141 -52.64 -40.11 12.04
N LEU S 142 -53.96 -39.91 12.13
CA LEU S 142 -54.59 -39.57 13.40
C LEU S 142 -54.41 -40.70 14.42
N HIS S 143 -54.61 -41.94 14.00
CA HIS S 143 -54.46 -43.06 14.92
C HIS S 143 -53.03 -43.19 15.41
N VAL S 144 -52.07 -43.03 14.49
CA VAL S 144 -50.66 -43.07 14.89
C VAL S 144 -50.37 -41.97 15.91
N VAL S 145 -50.85 -40.76 15.65
CA VAL S 145 -50.56 -39.63 16.52
C VAL S 145 -51.16 -39.84 17.91
N LEU S 146 -52.40 -40.34 17.97
CA LEU S 146 -53.02 -40.58 19.28
C LEU S 146 -52.29 -41.66 20.06
N THR S 147 -51.94 -42.76 19.38
CA THR S 147 -51.21 -43.84 20.03
C THR S 147 -49.89 -43.33 20.61
N LEU S 148 -49.14 -42.56 19.83
CA LEU S 148 -47.86 -42.06 20.31
C LEU S 148 -48.03 -41.01 21.40
N SER S 149 -49.07 -40.18 21.30
CA SER S 149 -49.24 -39.09 22.25
C SER S 149 -49.70 -39.59 23.60
N ARG S 150 -50.21 -40.82 23.67
CA ARG S 150 -50.54 -41.40 24.98
C ARG S 150 -49.37 -41.40 25.95
N LEU S 151 -48.13 -41.30 25.45
CA LEU S 151 -46.94 -41.39 26.29
C LEU S 151 -46.27 -40.04 26.55
N LEU S 152 -46.93 -38.93 26.29
CA LEU S 152 -46.36 -37.61 26.45
C LEU S 152 -46.75 -37.00 27.79
N ASN S 153 -46.13 -35.86 28.10
CA ASN S 153 -46.51 -35.07 29.27
C ASN S 153 -47.79 -34.30 28.97
N GLU S 154 -48.31 -33.61 29.99
CA GLU S 154 -49.60 -32.94 29.85
C GLU S 154 -49.53 -31.83 28.80
N LEU S 155 -48.57 -30.92 28.94
CA LEU S 155 -48.47 -29.81 28.03
C LEU S 155 -48.18 -30.27 26.61
N GLU S 156 -47.28 -31.24 26.45
CA GLU S 156 -46.97 -31.76 25.13
C GLU S 156 -48.18 -32.44 24.51
N PHE S 157 -48.92 -33.21 25.29
CA PHE S 157 -50.10 -33.90 24.77
C PHE S 157 -51.12 -32.90 24.27
N VAL S 158 -51.42 -31.87 25.06
CA VAL S 158 -52.44 -30.91 24.65
C VAL S 158 -51.96 -30.09 23.45
N LYS S 159 -50.66 -29.77 23.40
CA LYS S 159 -50.13 -29.06 22.25
C LYS S 159 -50.26 -29.89 20.98
N VAL S 160 -49.97 -31.19 21.07
CA VAL S 160 -50.10 -32.08 19.91
C VAL S 160 -51.55 -32.17 19.47
N LEU S 161 -52.47 -32.24 20.44
CA LEU S 161 -53.90 -32.27 20.11
C LEU S 161 -54.32 -31.03 19.33
N VAL S 162 -53.91 -29.85 19.82
CA VAL S 162 -54.29 -28.60 19.16
C VAL S 162 -53.67 -28.51 17.77
N GLU S 163 -52.41 -28.92 17.63
CA GLU S 163 -51.76 -28.92 16.33
C GLU S 163 -52.51 -29.82 15.35
N PHE S 164 -52.93 -31.00 15.79
CA PHE S 164 -53.62 -31.90 14.87
C PHE S 164 -55.00 -31.37 14.50
N ILE S 165 -55.67 -30.70 15.43
CA ILE S 165 -56.97 -30.11 15.10
C ILE S 165 -56.80 -29.03 14.03
N ASN S 166 -55.77 -28.19 14.17
CA ASN S 166 -55.51 -27.19 13.15
C ASN S 166 -55.14 -27.83 11.81
N LEU S 167 -54.39 -28.93 11.85
CA LEU S 167 -54.05 -29.63 10.62
C LEU S 167 -55.28 -30.21 9.94
N ILE S 168 -56.21 -30.75 10.72
CA ILE S 168 -57.47 -31.24 10.17
C ILE S 168 -58.24 -30.09 9.51
N ALA S 169 -58.24 -28.93 10.15
CA ALA S 169 -58.91 -27.77 9.56
C ALA S 169 -58.31 -27.42 8.21
N LYS S 170 -56.97 -27.38 8.14
CA LYS S 170 -56.31 -27.10 6.85
C LYS S 170 -56.64 -28.16 5.81
N PHE S 171 -56.63 -29.42 6.21
CA PHE S 171 -56.90 -30.52 5.28
C PHE S 171 -58.30 -30.40 4.69
N PHE S 172 -59.29 -30.12 5.53
CA PHE S 172 -60.65 -29.98 5.03
C PHE S 172 -60.85 -28.69 4.24
N LYS S 173 -60.10 -27.64 4.55
CA LYS S 173 -60.16 -26.43 3.74
C LYS S 173 -59.62 -26.65 2.34
N VAL S 174 -58.53 -27.42 2.20
CA VAL S 174 -57.96 -27.71 0.89
C VAL S 174 -58.80 -28.71 0.09
N LEU S 175 -59.36 -29.72 0.73
CA LEU S 175 -60.03 -30.82 0.06
C LEU S 175 -61.49 -30.47 -0.20
N LYS S 176 -61.97 -30.77 -1.41
CA LYS S 176 -63.32 -30.44 -1.83
C LYS S 176 -64.15 -31.70 -1.98
N GLY S 177 -65.42 -31.61 -1.59
CA GLY S 177 -66.33 -32.74 -1.69
C GLY S 177 -67.72 -32.33 -1.22
N GLU S 178 -68.62 -33.30 -1.29
CA GLU S 178 -70.00 -33.06 -0.90
C GLU S 178 -70.07 -32.79 0.60
N PRO S 179 -70.86 -31.81 1.04
CA PRO S 179 -70.85 -31.43 2.46
C PRO S 179 -71.20 -32.55 3.44
N GLU S 180 -72.11 -33.46 3.06
CA GLU S 180 -72.53 -34.50 3.98
C GLU S 180 -71.40 -35.47 4.29
N LYS S 181 -70.66 -35.89 3.27
CA LYS S 181 -69.56 -36.83 3.49
C LYS S 181 -68.48 -36.20 4.35
N LYS S 182 -68.12 -34.95 4.07
CA LYS S 182 -67.12 -34.27 4.88
C LYS S 182 -67.60 -34.10 6.31
N LYS S 183 -68.89 -33.81 6.50
CA LYS S 183 -69.43 -33.69 7.85
C LYS S 183 -69.33 -35.01 8.60
N ARG S 184 -69.66 -36.12 7.94
CA ARG S 184 -69.57 -37.42 8.61
C ARG S 184 -68.14 -37.77 8.97
N VAL S 185 -67.20 -37.53 8.05
CA VAL S 185 -65.80 -37.81 8.34
C VAL S 185 -65.30 -36.97 9.50
N LEU S 186 -65.66 -35.68 9.50
CA LEU S 186 -65.23 -34.79 10.58
C LEU S 186 -65.81 -35.25 11.91
N LEU S 187 -67.06 -35.68 11.92
CA LEU S 187 -67.67 -36.17 13.15
C LEU S 187 -66.92 -37.39 13.67
N LYS S 188 -66.57 -38.32 12.78
CA LYS S 188 -65.86 -39.51 13.23
C LYS S 188 -64.49 -39.17 13.82
N LEU S 189 -63.76 -38.27 13.15
CA LEU S 189 -62.47 -37.84 13.69
C LEU S 189 -62.62 -37.19 15.05
N LEU S 190 -63.65 -36.36 15.21
CA LEU S 190 -63.86 -35.69 16.48
C LEU S 190 -64.20 -36.67 17.59
N GLU S 191 -64.97 -37.72 17.26
CA GLU S 191 -65.25 -38.74 18.28
C GLU S 191 -63.98 -39.47 18.69
N ASP S 192 -63.11 -39.79 17.74
CA ASP S 192 -61.83 -40.41 18.08
C ASP S 192 -61.04 -39.54 19.05
N ILE S 193 -60.88 -38.26 18.70
CA ILE S 193 -60.10 -37.34 19.52
C ILE S 193 -60.73 -37.21 20.90
N LYS S 194 -62.07 -37.08 20.95
CA LYS S 194 -62.75 -36.90 22.22
C LYS S 194 -62.61 -38.12 23.12
N LYS S 195 -62.68 -39.31 22.54
CA LYS S 195 -62.52 -40.53 23.33
C LYS S 195 -61.15 -40.58 23.98
N VAL S 196 -60.10 -40.34 23.19
CA VAL S 196 -58.75 -40.37 23.76
C VAL S 196 -58.61 -39.28 24.82
N PHE S 197 -59.13 -38.08 24.56
CA PHE S 197 -58.99 -36.98 25.50
C PHE S 197 -59.72 -37.24 26.80
N GLU S 198 -60.93 -37.81 26.74
CA GLU S 198 -61.68 -38.05 27.97
C GLU S 198 -61.05 -39.18 28.77
N LEU S 199 -60.38 -40.13 28.10
CA LEU S 199 -59.60 -41.10 28.85
C LEU S 199 -58.40 -40.43 29.52
N TRP S 200 -57.73 -39.52 28.82
CA TRP S 200 -56.47 -38.95 29.30
C TRP S 200 -56.68 -37.93 30.41
N ILE S 201 -57.77 -37.17 30.37
CA ILE S 201 -57.92 -35.99 31.23
C ILE S 201 -58.05 -36.35 32.70
N THR S 202 -58.39 -37.60 33.02
CA THR S 202 -58.63 -37.98 34.41
C THR S 202 -57.38 -37.99 35.27
N ARG S 203 -56.22 -37.62 34.74
CA ARG S 203 -54.97 -37.70 35.47
C ARG S 203 -54.33 -36.35 35.76
N VAL S 204 -55.08 -35.26 35.62
CA VAL S 204 -54.45 -33.94 35.61
C VAL S 204 -55.05 -32.98 36.63
N ASN S 205 -55.77 -33.49 37.65
CA ASN S 205 -56.22 -32.68 38.79
C ASN S 205 -57.34 -31.72 38.38
N PRO S 206 -58.39 -31.58 39.20
CA PRO S 206 -59.65 -30.95 38.75
C PRO S 206 -59.58 -29.53 38.22
N GLU S 207 -58.52 -28.77 38.51
CA GLU S 207 -58.42 -27.42 37.99
C GLU S 207 -57.74 -27.37 36.62
N GLN S 208 -56.63 -28.09 36.45
CA GLN S 208 -56.07 -28.24 35.12
C GLN S 208 -57.06 -28.95 34.21
N GLN S 209 -57.93 -29.79 34.77
CA GLN S 209 -59.01 -30.40 34.01
C GLN S 209 -59.89 -29.33 33.38
N ILE S 210 -60.32 -28.35 34.17
CA ILE S 210 -61.17 -27.27 33.64
C ILE S 210 -60.42 -26.48 32.59
N LEU S 211 -59.16 -26.14 32.87
CA LEU S 211 -58.37 -25.37 31.91
C LEU S 211 -58.29 -26.08 30.55
N PHE S 212 -57.86 -27.34 30.57
CA PHE S 212 -57.64 -28.07 29.33
C PHE S 212 -58.96 -28.37 28.63
N THR S 213 -60.01 -28.65 29.39
CA THR S 213 -61.32 -28.92 28.78
C THR S 213 -61.84 -27.69 28.04
N GLU S 214 -61.74 -26.51 28.66
CA GLU S 214 -62.15 -25.29 27.98
C GLU S 214 -61.36 -25.11 26.69
N LEU S 215 -60.04 -25.26 26.77
CA LEU S 215 -59.19 -25.04 25.60
C LEU S 215 -59.55 -25.99 24.46
N VAL S 216 -59.68 -27.28 24.77
CA VAL S 216 -59.90 -28.29 23.73
C VAL S 216 -61.29 -28.16 23.13
N TYR S 217 -62.30 -27.92 23.96
CA TYR S 217 -63.65 -27.77 23.42
C TYR S 217 -63.78 -26.51 22.57
N SER S 218 -63.12 -25.42 22.96
CA SER S 218 -63.13 -24.24 22.11
C SER S 218 -62.45 -24.51 20.78
N ALA S 219 -61.34 -25.25 20.80
CA ALA S 219 -60.66 -25.59 19.54
C ALA S 219 -61.57 -26.42 18.64
N ILE S 220 -62.26 -27.41 19.21
CA ILE S 220 -63.14 -28.27 18.42
C ILE S 220 -64.31 -27.46 17.85
N GLU S 221 -64.89 -26.56 18.65
CA GLU S 221 -65.99 -25.75 18.15
C GLU S 221 -65.55 -24.84 17.01
N ASP S 222 -64.36 -24.25 17.12
CA ASP S 222 -63.85 -23.44 16.02
C ASP S 222 -63.62 -24.29 14.77
N LEU S 223 -63.11 -25.51 14.94
CA LEU S 223 -62.92 -26.40 13.80
C LEU S 223 -64.26 -26.69 13.12
N LYS S 224 -65.29 -26.98 13.91
CA LYS S 224 -66.61 -27.24 13.36
C LYS S 224 -67.12 -26.04 12.58
N LYS S 225 -66.97 -24.84 13.15
CA LYS S 225 -67.41 -23.63 12.47
C LYS S 225 -66.70 -23.47 11.13
N HIS S 226 -65.37 -23.58 11.14
CA HIS S 226 -64.59 -23.39 9.92
C HIS S 226 -65.01 -24.38 8.84
N THR S 227 -65.11 -25.67 9.20
CA THR S 227 -65.40 -26.68 8.20
C THR S 227 -66.83 -26.55 7.68
N LEU S 228 -67.79 -26.24 8.54
CA LEU S 228 -69.17 -26.10 8.07
C LEU S 228 -69.35 -24.86 7.21
N GLU S 229 -68.59 -23.80 7.48
CA GLU S 229 -68.60 -22.66 6.56
C GLU S 229 -67.95 -23.02 5.24
N VAL S 230 -66.92 -23.88 5.27
CA VAL S 230 -66.31 -24.37 4.04
C VAL S 230 -67.32 -25.18 3.24
N LEU S 231 -68.17 -25.96 3.92
CA LEU S 231 -69.15 -26.78 3.24
C LEU S 231 -70.15 -25.94 2.45
N GLY S 232 -70.59 -24.83 3.04
CA GLY S 232 -71.62 -23.99 2.43
C GLY S 232 -71.35 -23.56 1.00
N ASN T 25 94.34 10.79 -29.54
CA ASN T 25 93.34 9.76 -29.76
C ASN T 25 91.94 10.34 -29.82
N THR T 26 91.04 9.68 -30.53
CA THR T 26 89.67 10.18 -30.66
C THR T 26 88.90 10.03 -29.36
N VAL T 27 89.13 8.94 -28.64
CA VAL T 27 88.34 8.63 -27.46
C VAL T 27 88.49 9.71 -26.39
N GLU T 28 89.72 10.15 -26.14
CA GLU T 28 89.92 11.19 -25.14
C GLU T 28 89.22 12.48 -25.55
N LYS T 29 89.23 12.80 -26.84
CA LYS T 29 88.49 13.96 -27.32
C LYS T 29 86.99 13.80 -27.07
N VAL T 30 86.45 12.60 -27.30
CA VAL T 30 85.01 12.40 -27.12
C VAL T 30 84.63 12.55 -25.65
N LEU T 31 85.42 11.97 -24.74
CA LEU T 31 85.09 12.15 -23.32
C LEU T 31 85.33 13.58 -22.84
N LYS T 32 86.28 14.31 -23.45
CA LYS T 32 86.41 15.72 -23.10
C LYS T 32 85.18 16.50 -23.54
N VAL T 33 84.64 16.16 -24.72
CA VAL T 33 83.41 16.78 -25.19
C VAL T 33 82.26 16.44 -24.25
N LYS T 34 82.22 15.20 -23.77
CA LYS T 34 81.18 14.79 -22.83
C LYS T 34 81.27 15.60 -21.54
N GLU T 35 82.48 15.78 -21.02
CA GLU T 35 82.65 16.56 -19.78
C GLU T 35 82.20 18.00 -19.97
N GLU T 36 82.60 18.61 -21.10
CA GLU T 36 82.18 19.97 -21.37
C GLU T 36 80.67 20.06 -21.50
N ALA T 37 80.05 19.07 -22.15
CA ALA T 37 78.59 19.07 -22.32
C ALA T 37 77.88 18.97 -20.98
N GLU T 38 78.37 18.11 -20.08
CA GLU T 38 77.74 18.00 -18.77
C GLU T 38 77.89 19.29 -17.97
N LYS T 39 79.06 19.93 -18.06
CA LYS T 39 79.24 21.21 -17.37
C LYS T 39 78.27 22.25 -17.89
N ARG T 40 78.11 22.32 -19.21
CA ARG T 40 77.17 23.29 -19.79
C ARG T 40 75.73 22.95 -19.42
N ILE T 41 75.42 21.66 -19.31
CA ILE T 41 74.06 21.26 -18.94
C ILE T 41 73.75 21.73 -17.52
N ALA T 42 74.71 21.56 -16.60
CA ALA T 42 74.51 22.06 -15.24
C ALA T 42 74.37 23.58 -15.23
N GLU T 43 75.21 24.27 -16.00
CA GLU T 43 75.13 25.73 -16.07
C GLU T 43 73.75 26.18 -16.55
N ILE T 44 73.23 25.53 -17.58
CA ILE T 44 71.91 25.89 -18.10
C ILE T 44 70.82 25.53 -17.09
N GLU T 45 71.00 24.43 -16.37
CA GLU T 45 70.03 24.04 -15.35
C GLU T 45 69.95 25.08 -14.25
N LYS T 46 71.03 25.82 -14.02
CA LYS T 46 71.01 26.90 -13.03
C LYS T 46 70.68 28.26 -13.62
N LEU T 47 69.84 28.34 -14.66
CA LEU T 47 69.61 29.58 -15.40
C LEU T 47 68.33 30.31 -15.03
N GLU T 48 67.37 29.65 -14.37
CA GLU T 48 66.17 30.24 -13.77
C GLU T 48 65.22 30.87 -14.78
N ASN T 49 65.55 30.83 -16.07
CA ASN T 49 64.65 31.32 -17.11
C ASN T 49 64.54 30.27 -18.20
N ILE T 50 63.35 29.68 -18.34
CA ILE T 50 63.17 28.52 -19.19
C ILE T 50 63.25 28.82 -20.69
N GLU T 51 62.74 29.97 -21.12
CA GLU T 51 62.66 30.23 -22.56
C GLU T 51 64.03 30.34 -23.20
N GLU T 52 64.95 31.06 -22.55
CA GLU T 52 66.30 31.19 -23.07
C GLU T 52 67.21 30.04 -22.65
N ALA T 53 66.67 29.04 -21.95
CA ALA T 53 67.42 27.85 -21.55
C ALA T 53 67.27 26.72 -22.54
N VAL T 54 66.06 26.51 -23.07
CA VAL T 54 65.87 25.51 -24.11
C VAL T 54 66.66 25.87 -25.35
N LEU T 55 66.73 27.16 -25.67
CA LEU T 55 67.53 27.60 -26.82
C LEU T 55 69.02 27.34 -26.58
N LYS T 56 69.48 27.55 -25.35
CA LYS T 56 70.86 27.23 -25.00
C LYS T 56 71.13 25.73 -25.15
N LEU T 57 70.19 24.90 -24.72
CA LEU T 57 70.35 23.46 -24.90
C LEU T 57 70.38 23.10 -26.39
N LEU T 58 69.55 23.75 -27.20
CA LEU T 58 69.55 23.46 -28.64
C LEU T 58 70.87 23.86 -29.29
N GLU T 59 71.43 25.01 -28.92
CA GLU T 59 72.71 25.39 -29.52
C GLU T 59 73.84 24.51 -29.01
N LEU T 60 73.75 24.03 -27.77
CA LEU T 60 74.70 23.03 -27.29
C LEU T 60 74.62 21.75 -28.11
N LEU T 61 73.40 21.31 -28.41
CA LEU T 61 73.23 20.13 -29.26
C LEU T 61 73.84 20.36 -30.63
N ASP T 62 73.63 21.55 -31.20
CA ASP T 62 74.22 21.87 -32.50
C ASP T 62 75.74 21.80 -32.44
N GLU T 63 76.34 22.34 -31.37
CA GLU T 63 77.79 22.28 -31.22
C GLU T 63 78.27 20.85 -31.14
N VAL T 64 77.58 20.02 -30.35
CA VAL T 64 77.98 18.63 -30.21
C VAL T 64 77.91 17.89 -31.54
N ILE T 65 76.85 18.14 -32.31
CA ILE T 65 76.71 17.47 -33.60
C ILE T 65 77.77 17.93 -34.58
N HIS T 66 78.11 19.22 -34.56
CA HIS T 66 79.21 19.70 -35.40
C HIS T 66 80.52 19.02 -35.05
N GLU T 67 80.81 18.90 -33.75
CA GLU T 67 82.02 18.21 -33.34
C GLU T 67 82.00 16.76 -33.80
N ALA T 68 80.86 16.09 -33.65
CA ALA T 68 80.75 14.70 -34.10
C ALA T 68 81.00 14.58 -35.59
N ALA T 69 80.52 15.56 -36.37
CA ALA T 69 80.75 15.53 -37.81
C ALA T 69 82.23 15.76 -38.13
N LEU T 70 82.94 16.53 -37.29
CA LEU T 70 84.33 16.84 -37.59
C LEU T 70 85.21 15.60 -37.59
N LEU T 71 85.08 14.74 -36.57
CA LEU T 71 85.93 13.56 -36.52
C LEU T 71 85.19 12.34 -37.04
N PRO T 72 85.89 11.35 -37.60
CA PRO T 72 85.17 10.19 -38.16
C PRO T 72 84.72 9.22 -37.09
N ILE T 73 83.60 8.55 -37.37
CA ILE T 73 82.93 7.74 -36.36
C ILE T 73 83.55 6.35 -36.33
N THR T 74 83.56 5.76 -35.14
CA THR T 74 84.09 4.43 -34.89
C THR T 74 83.15 3.71 -33.94
N PRO T 75 83.19 2.38 -33.89
CA PRO T 75 82.26 1.65 -33.02
C PRO T 75 82.37 2.02 -31.54
N GLU T 76 83.57 2.37 -31.06
CA GLU T 76 83.72 2.65 -29.64
C GLU T 76 83.17 4.02 -29.27
N THR T 77 83.33 5.01 -30.16
CA THR T 77 82.88 6.36 -29.85
C THR T 77 81.39 6.56 -30.08
N LYS T 78 80.74 5.64 -30.80
CA LYS T 78 79.32 5.79 -31.10
C LYS T 78 78.49 5.82 -29.83
N LEU T 79 78.80 4.92 -28.89
CA LEU T 79 78.05 4.87 -27.64
C LEU T 79 78.18 6.17 -26.86
N ILE T 80 79.40 6.71 -26.77
CA ILE T 80 79.62 7.94 -26.01
C ILE T 80 78.87 9.10 -26.67
N TRP T 81 78.95 9.18 -28.00
CA TRP T 81 78.20 10.23 -28.71
C TRP T 81 76.72 10.11 -28.42
N TRP T 82 76.20 8.89 -28.39
CA TRP T 82 74.78 8.70 -28.11
C TRP T 82 74.42 9.08 -26.69
N GLU T 83 75.30 8.81 -25.72
CA GLU T 83 75.03 9.23 -24.35
C GLU T 83 74.96 10.75 -24.26
N ILE T 84 75.88 11.44 -24.93
CA ILE T 84 75.84 12.92 -24.91
C ILE T 84 74.54 13.42 -25.51
N ILE T 85 74.18 12.90 -26.68
CA ILE T 85 72.97 13.34 -27.36
C ILE T 85 71.74 13.05 -26.51
N GLU T 86 71.70 11.87 -25.90
CA GLU T 86 70.56 11.48 -25.07
C GLU T 86 70.41 12.41 -23.87
N ALA T 87 71.52 12.71 -23.20
CA ALA T 87 71.46 13.60 -22.04
C ALA T 87 70.91 14.96 -22.43
N ILE T 88 71.48 15.56 -23.48
CA ILE T 88 71.05 16.89 -23.89
C ILE T 88 69.59 16.88 -24.30
N ALA T 89 69.18 15.87 -25.08
CA ALA T 89 67.83 15.83 -25.60
C ALA T 89 66.79 15.64 -24.50
N LEU T 90 67.07 14.74 -23.55
CA LEU T 90 66.13 14.53 -22.46
C LEU T 90 66.01 15.76 -21.58
N ALA T 91 67.13 16.42 -21.29
CA ALA T 91 67.06 17.67 -20.53
C ALA T 91 66.23 18.71 -21.25
N ALA T 92 66.45 18.86 -22.56
CA ALA T 92 65.71 19.85 -23.33
C ALA T 92 64.22 19.56 -23.36
N LEU T 93 63.85 18.29 -23.52
CA LEU T 93 62.43 17.93 -23.53
C LEU T 93 61.77 18.21 -22.19
N HIS T 94 62.42 17.83 -21.09
CA HIS T 94 61.82 18.13 -19.81
C HIS T 94 61.69 19.63 -19.58
N LYS T 95 62.66 20.42 -20.04
CA LYS T 95 62.51 21.86 -19.96
C LYS T 95 61.33 22.34 -20.80
N LEU T 96 61.11 21.72 -21.97
CA LEU T 96 59.96 22.06 -22.79
C LEU T 96 58.66 21.81 -22.03
N LEU T 97 58.66 20.86 -21.10
CA LEU T 97 57.47 20.68 -20.28
C LEU T 97 57.31 21.77 -19.22
N ASP T 98 58.38 22.48 -18.90
CA ASP T 98 58.39 23.44 -17.79
C ASP T 98 58.10 24.87 -18.22
N GLY T 99 57.02 25.10 -18.95
CA GLY T 99 56.63 26.47 -19.24
C GLY T 99 57.00 27.01 -20.61
N GLY T 100 56.14 27.87 -21.16
CA GLY T 100 56.32 28.50 -22.45
C GLY T 100 55.04 28.52 -23.24
N ASN T 101 55.17 28.82 -24.53
CA ASN T 101 54.04 28.77 -25.44
C ASN T 101 53.87 27.34 -25.95
N ILE T 102 52.61 26.89 -26.04
CA ILE T 102 52.34 25.49 -26.32
C ILE T 102 52.82 25.11 -27.73
N GLU T 103 52.45 25.93 -28.72
CA GLU T 103 52.78 25.60 -30.11
C GLU T 103 54.28 25.70 -30.35
N VAL T 104 54.93 26.71 -29.79
CA VAL T 104 56.38 26.84 -29.91
C VAL T 104 57.07 25.65 -29.26
N ASN T 105 56.58 25.22 -28.10
CA ASN T 105 57.18 24.07 -27.43
C ASN T 105 57.02 22.80 -28.24
N ILE T 106 55.85 22.60 -28.86
CA ILE T 106 55.66 21.42 -29.70
C ILE T 106 56.60 21.46 -30.90
N LEU T 107 56.74 22.63 -31.53
CA LEU T 107 57.67 22.77 -32.65
C LEU T 107 59.10 22.47 -32.22
N LEU T 108 59.49 22.93 -31.03
CA LEU T 108 60.84 22.66 -30.54
C LEU T 108 61.04 21.18 -30.27
N ALA T 109 60.03 20.49 -29.75
CA ALA T 109 60.13 19.06 -29.55
C ALA T 109 60.33 18.33 -30.87
N LEU T 110 59.55 18.71 -31.88
CA LEU T 110 59.73 18.10 -33.20
C LEU T 110 61.11 18.40 -33.77
N ARG T 111 61.63 19.60 -33.52
CA ARG T 111 62.96 19.94 -34.02
C ARG T 111 64.05 19.12 -33.34
N ILE T 112 63.90 18.87 -32.03
CA ILE T 112 64.85 17.99 -31.34
C ILE T 112 64.81 16.59 -31.92
N LEU T 113 63.59 16.09 -32.17
CA LEU T 113 63.46 14.77 -32.78
C LEU T 113 64.11 14.71 -34.16
N GLU T 114 63.93 15.77 -34.96
CA GLU T 114 64.54 15.80 -36.28
C GLU T 114 66.06 15.85 -36.19
N LYS T 115 66.60 16.57 -35.21
CA LYS T 115 68.05 16.58 -35.02
C LYS T 115 68.56 15.20 -34.67
N ALA T 116 67.84 14.48 -33.79
CA ALA T 116 68.22 13.12 -33.46
C ALA T 116 68.18 12.22 -34.70
N ILE T 117 67.17 12.38 -35.55
CA ILE T 117 67.06 11.58 -36.76
C ILE T 117 68.21 11.88 -37.71
N ASN T 118 68.59 13.15 -37.83
CA ASN T 118 69.71 13.51 -38.68
C ASN T 118 71.02 12.91 -38.16
N PHE T 119 71.21 12.92 -36.84
CA PHE T 119 72.38 12.25 -36.28
C PHE T 119 72.35 10.76 -36.55
N LEU T 120 71.16 10.14 -36.46
CA LEU T 120 71.02 8.74 -36.84
C LEU T 120 71.46 8.50 -38.27
N LYS T 121 71.06 9.38 -39.19
CA LYS T 121 71.48 9.26 -40.58
C LYS T 121 73.00 9.36 -40.70
N MET T 122 73.60 10.32 -40.00
CA MET T 122 75.03 10.54 -40.13
C MET T 122 75.84 9.37 -39.57
N VAL T 123 75.38 8.81 -38.45
CA VAL T 123 76.09 7.69 -37.83
C VAL T 123 76.06 6.43 -38.68
N GLY T 124 74.90 6.07 -39.24
CA GLY T 124 74.81 4.86 -40.04
C GLY T 124 74.27 3.67 -39.28
N MET T 125 75.06 2.60 -39.19
CA MET T 125 74.64 1.40 -38.50
C MET T 125 74.47 1.67 -37.02
N VAL T 126 73.44 1.05 -36.44
CA VAL T 126 73.09 1.24 -35.03
C VAL T 126 72.95 -0.13 -34.38
N GLY T 127 73.57 -0.30 -33.21
CA GLY T 127 73.49 -1.55 -32.47
C GLY T 127 72.29 -1.58 -31.55
N GLU T 128 72.36 -2.48 -30.56
CA GLU T 128 71.26 -2.64 -29.63
C GLU T 128 71.18 -1.46 -28.65
N LYS T 129 72.32 -1.06 -28.09
CA LYS T 129 72.32 0.05 -27.13
C LYS T 129 71.86 1.35 -27.79
N GLU T 130 72.37 1.62 -29.00
CA GLU T 130 71.95 2.82 -29.72
C GLU T 130 70.48 2.75 -30.09
N PHE T 131 69.98 1.56 -30.43
CA PHE T 131 68.55 1.39 -30.69
C PHE T 131 67.74 1.75 -29.46
N GLU T 132 68.18 1.27 -28.29
CA GLU T 132 67.46 1.58 -27.05
C GLU T 132 67.47 3.08 -26.77
N ILE T 133 68.61 3.73 -26.98
CA ILE T 133 68.71 5.17 -26.71
C ILE T 133 67.81 5.95 -27.65
N ALA T 134 67.80 5.60 -28.93
CA ALA T 134 66.96 6.30 -29.89
C ALA T 134 65.48 6.10 -29.58
N VAL T 135 65.09 4.89 -29.20
CA VAL T 135 63.69 4.65 -28.84
C VAL T 135 63.32 5.43 -27.59
N LYS T 136 64.26 5.57 -26.65
CA LYS T 136 64.00 6.37 -25.45
C LYS T 136 63.75 7.82 -25.82
N ILE T 137 64.58 8.38 -26.70
CA ILE T 137 64.39 9.76 -27.14
C ILE T 137 63.04 9.94 -27.82
N LEU T 138 62.70 9.00 -28.72
CA LEU T 138 61.43 9.08 -29.43
C LEU T 138 60.25 9.02 -28.46
N GLU T 139 60.32 8.13 -27.47
CA GLU T 139 59.24 7.99 -26.51
C GLU T 139 59.08 9.24 -25.64
N ALA T 140 60.21 9.81 -25.20
CA ALA T 140 60.14 11.04 -24.41
C ALA T 140 59.51 12.17 -25.21
N ALA T 141 59.90 12.31 -26.48
CA ALA T 141 59.33 13.34 -27.33
C ALA T 141 57.83 13.12 -27.52
N LEU T 142 57.43 11.86 -27.73
CA LEU T 142 56.01 11.56 -27.92
C LEU T 142 55.19 11.93 -26.69
N HIS T 143 55.70 11.60 -25.50
CA HIS T 143 54.97 11.92 -24.28
C HIS T 143 54.86 13.43 -24.08
N VAL T 144 55.95 14.15 -24.34
CA VAL T 144 55.92 15.61 -24.24
C VAL T 144 54.88 16.18 -25.20
N VAL T 145 54.85 15.68 -26.43
CA VAL T 145 53.94 16.22 -27.44
C VAL T 145 52.49 15.94 -27.08
N LEU T 146 52.19 14.72 -26.60
CA LEU T 146 50.82 14.41 -26.22
C LEU T 146 50.37 15.28 -25.04
N THR T 147 51.22 15.43 -24.04
CA THR T 147 50.89 16.25 -22.89
C THR T 147 50.62 17.68 -23.29
N LEU T 148 51.46 18.25 -24.16
CA LEU T 148 51.26 19.64 -24.56
C LEU T 148 50.08 19.80 -25.50
N SER T 149 49.77 18.77 -26.30
CA SER T 149 48.69 18.89 -27.26
C SER T 149 47.32 18.72 -26.62
N ARG T 150 47.27 18.21 -25.39
CA ARG T 150 45.98 18.18 -24.71
C ARG T 150 45.36 19.57 -24.56
N LEU T 151 46.16 20.63 -24.62
CA LEU T 151 45.68 21.98 -24.41
C LEU T 151 45.49 22.78 -25.70
N LEU T 152 45.47 22.13 -26.86
CA LEU T 152 45.28 22.82 -28.12
C LEU T 152 43.83 22.75 -28.56
N ASN T 153 43.53 23.47 -29.64
CA ASN T 153 42.22 23.40 -30.27
C ASN T 153 42.09 22.12 -31.09
N GLU T 154 40.92 21.90 -31.68
CA GLU T 154 40.66 20.66 -32.39
C GLU T 154 41.55 20.52 -33.61
N LEU T 155 41.55 21.53 -34.48
CA LEU T 155 42.32 21.46 -35.70
C LEU T 155 43.82 21.38 -35.43
N GLU T 156 44.31 22.17 -34.48
CA GLU T 156 45.73 22.12 -34.13
C GLU T 156 46.11 20.78 -33.54
N PHE T 157 45.23 20.20 -32.71
CA PHE T 157 45.52 18.90 -32.11
C PHE T 157 45.65 17.83 -33.19
N VAL T 158 44.69 17.79 -34.13
CA VAL T 158 44.74 16.76 -35.16
C VAL T 158 45.92 16.98 -36.09
N LYS T 159 46.26 18.25 -36.37
CA LYS T 159 47.42 18.54 -37.21
C LYS T 159 48.71 18.06 -36.54
N VAL T 160 48.85 18.30 -35.23
CA VAL T 160 50.02 17.86 -34.50
C VAL T 160 50.10 16.34 -34.50
N LEU T 161 48.95 15.67 -34.34
CA LEU T 161 48.92 14.21 -34.39
C LEU T 161 49.43 13.69 -35.72
N VAL T 162 48.90 14.23 -36.82
CA VAL T 162 49.31 13.76 -38.15
C VAL T 162 50.78 14.03 -38.39
N GLU T 163 51.26 15.21 -37.98
CA GLU T 163 52.67 15.53 -38.13
C GLU T 163 53.55 14.55 -37.38
N PHE T 164 53.17 14.20 -36.15
CA PHE T 164 54.00 13.27 -35.38
C PHE T 164 53.96 11.87 -35.95
N ILE T 165 52.83 11.46 -36.52
CA ILE T 165 52.77 10.15 -37.17
C ILE T 165 53.72 10.11 -38.36
N ASN T 166 53.73 11.18 -39.16
CA ASN T 166 54.69 11.23 -40.27
C ASN T 166 56.12 11.22 -39.78
N LEU T 167 56.40 11.92 -38.67
CA LEU T 167 57.74 11.92 -38.11
C LEU T 167 58.15 10.52 -37.63
N ILE T 168 57.22 9.78 -37.03
CA ILE T 168 57.51 8.41 -36.63
C ILE T 168 57.82 7.56 -37.84
N ALA T 169 57.08 7.76 -38.93
CA ALA T 169 57.37 7.03 -40.17
C ALA T 169 58.78 7.32 -40.65
N LYS T 170 59.18 8.59 -40.66
CA LYS T 170 60.53 8.94 -41.08
C LYS T 170 61.58 8.33 -40.17
N PHE T 171 61.34 8.36 -38.86
CA PHE T 171 62.29 7.83 -37.90
C PHE T 171 62.50 6.34 -38.10
N PHE T 172 61.42 5.59 -38.30
CA PHE T 172 61.55 4.16 -38.54
C PHE T 172 62.12 3.85 -39.92
N LYS T 173 61.89 4.70 -40.91
CA LYS T 173 62.53 4.50 -42.20
C LYS T 173 64.03 4.68 -42.13
N VAL T 174 64.52 5.67 -41.39
CA VAL T 174 65.96 5.89 -41.27
C VAL T 174 66.65 4.86 -40.38
N LEU T 175 66.01 4.43 -39.30
CA LEU T 175 66.63 3.56 -38.30
C LEU T 175 66.49 2.10 -38.71
N LYS T 176 67.56 1.34 -38.54
CA LYS T 176 67.60 -0.07 -38.94
C LYS T 176 67.62 -0.97 -37.70
N GLY T 177 66.96 -2.11 -37.81
CA GLY T 177 66.92 -3.06 -36.71
C GLY T 177 66.10 -4.27 -37.10
N GLU T 178 66.04 -5.22 -36.18
CA GLU T 178 65.29 -6.45 -36.41
C GLU T 178 63.80 -6.14 -36.49
N PRO T 179 63.06 -6.76 -37.41
CA PRO T 179 61.64 -6.38 -37.61
C PRO T 179 60.77 -6.56 -36.38
N GLU T 180 61.02 -7.57 -35.56
CA GLU T 180 60.15 -7.83 -34.41
C GLU T 180 60.23 -6.72 -33.39
N LYS T 181 61.45 -6.26 -33.07
CA LYS T 181 61.61 -5.19 -32.10
C LYS T 181 60.96 -3.91 -32.58
N LYS T 182 61.18 -3.55 -33.85
CA LYS T 182 60.55 -2.36 -34.40
C LYS T 182 59.04 -2.48 -34.40
N LYS T 183 58.52 -3.68 -34.69
CA LYS T 183 57.08 -3.89 -34.64
C LYS T 183 56.53 -3.67 -33.24
N ARG T 184 57.21 -4.19 -32.23
CA ARG T 184 56.75 -4.01 -30.85
C ARG T 184 56.79 -2.53 -30.43
N VAL T 185 57.87 -1.84 -30.79
CA VAL T 185 57.98 -0.42 -30.45
C VAL T 185 56.88 0.38 -31.13
N LEU T 186 56.64 0.09 -32.42
CA LEU T 186 55.60 0.80 -33.16
C LEU T 186 54.23 0.55 -32.54
N LEU T 187 53.96 -0.69 -32.15
CA LEU T 187 52.68 -1.00 -31.53
C LEU T 187 52.50 -0.23 -30.22
N LYS T 188 53.56 -0.15 -29.41
CA LYS T 188 53.46 0.60 -28.16
C LYS T 188 53.17 2.08 -28.41
N LEU T 189 53.90 2.68 -29.37
CA LEU T 189 53.66 4.09 -29.69
C LEU T 189 52.23 4.30 -30.18
N LEU T 190 51.73 3.38 -31.02
CA LEU T 190 50.38 3.52 -31.54
C LEU T 190 49.35 3.40 -30.43
N GLU T 191 49.57 2.52 -29.45
CA GLU T 191 48.67 2.43 -28.32
C GLU T 191 48.65 3.73 -27.52
N ASP T 192 49.82 4.34 -27.32
CA ASP T 192 49.86 5.63 -26.63
C ASP T 192 49.02 6.68 -27.38
N ILE T 193 49.25 6.79 -28.68
CA ILE T 193 48.53 7.78 -29.48
C ILE T 193 47.03 7.50 -29.46
N LYS T 194 46.64 6.23 -29.58
CA LYS T 194 45.22 5.88 -29.59
C LYS T 194 44.57 6.18 -28.26
N LYS T 195 45.25 5.89 -27.16
CA LYS T 195 44.76 6.26 -25.83
C LYS T 195 44.43 7.75 -25.76
N VAL T 196 45.40 8.60 -26.12
CA VAL T 196 45.16 10.03 -26.01
C VAL T 196 44.03 10.47 -26.94
N PHE T 197 44.04 9.96 -28.18
CA PHE T 197 43.06 10.38 -29.17
C PHE T 197 41.65 9.95 -28.79
N GLU T 198 41.49 8.75 -28.24
CA GLU T 198 40.16 8.27 -27.87
C GLU T 198 39.65 8.97 -26.63
N LEU T 199 40.54 9.42 -25.74
CA LEU T 199 40.09 10.30 -24.68
C LEU T 199 39.65 11.65 -25.22
N TRP T 200 40.37 12.16 -26.21
CA TRP T 200 40.15 13.53 -26.69
C TRP T 200 38.91 13.65 -27.58
N ILE T 201 38.63 12.63 -28.40
CA ILE T 201 37.62 12.76 -29.45
C ILE T 201 36.21 12.97 -28.92
N THR T 202 35.98 12.71 -27.63
CA THR T 202 34.63 12.78 -27.10
C THR T 202 34.08 14.20 -26.98
N ARG T 203 34.85 15.21 -27.36
CA ARG T 203 34.45 16.60 -27.15
C ARG T 203 34.17 17.36 -28.44
N VAL T 204 34.06 16.66 -29.57
CA VAL T 204 34.07 17.36 -30.86
C VAL T 204 32.83 17.09 -31.69
N ASN T 205 31.73 16.60 -31.08
CA ASN T 205 30.44 16.46 -31.75
C ASN T 205 30.45 15.34 -32.78
N PRO T 206 29.36 14.55 -32.86
CA PRO T 206 29.44 13.25 -33.55
C PRO T 206 29.77 13.24 -35.04
N GLU T 207 29.77 14.39 -35.71
CA GLU T 207 30.16 14.42 -37.12
C GLU T 207 31.63 14.76 -37.31
N GLN T 208 32.13 15.76 -36.60
CA GLN T 208 33.57 15.96 -36.55
C GLN T 208 34.27 14.72 -35.99
N GLN T 209 33.60 13.99 -35.10
CA GLN T 209 34.13 12.73 -34.61
C GLN T 209 34.41 11.78 -35.77
N ILE T 210 33.43 11.61 -36.67
CA ILE T 210 33.60 10.70 -37.79
C ILE T 210 34.72 11.21 -38.70
N LEU T 211 34.71 12.50 -39.02
CA LEU T 211 35.73 13.05 -39.91
C LEU T 211 37.14 12.80 -39.37
N PHE T 212 37.38 13.19 -38.11
CA PHE T 212 38.70 13.06 -37.53
C PHE T 212 39.07 11.60 -37.34
N THR T 213 38.10 10.74 -37.04
CA THR T 213 38.39 9.33 -36.85
C THR T 213 38.87 8.69 -38.13
N GLU T 214 38.17 8.93 -39.25
CA GLU T 214 38.65 8.38 -40.52
C GLU T 214 40.04 8.93 -40.85
N LEU T 215 40.25 10.22 -40.67
CA LEU T 215 41.55 10.80 -41.01
C LEU T 215 42.68 10.15 -40.21
N VAL T 216 42.53 10.09 -38.88
CA VAL T 216 43.58 9.57 -38.02
C VAL T 216 43.80 8.09 -38.25
N TYR T 217 42.72 7.33 -38.44
CA TYR T 217 42.86 5.89 -38.62
C TYR T 217 43.53 5.56 -39.94
N SER T 218 43.21 6.32 -41.00
CA SER T 218 43.90 6.14 -42.27
C SER T 218 45.38 6.48 -42.14
N ALA T 219 45.71 7.54 -41.39
CA ALA T 219 47.11 7.87 -41.17
C ALA T 219 47.84 6.74 -40.46
N ILE T 220 47.21 6.16 -39.44
CA ILE T 220 47.84 5.07 -38.69
C ILE T 220 48.04 3.85 -39.58
N GLU T 221 47.05 3.52 -40.42
CA GLU T 221 47.21 2.38 -41.31
C GLU T 221 48.31 2.62 -42.34
N ASP T 222 48.41 3.85 -42.85
CA ASP T 222 49.51 4.16 -43.77
C ASP T 222 50.86 4.00 -43.08
N LEU T 223 50.96 4.47 -41.83
CA LEU T 223 52.20 4.29 -41.07
C LEU T 223 52.53 2.82 -40.90
N LYS T 224 51.53 2.01 -40.56
CA LYS T 224 51.76 0.58 -40.37
C LYS T 224 52.26 -0.06 -41.66
N LYS T 225 51.63 0.26 -42.79
CA LYS T 225 52.04 -0.33 -44.06
C LYS T 225 53.47 0.08 -44.41
N HIS T 226 53.78 1.37 -44.30
CA HIS T 226 55.14 1.84 -44.60
C HIS T 226 56.16 1.14 -43.71
N THR T 227 55.90 1.08 -42.41
CA THR T 227 56.86 0.49 -41.49
C THR T 227 57.05 -0.99 -41.75
N LEU T 228 55.97 -1.73 -41.98
CA LEU T 228 56.10 -3.17 -42.18
C LEU T 228 56.76 -3.49 -43.52
N GLU T 229 56.58 -2.65 -44.53
CA GLU T 229 57.35 -2.83 -45.76
C GLU T 229 58.82 -2.49 -45.55
N VAL T 230 59.10 -1.53 -44.67
CA VAL T 230 60.49 -1.25 -44.31
C VAL T 230 61.11 -2.46 -43.61
N LEU T 231 60.32 -3.14 -42.79
CA LEU T 231 60.82 -4.30 -42.05
C LEU T 231 61.26 -5.41 -42.99
N GLY T 232 60.50 -5.66 -44.05
CA GLY T 232 60.77 -6.76 -44.96
C GLY T 232 62.17 -6.81 -45.54
N ASN U 25 -1.89 -68.91 13.52
CA ASN U 25 -3.24 -69.45 13.41
C ASN U 25 -4.24 -68.54 14.13
N THR U 26 -5.47 -68.48 13.60
CA THR U 26 -6.48 -67.61 14.18
C THR U 26 -6.92 -68.12 15.55
N VAL U 27 -7.00 -69.44 15.71
CA VAL U 27 -7.58 -70.02 16.92
C VAL U 27 -6.77 -69.63 18.15
N GLU U 28 -5.44 -69.72 18.08
CA GLU U 28 -4.62 -69.35 19.22
C GLU U 28 -4.78 -67.87 19.56
N LYS U 29 -4.94 -67.03 18.53
CA LYS U 29 -5.22 -65.62 18.78
C LYS U 29 -6.54 -65.45 19.52
N VAL U 30 -7.57 -66.20 19.13
CA VAL U 30 -8.87 -66.05 19.79
C VAL U 30 -8.80 -66.49 21.24
N LEU U 31 -8.12 -67.61 21.52
CA LEU U 31 -7.98 -68.01 22.93
C LEU U 31 -7.11 -67.05 23.73
N LYS U 32 -6.10 -66.44 23.10
CA LYS U 32 -5.32 -65.44 23.83
C LYS U 32 -6.19 -64.22 24.16
N VAL U 33 -7.07 -63.84 23.24
CA VAL U 33 -8.02 -62.75 23.51
C VAL U 33 -8.95 -63.14 24.64
N LYS U 34 -9.38 -64.41 24.64
CA LYS U 34 -10.25 -64.90 25.72
C LYS U 34 -9.56 -64.80 27.07
N GLU U 35 -8.30 -65.22 27.15
CA GLU U 35 -7.58 -65.16 28.41
C GLU U 35 -7.41 -63.73 28.88
N GLU U 36 -7.05 -62.82 27.96
CA GLU U 36 -6.92 -61.42 28.32
C GLU U 36 -8.25 -60.85 28.82
N ALA U 37 -9.36 -61.23 28.16
CA ALA U 37 -10.66 -60.76 28.57
C ALA U 37 -11.03 -61.24 29.98
N GLU U 38 -10.73 -62.51 30.27
CA GLU U 38 -11.03 -63.02 31.62
C GLU U 38 -10.19 -62.31 32.67
N LYS U 39 -8.91 -62.06 32.38
CA LYS U 39 -8.08 -61.33 33.32
C LYS U 39 -8.63 -59.93 33.56
N ARG U 40 -9.04 -59.24 32.49
CA ARG U 40 -9.62 -57.92 32.65
C ARG U 40 -10.92 -57.96 33.44
N ILE U 41 -11.73 -58.99 33.23
CA ILE U 41 -12.99 -59.12 33.96
C ILE U 41 -12.73 -59.27 35.45
N ALA U 42 -11.73 -60.09 35.80
CA ALA U 42 -11.36 -60.22 37.22
C ALA U 42 -10.86 -58.90 37.79
N GLU U 43 -10.02 -58.19 37.04
CA GLU U 43 -9.52 -56.90 37.51
C GLU U 43 -10.66 -55.93 37.77
N ILE U 44 -11.63 -55.89 36.85
CA ILE U 44 -12.78 -54.98 37.02
C ILE U 44 -13.64 -55.43 38.19
N GLU U 45 -13.80 -56.74 38.38
CA GLU U 45 -14.59 -57.25 39.50
C GLU U 45 -13.96 -56.85 40.82
N LYS U 46 -12.65 -56.65 40.84
CA LYS U 46 -11.99 -56.19 42.07
C LYS U 46 -11.90 -54.67 42.19
N LEU U 47 -12.86 -53.93 41.64
CA LEU U 47 -12.79 -52.47 41.60
C LEU U 47 -13.56 -51.76 42.71
N GLU U 48 -14.61 -52.38 43.24
CA GLU U 48 -15.35 -51.88 44.40
C GLU U 48 -16.10 -50.58 44.12
N ASN U 49 -16.07 -50.09 42.89
CA ASN U 49 -16.85 -48.94 42.49
C ASN U 49 -17.65 -49.27 41.24
N ILE U 50 -18.97 -49.39 41.38
CA ILE U 50 -19.80 -49.96 40.32
C ILE U 50 -19.96 -49.04 39.11
N GLU U 51 -20.02 -47.73 39.30
CA GLU U 51 -20.18 -46.82 38.16
C GLU U 51 -18.96 -46.88 37.24
N GLU U 52 -17.76 -46.98 37.82
CA GLU U 52 -16.54 -47.08 37.04
C GLU U 52 -16.26 -48.49 36.56
N ALA U 53 -17.10 -49.46 36.92
CA ALA U 53 -16.91 -50.84 36.49
C ALA U 53 -17.70 -51.18 35.23
N VAL U 54 -18.95 -50.70 35.14
CA VAL U 54 -19.75 -50.97 33.95
C VAL U 54 -19.14 -50.30 32.73
N LEU U 55 -18.58 -49.09 32.90
CA LEU U 55 -17.96 -48.41 31.78
C LEU U 55 -16.72 -49.14 31.29
N LYS U 56 -15.91 -49.65 32.22
CA LYS U 56 -14.76 -50.45 31.83
C LYS U 56 -15.17 -51.74 31.14
N LEU U 57 -16.26 -52.36 31.61
CA LEU U 57 -16.75 -53.56 30.94
C LEU U 57 -17.22 -53.25 29.52
N LEU U 58 -17.89 -52.10 29.33
CA LEU U 58 -18.28 -51.71 27.98
C LEU U 58 -17.08 -51.44 27.09
N GLU U 59 -16.03 -50.82 27.65
CA GLU U 59 -14.81 -50.60 26.88
C GLU U 59 -14.18 -51.94 26.48
N LEU U 60 -14.16 -52.90 27.41
CA LEU U 60 -13.64 -54.22 27.08
C LEU U 60 -14.44 -54.90 25.99
N LEU U 61 -15.77 -54.79 26.06
CA LEU U 61 -16.63 -55.35 25.02
C LEU U 61 -16.33 -54.71 23.67
N ASP U 62 -16.17 -53.39 23.64
CA ASP U 62 -15.85 -52.71 22.40
C ASP U 62 -14.52 -53.19 21.83
N GLU U 63 -13.52 -53.35 22.71
CA GLU U 63 -12.21 -53.84 22.27
C GLU U 63 -12.33 -55.23 21.66
N VAL U 64 -13.08 -56.11 22.33
CA VAL U 64 -13.24 -57.48 21.83
C VAL U 64 -13.93 -57.47 20.48
N ILE U 65 -14.95 -56.62 20.31
CA ILE U 65 -15.64 -56.55 19.02
C ILE U 65 -14.70 -56.03 17.94
N HIS U 66 -13.84 -55.07 18.27
CA HIS U 66 -12.89 -54.57 17.28
C HIS U 66 -11.93 -55.68 16.84
N GLU U 67 -11.40 -56.45 17.79
CA GLU U 67 -10.54 -57.57 17.42
C GLU U 67 -11.29 -58.59 16.58
N ALA U 68 -12.56 -58.86 16.93
CA ALA U 68 -13.34 -59.82 16.17
C ALA U 68 -13.50 -59.36 14.72
N ALA U 69 -13.76 -58.07 14.53
CA ALA U 69 -13.89 -57.54 13.17
C ALA U 69 -12.56 -57.57 12.43
N LEU U 70 -11.45 -57.49 13.17
CA LEU U 70 -10.14 -57.45 12.53
C LEU U 70 -9.85 -58.72 11.75
N LEU U 71 -10.16 -59.88 12.33
CA LEU U 71 -9.86 -61.16 11.71
C LEU U 71 -11.10 -61.76 11.05
N PRO U 72 -10.95 -62.56 10.00
CA PRO U 72 -12.12 -63.13 9.35
C PRO U 72 -12.71 -64.28 10.18
N ILE U 73 -14.03 -64.36 10.18
CA ILE U 73 -14.73 -65.31 11.04
C ILE U 73 -14.75 -66.68 10.39
N THR U 74 -14.71 -67.71 11.20
CA THR U 74 -14.73 -69.10 10.78
C THR U 74 -15.62 -69.88 11.74
N PRO U 75 -16.12 -71.05 11.32
CA PRO U 75 -17.02 -71.80 12.21
C PRO U 75 -16.42 -72.17 13.55
N GLU U 76 -15.12 -72.43 13.61
CA GLU U 76 -14.52 -72.87 14.87
C GLU U 76 -14.37 -71.71 15.86
N THR U 77 -14.05 -70.51 15.36
CA THR U 77 -13.83 -69.38 16.24
C THR U 77 -15.13 -68.67 16.64
N LYS U 78 -16.23 -68.97 15.96
CA LYS U 78 -17.50 -68.32 16.28
C LYS U 78 -17.92 -68.66 17.71
N LEU U 79 -17.78 -69.92 18.10
CA LEU U 79 -18.17 -70.34 19.44
C LEU U 79 -17.34 -69.62 20.49
N ILE U 80 -16.02 -69.51 20.28
CA ILE U 80 -15.16 -68.86 21.27
C ILE U 80 -15.51 -67.39 21.39
N TRP U 81 -15.73 -66.72 20.24
CA TRP U 81 -16.14 -65.32 20.27
C TRP U 81 -17.43 -65.17 21.05
N TRP U 82 -18.37 -66.10 20.87
CA TRP U 82 -19.63 -66.00 21.57
C TRP U 82 -19.48 -66.22 23.07
N GLU U 83 -18.57 -67.12 23.48
CA GLU U 83 -18.32 -67.28 24.92
C GLU U 83 -17.75 -66.00 25.51
N ILE U 84 -16.81 -65.36 24.81
CA ILE U 84 -16.24 -64.12 25.33
C ILE U 84 -17.33 -63.05 25.46
N ILE U 85 -18.14 -62.90 24.42
CA ILE U 85 -19.20 -61.89 24.44
C ILE U 85 -20.18 -62.18 25.57
N GLU U 86 -20.56 -63.46 25.73
CA GLU U 86 -21.51 -63.83 26.76
C GLU U 86 -20.98 -63.53 28.16
N ALA U 87 -19.71 -63.87 28.40
CA ALA U 87 -19.13 -63.62 29.71
C ALA U 87 -19.13 -62.13 30.03
N ILE U 88 -18.64 -61.31 29.10
CA ILE U 88 -18.58 -59.87 29.35
C ILE U 88 -19.97 -59.30 29.55
N ALA U 89 -20.92 -59.70 28.70
CA ALA U 89 -22.28 -59.15 28.77
C ALA U 89 -22.98 -59.53 30.07
N LEU U 90 -22.84 -60.78 30.49
CA LEU U 90 -23.50 -61.21 31.73
C LEU U 90 -22.90 -60.49 32.93
N ALA U 91 -21.56 -60.33 32.95
CA ALA U 91 -20.94 -59.58 34.05
C ALA U 91 -21.45 -58.14 34.07
N ALA U 92 -21.52 -57.50 32.90
CA ALA U 92 -21.97 -56.11 32.85
C ALA U 92 -23.42 -55.97 33.29
N LEU U 93 -24.29 -56.90 32.88
CA LEU U 93 -25.69 -56.81 33.28
C LEU U 93 -25.84 -57.00 34.80
N HIS U 94 -25.15 -57.98 35.37
CA HIS U 94 -25.25 -58.13 36.81
C HIS U 94 -24.72 -56.91 37.54
N LYS U 95 -23.62 -56.32 37.07
CA LYS U 95 -23.14 -55.08 37.68
C LYS U 95 -24.17 -53.96 37.54
N LEU U 96 -24.93 -53.93 36.44
CA LEU U 96 -25.99 -52.95 36.31
C LEU U 96 -27.04 -53.14 37.38
N LEU U 97 -27.27 -54.38 37.80
CA LEU U 97 -28.20 -54.60 38.91
C LEU U 97 -27.65 -54.10 40.24
N ASP U 98 -26.33 -53.98 40.37
CA ASP U 98 -25.69 -53.71 41.66
C ASP U 98 -25.42 -52.22 41.88
N GLY U 99 -26.43 -51.36 41.74
CA GLY U 99 -26.26 -49.97 42.11
C GLY U 99 -26.06 -48.99 40.97
N GLY U 100 -26.55 -47.76 41.15
CA GLY U 100 -26.42 -46.69 40.19
C GLY U 100 -27.72 -45.94 40.03
N ASN U 101 -27.82 -45.18 38.95
CA ASN U 101 -29.05 -44.48 38.60
C ASN U 101 -29.90 -45.36 37.70
N ILE U 102 -31.21 -45.36 37.94
CA ILE U 102 -32.09 -46.35 37.31
C ILE U 102 -32.16 -46.11 35.80
N GLU U 103 -32.40 -44.88 35.39
CA GLU U 103 -32.57 -44.60 33.95
C GLU U 103 -31.28 -44.86 33.19
N VAL U 104 -30.15 -44.43 33.73
CA VAL U 104 -28.87 -44.67 33.08
C VAL U 104 -28.60 -46.16 32.99
N ASN U 105 -28.94 -46.91 34.03
CA ASN U 105 -28.72 -48.36 34.01
C ASN U 105 -29.58 -49.05 32.97
N ILE U 106 -30.84 -48.64 32.83
CA ILE U 106 -31.71 -49.21 31.80
C ILE U 106 -31.16 -48.89 30.42
N LEU U 107 -30.72 -47.65 30.22
CA LEU U 107 -30.12 -47.28 28.93
C LEU U 107 -28.88 -48.13 28.63
N LEU U 108 -28.04 -48.35 29.65
CA LEU U 108 -26.83 -49.17 29.45
C LEU U 108 -27.18 -50.61 29.11
N ALA U 109 -28.22 -51.16 29.75
CA ALA U 109 -28.67 -52.51 29.41
C ALA U 109 -29.10 -52.59 27.95
N LEU U 110 -29.88 -51.60 27.51
CA LEU U 110 -30.29 -51.59 26.11
C LEU U 110 -29.09 -51.45 25.18
N ARG U 111 -28.08 -50.68 25.60
CA ARG U 111 -26.88 -50.50 24.79
C ARG U 111 -26.09 -51.80 24.66
N ILE U 112 -25.99 -52.57 25.76
CA ILE U 112 -25.34 -53.87 25.70
C ILE U 112 -26.09 -54.80 24.74
N LEU U 113 -27.42 -54.80 24.84
CA LEU U 113 -28.21 -55.63 23.92
C LEU U 113 -27.98 -55.22 22.47
N GLU U 114 -27.91 -53.91 22.20
CA GLU U 114 -27.69 -53.45 20.84
C GLU U 114 -26.31 -53.85 20.32
N LYS U 115 -25.29 -53.79 21.18
CA LYS U 115 -23.97 -54.27 20.76
C LYS U 115 -23.99 -55.76 20.44
N ALA U 116 -24.70 -56.54 21.25
CA ALA U 116 -24.85 -57.97 20.96
C ALA U 116 -25.54 -58.19 19.60
N ILE U 117 -26.57 -57.39 19.31
CA ILE U 117 -27.27 -57.52 18.04
C ILE U 117 -26.36 -57.16 16.87
N ASN U 118 -25.55 -56.11 17.03
CA ASN U 118 -24.61 -55.74 15.97
C ASN U 118 -23.57 -56.85 15.74
N PHE U 119 -23.09 -57.47 16.82
CA PHE U 119 -22.19 -58.60 16.65
C PHE U 119 -22.88 -59.75 15.93
N LEU U 120 -24.15 -59.99 16.25
CA LEU U 120 -24.92 -61.02 15.54
C LEU U 120 -24.99 -60.71 14.05
N LYS U 121 -25.21 -59.44 13.70
CA LYS U 121 -25.21 -59.05 12.30
C LYS U 121 -23.86 -59.33 11.66
N MET U 122 -22.77 -58.98 12.34
CA MET U 122 -21.44 -59.13 11.76
C MET U 122 -21.09 -60.60 11.55
N VAL U 123 -21.45 -61.46 12.51
CA VAL U 123 -21.16 -62.88 12.40
C VAL U 123 -21.90 -63.55 11.25
N GLY U 124 -23.19 -63.27 11.08
CA GLY U 124 -23.96 -63.90 10.04
C GLY U 124 -24.78 -65.09 10.52
N MET U 125 -24.51 -66.26 9.95
CA MET U 125 -25.25 -67.46 10.32
C MET U 125 -24.93 -67.86 11.77
N VAL U 126 -25.95 -68.35 12.46
CA VAL U 126 -25.85 -68.72 13.87
C VAL U 126 -26.38 -70.14 14.02
N GLY U 127 -25.61 -70.99 14.72
CA GLY U 127 -26.00 -72.35 14.97
C GLY U 127 -26.84 -72.49 16.23
N GLU U 128 -26.89 -73.72 16.75
CA GLU U 128 -27.71 -73.99 17.92
C GLU U 128 -27.08 -73.41 19.18
N LYS U 129 -25.78 -73.61 19.36
CA LYS U 129 -25.10 -73.10 20.56
C LYS U 129 -25.12 -71.58 20.60
N GLU U 130 -24.86 -70.95 19.45
CA GLU U 130 -24.91 -69.50 19.37
C GLU U 130 -26.33 -68.99 19.61
N PHE U 131 -27.34 -69.71 19.11
CA PHE U 131 -28.72 -69.37 19.40
C PHE U 131 -28.98 -69.39 20.91
N GLU U 132 -28.50 -70.43 21.58
CA GLU U 132 -28.71 -70.54 23.02
C GLU U 132 -28.03 -69.38 23.75
N ILE U 133 -26.80 -69.06 23.36
CA ILE U 133 -26.07 -67.98 24.03
C ILE U 133 -26.77 -66.64 23.82
N ALA U 134 -27.22 -66.36 22.59
CA ALA U 134 -27.90 -65.11 22.31
C ALA U 134 -29.21 -65.01 23.09
N VAL U 135 -29.97 -66.10 23.16
CA VAL U 135 -31.22 -66.07 23.92
C VAL U 135 -30.94 -65.87 25.40
N LYS U 136 -29.84 -66.45 25.89
CA LYS U 136 -29.44 -66.24 27.28
C LYS U 136 -29.16 -64.77 27.56
N ILE U 137 -28.42 -64.12 26.66
CA ILE U 137 -28.11 -62.70 26.84
C ILE U 137 -29.39 -61.88 26.80
N LEU U 138 -30.28 -62.19 25.87
CA LEU U 138 -31.54 -61.45 25.74
C LEU U 138 -32.38 -61.59 27.00
N GLU U 139 -32.48 -62.80 27.55
CA GLU U 139 -33.28 -63.02 28.76
C GLU U 139 -32.67 -62.32 29.96
N ALA U 140 -31.33 -62.35 30.09
CA ALA U 140 -30.68 -61.64 31.19
C ALA U 140 -30.96 -60.14 31.11
N ALA U 141 -30.86 -59.58 29.91
CA ALA U 141 -31.14 -58.15 29.73
C ALA U 141 -32.59 -57.84 30.07
N LEU U 142 -33.52 -58.71 29.64
CA LEU U 142 -34.93 -58.47 29.92
C LEU U 142 -35.22 -58.49 31.42
N HIS U 143 -34.63 -59.46 32.13
CA HIS U 143 -34.87 -59.54 33.57
C HIS U 143 -34.30 -58.33 34.30
N VAL U 144 -33.09 -57.90 33.90
CA VAL U 144 -32.51 -56.70 34.50
C VAL U 144 -33.41 -55.50 34.24
N VAL U 145 -33.90 -55.36 33.02
CA VAL U 145 -34.72 -54.20 32.66
C VAL U 145 -36.02 -54.19 33.44
N LEU U 146 -36.67 -55.35 33.58
CA LEU U 146 -37.92 -55.40 34.34
C LEU U 146 -37.69 -55.07 35.80
N THR U 147 -36.64 -55.64 36.40
CA THR U 147 -36.35 -55.37 37.80
C THR U 147 -36.09 -53.88 38.04
N LEU U 148 -35.31 -53.25 37.17
CA LEU U 148 -35.03 -51.83 37.34
C LEU U 148 -36.26 -50.98 37.04
N SER U 149 -37.09 -51.39 36.08
CA SER U 149 -38.21 -50.56 35.68
C SER U 149 -39.35 -50.63 36.69
N ARG U 150 -39.31 -51.57 37.61
CA ARG U 150 -40.30 -51.56 38.69
C ARG U 150 -40.28 -50.27 39.50
N LEU U 151 -39.16 -49.54 39.49
CA LEU U 151 -39.00 -48.34 40.30
C LEU U 151 -39.18 -47.05 39.52
N LEU U 152 -39.70 -47.11 38.29
CA LEU U 152 -39.89 -45.92 37.47
C LEU U 152 -41.30 -45.38 37.63
N ASN U 153 -41.52 -44.18 37.09
CA ASN U 153 -42.84 -43.58 37.07
C ASN U 153 -43.66 -44.20 35.95
N GLU U 154 -44.94 -43.81 35.86
CA GLU U 154 -45.87 -44.46 34.95
C GLU U 154 -45.42 -44.31 33.49
N LEU U 155 -45.23 -43.06 33.06
CA LEU U 155 -44.88 -42.81 31.67
C LEU U 155 -43.54 -43.41 31.31
N GLU U 156 -42.54 -43.26 32.19
CA GLU U 156 -41.22 -43.84 31.93
C GLU U 156 -41.28 -45.36 31.87
N PHE U 157 -42.07 -45.99 32.75
CA PHE U 157 -42.18 -47.44 32.73
C PHE U 157 -42.78 -47.92 31.41
N VAL U 158 -43.86 -47.29 30.96
CA VAL U 158 -44.50 -47.73 29.73
C VAL U 158 -43.60 -47.45 28.52
N LYS U 159 -42.86 -46.33 28.56
CA LYS U 159 -41.91 -46.04 27.50
C LYS U 159 -40.81 -47.10 27.42
N VAL U 160 -40.30 -47.52 28.57
CA VAL U 160 -39.27 -48.55 28.60
C VAL U 160 -39.82 -49.87 28.06
N LEU U 161 -41.06 -50.21 28.44
CA LEU U 161 -41.70 -51.41 27.93
C LEU U 161 -41.78 -51.40 26.41
N VAL U 162 -42.28 -50.29 25.85
CA VAL U 162 -42.44 -50.20 24.40
C VAL U 162 -41.08 -50.27 23.71
N GLU U 163 -40.09 -49.58 24.25
CA GLU U 163 -38.76 -49.60 23.67
C GLU U 163 -38.18 -51.01 23.67
N PHE U 164 -38.36 -51.75 24.76
CA PHE U 164 -37.81 -53.10 24.81
C PHE U 164 -38.55 -54.04 23.86
N ILE U 165 -39.86 -53.83 23.67
CA ILE U 165 -40.60 -54.66 22.72
C ILE U 165 -40.06 -54.41 21.30
N ASN U 166 -39.81 -53.15 20.96
CA ASN U 166 -39.21 -52.85 19.65
C ASN U 166 -37.82 -53.47 19.53
N LEU U 167 -37.04 -53.45 20.61
CA LEU U 167 -35.71 -54.06 20.57
C LEU U 167 -35.79 -55.56 20.37
N ILE U 168 -36.76 -56.22 21.00
CA ILE U 168 -36.97 -57.65 20.79
C ILE U 168 -37.32 -57.92 19.33
N ALA U 169 -38.17 -57.06 18.75
CA ALA U 169 -38.50 -57.22 17.33
C ALA U 169 -37.25 -57.13 16.46
N LYS U 170 -36.39 -56.15 16.74
CA LYS U 170 -35.15 -56.02 15.98
C LYS U 170 -34.25 -57.24 16.15
N PHE U 171 -34.13 -57.73 17.39
CA PHE U 171 -33.28 -58.87 17.66
C PHE U 171 -33.75 -60.11 16.92
N PHE U 172 -35.06 -60.37 16.92
CA PHE U 172 -35.57 -61.53 16.20
C PHE U 172 -35.53 -61.33 14.69
N LYS U 173 -35.62 -60.10 14.20
CA LYS U 173 -35.45 -59.86 12.78
C LYS U 173 -34.02 -60.14 12.31
N VAL U 174 -33.02 -59.75 13.09
CA VAL U 174 -31.62 -59.97 12.70
C VAL U 174 -31.22 -61.45 12.80
N LEU U 175 -31.68 -62.17 13.82
CA LEU U 175 -31.24 -63.53 14.07
C LEU U 175 -32.11 -64.51 13.31
N LYS U 176 -31.50 -65.59 12.81
CA LYS U 176 -32.20 -66.61 12.03
C LYS U 176 -32.20 -67.94 12.76
N GLY U 177 -33.27 -68.70 12.60
CA GLY U 177 -33.38 -70.00 13.23
C GLY U 177 -34.69 -70.66 12.84
N GLU U 178 -34.87 -71.87 13.37
CA GLU U 178 -36.08 -72.62 13.07
C GLU U 178 -37.29 -71.93 13.70
N PRO U 179 -38.41 -71.80 12.97
CA PRO U 179 -39.53 -71.00 13.47
C PRO U 179 -40.10 -71.44 14.80
N GLU U 180 -40.12 -72.75 15.07
CA GLU U 180 -40.74 -73.22 16.31
C GLU U 180 -39.96 -72.75 17.54
N LYS U 181 -38.63 -72.83 17.48
CA LYS U 181 -37.82 -72.41 18.62
C LYS U 181 -37.99 -70.92 18.90
N LYS U 182 -37.94 -70.09 17.85
CA LYS U 182 -38.10 -68.66 18.03
C LYS U 182 -39.51 -68.33 18.52
N LYS U 183 -40.51 -69.08 18.05
CA LYS U 183 -41.87 -68.87 18.55
C LYS U 183 -41.97 -69.17 20.04
N ARG U 184 -41.35 -70.27 20.50
CA ARG U 184 -41.37 -70.60 21.92
C ARG U 184 -40.65 -69.56 22.75
N VAL U 185 -39.49 -69.09 22.27
CA VAL U 185 -38.75 -68.06 22.99
C VAL U 185 -39.57 -66.78 23.08
N LEU U 186 -40.22 -66.39 21.98
CA LEU U 186 -41.06 -65.19 21.98
C LEU U 186 -42.20 -65.33 22.97
N LEU U 187 -42.84 -66.50 23.02
CA LEU U 187 -43.93 -66.70 23.96
C LEU U 187 -43.44 -66.57 25.40
N LYS U 188 -42.26 -67.11 25.71
CA LYS U 188 -41.73 -66.99 27.07
C LYS U 188 -41.46 -65.54 27.44
N LEU U 189 -40.81 -64.80 26.53
CA LEU U 189 -40.52 -63.39 26.80
C LEU U 189 -41.81 -62.60 26.99
N LEU U 190 -42.81 -62.86 26.16
CA LEU U 190 -44.08 -62.14 26.28
C LEU U 190 -44.78 -62.48 27.58
N GLU U 191 -44.66 -63.74 28.04
CA GLU U 191 -45.24 -64.10 29.32
C GLU U 191 -44.59 -63.33 30.46
N ASP U 192 -43.25 -63.20 30.42
CA ASP U 192 -42.55 -62.42 31.43
C ASP U 192 -43.04 -60.96 31.44
N ILE U 193 -43.08 -60.34 30.26
CA ILE U 193 -43.48 -58.95 30.15
C ILE U 193 -44.92 -58.78 30.65
N LYS U 194 -45.81 -59.68 30.24
CA LYS U 194 -47.21 -59.58 30.63
C LYS U 194 -47.39 -59.73 32.13
N LYS U 195 -46.63 -60.63 32.75
CA LYS U 195 -46.74 -60.81 34.19
C LYS U 195 -46.35 -59.52 34.92
N VAL U 196 -45.22 -58.94 34.55
CA VAL U 196 -44.78 -57.72 35.22
C VAL U 196 -45.79 -56.59 34.97
N PHE U 197 -46.26 -56.46 33.73
CA PHE U 197 -47.20 -55.38 33.41
C PHE U 197 -48.52 -55.55 34.14
N GLU U 198 -49.02 -56.78 34.26
CA GLU U 198 -50.28 -57.01 34.95
C GLU U 198 -50.14 -56.76 36.45
N LEU U 199 -48.96 -56.99 37.02
CA LEU U 199 -48.76 -56.61 38.41
C LEU U 199 -48.69 -55.09 38.56
N TRP U 200 -48.06 -54.41 37.61
CA TRP U 200 -47.82 -52.98 37.73
C TRP U 200 -49.06 -52.15 37.47
N ILE U 201 -49.93 -52.59 36.55
CA ILE U 201 -51.03 -51.74 36.07
C ILE U 201 -52.06 -51.43 37.15
N THR U 202 -52.10 -52.21 38.23
CA THR U 202 -53.14 -52.03 39.24
C THR U 202 -53.01 -50.72 40.03
N ARG U 203 -52.05 -49.85 39.70
CA ARG U 203 -51.80 -48.65 40.49
C ARG U 203 -52.04 -47.36 39.72
N VAL U 204 -52.74 -47.42 38.58
CA VAL U 204 -52.74 -46.28 37.67
C VAL U 204 -54.15 -45.82 37.30
N ASN U 205 -55.17 -46.12 38.11
CA ASN U 205 -56.50 -45.53 37.95
C ASN U 205 -57.22 -46.09 36.71
N PRO U 206 -58.49 -46.49 36.85
CA PRO U 206 -59.15 -47.28 35.80
C PRO U 206 -59.21 -46.70 34.39
N GLU U 207 -58.86 -45.44 34.18
CA GLU U 207 -58.84 -44.88 32.83
C GLU U 207 -57.46 -44.93 32.20
N GLN U 208 -56.42 -44.55 32.96
CA GLN U 208 -55.07 -44.79 32.49
C GLN U 208 -54.83 -46.27 32.31
N GLN U 209 -55.51 -47.12 33.08
CA GLN U 209 -55.43 -48.56 32.88
C GLN U 209 -55.86 -48.94 31.48
N ILE U 210 -57.00 -48.40 31.03
CA ILE U 210 -57.50 -48.71 29.68
C ILE U 210 -56.53 -48.19 28.63
N LEU U 211 -56.07 -46.95 28.81
CA LEU U 211 -55.13 -46.36 27.84
C LEU U 211 -53.88 -47.23 27.68
N PHE U 212 -53.22 -47.55 28.80
CA PHE U 212 -51.97 -48.28 28.74
C PHE U 212 -52.17 -49.71 28.29
N THR U 213 -53.28 -50.34 28.70
CA THR U 213 -53.55 -51.70 28.25
C THR U 213 -53.71 -51.75 26.75
N GLU U 214 -54.48 -50.81 26.17
CA GLU U 214 -54.61 -50.75 24.73
C GLU U 214 -53.25 -50.60 24.06
N LEU U 215 -52.45 -49.65 24.54
CA LEU U 215 -51.16 -49.39 23.91
C LEU U 215 -50.25 -50.61 23.95
N VAL U 216 -50.10 -51.21 25.13
CA VAL U 216 -49.18 -52.33 25.31
C VAL U 216 -49.64 -53.55 24.54
N TYR U 217 -50.94 -53.84 24.56
CA TYR U 217 -51.44 -55.01 23.86
C TYR U 217 -51.30 -54.85 22.35
N SER U 218 -51.54 -53.64 21.83
CA SER U 218 -51.31 -53.41 20.41
C SER U 218 -49.84 -53.60 20.05
N ALA U 219 -48.94 -53.11 20.91
CA ALA U 219 -47.52 -53.29 20.66
C ALA U 219 -47.14 -54.77 20.62
N ILE U 220 -47.68 -55.55 21.56
CA ILE U 220 -47.37 -56.98 21.61
C ILE U 220 -47.90 -57.71 20.39
N GLU U 221 -49.11 -57.37 19.95
CA GLU U 221 -49.67 -58.02 18.77
C GLU U 221 -48.88 -57.65 17.51
N ASP U 222 -48.42 -56.41 17.42
CA ASP U 222 -47.56 -56.03 16.30
C ASP U 222 -46.26 -56.82 16.33
N LEU U 223 -45.68 -57.00 17.52
CA LEU U 223 -44.46 -57.79 17.64
C LEU U 223 -44.69 -59.22 17.17
N LYS U 224 -45.81 -59.82 17.60
CA LYS U 224 -46.14 -61.17 17.18
C LYS U 224 -46.26 -61.26 15.67
N LYS U 225 -46.96 -60.30 15.07
CA LYS U 225 -47.14 -60.31 13.62
C LYS U 225 -45.79 -60.21 12.91
N HIS U 226 -44.94 -59.28 13.33
CA HIS U 226 -43.65 -59.09 12.67
C HIS U 226 -42.80 -60.36 12.79
N THR U 227 -42.73 -60.93 14.00
CA THR U 227 -41.88 -62.10 14.20
C THR U 227 -42.40 -63.31 13.43
N LEU U 228 -43.72 -63.52 13.40
CA LEU U 228 -44.25 -64.68 12.69
C LEU U 228 -44.13 -64.52 11.18
N GLU U 229 -44.19 -63.29 10.67
CA GLU U 229 -43.88 -63.09 9.26
C GLU U 229 -42.40 -63.34 8.99
N VAL U 230 -41.54 -63.00 9.95
CA VAL U 230 -40.12 -63.32 9.81
C VAL U 230 -39.91 -64.83 9.77
N LEU U 231 -40.73 -65.57 10.54
CA LEU U 231 -40.61 -67.02 10.58
C LEU U 231 -40.86 -67.65 9.22
N GLY U 232 -41.86 -67.15 8.50
CA GLY U 232 -42.26 -67.73 7.23
C GLY U 232 -41.16 -67.89 6.20
ZN ZN V . 8.56 -30.92 4.71
ZN ZN W . 18.80 -19.78 14.51
ZN ZN X . -13.38 -18.58 -20.79
ZN ZN Y . 3.92 -24.26 -17.82
ZN ZN Z . -16.66 4.06 -26.82
ZN ZN AA . 7.61 -10.40 33.43
ZN ZN BA . 2.96 7.45 32.59
ZN ZN CA . -23.84 14.30 -13.57
ZN ZN DA . -9.89 32.18 -4.90
ZN ZN EA . -20.76 11.57 32.61
ZN ZN FA . -27.94 16.82 16.87
ZN ZN GA . -3.49 29.11 11.73
ZN ZN HA . 20.25 27.14 13.72
ZN ZN IA . -43.97 1.29 8.02
ZN ZN JA . -38.79 -7.84 -6.69
ZN ZN KA . 26.01 10.21 16.98
ZN ZN LA . 39.79 0.15 0.21
ZN ZN MA . -37.34 -31.76 -3.03
ZN ZN NA . -20.45 -38.77 -2.40
ZN ZN OA . 31.20 -13.00 -9.29
ZN ZN PA . 28.06 -9.02 -32.51
ZN ZN QA . -14.84 -48.41 18.93
ZN ZN RA . -2.71 -39.04 28.76
ZN ZN SA . 10.71 -5.60 -37.20
ZN ZN TA . 5.96 16.29 -46.18
ZN ZN UA . -10.82 -31.23 49.95
ZN ZN VA . -3.22 26.93 -34.60
ZN ZN WA . 8.08 46.56 -27.20
ZN ZN XA . -14.53 -12.92 50.53
ZN ZN YA . -36.86 -6.15 53.98
ZN ZN ZA . -45.20 0.84 38.93
ZN ZN AB . 13.26 46.05 -9.81
ZN ZN BB . 37.19 46.60 -5.61
ZN ZN CB . -64.24 -10.98 29.65
ZN ZN DB . -60.29 -20.06 13.88
ZN ZN EB . 43.97 30.75 -0.10
ZN ZN FB . 60.00 20.39 -14.75
ZN ZN GB . -61.44 -44.15 13.83
ZN ZN HB . -44.76 -52.90 13.35
ZN ZN IB . 53.68 5.68 -23.28
ZN ZN JB . -38.00 -65.84 31.96
ZN ZN KB . -25.14 -58.01 42.79
#